data_9CAF
#
_entry.id   9CAF
#
_cell.length_a   1.00
_cell.length_b   1.00
_cell.length_c   1.00
_cell.angle_alpha   90.00
_cell.angle_beta   90.00
_cell.angle_gamma   90.00
#
_symmetry.space_group_name_H-M   'P 1'
#
loop_
_entity.id
_entity.type
_entity.pdbx_description
1 polymer 'E1A-binding protein p400,Haloalkane dehalogenase chimera'
2 polymer 'Isoform 2 of Transformation/transcription domain-associated protein'
3 non-polymer 'INOSITOL HEXAKISPHOSPHATE'
#
loop_
_entity_poly.entity_id
_entity_poly.type
_entity_poly.pdbx_seq_one_letter_code
_entity_poly.pdbx_strand_id
1 'polypeptide(L)'
;MAEQSKRPRLEVGHQGVVFQHPGADAGVPLQQLMPTAQGGMPPTPQAAQLAGQRQSQQQYDPSTGPPVQNAASLHTPLPQ
LPGRLPPAGVPTAALSSALQFAQQPQVVEAQTQLQIPVKTQQPNVPIPAPPSSQLPIPPSQPAQLALHVPTPGKVQVQAS
QLSSLPQMVASTRLPVDPAPPCPRPLPTSSTSSLAPVSGSGPGPSPARSSPVNRPSSATNKALSPVTSRTPGVVASAPTK
PQSPAQNATSSQDSSQDTLTEQITLENQVHQRIAELRKAGLWSQRRLPKLQEAPRPKSHWDYLLEEMQWMATDFAQERRW
KVAAAKKLVRTVVRHHEEKQLREERGKKEEQSRLRRIAASTAREIECFWSNIEQVVEIKLRVELEEKRKKALNLQKVSRR
GPGSSDSENMPCDEEPSQLEELADFMEQLTPIEKYALNYLELFHTSIEQEKERNSEDAVMTAVRAWEFWNLKTLQEREAR
LRLEQEEAELLTYTREDAYSMEYVYEDVDGQTEVMPLWTPPTPPQDDSDIYLDSVMCLMYEATPIPEAKLPPVYVRKERK
RHKTDPSAAGRKKKQRHGEAVVPPRSLFDRATPGLLKIRREGKEQKKNILLKQQVPFAKPLPTFAKPTAEPGQDDNPEWL
ISEDWALLQAVKQLLELPLNLTIVSPAHTPNWDLVSDVVNSCSRIYRSSKQCRNRYENVIIPREEKSKNNRPLLRTSQIY
AQDENATHTQLYTSHFDLMKMTAGKRPPIKPLLGMNPFQKNPPKHASVLAESGINYDKPLPPIQVASLRAERIAKEKKAL
DGSGGSGEDLYFQSGGSMAEIGTGFPFDPHYVEVLGERMHYVDVGPRDGTPVLFLHGNPTSSYVWRNIIPHVAPTHRCIA
PDLIGMGKSDKPDLGYFFDDHVRFMDAFIEALGLEEVVLVIHDWGSALGFHWAKRNPERVKGIAFMEFIRPIPTWDEWPE
FARETFQAFRTTDVGRKLIIDQNVFIEGTLPMGVVRPLTEVEMDHYREPFLNPVDREPLWRFPNELPIAGEPANIVALVE
EYMDWLHQSPVPKLLFWGTPGVLIPPAEAARLAKSLPNCKAVDIGPGLNLLQEDNPDLIGSEIARWLSTLEISGGGHHHH
HH
;
A
2 'polypeptide(L)'
;MAFVATQGATVVDQTTLMKKYLQFVAALTDVNTPDETKLKMMQEVSENFENVTSSPQYSTFLEHIIPRFLTFLQDGEVQF
LQEKPAQQLRKLVLEIIHRIPTNEHLRPHTKNVLSVMFRFLETENEENVLICLRIIIELHKQFRPPITQEIHHFLDFVKQ
IYKELPKVVNRYFENPQVIPENTVPPPEMVGMITTIAVKVNPEREDSETRTHSIIPRGSLSLKVLAELPIIVVLMYQLYK
LNIHNVVAEFVPLIMNTIAIQVSAQARQHKLYNKELYADFIAAQIKTLSFLAYIIRIYQELVTKYSQQMVKGMLQLLSNC
PAETAHLRKELLIAAKHILTTELRNQFIPCMDKLFDESILIGSGYTARETLRPLAYSTLADLVHHVRQHLPLSDLSLAVQ
LFAKNIDDESLPSSIQTMSCKLLLNLVDCIRSKSEQESGNGRDVLMRMLEVFVLKFHTIARYQLSAIFKKCKPQSELGAV
EAALPGSGGGASGGGSGEKDKEDKQTFQVTDCRSLVKTLVCGVKTITWGITSCKAPGEAQFIPNKQLQPKETQIYIKLVK
YAMQALDIYQVQIAGNGQTYIRVANCQTVRMKEEKEVLEHFAGVFTMMNPLTFKEIFQTTVPYMVERISKNYALQIVANS
FLANPTTSALFATILVEYLLDRLPEMGSNVELSNLYLKLFKLVFGSVSLFAAENEQMLKPHLHKIVNSSMELAQTAKEPY
NYFLLLRALFRSIGGGSHDLLYQEFLPLLPNLLQGLNMLQSGLHKQHMKDLFVELCLTVPVRLSSLLPYLPMLMDPLVSA
LNGSQTLVSQGLRTLELCVDNLQPDFLYDHIQPVRAELMQALWRTLRNPADSISHVAYRVLGKFGGSNRKMLKESQKLHY
VVTEVQGPSITVEFSDCKASLQLPMEKAIETALDCLKSANTEPYYRRQAWEVIKCFLVAMMSLEDNKHALYQLLAHPNFT
EKTIPNVIISHRYKAQDTPARKTFEQALTGAFMSAVIKDLRPSALPFVASLIRHYTMVAVAQQCGPFLLPCYQVGSQPST
AMFHSEENGSKGMDPLVLIDAIAICMAYEEKELCKIGEVALAVIFDVASIILGSKERACQLPLFSYIVERLCACCYEQAW
YAKLGGVVSIKFLMERLPLTWVLQNQQTFLKALLFVMMDLTGEVSNGAVAMAKTTLEQLLMRCATPLKDEERAEEIVAAQ
EKSFHHVTHDLVREVTSPNSTVRKQAMHSLQVLAQVTGKSVTVIMEPHKEVLQDMVPPKKHLLRHQPANAQIGLMEGNTF
CTTLQPRLFTMDLNVVEHKVFYTELLNLCEAEDSALTKLPCYKSLPSLVPLRIAALNALAACNYLPQSREKIIAALFKAL
NSTNSELQEAGEACMRKFLEGATIEVDQIHTHMRPLLMMLGDYRSLTLNVVNRLTSVTRLFPNSFNDKFCDQMMQHLRKW
MEVVVITHKGGQRSDGNEMKICSAIINLFHLIPAAPQTLVKPLLEVVMKTERAMLIEAGSPFREPLIKFLTRHPSQTVEL
FMMEATLNDPQWSRMFMSFLKHKDARPLRDVLAANPNRFITLLLPGGAQTAVRPGSPSTSTMRLDLQFQAIKIISIIVKN
DDSWLASQHSLVSQLRRVWVSENFQERHRKENMAATNWKEPKLLAYCLLNYCKRNYGDIELLFQLLRAFTGRFLCNMTFL
KEYMEEEIPKNYSIAQKRALFFRFVDFNDPNFGDELKAKVLQHILNPAFLYSFEKGEGEQLLGPPNPEGDNPESITSVFI
TKVLDPEKQADMLDSLRIYLLQYATLLVEHAPHHIHDNNKNRNSKLRRLMTFAWPCLLSKACVDPACKYSGHLLLAHIIA
KFAIHKKIVLQVFHSLLKAHAMEARAIVRQAMAILTPAVPARMEDGHQMLTHWTRKIIVEEGHTVPQLVHILHLIVQHFK
VYYPVRHHLVQHMVSAMQRLGFTPSVTIEQRRLAVDLSEVVIKWELQRIKDQQPDSDMDPNSSGEGGDYKDHDIDYKDDD
DKGSVSSSIKRGLSVDSAQEVKRFRTATGAISAVFGRSQSLPGADSLLAKPIDKQHTDTVVNFLIRVACQVNDNTNTAGS
PGEVLSRRCVNLLKTALRPDMWPKSELKLQWFDKLLMTVEQPNQVNYGNICTGLEVLSFLLTVLQSPAILSSFKPLQRGI
AACMTCGNTKVLRAVHSLLSRLMSIFPTEPSTSSVASKYEELECLYAAVGKVIYEGLTNYEKATNANPSQLFGTLMILKS
ACSNNPSYIDRLISVFMRSLQKMVREHLNPQAASGSTEATSGTSELVMLSLELVKTRLAVMSMEMRKNFIQAILTSLIEK
SPDAKILRAVVKIVEEWVKNNSPMAANQTPTLREKSILLVKMMTYIEKRFPEDLELNAQFLDLVNYVYRDETLSGSELTA
KLEPAFLSGLRCAQPLIRAKFFEVFDNSMKRRVYERLLYVTCSQNWEAMGNHFWIKQCIELLLAVCEKSTPIGTSCQGAM
LPSITNVINLADSHDRAAFAMVTHVKQEPRERENSESKEEDVEIDIELAPGDQTSTPKTKELSEKDIGNQLHMLTNRHDK
FLDTLREVKTGALLSAFVQLCHISTTLAEKTWVQLFPRLWKILSDRQQHALAGEISPFLCSGSHQVQRDCQPSALNCFVE
AMSQCVPPIPIRPCVLKYLGKTHNLWFRSTLMLEHQAFEKGLSLQIKPKQTTEFYEQESITPPQQEILDSLAELYSLLQE
EDMWAGLWQKRCKYSETATAIAYEQHGFFEQAQESYEKAMDKAKKEHERSNASPAIFPEYQLWEDHWIRCSKELNQWEAL
TEYGQSKGHINPYLVLECAWRVSNWTAMKEALVQVEVSCPKEMAWKVNMYRGYLAICHPEEQQLSFIERLVEMASSLAIR
EWRRLPHVVSHVHTPLLQAAQQIIELQEAAQINAGLQPTNLGRNNSLHDMKTVVKTWRNRLPIVSDDLSHWSSIFMWRQH
HYQAIVTAYENSSQHDPSSNNAMLGVHASASAIIQYGKIARKQGLVNVALDILSRIHTIPTVPIVDCFQKIRQQVKCYLQ
LAGVMGKNECMQGLEVIESTNLKYFTKEMTAEFYALKGMFLAQINKSEEANKAFSAAVQMHDVLVKAWAMWGDYLENIFV
KERQLHLGVSAITCYLHACRHQNESKSRKYLAKVLWLLSFDDDKNTLADAVDKYCIGVPPIQWLAWIPQLLTCLVGSEGK
LLLNLISQVGRVYPQAVYFPIRTLYLTLKIEQRERYKSDPGPIRATAPMWRCSRIMHMQRELHPTLLSSLEGIVDQMVWF
RENWHEEVLRQLQQGLAKCYSVAFEKSGAVSDAKITPHTLNFVKKLVSTFGVGLENVSNVSTMFSSAASESLARRAQATA
QDPVFQKLKGQFTTDFDFSVPGSMKLHNLISKLKKWIKILEAKTKQLPKFFLIEEKCRFLSNFSAQTAEVEIPGEFLMPK
PTHYYIKIARFMPRVEIVQKHNTAARRLYIRGHNGKIYPYLVMNDACLTESRREERVLQLLRLLNPCLEKRKETTKRHLF
FTVPRVVAVSPQMRLVEDNPSSLSLVEIYKQRCAKKGIEHDNPISRYYDRLATVQARGTQASHQVLRDILKEVQSNMVPR
SMLKEWALHTFPNATDYWTFRKMFTIQLALIGFAEFVLHLNRLNPEMLQIAQDTGKLNVAYFRFDINDATGDLDANRPVP
FRLTPNISEFLTTIGVSGPLTASMIAVARCFAQPNFKVDGILKTVLRDEIIAWHKKTQEDTSSPLSAAGQPENMDSQQLV
SLVQKAVTAIMTRLHNLAQFEGGESKVNTLVAAANSLDNLCRMDPAWHPWL
;
D
#
# COMPACT_ATOMS: atom_id res chain seq x y z
N VAL A 581 -20.18 6.01 -57.93
CA VAL A 581 -20.17 5.44 -56.59
C VAL A 581 -21.26 6.08 -55.73
N VAL A 582 -22.12 5.25 -55.17
CA VAL A 582 -23.22 5.69 -54.31
C VAL A 582 -22.90 5.28 -52.87
N PRO A 583 -22.81 6.21 -51.94
CA PRO A 583 -22.57 5.84 -50.53
C PRO A 583 -23.72 5.02 -49.99
N PRO A 584 -23.42 4.01 -49.15
CA PRO A 584 -24.49 3.25 -48.51
C PRO A 584 -25.31 4.12 -47.56
N ARG A 585 -26.58 3.78 -47.44
CA ARG A 585 -27.47 4.53 -46.56
C ARG A 585 -27.16 4.22 -45.10
N SER A 586 -27.26 5.24 -44.25
CA SER A 586 -27.03 5.11 -42.83
C SER A 586 -28.34 5.32 -42.07
N LEU A 587 -28.28 5.03 -40.77
CA LEU A 587 -29.44 5.24 -39.90
C LEU A 587 -29.76 6.71 -39.72
N PHE A 588 -28.86 7.61 -40.11
CA PHE A 588 -29.03 9.03 -39.88
C PHE A 588 -29.41 9.81 -41.13
N ASP A 589 -29.52 9.14 -42.28
CA ASP A 589 -30.05 9.78 -43.46
C ASP A 589 -31.55 9.94 -43.34
N ARG A 590 -32.05 11.15 -43.57
CA ARG A 590 -33.47 11.46 -43.38
C ARG A 590 -34.24 10.97 -44.59
N ALA A 591 -34.75 9.74 -44.49
CA ALA A 591 -35.55 9.15 -45.55
C ALA A 591 -36.97 9.70 -45.54
N ASP A 635 -7.53 39.73 -45.25
CA ASP A 635 -8.22 40.63 -46.16
C ASP A 635 -7.59 42.01 -46.16
N ASN A 636 -6.77 42.30 -45.15
CA ASN A 636 -6.06 43.58 -45.12
C ASN A 636 -5.17 43.77 -46.34
N PRO A 637 -4.37 42.78 -46.77
CA PRO A 637 -3.83 42.84 -48.13
C PRO A 637 -4.83 42.28 -49.12
N GLU A 638 -4.87 42.90 -50.30
CA GLU A 638 -5.84 42.50 -51.32
C GLU A 638 -5.55 41.10 -51.83
N TRP A 639 -6.60 40.42 -52.26
CA TRP A 639 -6.48 39.06 -52.77
C TRP A 639 -6.06 39.06 -54.23
N LEU A 640 -4.98 38.35 -54.52
CA LEU A 640 -4.55 38.18 -55.91
C LEU A 640 -5.40 37.13 -56.60
N ILE A 641 -5.47 37.24 -57.93
CA ILE A 641 -6.24 36.26 -58.70
C ILE A 641 -5.68 34.86 -58.53
N SER A 642 -4.37 34.74 -58.32
CA SER A 642 -3.80 33.42 -58.05
C SER A 642 -4.28 32.85 -56.73
N GLU A 643 -4.50 33.70 -55.73
CA GLU A 643 -5.02 33.23 -54.45
C GLU A 643 -6.48 32.77 -54.59
N ASP A 644 -7.29 33.55 -55.30
CA ASP A 644 -8.68 33.16 -55.56
C ASP A 644 -8.75 31.87 -56.35
N TRP A 645 -7.88 31.72 -57.36
CA TRP A 645 -7.84 30.50 -58.16
C TRP A 645 -7.42 29.29 -57.34
N ALA A 646 -6.41 29.45 -56.47
CA ALA A 646 -6.03 28.36 -55.58
C ALA A 646 -7.15 28.01 -54.61
N LEU A 647 -7.88 29.01 -54.11
CA LEU A 647 -9.00 28.76 -53.22
C LEU A 647 -10.10 27.95 -53.90
N LEU A 648 -10.52 28.42 -55.08
CA LEU A 648 -11.54 27.70 -55.85
C LEU A 648 -11.09 26.29 -56.20
N GLN A 649 -9.87 26.13 -56.70
CA GLN A 649 -9.39 24.81 -57.06
C GLN A 649 -9.23 23.89 -55.86
N ALA A 650 -8.83 24.42 -54.71
CA ALA A 650 -8.77 23.60 -53.51
C ALA A 650 -10.15 23.08 -53.15
N VAL A 651 -11.15 23.96 -53.18
CA VAL A 651 -12.51 23.54 -52.81
C VAL A 651 -13.04 22.52 -53.81
N LYS A 652 -12.78 22.73 -55.10
CA LYS A 652 -13.31 21.81 -56.12
C LYS A 652 -12.57 20.47 -56.16
N GLN A 653 -11.24 20.51 -56.26
CA GLN A 653 -10.46 19.29 -56.42
C GLN A 653 -10.35 18.48 -55.13
N LEU A 654 -9.98 19.14 -54.02
CA LEU A 654 -9.64 18.38 -52.82
C LEU A 654 -10.87 17.96 -52.04
N LEU A 655 -11.77 18.90 -51.75
CA LEU A 655 -12.97 18.55 -51.02
C LEU A 655 -13.99 17.87 -51.90
N GLU A 656 -13.83 17.95 -53.22
CA GLU A 656 -14.79 17.44 -54.19
C GLU A 656 -16.21 17.94 -53.94
N LEU A 657 -16.32 19.13 -53.43
CA LEU A 657 -17.59 19.75 -53.13
C LEU A 657 -18.07 20.56 -54.32
N PRO A 658 -19.38 20.74 -54.47
CA PRO A 658 -19.89 21.62 -55.52
C PRO A 658 -19.68 23.10 -55.22
N LEU A 659 -20.19 23.96 -56.10
CA LEU A 659 -20.05 25.40 -55.93
C LEU A 659 -20.67 25.87 -54.63
N ASN A 660 -21.82 25.32 -54.26
CA ASN A 660 -22.57 25.78 -53.10
C ASN A 660 -22.24 25.01 -51.83
N LEU A 661 -21.21 24.18 -51.85
CA LEU A 661 -20.75 23.43 -50.69
C LEU A 661 -21.84 22.51 -50.11
N THR A 662 -22.79 22.10 -50.95
CA THR A 662 -23.78 21.13 -50.50
C THR A 662 -23.12 19.78 -50.31
N ILE A 663 -23.45 19.13 -49.19
CA ILE A 663 -22.78 17.88 -48.84
C ILE A 663 -23.26 16.78 -49.78
N VAL A 664 -22.32 16.11 -50.44
CA VAL A 664 -22.64 14.99 -51.31
C VAL A 664 -22.57 13.67 -50.54
N SER A 665 -21.53 13.50 -49.72
CA SER A 665 -21.39 12.38 -48.82
C SER A 665 -21.26 12.91 -47.40
N PRO A 666 -21.97 12.33 -46.43
CA PRO A 666 -21.92 12.88 -45.06
C PRO A 666 -20.54 12.89 -44.44
N ALA A 667 -19.69 11.91 -44.76
CA ALA A 667 -18.34 11.87 -44.22
C ALA A 667 -17.45 13.01 -44.71
N HIS A 668 -17.85 13.72 -45.77
CA HIS A 668 -16.98 14.68 -46.46
C HIS A 668 -17.38 16.12 -46.18
N THR A 669 -17.32 16.52 -44.90
CA THR A 669 -17.57 17.90 -44.50
C THR A 669 -16.45 18.82 -44.99
N PRO A 670 -16.79 20.06 -45.38
CA PRO A 670 -15.75 21.05 -45.74
C PRO A 670 -14.67 21.21 -44.67
N ASN A 671 -13.43 21.28 -45.12
CA ASN A 671 -12.25 21.46 -44.26
C ASN A 671 -11.50 22.73 -44.69
N TRP A 672 -11.85 23.86 -44.06
CA TRP A 672 -11.28 25.14 -44.45
C TRP A 672 -9.84 25.30 -43.96
N ASP A 673 -9.40 24.49 -43.00
CA ASP A 673 -7.99 24.48 -42.64
C ASP A 673 -7.14 23.94 -43.79
N LEU A 674 -7.57 22.86 -44.43
CA LEU A 674 -6.87 22.33 -45.59
C LEU A 674 -6.85 23.35 -46.73
N VAL A 675 -7.96 24.05 -46.92
CA VAL A 675 -8.03 25.07 -47.96
C VAL A 675 -7.07 26.22 -47.65
N SER A 676 -7.02 26.65 -46.39
CA SER A 676 -6.07 27.69 -46.00
C SER A 676 -4.64 27.23 -46.23
N ASP A 677 -4.35 25.96 -45.93
CA ASP A 677 -3.01 25.42 -46.17
C ASP A 677 -2.66 25.47 -47.65
N VAL A 678 -3.61 25.10 -48.52
CA VAL A 678 -3.34 25.11 -49.96
C VAL A 678 -3.11 26.54 -50.46
N VAL A 679 -3.96 27.47 -50.04
CA VAL A 679 -3.84 28.85 -50.50
C VAL A 679 -2.51 29.46 -50.04
N ASN A 680 -2.13 29.20 -48.79
CA ASN A 680 -0.92 29.79 -48.24
C ASN A 680 0.35 29.22 -48.88
N SER A 681 0.25 28.16 -49.67
CA SER A 681 1.43 27.65 -50.37
C SER A 681 1.93 28.63 -51.42
N CYS A 682 1.03 29.46 -51.97
CA CYS A 682 1.39 30.43 -52.98
C CYS A 682 0.90 31.83 -52.67
N SER A 683 0.28 32.05 -51.51
CA SER A 683 -0.28 33.35 -51.20
C SER A 683 0.83 34.35 -50.89
N ARG A 684 0.49 35.63 -51.02
CA ARG A 684 1.41 36.71 -50.68
C ARG A 684 1.39 37.05 -49.19
N ILE A 685 0.43 36.52 -48.44
CA ILE A 685 0.33 36.78 -47.01
C ILE A 685 -0.51 35.65 -46.43
N TYR A 686 -0.37 35.41 -45.13
CA TYR A 686 -1.10 34.33 -44.49
C TYR A 686 -2.59 34.59 -44.54
N ARG A 687 -3.34 33.66 -45.13
CA ARG A 687 -4.79 33.71 -45.15
C ARG A 687 -5.32 32.66 -44.19
N SER A 688 -6.08 33.10 -43.19
CA SER A 688 -6.64 32.19 -42.23
C SER A 688 -7.78 31.38 -42.86
N SER A 689 -8.15 30.29 -42.21
CA SER A 689 -9.25 29.47 -42.71
C SER A 689 -10.55 30.24 -42.70
N LYS A 690 -10.79 31.04 -41.66
CA LYS A 690 -11.98 31.88 -41.62
C LYS A 690 -11.98 32.89 -42.77
N GLN A 691 -10.83 33.50 -43.04
CA GLN A 691 -10.72 34.43 -44.16
C GLN A 691 -10.97 33.72 -45.48
N CYS A 692 -10.45 32.50 -45.64
CA CYS A 692 -10.68 31.76 -46.86
C CYS A 692 -12.15 31.42 -47.05
N ARG A 693 -12.82 31.01 -45.97
CA ARG A 693 -14.25 30.73 -46.05
C ARG A 693 -15.04 31.98 -46.42
N ASN A 694 -14.72 33.11 -45.78
CA ASN A 694 -15.43 34.35 -46.07
C ASN A 694 -15.21 34.77 -47.52
N ARG A 695 -13.97 34.71 -47.98
CA ARG A 695 -13.68 35.06 -49.36
C ARG A 695 -14.44 34.16 -50.33
N TYR A 696 -14.41 32.85 -50.09
CA TYR A 696 -15.09 31.93 -50.99
C TYR A 696 -16.57 32.23 -51.06
N GLU A 697 -17.22 32.32 -49.89
CA GLU A 697 -18.67 32.49 -49.86
C GLU A 697 -19.11 33.86 -50.35
N ASN A 698 -18.32 34.91 -50.13
CA ASN A 698 -18.77 36.25 -50.41
C ASN A 698 -18.29 36.79 -51.75
N VAL A 699 -17.31 36.15 -52.39
CA VAL A 699 -16.79 36.59 -53.68
C VAL A 699 -16.89 35.51 -54.74
N ILE A 700 -16.37 34.31 -54.46
CA ILE A 700 -16.25 33.31 -55.51
C ILE A 700 -17.61 32.72 -55.87
N ILE A 701 -18.44 32.42 -54.88
CA ILE A 701 -19.81 31.96 -55.17
C ILE A 701 -20.58 32.97 -56.03
N PRO A 702 -20.65 34.26 -55.70
CA PRO A 702 -21.30 35.20 -56.63
C PRO A 702 -20.60 35.33 -57.97
N ARG A 703 -19.27 35.22 -58.00
CA ARG A 703 -18.55 35.35 -59.26
C ARG A 703 -18.77 34.15 -60.16
N GLU A 704 -18.77 32.94 -59.60
CA GLU A 704 -19.04 31.75 -60.40
C GLU A 704 -20.51 31.59 -60.74
N GLU A 705 -21.40 32.03 -59.85
CA GLU A 705 -22.80 32.15 -60.19
C GLU A 705 -23.04 33.41 -61.03
N LEU A 714 -17.09 37.70 -65.53
CA LEU A 714 -15.95 36.83 -65.79
C LEU A 714 -15.74 35.86 -64.64
N ARG A 715 -15.50 34.59 -64.97
CA ARG A 715 -15.22 33.58 -63.96
C ARG A 715 -13.77 33.66 -63.50
N THR A 716 -13.52 33.13 -62.30
CA THR A 716 -12.17 33.14 -61.74
C THR A 716 -11.17 32.47 -62.67
N SER A 717 -11.59 31.42 -63.38
CA SER A 717 -10.72 30.79 -64.36
C SER A 717 -10.41 31.74 -65.51
N GLN A 718 -11.42 32.47 -65.98
CA GLN A 718 -11.21 33.41 -67.08
C GLN A 718 -10.27 34.53 -66.67
N ILE A 719 -10.45 35.07 -65.46
CA ILE A 719 -9.56 36.13 -64.98
C ILE A 719 -8.14 35.60 -64.81
N TYR A 720 -8.00 34.39 -64.28
CA TYR A 720 -6.68 33.82 -64.11
C TYR A 720 -5.98 33.61 -65.45
N ALA A 721 -6.71 33.13 -66.45
CA ALA A 721 -6.12 32.94 -67.78
C ALA A 721 -5.77 34.27 -68.43
N GLN A 722 -6.61 35.28 -68.27
CA GLN A 722 -6.35 36.57 -68.89
C GLN A 722 -5.21 37.32 -68.20
N ASP A 723 -5.05 37.14 -66.89
CA ASP A 723 -3.98 37.82 -66.17
C ASP A 723 -2.60 37.39 -66.66
N GLU A 724 -2.46 36.13 -67.10
CA GLU A 724 -1.21 35.61 -67.63
C GLU A 724 -0.05 35.81 -66.66
N ASN A 725 -0.32 35.62 -65.37
CA ASN A 725 0.65 35.74 -64.28
C ASN A 725 1.29 37.12 -64.15
N ALA A 726 0.75 38.13 -64.82
CA ALA A 726 1.34 39.46 -64.78
C ALA A 726 1.31 40.05 -63.38
N THR A 727 0.15 39.99 -62.72
CA THR A 727 0.00 40.61 -61.40
C THR A 727 0.94 39.98 -60.37
N HIS A 728 1.05 38.65 -60.39
CA HIS A 728 1.92 37.97 -59.43
C HIS A 728 3.39 38.21 -59.74
N THR A 729 3.73 38.32 -61.02
CA THR A 729 5.07 38.73 -61.41
C THR A 729 5.39 40.12 -60.90
N GLN A 730 4.44 41.05 -61.04
CA GLN A 730 4.67 42.42 -60.59
C GLN A 730 4.78 42.49 -59.08
N LEU A 731 4.05 41.63 -58.36
CA LEU A 731 4.23 41.50 -56.92
C LEU A 731 5.68 41.14 -56.58
N TYR A 732 6.23 40.12 -57.24
CA TYR A 732 7.61 39.76 -56.95
C TYR A 732 8.60 40.84 -57.39
N THR A 733 8.36 41.49 -58.53
CA THR A 733 9.19 42.63 -58.93
C THR A 733 9.21 43.71 -57.84
N SER A 734 8.04 44.00 -57.27
CA SER A 734 7.96 45.00 -56.20
C SER A 734 8.75 44.58 -54.97
N HIS A 735 8.60 43.32 -54.57
CA HIS A 735 9.38 42.82 -53.43
C HIS A 735 10.88 42.89 -53.71
N PHE A 736 11.30 42.54 -54.93
CA PHE A 736 12.72 42.62 -55.28
C PHE A 736 13.21 44.06 -55.24
N ASP A 737 12.39 45.01 -55.68
CA ASP A 737 12.77 46.41 -55.60
C ASP A 737 12.88 46.91 -54.17
N LEU A 738 11.97 46.48 -53.29
CA LEU A 738 12.07 46.87 -51.89
C LEU A 738 13.29 46.26 -51.20
N MET A 739 13.61 45.01 -51.53
CA MET A 739 14.82 44.39 -51.00
C MET A 739 16.09 45.05 -51.53
N LYS A 740 16.12 45.43 -52.82
CA LYS A 740 17.26 46.15 -53.34
C LYS A 740 17.40 47.53 -52.69
N MET A 741 16.27 48.22 -52.47
CA MET A 741 16.29 49.48 -51.73
C MET A 741 16.88 49.30 -50.35
N THR A 742 16.47 48.26 -49.64
CA THR A 742 16.99 48.02 -48.29
C THR A 742 18.47 47.70 -48.32
N ALA A 743 18.91 46.89 -49.29
CA ALA A 743 20.32 46.58 -49.42
C ALA A 743 21.16 47.82 -49.71
N GLY A 744 20.65 48.72 -50.56
CA GLY A 744 21.38 49.95 -50.84
C GLY A 744 21.51 50.87 -49.65
N LYS A 745 20.51 50.89 -48.77
CA LYS A 745 20.52 51.77 -47.61
C LYS A 745 21.59 51.42 -46.58
N ARG A 746 22.21 50.25 -46.69
CA ARG A 746 23.24 49.83 -45.75
C ARG A 746 24.43 50.78 -45.76
N PRO A 763 56.62 54.93 -25.28
CA PRO A 763 55.21 55.23 -24.97
C PRO A 763 54.87 54.98 -23.51
N LYS A 764 53.59 55.14 -23.16
CA LYS A 764 53.15 54.91 -21.80
C LYS A 764 53.15 53.43 -21.41
N HIS A 765 53.26 52.52 -22.38
CA HIS A 765 53.22 51.10 -22.06
C HIS A 765 54.44 50.66 -21.27
N ALA A 766 55.59 51.32 -21.47
CA ALA A 766 56.79 50.96 -20.73
C ALA A 766 56.70 51.32 -19.26
N SER A 767 55.83 52.26 -18.89
CA SER A 767 55.74 52.68 -17.49
C SER A 767 55.20 51.57 -16.61
N VAL A 768 54.15 50.87 -17.05
CA VAL A 768 53.59 49.80 -16.24
C VAL A 768 54.50 48.58 -16.21
N LEU A 769 55.23 48.32 -17.30
CA LEU A 769 56.27 47.29 -17.27
C LEU A 769 57.40 47.67 -16.32
N ALA A 770 57.82 48.93 -16.34
CA ALA A 770 58.87 49.35 -15.42
C ALA A 770 58.39 49.30 -13.97
N GLU A 771 57.11 49.56 -13.73
CA GLU A 771 56.55 49.37 -12.39
C GLU A 771 56.56 47.90 -11.99
N SER A 772 56.27 47.00 -12.94
CA SER A 772 56.41 45.58 -12.68
C SER A 772 57.86 45.18 -12.50
N GLY A 773 58.78 45.88 -13.15
CA GLY A 773 60.19 45.52 -13.13
C GLY A 773 60.65 44.74 -14.34
N ILE A 774 59.97 44.89 -15.48
CA ILE A 774 60.24 44.12 -16.68
C ILE A 774 61.02 44.99 -17.66
N ASN A 775 62.20 44.54 -18.05
CA ASN A 775 63.00 45.23 -19.07
C ASN A 775 62.59 44.65 -20.42
N TYR A 776 61.64 45.34 -21.07
CA TYR A 776 61.06 44.87 -22.32
C TYR A 776 62.11 44.59 -23.39
N ASP A 777 63.15 45.42 -23.45
CA ASP A 777 64.19 45.30 -24.48
C ASP A 777 65.24 44.24 -24.19
N LYS A 778 65.17 43.55 -23.05
CA LYS A 778 66.07 42.43 -22.75
C LYS A 778 65.24 41.24 -22.30
N PRO A 779 64.61 40.55 -23.25
CA PRO A 779 63.75 39.41 -22.90
C PRO A 779 64.46 38.37 -22.06
N LEU A 780 63.74 37.85 -21.08
CA LEU A 780 64.16 36.64 -20.37
C LEU A 780 63.72 35.41 -21.16
N PRO A 781 64.59 34.42 -21.34
CA PRO A 781 64.15 33.15 -21.90
C PRO A 781 63.21 32.42 -20.96
N PRO A 782 62.41 31.49 -21.48
CA PRO A 782 61.45 30.79 -20.62
C PRO A 782 62.06 30.10 -19.43
N ILE A 783 63.31 29.65 -19.53
CA ILE A 783 63.97 28.98 -18.41
C ILE A 783 64.10 29.94 -17.23
N GLN A 784 64.53 31.18 -17.50
CA GLN A 784 64.70 32.16 -16.44
C GLN A 784 63.38 32.58 -15.82
N VAL A 785 62.34 32.77 -16.64
CA VAL A 785 61.04 33.12 -16.10
C VAL A 785 60.46 31.98 -15.27
N ALA A 786 60.68 30.73 -15.70
CA ALA A 786 60.27 29.59 -14.90
C ALA A 786 61.01 29.53 -13.57
N SER A 787 62.30 29.87 -13.58
CA SER A 787 63.05 29.93 -12.34
C SER A 787 62.52 31.02 -11.41
N LEU A 788 62.19 32.19 -11.97
CA LEU A 788 61.62 33.25 -11.15
C LEU A 788 60.27 32.85 -10.56
N ARG A 789 59.43 32.21 -11.38
CA ARG A 789 58.15 31.69 -10.88
C ARG A 789 58.36 30.72 -9.73
N ALA A 790 59.32 29.81 -9.87
CA ALA A 790 59.60 28.84 -8.82
C ALA A 790 60.08 29.52 -7.55
N GLU A 791 60.97 30.51 -7.70
CA GLU A 791 61.46 31.24 -6.52
C GLU A 791 60.33 31.98 -5.83
N ARG A 792 59.43 32.61 -6.59
CA ARG A 792 58.30 33.30 -6.00
C ARG A 792 57.38 32.32 -5.27
N ILE A 793 57.13 31.16 -5.86
CA ILE A 793 56.28 30.16 -5.22
C ILE A 793 56.92 29.65 -3.93
N ALA A 794 58.24 29.42 -3.96
CA ALA A 794 58.95 28.98 -2.76
C ALA A 794 58.89 30.02 -1.67
N LYS A 795 59.08 31.29 -2.01
CA LYS A 795 59.00 32.35 -1.01
C LYS A 795 57.59 32.48 -0.45
N GLU A 796 56.58 32.34 -1.31
CA GLU A 796 55.19 32.36 -0.83
C GLU A 796 54.93 31.21 0.14
N LYS A 797 55.43 30.01 -0.19
CA LYS A 797 55.26 28.87 0.71
C LYS A 797 55.96 29.11 2.04
N LYS A 798 57.16 29.69 2.00
CA LYS A 798 57.87 30.01 3.25
C LYS A 798 57.10 31.04 4.08
N ALA A 799 56.54 32.05 3.41
CA ALA A 799 55.75 33.05 4.12
C ALA A 799 54.50 32.42 4.75
N LEU A 800 53.85 31.53 4.03
CA LEU A 800 52.68 30.84 4.58
C LEU A 800 53.05 29.98 5.78
N ASP A 801 54.18 29.28 5.69
CA ASP A 801 54.64 28.43 6.78
C ASP A 801 55.12 29.26 7.97
N ASP B 13 -86.26 -20.05 35.11
CA ASP B 13 -86.67 -18.65 34.96
C ASP B 13 -85.82 -17.73 35.84
N GLN B 14 -85.05 -16.85 35.21
CA GLN B 14 -84.18 -15.96 35.96
C GLN B 14 -84.96 -15.03 36.86
N THR B 15 -86.16 -14.61 36.44
CA THR B 15 -87.01 -13.82 37.31
C THR B 15 -87.41 -14.62 38.56
N THR B 16 -87.78 -15.89 38.37
CA THR B 16 -88.11 -16.74 39.50
C THR B 16 -86.89 -16.96 40.40
N LEU B 17 -85.71 -17.09 39.80
CA LEU B 17 -84.50 -17.24 40.60
C LEU B 17 -84.23 -16.00 41.43
N MET B 18 -84.41 -14.81 40.83
CA MET B 18 -84.22 -13.57 41.56
C MET B 18 -85.24 -13.41 42.67
N LYS B 19 -86.49 -13.82 42.42
CA LYS B 19 -87.49 -13.79 43.47
C LYS B 19 -87.15 -14.76 44.60
N LYS B 20 -86.60 -15.92 44.25
CA LYS B 20 -86.15 -16.87 45.26
C LYS B 20 -85.04 -16.29 46.11
N TYR B 21 -84.09 -15.58 45.48
CA TYR B 21 -83.02 -14.95 46.24
C TYR B 21 -83.55 -13.80 47.09
N LEU B 22 -84.55 -13.08 46.61
CA LEU B 22 -85.20 -12.06 47.42
C LEU B 22 -85.87 -12.68 48.64
N GLN B 23 -86.51 -13.82 48.46
CA GLN B 23 -87.11 -14.53 49.59
C GLN B 23 -86.04 -14.97 50.57
N PHE B 24 -84.89 -15.42 50.06
CA PHE B 24 -83.79 -15.76 50.94
C PHE B 24 -83.34 -14.55 51.75
N VAL B 25 -83.24 -13.39 51.09
CA VAL B 25 -82.82 -12.18 51.79
C VAL B 25 -83.85 -11.78 52.85
N ALA B 26 -85.13 -11.89 52.52
CA ALA B 26 -86.17 -11.62 53.51
C ALA B 26 -86.12 -12.62 54.66
N ALA B 27 -85.82 -13.88 54.34
CA ALA B 27 -85.70 -14.91 55.38
C ALA B 27 -84.50 -14.67 56.28
N LEU B 28 -83.53 -13.85 55.85
CA LEU B 28 -82.38 -13.55 56.70
C LEU B 28 -82.81 -12.84 57.97
N THR B 29 -83.79 -11.95 57.88
CA THR B 29 -84.31 -11.26 59.06
C THR B 29 -85.29 -12.12 59.85
N ASP B 30 -85.72 -13.26 59.31
CA ASP B 30 -86.68 -14.11 60.02
C ASP B 30 -86.05 -14.71 61.27
N VAL B 31 -86.85 -14.84 62.32
CA VAL B 31 -86.38 -15.42 63.56
C VAL B 31 -86.58 -16.93 63.61
N ASN B 32 -87.57 -17.45 62.90
CA ASN B 32 -87.89 -18.87 62.98
C ASN B 32 -86.90 -19.73 62.20
N THR B 33 -86.31 -19.19 61.14
CA THR B 33 -85.46 -19.99 60.26
C THR B 33 -84.21 -20.45 61.01
N PRO B 34 -83.81 -21.72 60.86
CA PRO B 34 -82.56 -22.18 61.49
C PRO B 34 -81.35 -21.46 60.93
N ASP B 35 -80.33 -21.34 61.78
CA ASP B 35 -79.14 -20.58 61.40
C ASP B 35 -78.40 -21.23 60.24
N GLU B 36 -78.27 -22.57 60.26
CA GLU B 36 -77.57 -23.26 59.18
C GLU B 36 -78.33 -23.11 57.86
N THR B 37 -79.66 -23.07 57.91
CA THR B 37 -80.43 -22.81 56.70
C THR B 37 -80.12 -21.43 56.13
N LYS B 38 -80.02 -20.42 57.00
CA LYS B 38 -79.65 -19.09 56.55
C LYS B 38 -78.25 -19.09 55.95
N LEU B 39 -77.31 -19.79 56.59
CA LEU B 39 -75.95 -19.83 56.07
C LEU B 39 -75.90 -20.47 54.69
N LYS B 40 -76.63 -21.58 54.50
CA LYS B 40 -76.68 -22.22 53.19
C LYS B 40 -77.34 -21.32 52.15
N MET B 41 -78.43 -20.65 52.55
CA MET B 41 -79.12 -19.76 51.62
C MET B 41 -78.21 -18.62 51.16
N MET B 42 -77.48 -18.01 52.10
CA MET B 42 -76.60 -16.91 51.74
C MET B 42 -75.37 -17.39 50.98
N GLN B 43 -74.90 -18.61 51.25
CA GLN B 43 -73.83 -19.18 50.46
C GLN B 43 -74.27 -19.36 49.01
N GLU B 44 -75.50 -19.84 48.81
CA GLU B 44 -76.03 -19.95 47.45
C GLU B 44 -76.19 -18.57 46.82
N VAL B 45 -76.63 -17.58 47.60
CA VAL B 45 -76.80 -16.23 47.08
C VAL B 45 -75.47 -15.63 46.67
N SER B 46 -74.43 -15.87 47.48
CA SER B 46 -73.12 -15.29 47.19
C SER B 46 -72.56 -15.82 45.88
N GLU B 47 -72.74 -17.12 45.62
CA GLU B 47 -72.17 -17.71 44.41
C GLU B 47 -72.86 -17.22 43.14
N ASN B 48 -74.11 -16.80 43.25
CA ASN B 48 -74.94 -16.53 42.08
C ASN B 48 -75.08 -15.04 41.77
N PHE B 49 -74.20 -14.21 42.31
CA PHE B 49 -74.25 -12.78 41.98
C PHE B 49 -73.83 -12.50 40.54
N GLU B 50 -73.14 -13.44 39.89
CA GLU B 50 -72.81 -13.27 38.49
C GLU B 50 -74.08 -13.25 37.63
N ASN B 51 -75.03 -14.14 37.93
CA ASN B 51 -76.25 -14.19 37.14
C ASN B 51 -77.17 -13.01 37.42
N VAL B 52 -77.23 -12.58 38.68
CA VAL B 52 -78.18 -11.53 39.06
C VAL B 52 -77.82 -10.20 38.41
N THR B 53 -76.53 -9.87 38.36
CA THR B 53 -76.10 -8.56 37.89
C THR B 53 -76.37 -8.35 36.41
N SER B 54 -76.64 -9.41 35.65
CA SER B 54 -76.85 -9.27 34.21
C SER B 54 -78.20 -8.62 33.92
N SER B 55 -79.25 -9.00 34.65
CA SER B 55 -80.60 -8.57 34.35
C SER B 55 -80.82 -7.13 34.79
N PRO B 56 -81.70 -6.39 34.10
CA PRO B 56 -82.07 -5.05 34.57
C PRO B 56 -82.78 -5.04 35.92
N GLN B 57 -83.31 -6.19 36.36
CA GLN B 57 -83.94 -6.28 37.67
C GLN B 57 -82.92 -6.15 38.81
N TYR B 58 -81.63 -6.18 38.50
CA TYR B 58 -80.60 -6.03 39.51
C TYR B 58 -80.74 -4.74 40.31
N SER B 59 -81.28 -3.68 39.69
CA SER B 59 -81.50 -2.43 40.41
C SER B 59 -82.57 -2.61 41.48
N THR B 60 -83.72 -3.19 41.12
CA THR B 60 -84.75 -3.48 42.11
C THR B 60 -84.25 -4.52 43.10
N PHE B 61 -83.47 -5.49 42.62
CA PHE B 61 -82.87 -6.47 43.52
C PHE B 61 -82.00 -5.79 44.57
N LEU B 62 -81.19 -4.81 44.16
CA LEU B 62 -80.40 -4.06 45.13
C LEU B 62 -81.30 -3.28 46.09
N GLU B 63 -82.29 -2.57 45.54
CA GLU B 63 -83.19 -1.76 46.36
C GLU B 63 -83.89 -2.60 47.41
N HIS B 64 -84.07 -3.90 47.13
CA HIS B 64 -84.68 -4.78 48.12
C HIS B 64 -83.66 -5.36 49.09
N ILE B 65 -82.51 -5.82 48.60
CA ILE B 65 -81.62 -6.59 49.45
C ILE B 65 -80.79 -5.68 50.36
N ILE B 66 -80.27 -4.56 49.83
CA ILE B 66 -79.35 -3.73 50.60
C ILE B 66 -80.00 -3.19 51.87
N PRO B 67 -81.21 -2.59 51.83
CA PRO B 67 -81.84 -2.21 53.10
C PRO B 67 -82.05 -3.39 54.04
N ARG B 68 -82.40 -4.57 53.51
CA ARG B 68 -82.61 -5.73 54.37
C ARG B 68 -81.31 -6.19 55.00
N PHE B 69 -80.22 -6.22 54.21
CA PHE B 69 -78.92 -6.59 54.75
C PHE B 69 -78.49 -5.62 55.85
N LEU B 70 -78.67 -4.31 55.60
CA LEU B 70 -78.30 -3.32 56.60
C LEU B 70 -79.15 -3.45 57.85
N THR B 71 -80.45 -3.75 57.68
CA THR B 71 -81.32 -3.93 58.83
C THR B 71 -80.86 -5.12 59.68
N PHE B 72 -80.57 -6.25 59.02
CA PHE B 72 -80.12 -7.42 59.76
C PHE B 72 -78.79 -7.14 60.47
N LEU B 73 -77.88 -6.42 59.82
CA LEU B 73 -76.62 -6.09 60.45
C LEU B 73 -76.83 -5.17 61.66
N GLN B 74 -77.75 -4.21 61.53
CA GLN B 74 -77.99 -3.28 62.63
C GLN B 74 -78.61 -4.00 63.83
N ASP B 75 -79.54 -4.92 63.57
CA ASP B 75 -80.27 -5.54 64.68
C ASP B 75 -79.40 -6.49 65.48
N GLY B 76 -78.43 -7.15 64.84
CA GLY B 76 -77.72 -8.23 65.50
C GLY B 76 -76.85 -7.75 66.64
N GLU B 77 -76.83 -8.54 67.71
CA GLU B 77 -75.82 -8.39 68.76
C GLU B 77 -74.43 -8.73 68.21
N VAL B 78 -73.44 -7.92 68.59
CA VAL B 78 -72.07 -8.15 68.14
C VAL B 78 -71.54 -9.47 68.69
N GLN B 79 -71.25 -10.40 67.78
CA GLN B 79 -70.71 -11.70 68.14
C GLN B 79 -69.18 -11.65 68.18
N PHE B 80 -68.58 -12.52 69.00
CA PHE B 80 -67.13 -12.58 69.12
C PHE B 80 -66.55 -13.99 69.10
N LEU B 81 -67.35 -15.01 68.77
CA LEU B 81 -66.86 -16.37 68.61
C LEU B 81 -66.94 -16.77 67.13
N GLN B 82 -65.81 -17.24 66.60
CA GLN B 82 -65.68 -17.46 65.16
C GLN B 82 -66.45 -18.69 64.68
N GLU B 83 -66.63 -19.69 65.54
CA GLU B 83 -67.34 -20.88 65.13
C GLU B 83 -68.86 -20.73 65.28
N LYS B 84 -69.31 -19.64 65.87
CA LYS B 84 -70.75 -19.39 65.99
C LYS B 84 -71.37 -19.23 64.60
N PRO B 85 -72.46 -19.92 64.31
CA PRO B 85 -73.14 -19.71 63.02
C PRO B 85 -73.55 -18.26 62.79
N ALA B 86 -73.95 -17.54 63.85
CA ALA B 86 -74.34 -16.15 63.69
C ALA B 86 -73.17 -15.27 63.26
N GLN B 87 -71.98 -15.50 63.81
CA GLN B 87 -70.80 -14.75 63.39
C GLN B 87 -70.45 -15.06 61.94
N GLN B 88 -70.54 -16.32 61.53
CA GLN B 88 -70.24 -16.66 60.14
C GLN B 88 -71.26 -16.05 59.20
N LEU B 89 -72.54 -16.04 59.60
CA LEU B 89 -73.57 -15.42 58.78
C LEU B 89 -73.34 -13.91 58.64
N ARG B 90 -73.02 -13.24 59.74
CA ARG B 90 -72.71 -11.82 59.67
C ARG B 90 -71.51 -11.54 58.77
N LYS B 91 -70.47 -12.37 58.87
CA LYS B 91 -69.30 -12.19 58.03
C LYS B 91 -69.64 -12.42 56.56
N LEU B 92 -70.47 -13.43 56.26
CA LEU B 92 -70.86 -13.71 54.89
C LEU B 92 -71.69 -12.56 54.32
N VAL B 93 -72.59 -11.99 55.13
CA VAL B 93 -73.37 -10.84 54.67
C VAL B 93 -72.46 -9.66 54.37
N LEU B 94 -71.50 -9.39 55.25
CA LEU B 94 -70.58 -8.28 55.01
C LEU B 94 -69.75 -8.50 53.75
N GLU B 95 -69.27 -9.73 53.55
CA GLU B 95 -68.52 -10.02 52.34
C GLU B 95 -69.38 -9.92 51.10
N ILE B 96 -70.66 -10.27 51.21
CA ILE B 96 -71.59 -10.10 50.09
C ILE B 96 -71.76 -8.63 49.75
N ILE B 97 -71.90 -7.79 50.77
CA ILE B 97 -71.97 -6.34 50.55
C ILE B 97 -70.71 -5.84 49.88
N HIS B 98 -69.55 -6.35 50.29
CA HIS B 98 -68.30 -5.96 49.66
C HIS B 98 -68.26 -6.40 48.20
N ARG B 99 -68.77 -7.59 47.90
CA ARG B 99 -68.70 -8.14 46.56
C ARG B 99 -69.66 -7.45 45.60
N ILE B 100 -70.64 -6.72 46.12
CA ILE B 100 -71.64 -6.07 45.25
C ILE B 100 -70.94 -5.11 44.30
N PRO B 101 -71.22 -5.17 43.00
CA PRO B 101 -70.54 -4.28 42.05
C PRO B 101 -70.79 -2.82 42.37
N THR B 102 -69.78 -1.99 42.06
CA THR B 102 -69.78 -0.58 42.42
C THR B 102 -70.17 0.31 41.25
N ASN B 103 -71.12 -0.12 40.43
CA ASN B 103 -71.63 0.72 39.35
C ASN B 103 -72.58 1.76 39.93
N GLU B 104 -73.25 2.52 39.06
CA GLU B 104 -74.11 3.62 39.51
C GLU B 104 -75.34 3.12 40.26
N HIS B 105 -75.67 1.83 40.16
CA HIS B 105 -76.82 1.32 40.91
C HIS B 105 -76.54 1.30 42.41
N LEU B 106 -75.27 1.19 42.80
CA LEU B 106 -74.92 1.21 44.21
C LEU B 106 -74.98 2.60 44.81
N ARG B 107 -75.04 3.64 43.96
CA ARG B 107 -74.99 5.02 44.44
C ARG B 107 -76.11 5.37 45.41
N PRO B 108 -77.38 5.07 45.15
CA PRO B 108 -78.42 5.43 46.14
C PRO B 108 -78.23 4.77 47.49
N HIS B 109 -77.74 3.54 47.52
CA HIS B 109 -77.53 2.82 48.77
C HIS B 109 -76.19 3.13 49.42
N THR B 110 -75.32 3.87 48.72
CA THR B 110 -73.96 4.12 49.19
C THR B 110 -73.95 4.89 50.51
N LYS B 111 -74.80 5.90 50.63
CA LYS B 111 -74.84 6.69 51.86
C LYS B 111 -75.21 5.83 53.06
N ASN B 112 -76.26 5.02 52.92
CA ASN B 112 -76.69 4.17 54.02
C ASN B 112 -75.64 3.13 54.36
N VAL B 113 -75.03 2.52 53.35
CA VAL B 113 -74.00 1.52 53.61
C VAL B 113 -72.81 2.13 54.33
N LEU B 114 -72.38 3.32 53.89
CA LEU B 114 -71.24 3.98 54.52
C LEU B 114 -71.55 4.34 55.97
N SER B 115 -72.75 4.86 56.23
CA SER B 115 -73.11 5.20 57.61
C SER B 115 -73.14 3.96 58.49
N VAL B 116 -73.72 2.86 57.98
CA VAL B 116 -73.79 1.63 58.76
C VAL B 116 -72.38 1.10 59.06
N MET B 117 -71.51 1.11 58.06
CA MET B 117 -70.15 0.62 58.29
C MET B 117 -69.41 1.50 59.28
N PHE B 118 -69.54 2.82 59.15
CA PHE B 118 -68.89 3.72 60.10
C PHE B 118 -69.39 3.52 61.52
N ARG B 119 -70.67 3.16 61.69
CA ARG B 119 -71.12 2.82 63.04
C ARG B 119 -70.55 1.49 63.53
N PHE B 120 -70.37 0.51 62.64
CA PHE B 120 -69.74 -0.76 63.04
C PHE B 120 -68.27 -0.64 63.38
N LEU B 121 -67.54 0.29 62.76
CA LEU B 121 -66.14 0.48 63.11
C LEU B 121 -65.94 0.78 64.59
N GLU B 122 -66.83 1.57 65.18
CA GLU B 122 -66.80 1.80 66.63
C GLU B 122 -66.98 0.53 67.45
N THR B 123 -67.71 -0.47 66.94
CA THR B 123 -68.36 -1.43 67.83
C THR B 123 -67.98 -2.89 67.66
N GLU B 124 -67.63 -3.36 66.46
CA GLU B 124 -67.69 -4.79 66.20
C GLU B 124 -66.29 -5.42 66.22
N ASN B 125 -66.26 -6.74 65.99
CA ASN B 125 -65.07 -7.57 66.05
C ASN B 125 -64.14 -7.35 64.85
N GLU B 126 -62.92 -7.87 65.00
CA GLU B 126 -61.84 -7.69 64.03
C GLU B 126 -62.22 -8.11 62.61
N GLU B 127 -62.80 -9.30 62.44
CA GLU B 127 -63.15 -9.75 61.10
C GLU B 127 -64.13 -8.78 60.44
N ASN B 128 -65.20 -8.46 61.16
CA ASN B 128 -66.26 -7.65 60.60
C ASN B 128 -65.78 -6.22 60.39
N VAL B 129 -64.98 -5.70 61.30
CA VAL B 129 -64.41 -4.36 61.14
C VAL B 129 -63.48 -4.31 59.93
N LEU B 130 -62.61 -5.30 59.76
CA LEU B 130 -61.74 -5.31 58.59
C LEU B 130 -62.55 -5.32 57.29
N ILE B 131 -63.64 -6.08 57.27
CA ILE B 131 -64.51 -6.09 56.08
C ILE B 131 -65.17 -4.73 55.88
N CYS B 132 -65.66 -4.13 56.96
CA CYS B 132 -66.27 -2.80 56.88
C CYS B 132 -65.28 -1.76 56.38
N LEU B 133 -64.03 -1.86 56.81
CA LEU B 133 -63.00 -0.93 56.36
C LEU B 133 -62.73 -1.13 54.87
N ARG B 134 -62.71 -2.38 54.40
CA ARG B 134 -62.52 -2.61 52.98
C ARG B 134 -63.68 -2.03 52.18
N ILE B 135 -64.91 -2.21 52.67
CA ILE B 135 -66.09 -1.65 52.00
C ILE B 135 -66.00 -0.14 51.94
N ILE B 136 -65.60 0.49 53.05
CA ILE B 136 -65.47 1.94 53.10
C ILE B 136 -64.44 2.42 52.09
N ILE B 137 -63.30 1.75 52.03
CA ILE B 137 -62.25 2.13 51.08
C ILE B 137 -62.79 2.05 49.66
N GLU B 138 -63.44 0.95 49.32
CA GLU B 138 -63.93 0.76 47.96
C GLU B 138 -64.97 1.82 47.59
N LEU B 139 -65.94 2.05 48.49
CA LEU B 139 -67.00 3.01 48.20
C LEU B 139 -66.45 4.42 48.06
N HIS B 140 -65.55 4.82 48.95
CA HIS B 140 -65.00 6.17 48.86
C HIS B 140 -64.10 6.34 47.64
N LYS B 141 -63.40 5.28 47.23
CA LYS B 141 -62.57 5.37 46.03
C LYS B 141 -63.42 5.50 44.77
N GLN B 142 -64.46 4.68 44.66
CA GLN B 142 -65.23 4.67 43.42
C GLN B 142 -66.17 5.87 43.32
N PHE B 143 -66.94 6.14 44.37
CA PHE B 143 -68.01 7.12 44.29
C PHE B 143 -67.60 8.52 44.73
N ARG B 144 -66.73 8.62 45.73
CA ARG B 144 -66.23 9.89 46.25
C ARG B 144 -67.37 10.80 46.71
N PRO B 145 -68.07 10.45 47.79
CA PRO B 145 -69.16 11.29 48.27
C PRO B 145 -68.63 12.53 48.97
N PRO B 146 -69.44 13.57 49.13
CA PRO B 146 -68.99 14.77 49.85
C PRO B 146 -68.86 14.50 51.34
N ILE B 147 -68.22 15.45 52.02
CA ILE B 147 -67.85 15.26 53.42
C ILE B 147 -69.08 15.32 54.31
N THR B 148 -69.13 14.43 55.30
CA THR B 148 -70.19 14.37 56.29
C THR B 148 -69.58 14.33 57.68
N GLN B 149 -70.45 14.42 58.69
CA GLN B 149 -69.99 14.37 60.08
C GLN B 149 -69.42 13.00 60.44
N GLU B 150 -69.90 11.94 59.78
CA GLU B 150 -69.37 10.60 60.02
C GLU B 150 -67.87 10.53 59.74
N ILE B 151 -67.39 11.32 58.78
CA ILE B 151 -65.96 11.34 58.48
C ILE B 151 -65.18 11.94 59.65
N HIS B 152 -65.68 13.04 60.22
CA HIS B 152 -65.01 13.62 61.38
C HIS B 152 -65.07 12.68 62.57
N HIS B 153 -66.18 11.98 62.75
CA HIS B 153 -66.28 11.00 63.82
C HIS B 153 -65.33 9.83 63.61
N PHE B 154 -65.11 9.42 62.37
CA PHE B 154 -64.09 8.42 62.08
C PHE B 154 -62.70 8.92 62.44
N LEU B 155 -62.35 10.13 62.00
CA LEU B 155 -61.05 10.69 62.34
C LEU B 155 -60.85 10.77 63.86
N ASP B 156 -61.92 11.11 64.59
CA ASP B 156 -61.82 11.13 66.05
C ASP B 156 -61.67 9.72 66.61
N PHE B 157 -62.33 8.74 66.00
CA PHE B 157 -62.19 7.36 66.44
C PHE B 157 -60.78 6.84 66.22
N VAL B 158 -60.17 7.20 65.08
CA VAL B 158 -58.78 6.84 64.82
C VAL B 158 -57.85 7.50 65.83
N LYS B 159 -58.08 8.78 66.13
CA LYS B 159 -57.25 9.45 67.13
C LYS B 159 -57.40 8.79 68.49
N GLN B 160 -58.62 8.39 68.83
CA GLN B 160 -58.85 7.70 70.10
C GLN B 160 -58.13 6.36 70.14
N ILE B 161 -58.11 5.64 69.02
CA ILE B 161 -57.35 4.39 68.97
C ILE B 161 -55.87 4.65 69.14
N TYR B 162 -55.34 5.69 68.50
CA TYR B 162 -53.93 6.02 68.66
C TYR B 162 -53.61 6.35 70.12
N LYS B 163 -54.50 7.07 70.80
CA LYS B 163 -54.29 7.34 72.22
C LYS B 163 -54.40 6.08 73.06
N GLU B 164 -55.29 5.16 72.70
CA GLU B 164 -55.48 3.92 73.43
C GLU B 164 -54.36 2.91 73.20
N LEU B 165 -53.56 3.09 72.15
CA LEU B 165 -52.54 2.10 71.81
C LEU B 165 -51.57 1.79 72.94
N PRO B 166 -51.03 2.75 73.69
CA PRO B 166 -50.14 2.37 74.80
C PRO B 166 -50.80 1.48 75.83
N LYS B 167 -52.10 1.67 76.10
CA LYS B 167 -52.81 0.78 77.00
C LYS B 167 -52.89 -0.63 76.45
N VAL B 168 -53.19 -0.78 75.16
CA VAL B 168 -53.17 -2.08 74.49
C VAL B 168 -51.79 -2.72 74.61
N VAL B 169 -50.73 -1.94 74.36
CA VAL B 169 -49.38 -2.46 74.45
C VAL B 169 -49.07 -2.95 75.85
N ASN B 170 -49.41 -2.15 76.86
CA ASN B 170 -49.19 -2.59 78.24
C ASN B 170 -49.96 -3.86 78.54
N ARG B 171 -51.25 -3.88 78.21
CA ARG B 171 -52.11 -5.02 78.52
C ARG B 171 -51.60 -6.31 77.91
N TYR B 172 -51.31 -6.32 76.60
CA TYR B 172 -50.87 -7.58 75.99
C TYR B 172 -49.40 -7.89 76.20
N PHE B 173 -48.49 -6.96 75.89
CA PHE B 173 -47.08 -7.27 76.02
C PHE B 173 -46.58 -7.13 77.47
N GLU B 174 -46.86 -5.99 78.11
CA GLU B 174 -46.15 -5.69 79.35
C GLU B 174 -46.70 -6.49 80.53
N ASN B 175 -48.02 -6.66 80.61
CA ASN B 175 -48.66 -7.41 81.69
C ASN B 175 -49.64 -8.41 81.10
N PRO B 176 -49.13 -9.50 80.52
CA PRO B 176 -50.03 -10.52 79.96
C PRO B 176 -50.83 -11.20 81.05
N GLN B 177 -52.02 -11.65 80.68
CA GLN B 177 -52.94 -12.33 81.59
C GLN B 177 -53.09 -13.79 81.17
N VAL B 178 -53.01 -14.69 82.14
CA VAL B 178 -53.20 -16.11 81.86
C VAL B 178 -54.69 -16.39 81.75
N ILE B 179 -55.13 -16.85 80.59
CA ILE B 179 -56.53 -17.21 80.41
C ILE B 179 -56.86 -18.42 81.28
N PRO B 180 -57.90 -18.36 82.11
CA PRO B 180 -58.26 -19.52 82.94
C PRO B 180 -58.52 -20.74 82.09
N GLU B 181 -57.95 -21.87 82.51
CA GLU B 181 -58.03 -23.10 81.73
C GLU B 181 -59.46 -23.61 81.67
N ASN B 182 -59.82 -24.19 80.53
CA ASN B 182 -61.14 -24.75 80.25
C ASN B 182 -62.25 -23.70 80.26
N THR B 183 -61.89 -22.42 80.22
CA THR B 183 -62.86 -21.33 80.20
C THR B 183 -62.75 -20.55 78.89
N VAL B 184 -63.79 -19.79 78.60
CA VAL B 184 -63.85 -18.93 77.42
C VAL B 184 -63.59 -17.50 77.89
N PRO B 185 -62.44 -16.90 77.56
CA PRO B 185 -62.14 -15.56 78.05
C PRO B 185 -62.96 -14.51 77.31
N PRO B 186 -63.18 -13.35 77.93
CA PRO B 186 -63.80 -12.25 77.19
C PRO B 186 -62.87 -11.75 76.10
N PRO B 187 -63.42 -11.20 75.01
CA PRO B 187 -62.56 -10.77 73.90
C PRO B 187 -61.58 -9.66 74.28
N GLU B 188 -61.84 -8.94 75.37
CA GLU B 188 -60.97 -7.84 75.77
C GLU B 188 -59.66 -8.29 76.38
N MET B 189 -59.44 -9.60 76.54
CA MET B 189 -58.17 -10.10 77.07
C MET B 189 -57.46 -11.02 76.09
N VAL B 190 -57.88 -11.00 74.82
CA VAL B 190 -57.13 -11.64 73.74
C VAL B 190 -56.73 -10.56 72.73
N GLY B 191 -55.54 -10.69 72.18
CA GLY B 191 -55.05 -9.71 71.23
C GLY B 191 -55.26 -10.10 69.77
N MET B 192 -55.57 -11.37 69.54
CA MET B 192 -55.78 -11.85 68.18
C MET B 192 -56.66 -13.09 68.25
N ILE B 193 -57.05 -13.58 67.07
CA ILE B 193 -57.92 -14.74 66.98
C ILE B 193 -57.22 -15.94 67.61
N THR B 194 -57.72 -16.38 68.75
CA THR B 194 -57.11 -17.46 69.52
C THR B 194 -58.10 -18.60 69.64
N THR B 195 -57.65 -19.81 69.36
CA THR B 195 -58.48 -21.00 69.46
C THR B 195 -58.24 -21.66 70.81
N ILE B 196 -59.33 -22.02 71.49
CA ILE B 196 -59.27 -22.66 72.79
C ILE B 196 -60.17 -23.89 72.77
N ALA B 197 -59.85 -24.86 73.63
CA ALA B 197 -60.61 -26.09 73.75
C ALA B 197 -61.19 -26.19 75.15
N VAL B 198 -62.47 -26.57 75.23
CA VAL B 198 -63.19 -26.64 76.50
C VAL B 198 -63.84 -28.00 76.62
N LYS B 199 -63.63 -28.66 77.76
CA LYS B 199 -64.37 -29.85 78.13
C LYS B 199 -65.61 -29.44 78.91
N VAL B 200 -66.76 -29.99 78.52
CA VAL B 200 -68.04 -29.51 79.04
C VAL B 200 -68.11 -29.71 80.56
N ASN B 201 -67.75 -30.90 81.03
CA ASN B 201 -67.82 -31.20 82.45
C ASN B 201 -66.44 -31.22 83.07
N PRO B 202 -66.08 -30.27 83.93
CA PRO B 202 -64.77 -30.30 84.59
C PRO B 202 -64.68 -31.29 85.75
N GLU B 203 -65.79 -31.95 86.10
CA GLU B 203 -65.77 -32.88 87.22
C GLU B 203 -64.99 -34.16 86.92
N ARG B 204 -64.79 -34.48 85.64
CA ARG B 204 -64.13 -35.72 85.24
C ARG B 204 -63.10 -35.42 84.17
N GLU B 205 -62.10 -36.30 84.06
CA GLU B 205 -61.11 -36.18 83.00
C GLU B 205 -61.70 -36.51 81.65
N ASP B 206 -62.73 -37.34 81.61
CA ASP B 206 -63.43 -37.69 80.37
C ASP B 206 -64.75 -36.94 80.32
N SER B 207 -64.94 -36.15 79.26
CA SER B 207 -66.14 -35.34 79.11
C SER B 207 -66.27 -34.94 77.65
N GLU B 208 -67.45 -34.41 77.30
CA GLU B 208 -67.68 -33.89 75.97
C GLU B 208 -66.74 -32.72 75.68
N THR B 209 -66.16 -32.71 74.48
CA THR B 209 -65.14 -31.74 74.10
C THR B 209 -65.69 -30.80 73.05
N ARG B 210 -65.55 -29.50 73.29
CA ARG B 210 -65.92 -28.46 72.35
C ARG B 210 -64.79 -27.46 72.20
N THR B 211 -64.65 -26.92 71.00
CA THR B 211 -63.58 -25.98 70.68
C THR B 211 -64.18 -24.66 70.21
N HIS B 212 -63.52 -23.56 70.58
CA HIS B 212 -64.00 -22.22 70.26
C HIS B 212 -62.82 -21.35 69.84
N SER B 213 -63.11 -20.36 69.00
CA SER B 213 -62.14 -19.37 68.57
C SER B 213 -62.66 -17.98 68.90
N ILE B 214 -61.85 -17.20 69.60
CA ILE B 214 -62.27 -15.90 70.13
C ILE B 214 -61.70 -14.80 69.25
N ILE B 215 -62.57 -13.90 68.80
CA ILE B 215 -62.18 -12.78 67.94
C ILE B 215 -62.06 -11.54 68.82
N PRO B 216 -60.96 -10.80 68.75
CA PRO B 216 -60.83 -9.60 69.58
C PRO B 216 -61.75 -8.48 69.13
N ARG B 217 -62.02 -7.57 70.07
CA ARG B 217 -62.77 -6.36 69.76
C ARG B 217 -61.97 -5.46 68.81
N GLY B 218 -62.68 -4.88 67.84
CA GLY B 218 -62.04 -4.04 66.84
C GLY B 218 -61.32 -2.84 67.40
N SER B 219 -61.69 -2.37 68.59
CA SER B 219 -61.01 -1.25 69.21
C SER B 219 -59.67 -1.63 69.82
N LEU B 220 -59.40 -2.91 70.00
CA LEU B 220 -58.15 -3.38 70.57
C LEU B 220 -57.25 -4.12 69.58
N SER B 221 -57.83 -4.67 68.51
CA SER B 221 -57.04 -5.38 67.52
C SER B 221 -56.04 -4.46 66.83
N LEU B 222 -54.81 -4.93 66.71
CA LEU B 222 -53.76 -4.17 66.03
C LEU B 222 -53.84 -4.27 64.51
N LYS B 223 -54.54 -5.29 63.99
CA LYS B 223 -54.74 -5.39 62.55
C LYS B 223 -55.57 -4.21 62.04
N VAL B 224 -56.60 -3.84 62.80
CA VAL B 224 -57.38 -2.66 62.45
C VAL B 224 -56.52 -1.42 62.48
N LEU B 225 -55.67 -1.30 63.50
CA LEU B 225 -54.77 -0.14 63.59
C LEU B 225 -53.83 -0.09 62.40
N ALA B 226 -53.39 -1.25 61.91
CA ALA B 226 -52.56 -1.27 60.71
C ALA B 226 -53.34 -0.84 59.48
N GLU B 227 -54.62 -1.24 59.40
CA GLU B 227 -55.42 -0.90 58.23
C GLU B 227 -55.93 0.55 58.23
N LEU B 228 -55.96 1.21 59.40
CA LEU B 228 -56.54 2.56 59.46
C LEU B 228 -55.79 3.61 58.65
N PRO B 229 -54.46 3.74 58.71
CA PRO B 229 -53.81 4.92 58.10
C PRO B 229 -54.06 5.09 56.62
N ILE B 230 -54.21 4.01 55.86
CA ILE B 230 -54.49 4.15 54.44
C ILE B 230 -55.84 4.81 54.22
N ILE B 231 -56.81 4.55 55.10
CA ILE B 231 -58.11 5.18 54.97
C ILE B 231 -58.01 6.67 55.25
N VAL B 232 -57.19 7.05 56.24
CA VAL B 232 -56.98 8.46 56.52
C VAL B 232 -56.31 9.15 55.33
N VAL B 233 -55.35 8.48 54.70
CA VAL B 233 -54.69 9.05 53.53
C VAL B 233 -55.69 9.23 52.40
N LEU B 234 -56.55 8.22 52.17
CA LEU B 234 -57.57 8.33 51.14
C LEU B 234 -58.53 9.49 51.40
N MET B 235 -58.98 9.66 52.64
CA MET B 235 -59.89 10.75 52.95
C MET B 235 -59.22 12.11 52.92
N TYR B 236 -57.92 12.18 53.25
CA TYR B 236 -57.19 13.43 53.01
C TYR B 236 -57.09 13.72 51.52
N GLN B 237 -56.96 12.69 50.69
CA GLN B 237 -56.91 12.91 49.25
C GLN B 237 -58.25 13.41 48.73
N LEU B 238 -59.35 12.85 49.24
CA LEU B 238 -60.67 13.26 48.79
C LEU B 238 -61.09 14.60 49.38
N TYR B 239 -60.74 14.84 50.65
CA TYR B 239 -61.28 15.96 51.42
C TYR B 239 -60.18 16.92 51.86
N LYS B 240 -59.21 17.17 50.97
CA LYS B 240 -58.01 17.91 51.35
C LYS B 240 -58.34 19.27 51.95
N LEU B 241 -59.33 19.97 51.40
CA LEU B 241 -59.62 21.33 51.83
C LEU B 241 -60.32 21.39 53.18
N ASN B 242 -60.93 20.29 53.62
CA ASN B 242 -61.76 20.31 54.82
C ASN B 242 -61.03 19.81 56.07
N ILE B 243 -60.38 18.66 55.98
CA ILE B 243 -59.84 17.98 57.16
C ILE B 243 -58.34 18.28 57.33
N HIS B 244 -57.84 19.35 56.71
CA HIS B 244 -56.41 19.66 56.79
C HIS B 244 -55.98 19.92 58.23
N ASN B 245 -56.80 20.65 59.00
CA ASN B 245 -56.42 20.95 60.38
C ASN B 245 -56.58 19.75 61.29
N VAL B 246 -57.51 18.85 60.98
CA VAL B 246 -57.72 17.67 61.82
C VAL B 246 -56.52 16.72 61.72
N VAL B 247 -55.98 16.57 60.50
CA VAL B 247 -54.84 15.68 60.30
C VAL B 247 -53.62 16.16 61.07
N ALA B 248 -53.50 17.47 61.28
CA ALA B 248 -52.38 18.01 62.04
C ALA B 248 -52.31 17.41 63.45
N GLU B 249 -53.45 17.04 64.02
CA GLU B 249 -53.46 16.41 65.33
C GLU B 249 -52.85 15.02 65.31
N PHE B 250 -52.82 14.36 64.15
CA PHE B 250 -52.27 13.02 64.07
C PHE B 250 -50.76 13.00 64.23
N VAL B 251 -50.08 14.08 63.86
CA VAL B 251 -48.62 14.07 63.83
C VAL B 251 -47.99 13.76 65.19
N PRO B 252 -48.35 14.45 66.28
CA PRO B 252 -47.81 14.02 67.58
C PRO B 252 -48.19 12.61 67.95
N LEU B 253 -49.41 12.18 67.59
CA LEU B 253 -49.81 10.80 67.83
C LEU B 253 -48.97 9.82 67.01
N ILE B 254 -48.66 10.17 65.76
CA ILE B 254 -47.81 9.32 64.93
C ILE B 254 -46.43 9.20 65.54
N MET B 255 -45.86 10.31 65.97
CA MET B 255 -44.52 10.27 66.56
C MET B 255 -44.50 9.47 67.85
N ASN B 256 -45.51 9.65 68.70
CA ASN B 256 -45.59 8.87 69.93
C ASN B 256 -45.76 7.38 69.63
N THR B 257 -46.57 7.05 68.61
CA THR B 257 -46.77 5.66 68.25
C THR B 257 -45.49 5.00 67.77
N ILE B 258 -44.78 5.66 66.86
CA ILE B 258 -43.53 5.07 66.36
C ILE B 258 -42.46 5.05 67.44
N ALA B 259 -42.57 5.91 68.45
CA ALA B 259 -41.60 5.89 69.54
C ALA B 259 -41.75 4.70 70.46
N ILE B 260 -42.93 4.07 70.49
CA ILE B 260 -43.21 3.02 71.46
C ILE B 260 -42.38 1.79 71.17
N GLN B 261 -41.75 1.24 72.21
CA GLN B 261 -40.98 0.01 72.12
C GLN B 261 -41.38 -0.94 73.24
N VAL B 262 -41.54 -2.22 72.89
CA VAL B 262 -41.83 -3.23 73.90
C VAL B 262 -40.56 -3.51 74.69
N SER B 263 -40.69 -3.55 76.02
CA SER B 263 -39.53 -3.73 76.88
C SER B 263 -38.91 -5.11 76.66
N ALA B 264 -37.60 -5.19 76.92
CA ALA B 264 -36.90 -6.45 76.72
C ALA B 264 -37.41 -7.54 77.65
N GLN B 265 -37.84 -7.17 78.85
CA GLN B 265 -38.36 -8.16 79.80
C GLN B 265 -39.65 -8.80 79.27
N ALA B 266 -40.51 -7.99 78.63
CA ALA B 266 -41.77 -8.51 78.13
C ALA B 266 -41.55 -9.56 77.04
N ARG B 267 -40.57 -9.33 76.16
CA ARG B 267 -40.33 -10.26 75.06
C ARG B 267 -39.83 -11.61 75.55
N GLN B 268 -39.18 -11.65 76.71
CA GLN B 268 -38.65 -12.88 77.28
C GLN B 268 -39.63 -13.59 78.19
N HIS B 269 -40.85 -13.07 78.34
CA HIS B 269 -41.81 -13.65 79.26
C HIS B 269 -42.33 -14.99 78.72
N LYS B 270 -42.89 -15.79 79.64
CA LYS B 270 -43.44 -17.08 79.27
C LYS B 270 -44.74 -16.96 78.47
N LEU B 271 -45.41 -15.80 78.53
CA LEU B 271 -46.66 -15.59 77.82
C LEU B 271 -46.50 -14.71 76.58
N TYR B 272 -45.26 -14.47 76.15
CA TYR B 272 -45.02 -13.61 75.00
C TYR B 272 -45.54 -14.26 73.73
N ASN B 273 -46.17 -13.44 72.88
CA ASN B 273 -46.74 -13.90 71.62
C ASN B 273 -45.99 -13.24 70.48
N LYS B 274 -45.42 -14.07 69.59
CA LYS B 274 -44.62 -13.53 68.50
C LYS B 274 -45.50 -12.96 67.38
N GLU B 275 -46.63 -13.60 67.10
CA GLU B 275 -47.52 -13.10 66.04
C GLU B 275 -48.15 -11.77 66.42
N LEU B 276 -48.52 -11.61 67.69
CA LEU B 276 -49.06 -10.33 68.14
C LEU B 276 -48.00 -9.24 68.05
N TYR B 277 -46.75 -9.56 68.38
CA TYR B 277 -45.67 -8.60 68.22
C TYR B 277 -45.47 -8.24 66.76
N ALA B 278 -45.61 -9.22 65.86
CA ALA B 278 -45.52 -8.94 64.44
C ALA B 278 -46.63 -8.00 63.99
N ASP B 279 -47.85 -8.22 64.48
CA ASP B 279 -48.96 -7.33 64.16
C ASP B 279 -48.72 -5.92 64.69
N PHE B 280 -48.17 -5.83 65.90
CA PHE B 280 -47.84 -4.52 66.48
C PHE B 280 -46.80 -3.78 65.65
N ILE B 281 -45.75 -4.48 65.23
CA ILE B 281 -44.73 -3.86 64.40
C ILE B 281 -45.30 -3.48 63.04
N ALA B 282 -46.21 -4.30 62.51
CA ALA B 282 -46.87 -3.96 61.26
C ALA B 282 -47.68 -2.67 61.39
N ALA B 283 -48.40 -2.52 62.49
CA ALA B 283 -49.15 -1.29 62.73
C ALA B 283 -48.21 -0.09 62.83
N GLN B 284 -47.09 -0.25 63.52
CA GLN B 284 -46.14 0.86 63.64
C GLN B 284 -45.56 1.23 62.28
N ILE B 285 -45.25 0.24 61.45
CA ILE B 285 -44.68 0.53 60.13
C ILE B 285 -45.72 1.17 59.23
N LYS B 286 -46.98 0.74 59.31
CA LYS B 286 -48.04 1.40 58.58
C LYS B 286 -48.21 2.85 59.03
N THR B 287 -48.04 3.11 60.33
CA THR B 287 -48.08 4.48 60.82
C THR B 287 -46.92 5.29 60.27
N LEU B 288 -45.73 4.70 60.17
CA LEU B 288 -44.61 5.41 59.60
C LEU B 288 -44.82 5.67 58.11
N SER B 289 -45.48 4.77 57.40
CA SER B 289 -45.83 5.03 56.01
C SER B 289 -46.81 6.20 55.89
N PHE B 290 -47.77 6.26 56.82
CA PHE B 290 -48.68 7.41 56.88
C PHE B 290 -47.90 8.69 57.10
N LEU B 291 -46.93 8.66 58.01
CA LEU B 291 -46.07 9.82 58.24
C LEU B 291 -45.31 10.20 56.98
N ALA B 292 -44.75 9.22 56.28
CA ALA B 292 -44.01 9.48 55.05
C ALA B 292 -44.90 10.08 53.99
N TYR B 293 -46.19 9.73 53.99
CA TYR B 293 -47.11 10.40 53.09
C TYR B 293 -47.34 11.85 53.50
N ILE B 294 -47.54 12.10 54.79
CA ILE B 294 -47.87 13.45 55.26
C ILE B 294 -46.66 14.29 55.61
N ILE B 295 -45.44 13.78 55.37
CA ILE B 295 -44.26 14.47 55.85
C ILE B 295 -44.09 15.82 55.15
N ARG B 296 -44.36 15.88 53.84
CA ARG B 296 -44.11 17.11 53.09
C ARG B 296 -45.18 18.17 53.31
N ILE B 297 -46.37 17.79 53.77
CA ILE B 297 -47.43 18.78 53.97
C ILE B 297 -47.28 19.45 55.33
N TYR B 298 -47.01 18.67 56.37
CA TYR B 298 -46.92 19.14 57.74
C TYR B 298 -45.47 19.27 58.20
N GLN B 299 -44.57 19.62 57.29
CA GLN B 299 -43.13 19.52 57.54
C GLN B 299 -42.69 20.35 58.73
N GLU B 300 -43.34 21.49 59.00
CA GLU B 300 -42.99 22.27 60.17
C GLU B 300 -43.30 21.52 61.47
N LEU B 301 -44.51 20.96 61.58
CA LEU B 301 -44.88 20.25 62.79
C LEU B 301 -44.10 18.96 62.95
N VAL B 302 -43.86 18.24 61.86
CA VAL B 302 -42.99 17.08 61.89
C VAL B 302 -41.58 17.45 62.32
N THR B 303 -41.08 18.60 61.84
CA THR B 303 -39.77 19.08 62.25
C THR B 303 -39.72 19.34 63.75
N LYS B 304 -40.80 19.93 64.30
CA LYS B 304 -40.85 20.12 65.75
C LYS B 304 -40.79 18.81 66.50
N TYR B 305 -41.34 17.73 65.95
CA TYR B 305 -41.32 16.42 66.59
C TYR B 305 -40.26 15.48 66.04
N SER B 306 -39.40 15.94 65.14
CA SER B 306 -38.50 15.04 64.40
C SER B 306 -37.52 14.31 65.31
N GLN B 307 -37.15 14.94 66.43
CA GLN B 307 -36.13 14.35 67.30
C GLN B 307 -36.57 12.99 67.83
N GLN B 308 -37.86 12.83 68.11
CA GLN B 308 -38.34 11.51 68.51
C GLN B 308 -38.49 10.59 67.32
N MET B 309 -38.74 11.15 66.13
CA MET B 309 -38.93 10.35 64.93
C MET B 309 -37.67 9.59 64.54
N VAL B 310 -36.52 10.25 64.63
CA VAL B 310 -35.24 9.58 64.39
C VAL B 310 -35.07 8.34 65.26
N LYS B 311 -35.31 8.49 66.57
CA LYS B 311 -35.30 7.33 67.46
C LYS B 311 -36.32 6.30 67.02
N GLY B 312 -37.55 6.72 66.78
CA GLY B 312 -38.62 5.76 66.54
C GLY B 312 -38.35 4.88 65.34
N MET B 313 -37.96 5.49 64.22
CA MET B 313 -37.65 4.68 63.03
C MET B 313 -36.32 3.92 63.12
N LEU B 314 -35.31 4.44 63.83
CA LEU B 314 -34.15 3.59 64.12
C LEU B 314 -34.54 2.36 64.92
N GLN B 315 -35.49 2.50 65.83
CA GLN B 315 -35.93 1.38 66.64
C GLN B 315 -36.81 0.42 65.85
N LEU B 316 -37.67 0.96 64.98
CA LEU B 316 -38.41 0.12 64.05
C LEU B 316 -37.46 -0.73 63.20
N LEU B 317 -36.34 -0.15 62.78
CA LEU B 317 -35.36 -0.90 62.00
C LEU B 317 -34.69 -1.98 62.84
N SER B 318 -34.25 -1.63 64.06
CA SER B 318 -33.72 -2.63 64.98
C SER B 318 -34.71 -3.76 65.27
N ASN B 319 -35.98 -3.44 65.47
CA ASN B 319 -36.96 -4.39 65.99
C ASN B 319 -37.81 -5.07 64.93
N CYS B 320 -37.64 -4.73 63.66
CA CYS B 320 -38.44 -5.37 62.62
C CYS B 320 -38.09 -6.86 62.55
N PRO B 321 -39.07 -7.76 62.61
CA PRO B 321 -38.75 -9.19 62.61
C PRO B 321 -38.07 -9.62 61.32
N ALA B 322 -37.19 -10.60 61.45
CA ALA B 322 -36.46 -11.12 60.28
C ALA B 322 -37.39 -11.83 59.31
N GLU B 323 -38.40 -12.53 59.83
CA GLU B 323 -39.30 -13.28 58.97
C GLU B 323 -40.21 -12.38 58.14
N THR B 324 -40.57 -11.21 58.67
CA THR B 324 -41.47 -10.30 57.97
C THR B 324 -40.67 -9.43 57.01
N ALA B 325 -40.40 -9.98 55.83
CA ALA B 325 -39.68 -9.23 54.81
C ALA B 325 -40.52 -8.13 54.20
N HIS B 326 -41.83 -8.34 54.07
CA HIS B 326 -42.70 -7.31 53.52
C HIS B 326 -42.76 -6.09 54.42
N LEU B 327 -42.74 -6.30 55.74
CA LEU B 327 -42.69 -5.18 56.67
C LEU B 327 -41.37 -4.43 56.56
N ARG B 328 -40.26 -5.16 56.42
CA ARG B 328 -38.97 -4.51 56.22
C ARG B 328 -38.96 -3.69 54.93
N LYS B 329 -39.54 -4.24 53.86
CA LYS B 329 -39.63 -3.50 52.60
C LYS B 329 -40.42 -2.21 52.75
N GLU B 330 -41.60 -2.30 53.35
CA GLU B 330 -42.44 -1.12 53.55
C GLU B 330 -41.74 -0.08 54.44
N LEU B 331 -41.06 -0.54 55.49
CA LEU B 331 -40.29 0.35 56.34
C LEU B 331 -39.17 1.04 55.56
N LEU B 332 -38.45 0.29 54.74
CA LEU B 332 -37.38 0.89 53.94
C LEU B 332 -37.92 1.90 52.94
N ILE B 333 -39.07 1.60 52.33
CA ILE B 333 -39.67 2.54 51.38
C ILE B 333 -40.07 3.83 52.09
N ALA B 334 -40.71 3.69 53.25
CA ALA B 334 -41.10 4.87 54.04
C ALA B 334 -39.88 5.67 54.46
N ALA B 335 -38.80 4.99 54.85
CA ALA B 335 -37.57 5.68 55.23
C ALA B 335 -36.96 6.41 54.03
N LYS B 336 -36.97 5.79 52.86
CA LYS B 336 -36.48 6.46 51.66
C LYS B 336 -37.28 7.71 51.37
N HIS B 337 -38.60 7.65 51.50
CA HIS B 337 -39.43 8.84 51.28
C HIS B 337 -39.11 9.93 52.30
N ILE B 338 -38.95 9.56 53.58
CA ILE B 338 -38.71 10.55 54.63
C ILE B 338 -37.37 11.23 54.43
N LEU B 339 -36.32 10.43 54.16
CA LEU B 339 -34.96 10.96 54.00
C LEU B 339 -34.85 11.99 52.88
N THR B 340 -35.78 11.99 51.92
CA THR B 340 -35.73 12.99 50.85
C THR B 340 -35.92 14.40 51.40
N THR B 341 -36.59 14.54 52.54
CA THR B 341 -36.86 15.85 53.10
C THR B 341 -35.66 16.33 53.93
N GLU B 342 -35.77 17.56 54.44
CA GLU B 342 -34.75 18.14 55.30
C GLU B 342 -34.42 17.28 56.52
N LEU B 343 -35.35 16.42 56.95
CA LEU B 343 -35.19 15.69 58.20
C LEU B 343 -33.94 14.81 58.22
N ARG B 344 -33.34 14.55 57.06
CA ARG B 344 -32.12 13.76 57.01
C ARG B 344 -30.97 14.38 57.81
N ASN B 345 -31.02 15.68 58.06
CA ASN B 345 -29.99 16.34 58.86
C ASN B 345 -29.99 15.83 60.29
N GLN B 346 -31.18 15.53 60.83
CA GLN B 346 -31.27 14.97 62.19
C GLN B 346 -30.55 13.63 62.31
N PHE B 347 -30.42 12.87 61.22
CA PHE B 347 -29.74 11.58 61.27
C PHE B 347 -28.22 11.67 61.27
N ILE B 348 -27.66 12.86 61.02
CA ILE B 348 -26.20 13.03 61.03
C ILE B 348 -25.54 12.43 62.27
N PRO B 349 -25.99 12.71 63.50
CA PRO B 349 -25.37 12.06 64.67
C PRO B 349 -25.53 10.55 64.74
N CYS B 350 -26.62 9.97 64.24
CA CYS B 350 -26.93 8.58 64.49
C CYS B 350 -26.57 7.62 63.36
N MET B 351 -25.98 8.12 62.26
CA MET B 351 -25.68 7.25 61.11
C MET B 351 -24.65 6.17 61.43
N ASP B 352 -23.84 6.34 62.47
CA ASP B 352 -22.94 5.28 62.91
C ASP B 352 -23.67 3.99 63.29
N LYS B 353 -24.90 4.09 63.79
CA LYS B 353 -25.75 2.92 63.96
C LYS B 353 -26.42 2.52 62.66
N LEU B 354 -26.89 3.50 61.89
CA LEU B 354 -27.60 3.22 60.64
C LEU B 354 -26.73 2.51 59.60
N PHE B 355 -25.40 2.62 59.71
CA PHE B 355 -24.49 1.81 58.89
C PHE B 355 -24.41 0.35 59.33
N ASP B 356 -24.90 0.00 60.53
CA ASP B 356 -24.95 -1.40 60.90
C ASP B 356 -25.91 -2.16 59.99
N GLU B 357 -25.38 -3.10 59.22
CA GLU B 357 -26.18 -3.85 58.27
C GLU B 357 -27.25 -4.68 58.95
N SER B 358 -26.98 -5.15 60.17
CA SER B 358 -27.99 -5.87 60.93
C SER B 358 -29.19 -5.00 61.23
N ILE B 359 -28.95 -3.72 61.54
CA ILE B 359 -30.04 -2.78 61.76
C ILE B 359 -30.79 -2.53 60.44
N LEU B 360 -30.05 -2.28 59.37
CA LEU B 360 -30.67 -1.86 58.12
C LEU B 360 -31.38 -3.02 57.42
N ILE B 361 -30.75 -4.19 57.36
CA ILE B 361 -31.29 -5.30 56.58
C ILE B 361 -31.72 -6.48 57.44
N GLY B 362 -31.09 -6.71 58.59
CA GLY B 362 -31.45 -7.81 59.42
C GLY B 362 -30.82 -9.12 58.97
N SER B 363 -31.31 -10.21 59.56
CA SER B 363 -30.77 -11.54 59.31
C SER B 363 -31.74 -12.43 58.54
N GLY B 364 -32.83 -11.88 58.02
CA GLY B 364 -33.75 -12.70 57.26
C GLY B 364 -33.19 -13.11 55.92
N TYR B 365 -33.61 -14.29 55.45
CA TYR B 365 -33.12 -14.81 54.18
C TYR B 365 -33.69 -14.02 53.00
N THR B 366 -35.01 -13.86 52.98
CA THR B 366 -35.63 -13.07 51.93
C THR B 366 -35.21 -11.61 52.00
N ALA B 367 -35.07 -11.07 53.20
CA ALA B 367 -34.59 -9.70 53.32
C ALA B 367 -33.19 -9.55 52.75
N ARG B 368 -32.30 -10.50 53.05
CA ARG B 368 -30.93 -10.42 52.54
C ARG B 368 -30.87 -10.55 51.02
N GLU B 369 -31.58 -11.51 50.43
CA GLU B 369 -31.50 -11.56 48.98
C GLU B 369 -32.22 -10.37 48.33
N THR B 370 -33.49 -10.15 48.65
CA THR B 370 -34.29 -9.19 47.90
C THR B 370 -33.96 -7.74 48.23
N LEU B 371 -33.92 -7.36 49.51
CA LEU B 371 -34.01 -5.96 49.91
C LEU B 371 -32.68 -5.25 50.07
N ARG B 372 -31.55 -5.92 49.92
CA ARG B 372 -30.27 -5.22 50.02
C ARG B 372 -30.09 -4.12 48.99
N PRO B 373 -30.44 -4.28 47.71
CA PRO B 373 -30.43 -3.13 46.79
C PRO B 373 -31.23 -1.93 47.24
N LEU B 374 -32.44 -2.14 47.77
CA LEU B 374 -33.23 -1.03 48.31
C LEU B 374 -32.54 -0.37 49.49
N ALA B 375 -31.98 -1.17 50.39
CA ALA B 375 -31.36 -0.63 51.60
C ALA B 375 -30.13 0.19 51.27
N TYR B 376 -29.22 -0.37 50.45
CA TYR B 376 -28.03 0.39 50.08
C TYR B 376 -28.34 1.57 49.19
N SER B 377 -29.35 1.50 48.31
CA SER B 377 -29.68 2.70 47.54
C SER B 377 -30.24 3.82 48.41
N THR B 378 -31.10 3.49 49.38
CA THR B 378 -31.57 4.49 50.34
C THR B 378 -30.42 5.08 51.15
N LEU B 379 -29.56 4.22 51.67
CA LEU B 379 -28.42 4.70 52.46
C LEU B 379 -27.46 5.52 51.60
N ALA B 380 -27.26 5.12 50.34
CA ALA B 380 -26.40 5.87 49.45
C ALA B 380 -26.93 7.27 49.18
N ASP B 381 -28.24 7.39 48.97
CA ASP B 381 -28.85 8.72 48.82
C ASP B 381 -28.68 9.56 50.08
N LEU B 382 -28.92 8.96 51.25
CA LEU B 382 -28.70 9.68 52.50
C LEU B 382 -27.25 10.15 52.65
N VAL B 383 -26.29 9.25 52.42
CA VAL B 383 -24.88 9.62 52.53
C VAL B 383 -24.52 10.71 51.53
N HIS B 384 -25.02 10.60 50.30
CA HIS B 384 -24.68 11.60 49.28
C HIS B 384 -25.20 12.97 49.66
N HIS B 385 -26.41 13.04 50.21
CA HIS B 385 -26.93 14.34 50.62
C HIS B 385 -26.23 14.88 51.86
N VAL B 386 -25.86 14.01 52.79
CA VAL B 386 -25.33 14.43 54.08
C VAL B 386 -23.81 14.65 54.06
N ARG B 387 -23.14 14.17 53.01
CA ARG B 387 -21.71 13.84 53.09
C ARG B 387 -20.84 14.95 53.65
N GLN B 388 -21.20 16.22 53.42
CA GLN B 388 -20.37 17.32 53.88
C GLN B 388 -20.39 17.50 55.39
N HIS B 389 -21.37 16.91 56.07
CA HIS B 389 -21.46 17.02 57.52
C HIS B 389 -20.92 15.81 58.26
N LEU B 390 -20.75 14.68 57.60
CA LEU B 390 -20.26 13.49 58.27
C LEU B 390 -18.79 13.69 58.69
N PRO B 391 -18.43 13.27 59.90
CA PRO B 391 -17.03 13.32 60.32
C PRO B 391 -16.17 12.32 59.56
N LEU B 392 -14.87 12.28 59.88
CA LEU B 392 -13.98 11.35 59.19
C LEU B 392 -14.34 9.90 59.50
N SER B 393 -14.73 9.62 60.75
CA SER B 393 -15.07 8.25 61.13
C SER B 393 -16.29 7.74 60.37
N ASP B 394 -17.32 8.59 60.24
CA ASP B 394 -18.52 8.18 59.52
C ASP B 394 -18.24 8.00 58.03
N LEU B 395 -17.42 8.89 57.46
CA LEU B 395 -17.00 8.70 56.07
C LEU B 395 -16.25 7.40 55.88
N SER B 396 -15.38 7.06 56.83
CA SER B 396 -14.67 5.78 56.75
C SER B 396 -15.62 4.60 56.87
N LEU B 397 -16.63 4.70 57.73
CA LEU B 397 -17.59 3.61 57.86
C LEU B 397 -18.40 3.43 56.57
N ALA B 398 -18.83 4.53 55.96
CA ALA B 398 -19.54 4.44 54.68
C ALA B 398 -18.65 3.87 53.59
N VAL B 399 -17.39 4.31 53.56
CA VAL B 399 -16.42 3.75 52.61
C VAL B 399 -16.29 2.25 52.80
N GLN B 400 -16.12 1.81 54.05
CA GLN B 400 -15.96 0.39 54.32
C GLN B 400 -17.18 -0.43 53.89
N LEU B 401 -18.37 0.09 54.14
CA LEU B 401 -19.57 -0.64 53.74
C LEU B 401 -19.72 -0.68 52.23
N PHE B 402 -19.54 0.45 51.55
CA PHE B 402 -19.77 0.41 50.11
C PHE B 402 -18.61 -0.23 49.36
N ALA B 403 -17.41 -0.23 49.93
CA ALA B 403 -16.30 -1.02 49.41
C ALA B 403 -16.61 -2.51 49.47
N LYS B 404 -17.08 -2.99 50.62
CA LYS B 404 -17.63 -4.35 50.68
C LYS B 404 -18.74 -4.57 49.66
N ASN B 405 -19.50 -3.52 49.33
CA ASN B 405 -20.52 -3.69 48.30
C ASN B 405 -19.92 -3.82 46.90
N ILE B 406 -18.78 -3.16 46.65
CA ILE B 406 -18.19 -3.20 45.31
C ILE B 406 -17.93 -4.64 44.86
N ASP B 407 -17.27 -5.41 45.73
CA ASP B 407 -16.87 -6.78 45.39
C ASP B 407 -18.05 -7.74 45.33
N ASP B 408 -19.10 -7.48 46.09
CA ASP B 408 -20.12 -8.49 46.37
C ASP B 408 -20.86 -8.88 45.09
N GLU B 409 -20.62 -10.11 44.62
CA GLU B 409 -21.20 -10.60 43.38
C GLU B 409 -22.64 -11.07 43.53
N SER B 410 -23.17 -11.10 44.75
CA SER B 410 -24.59 -11.37 44.92
C SER B 410 -25.44 -10.16 44.55
N LEU B 411 -24.90 -8.96 44.72
CA LEU B 411 -25.62 -7.75 44.36
C LEU B 411 -25.66 -7.59 42.84
N PRO B 412 -26.73 -7.00 42.31
CA PRO B 412 -26.76 -6.70 40.87
C PRO B 412 -25.71 -5.67 40.50
N SER B 413 -25.32 -5.71 39.22
CA SER B 413 -24.26 -4.82 38.74
C SER B 413 -24.65 -3.35 38.90
N SER B 414 -25.94 -3.04 38.86
CA SER B 414 -26.37 -1.66 39.08
C SER B 414 -25.97 -1.17 40.46
N ILE B 415 -26.12 -2.03 41.48
CA ILE B 415 -25.78 -1.65 42.84
C ILE B 415 -24.27 -1.50 42.98
N GLN B 416 -23.49 -2.35 42.32
CA GLN B 416 -22.03 -2.19 42.35
C GLN B 416 -21.61 -0.87 41.72
N THR B 417 -22.23 -0.52 40.59
CA THR B 417 -21.95 0.78 39.96
C THR B 417 -22.35 1.93 40.89
N MET B 418 -23.51 1.81 41.54
CA MET B 418 -23.99 2.82 42.47
C MET B 418 -23.02 3.01 43.64
N SER B 419 -22.48 1.91 44.17
CA SER B 419 -21.52 2.00 45.26
C SER B 419 -20.20 2.59 44.79
N CYS B 420 -19.75 2.24 43.59
CA CYS B 420 -18.55 2.86 43.04
C CYS B 420 -18.73 4.37 42.90
N LYS B 421 -19.90 4.79 42.40
CA LYS B 421 -20.18 6.21 42.23
C LYS B 421 -20.26 6.93 43.57
N LEU B 422 -20.82 6.29 44.59
CA LEU B 422 -20.79 6.86 45.94
C LEU B 422 -19.36 7.04 46.43
N LEU B 423 -18.55 5.99 46.32
CA LEU B 423 -17.15 6.09 46.77
C LEU B 423 -16.41 7.20 46.04
N LEU B 424 -16.68 7.37 44.75
CA LEU B 424 -16.10 8.47 43.99
C LEU B 424 -16.40 9.82 44.63
N ASN B 425 -17.66 10.04 45.04
CA ASN B 425 -18.08 11.34 45.54
C ASN B 425 -17.48 11.63 46.91
N LEU B 426 -17.36 10.61 47.75
CA LEU B 426 -16.76 10.73 49.08
C LEU B 426 -15.30 11.23 49.06
N VAL B 427 -14.55 10.95 48.00
CA VAL B 427 -13.12 11.28 47.95
C VAL B 427 -12.82 12.74 48.26
N ASP B 428 -13.53 13.69 47.65
CA ASP B 428 -13.27 15.09 48.02
C ASP B 428 -13.68 15.41 49.45
N CYS B 429 -14.75 14.80 49.95
CA CYS B 429 -15.10 14.94 51.36
C CYS B 429 -14.02 14.34 52.25
N ILE B 430 -13.58 13.12 51.92
CA ILE B 430 -12.55 12.47 52.72
C ILE B 430 -11.28 13.31 52.76
N ARG B 431 -10.90 13.89 51.61
CA ARG B 431 -9.77 14.82 51.56
C ARG B 431 -9.99 16.02 52.49
N SER B 432 -11.15 16.67 52.40
CA SER B 432 -11.38 17.86 53.20
C SER B 432 -11.36 17.54 54.69
N LYS B 433 -12.02 16.46 55.08
CA LYS B 433 -12.05 16.07 56.49
C LYS B 433 -10.68 15.59 56.97
N SER B 434 -9.90 14.95 56.12
CA SER B 434 -8.58 14.50 56.53
C SER B 434 -7.63 15.69 56.69
N GLU B 435 -7.77 16.69 55.83
CA GLU B 435 -7.00 17.93 55.97
C GLU B 435 -7.37 18.69 57.24
N GLN B 436 -8.65 18.67 57.62
CA GLN B 436 -9.03 19.31 58.89
C GLN B 436 -8.57 18.48 60.08
N GLU B 437 -8.79 17.17 60.04
CA GLU B 437 -8.41 16.28 61.14
C GLU B 437 -6.91 16.08 61.23
N SER B 438 -6.18 16.23 60.12
CA SER B 438 -4.83 15.69 59.97
C SER B 438 -4.81 14.19 60.26
N GLY B 439 -5.82 13.49 59.78
CA GLY B 439 -6.04 12.08 60.05
C GLY B 439 -5.46 11.18 58.98
N ASN B 440 -6.07 10.01 58.82
CA ASN B 440 -5.60 8.94 57.96
C ASN B 440 -6.31 8.91 56.61
N GLY B 441 -6.73 10.07 56.10
CA GLY B 441 -7.51 10.09 54.87
C GLY B 441 -6.77 9.49 53.67
N ARG B 442 -5.47 9.72 53.59
CA ARG B 442 -4.71 9.16 52.48
C ARG B 442 -4.71 7.63 52.51
N ASP B 443 -4.73 7.05 53.71
CA ASP B 443 -4.78 5.59 53.84
C ASP B 443 -6.10 5.03 53.36
N VAL B 444 -7.23 5.63 53.77
CA VAL B 444 -8.52 5.15 53.28
C VAL B 444 -8.66 5.40 51.77
N LEU B 445 -8.05 6.47 51.25
CA LEU B 445 -8.04 6.66 49.80
C LEU B 445 -7.25 5.56 49.10
N MET B 446 -6.11 5.17 49.67
CA MET B 446 -5.33 4.07 49.10
C MET B 446 -6.11 2.76 49.15
N ARG B 447 -6.82 2.53 50.25
CA ARG B 447 -7.66 1.34 50.36
C ARG B 447 -8.77 1.32 49.33
N MET B 448 -9.38 2.48 49.06
CA MET B 448 -10.36 2.58 47.99
C MET B 448 -9.73 2.28 46.62
N LEU B 449 -8.54 2.81 46.38
CA LEU B 449 -7.88 2.52 45.11
C LEU B 449 -7.61 1.04 44.96
N GLU B 450 -7.18 0.38 46.04
CA GLU B 450 -6.96 -1.06 46.00
C GLU B 450 -8.26 -1.83 45.72
N VAL B 451 -9.36 -1.42 46.34
CA VAL B 451 -10.66 -2.04 46.06
C VAL B 451 -11.07 -1.86 44.60
N PHE B 452 -10.76 -0.69 44.03
CA PHE B 452 -11.06 -0.48 42.61
C PHE B 452 -10.18 -1.34 41.70
N VAL B 453 -8.89 -1.47 42.03
CA VAL B 453 -8.01 -2.32 41.24
C VAL B 453 -8.47 -3.78 41.30
N LEU B 454 -8.85 -4.24 42.50
CA LEU B 454 -9.33 -5.61 42.64
C LEU B 454 -10.66 -5.83 41.91
N LYS B 455 -11.50 -4.81 41.83
CA LYS B 455 -12.70 -4.93 41.01
C LYS B 455 -12.37 -5.01 39.53
N PHE B 456 -11.38 -4.23 39.09
CA PHE B 456 -10.91 -4.34 37.71
C PHE B 456 -10.44 -5.76 37.41
N HIS B 457 -9.66 -6.33 38.33
CA HIS B 457 -9.17 -7.69 38.14
C HIS B 457 -10.32 -8.71 38.09
N THR B 458 -11.31 -8.55 38.97
CA THR B 458 -12.46 -9.46 38.97
C THR B 458 -13.25 -9.37 37.67
N ILE B 459 -13.39 -8.16 37.12
CA ILE B 459 -14.08 -7.98 35.85
C ILE B 459 -13.30 -8.62 34.71
N ALA B 460 -11.98 -8.42 34.69
CA ALA B 460 -11.17 -9.01 33.63
C ALA B 460 -11.25 -10.53 33.67
N ARG B 461 -11.11 -11.11 34.86
CA ARG B 461 -11.00 -12.55 34.99
C ARG B 461 -12.34 -13.28 34.83
N TYR B 462 -13.31 -12.96 35.70
CA TYR B 462 -14.60 -13.64 35.67
C TYR B 462 -15.61 -13.09 34.66
N GLN B 463 -15.92 -11.80 34.71
CA GLN B 463 -17.04 -11.29 33.91
C GLN B 463 -16.72 -11.26 32.42
N LEU B 464 -15.57 -10.72 32.04
CA LEU B 464 -15.25 -10.62 30.63
C LEU B 464 -15.07 -11.99 29.99
N SER B 465 -14.52 -12.95 30.72
CA SER B 465 -14.38 -14.29 30.15
C SER B 465 -15.74 -14.88 29.83
N ALA B 466 -16.73 -14.69 30.70
CA ALA B 466 -18.08 -15.17 30.42
C ALA B 466 -18.71 -14.45 29.25
N ILE B 467 -18.55 -13.13 29.18
CA ILE B 467 -19.09 -12.36 28.06
C ILE B 467 -18.49 -12.82 26.73
N PHE B 468 -17.17 -13.01 26.69
CA PHE B 468 -16.54 -13.49 25.46
C PHE B 468 -16.98 -14.91 25.13
N LYS B 469 -17.10 -15.79 26.13
CA LYS B 469 -17.58 -17.13 25.89
C LYS B 469 -18.98 -17.13 25.29
N LYS B 470 -19.81 -16.14 25.65
CA LYS B 470 -21.15 -16.05 25.12
C LYS B 470 -21.21 -15.44 23.72
N CYS B 471 -20.13 -14.85 23.23
CA CYS B 471 -20.13 -14.29 21.89
C CYS B 471 -20.06 -15.39 20.82
N LYS B 472 -20.47 -15.03 19.61
CA LYS B 472 -20.39 -15.87 18.43
C LYS B 472 -19.94 -15.02 17.24
N PRO B 473 -19.29 -15.63 16.25
CA PRO B 473 -18.84 -14.85 15.10
C PRO B 473 -19.99 -14.33 14.25
N GLN B 474 -19.79 -13.13 13.70
CA GLN B 474 -20.85 -12.43 12.97
C GLN B 474 -21.21 -13.18 11.69
N SER B 475 -22.47 -13.01 11.28
CA SER B 475 -22.99 -13.61 10.05
C SER B 475 -22.70 -15.11 9.94
N LYS B 504 -30.89 -11.01 27.78
CA LYS B 504 -30.32 -10.43 28.98
C LYS B 504 -28.81 -10.29 28.82
N GLN B 505 -28.27 -10.94 27.78
CA GLN B 505 -26.86 -10.79 27.45
C GLN B 505 -26.54 -9.35 27.07
N THR B 506 -27.48 -8.67 26.41
CA THR B 506 -27.34 -7.25 26.16
C THR B 506 -27.21 -6.50 27.48
N PHE B 507 -28.05 -6.86 28.45
CA PHE B 507 -28.01 -6.19 29.75
C PHE B 507 -26.66 -6.41 30.42
N GLN B 508 -26.19 -7.65 30.44
CA GLN B 508 -24.86 -7.97 30.98
C GLN B 508 -23.75 -7.18 30.30
N VAL B 509 -23.89 -6.90 29.01
CA VAL B 509 -22.86 -6.13 28.32
C VAL B 509 -22.97 -4.65 28.65
N THR B 510 -24.18 -4.12 28.70
CA THR B 510 -24.35 -2.70 28.99
C THR B 510 -23.96 -2.39 30.43
N ASP B 511 -24.29 -3.29 31.36
CA ASP B 511 -23.90 -3.06 32.74
C ASP B 511 -22.40 -3.25 32.94
N CYS B 512 -21.76 -4.16 32.20
CA CYS B 512 -20.31 -4.25 32.27
C CYS B 512 -19.66 -2.96 31.76
N ARG B 513 -20.18 -2.42 30.65
CA ARG B 513 -19.65 -1.16 30.13
C ARG B 513 -19.82 -0.03 31.14
N SER B 514 -21.00 0.07 31.74
CA SER B 514 -21.24 1.13 32.73
C SER B 514 -20.35 0.97 33.95
N LEU B 515 -20.17 -0.26 34.43
CA LEU B 515 -19.32 -0.49 35.59
C LEU B 515 -17.87 -0.15 35.29
N VAL B 516 -17.38 -0.49 34.09
CA VAL B 516 -16.00 -0.16 33.74
C VAL B 516 -15.82 1.35 33.64
N LYS B 517 -16.80 2.04 33.05
CA LYS B 517 -16.71 3.50 32.97
C LYS B 517 -16.68 4.12 34.37
N THR B 518 -17.54 3.64 35.26
CA THR B 518 -17.56 4.18 36.62
C THR B 518 -16.27 3.86 37.36
N LEU B 519 -15.71 2.67 37.14
CA LEU B 519 -14.44 2.32 37.78
C LEU B 519 -13.32 3.24 37.31
N VAL B 520 -13.28 3.57 36.02
CA VAL B 520 -12.25 4.48 35.51
C VAL B 520 -12.41 5.86 36.13
N CYS B 521 -13.65 6.37 36.17
CA CYS B 521 -13.87 7.68 36.75
C CYS B 521 -13.50 7.71 38.23
N GLY B 522 -13.86 6.65 38.96
CA GLY B 522 -13.50 6.57 40.37
C GLY B 522 -12.01 6.49 40.59
N VAL B 523 -11.30 5.75 39.73
CA VAL B 523 -9.85 5.67 39.86
C VAL B 523 -9.22 7.04 39.65
N LYS B 524 -9.71 7.80 38.67
CA LYS B 524 -9.19 9.15 38.46
C LYS B 524 -9.45 10.05 39.66
N THR B 525 -10.66 9.99 40.21
CA THR B 525 -10.98 10.81 41.38
C THR B 525 -10.13 10.43 42.59
N ILE B 526 -9.92 9.12 42.80
CA ILE B 526 -9.14 8.65 43.93
C ILE B 526 -7.68 9.07 43.76
N THR B 527 -7.16 9.02 42.53
CA THR B 527 -5.80 9.47 42.28
C THR B 527 -5.65 10.96 42.57
N TRP B 528 -6.63 11.76 42.16
CA TRP B 528 -6.60 13.19 42.48
C TRP B 528 -6.62 13.43 43.98
N GLY B 529 -7.42 12.65 44.71
CA GLY B 529 -7.44 12.79 46.15
C GLY B 529 -6.13 12.39 46.80
N ILE B 530 -5.53 11.29 46.33
CA ILE B 530 -4.26 10.85 46.89
C ILE B 530 -3.19 11.91 46.63
N THR B 531 -3.16 12.44 45.42
CA THR B 531 -2.19 13.48 45.06
C THR B 531 -2.54 14.83 45.66
N SER B 532 -3.62 14.93 46.44
CA SER B 532 -4.01 16.18 47.09
C SER B 532 -4.12 16.07 48.61
N CYS B 533 -3.67 14.97 49.21
CA CYS B 533 -3.73 14.80 50.66
C CYS B 533 -2.35 14.83 51.29
N LYS B 534 -2.27 15.54 52.42
CA LYS B 534 -1.20 15.37 53.39
C LYS B 534 -1.20 13.97 54.01
N ALA B 535 -0.02 13.37 54.11
CA ALA B 535 0.13 12.04 54.66
C ALA B 535 0.08 12.05 56.20
N PRO B 536 -0.26 10.92 56.81
CA PRO B 536 -0.24 10.82 58.28
C PRO B 536 1.11 11.17 58.88
N GLY B 537 1.10 12.12 59.83
CA GLY B 537 2.31 12.54 60.48
C GLY B 537 3.28 13.32 59.62
N GLU B 538 2.91 13.64 58.39
CA GLU B 538 3.76 14.46 57.52
C GLU B 538 3.81 15.88 58.05
N ALA B 539 4.95 16.54 57.81
CA ALA B 539 5.09 17.92 58.26
C ALA B 539 4.18 18.85 57.46
N GLN B 540 4.34 18.87 56.14
CA GLN B 540 3.56 19.76 55.28
C GLN B 540 3.33 19.10 53.93
N PHE B 541 2.25 19.50 53.27
CA PHE B 541 1.96 19.05 51.92
C PHE B 541 2.88 19.72 50.90
N ILE B 542 3.15 18.99 49.82
CA ILE B 542 3.90 19.51 48.68
C ILE B 542 3.14 19.22 47.39
N PRO B 543 3.20 20.10 46.38
CA PRO B 543 2.15 20.11 45.35
C PRO B 543 2.13 18.88 44.46
N ASN B 544 3.25 18.18 44.29
CA ASN B 544 3.23 16.78 43.91
C ASN B 544 4.42 16.06 44.53
N LYS B 545 4.24 14.75 44.75
CA LYS B 545 5.21 13.93 45.45
C LYS B 545 5.33 12.58 44.78
N GLN B 546 6.56 12.06 44.68
CA GLN B 546 6.78 10.72 44.16
C GLN B 546 6.17 9.68 45.09
N LEU B 547 5.29 8.84 44.56
CA LEU B 547 4.63 7.81 45.33
C LEU B 547 5.62 6.78 45.87
N GLN B 548 5.23 6.15 46.98
CA GLN B 548 5.99 5.05 47.56
C GLN B 548 5.92 3.81 46.66
N PRO B 549 6.88 2.89 46.80
CA PRO B 549 6.87 1.71 45.92
C PRO B 549 5.61 0.85 46.01
N LYS B 550 4.97 0.74 47.17
CA LYS B 550 3.74 -0.05 47.25
C LYS B 550 2.62 0.59 46.44
N GLU B 551 2.51 1.92 46.51
CA GLU B 551 1.53 2.64 45.72
C GLU B 551 1.80 2.48 44.23
N THR B 552 3.07 2.54 43.84
CA THR B 552 3.45 2.34 42.45
C THR B 552 3.10 0.93 41.98
N GLN B 553 3.28 -0.07 42.86
CA GLN B 553 2.89 -1.43 42.52
C GLN B 553 1.38 -1.52 42.32
N ILE B 554 0.61 -0.83 43.15
CA ILE B 554 -0.84 -0.82 43.00
C ILE B 554 -1.23 -0.22 41.65
N TYR B 555 -0.59 0.89 41.27
CA TYR B 555 -0.88 1.48 39.96
C TYR B 555 -0.43 0.60 38.79
N ILE B 556 0.66 -0.15 38.96
CA ILE B 556 1.07 -1.11 37.94
C ILE B 556 0.02 -2.18 37.76
N LYS B 557 -0.51 -2.70 38.88
CA LYS B 557 -1.59 -3.67 38.79
C LYS B 557 -2.83 -3.05 38.17
N LEU B 558 -3.08 -1.76 38.46
CA LEU B 558 -4.19 -1.06 37.83
C LEU B 558 -4.03 -1.03 36.31
N VAL B 559 -2.82 -0.74 35.83
CA VAL B 559 -2.59 -0.74 34.39
C VAL B 559 -2.85 -2.13 33.80
N LYS B 560 -2.25 -3.15 34.41
CA LYS B 560 -2.43 -4.52 33.95
C LYS B 560 -3.90 -4.92 33.89
N TYR B 561 -4.66 -4.67 34.97
CA TYR B 561 -6.02 -5.18 35.04
C TYR B 561 -6.98 -4.34 34.21
N ALA B 562 -6.86 -3.01 34.28
CA ALA B 562 -7.76 -2.14 33.55
C ALA B 562 -7.56 -2.26 32.05
N MET B 563 -6.34 -2.57 31.59
CA MET B 563 -6.17 -2.76 30.15
C MET B 563 -6.90 -4.01 29.66
N GLN B 564 -7.04 -5.02 30.52
CA GLN B 564 -7.87 -6.16 30.20
C GLN B 564 -9.36 -5.82 30.32
N ALA B 565 -9.72 -5.05 31.35
CA ALA B 565 -11.12 -4.72 31.57
C ALA B 565 -11.69 -3.84 30.48
N LEU B 566 -10.88 -2.94 29.93
CA LEU B 566 -11.35 -2.05 28.87
C LEU B 566 -11.62 -2.78 27.55
N ASP B 567 -11.44 -4.10 27.51
CA ASP B 567 -11.79 -4.88 26.33
C ASP B 567 -13.29 -5.11 26.19
N ILE B 568 -14.08 -4.69 27.18
CA ILE B 568 -15.53 -4.85 27.09
C ILE B 568 -16.08 -4.09 25.90
N TYR B 569 -15.45 -2.97 25.54
CA TYR B 569 -15.94 -2.16 24.43
C TYR B 569 -15.74 -2.83 23.08
N GLN B 570 -14.98 -3.92 23.01
CA GLN B 570 -14.88 -4.69 21.78
C GLN B 570 -16.20 -5.38 21.46
N VAL B 571 -16.95 -5.80 22.46
CA VAL B 571 -18.18 -6.57 22.26
C VAL B 571 -19.27 -5.61 21.79
N GLN B 572 -19.67 -5.77 20.54
CA GLN B 572 -20.76 -4.99 19.96
C GLN B 572 -22.10 -5.68 20.21
N ILE B 573 -23.17 -4.91 20.08
CA ILE B 573 -24.53 -5.40 20.30
C ILE B 573 -25.31 -5.10 19.03
N ALA B 574 -25.48 -6.11 18.17
CA ALA B 574 -26.19 -5.92 16.93
C ALA B 574 -27.70 -5.86 17.17
N GLY B 575 -28.41 -5.28 16.19
CA GLY B 575 -29.86 -5.21 16.28
C GLY B 575 -30.54 -6.56 16.16
N ASN B 576 -29.86 -7.55 15.60
CA ASN B 576 -30.40 -8.90 15.47
C ASN B 576 -30.33 -9.69 16.78
N GLY B 577 -29.74 -9.12 17.83
CA GLY B 577 -29.53 -9.83 19.07
C GLY B 577 -28.18 -10.50 19.20
N GLN B 578 -27.34 -10.43 18.17
CA GLN B 578 -26.01 -11.00 18.23
C GLN B 578 -25.06 -10.07 18.96
N THR B 579 -24.25 -10.64 19.86
CA THR B 579 -23.14 -9.92 20.48
C THR B 579 -21.85 -10.52 19.93
N TYR B 580 -21.07 -9.68 19.25
CA TYR B 580 -19.90 -10.13 18.51
C TYR B 580 -18.70 -9.26 18.83
N ILE B 581 -17.53 -9.88 18.82
CA ILE B 581 -16.27 -9.16 19.00
C ILE B 581 -15.89 -8.50 17.69
N ARG B 582 -15.62 -7.19 17.73
CA ARG B 582 -15.29 -6.46 16.53
C ARG B 582 -13.93 -6.89 15.99
N VAL B 583 -13.64 -6.48 14.75
CA VAL B 583 -12.38 -6.83 14.11
C VAL B 583 -11.22 -6.29 14.92
N ALA B 584 -10.24 -7.15 15.18
CA ALA B 584 -9.16 -6.80 16.11
C ALA B 584 -8.32 -5.64 15.56
N ASN B 585 -8.01 -5.67 14.27
CA ASN B 585 -7.13 -4.68 13.66
C ASN B 585 -7.99 -3.50 13.17
N CYS B 586 -8.35 -2.63 14.11
CA CYS B 586 -9.08 -1.41 13.77
C CYS B 586 -8.86 -0.39 14.88
N GLN B 587 -8.05 0.62 14.59
CA GLN B 587 -7.83 1.71 15.53
C GLN B 587 -8.80 2.87 15.34
N THR B 588 -9.64 2.83 14.31
CA THR B 588 -10.60 3.88 14.03
C THR B 588 -11.89 3.59 14.82
N VAL B 589 -11.88 4.02 16.07
CA VAL B 589 -13.03 3.78 16.95
C VAL B 589 -14.17 4.72 16.55
N ARG B 590 -15.36 4.14 16.37
CA ARG B 590 -16.53 4.91 15.99
C ARG B 590 -17.33 5.42 17.18
N MET B 591 -17.04 4.95 18.39
CA MET B 591 -17.83 5.28 19.57
C MET B 591 -17.16 6.39 20.36
N LYS B 592 -17.98 7.34 20.81
CA LYS B 592 -17.49 8.42 21.66
C LYS B 592 -17.25 7.97 23.08
N GLU B 593 -18.06 7.03 23.59
CA GLU B 593 -17.92 6.59 24.97
C GLU B 593 -16.58 5.90 25.21
N GLU B 594 -16.13 5.07 24.26
CA GLU B 594 -14.85 4.41 24.40
C GLU B 594 -13.69 5.40 24.34
N LYS B 595 -13.79 6.39 23.45
CA LYS B 595 -12.77 7.44 23.38
C LYS B 595 -12.70 8.22 24.69
N GLU B 596 -13.86 8.58 25.24
CA GLU B 596 -13.90 9.34 26.49
C GLU B 596 -13.33 8.55 27.65
N VAL B 597 -13.75 7.29 27.79
CA VAL B 597 -13.28 6.50 28.92
C VAL B 597 -11.79 6.16 28.79
N LEU B 598 -11.29 5.97 27.58
CA LEU B 598 -9.86 5.72 27.40
C LEU B 598 -9.03 6.97 27.64
N GLU B 599 -9.54 8.14 27.28
CA GLU B 599 -8.85 9.38 27.64
C GLU B 599 -8.89 9.63 29.15
N HIS B 600 -10.00 9.30 29.81
CA HIS B 600 -10.04 9.42 31.27
C HIS B 600 -9.09 8.44 31.94
N PHE B 601 -8.95 7.23 31.39
CA PHE B 601 -7.99 6.28 31.94
C PHE B 601 -6.57 6.82 31.85
N ALA B 602 -6.22 7.44 30.73
CA ALA B 602 -4.91 8.05 30.61
C ALA B 602 -4.75 9.26 31.53
N GLY B 603 -5.87 9.94 31.85
CA GLY B 603 -5.80 11.07 32.77
C GLY B 603 -5.36 10.69 34.16
N VAL B 604 -5.56 9.42 34.55
CA VAL B 604 -5.11 8.96 35.87
C VAL B 604 -3.61 9.11 36.00
N PHE B 605 -2.88 8.68 34.98
CA PHE B 605 -1.42 8.61 35.02
C PHE B 605 -0.74 9.92 34.67
N THR B 606 -1.39 10.77 33.87
CA THR B 606 -0.77 12.00 33.42
C THR B 606 -0.65 13.05 34.52
N MET B 607 -1.33 12.86 35.64
CA MET B 607 -1.27 13.79 36.76
C MET B 607 -0.23 13.40 37.80
N MET B 608 0.52 12.33 37.57
CA MET B 608 1.47 11.81 38.55
C MET B 608 2.84 12.44 38.38
N ASN B 609 3.66 12.26 39.40
CA ASN B 609 5.05 12.71 39.35
C ASN B 609 5.78 11.97 38.23
N PRO B 610 6.65 12.64 37.48
CA PRO B 610 7.32 11.98 36.35
C PRO B 610 8.04 10.70 36.71
N LEU B 611 8.67 10.62 37.87
CA LEU B 611 9.40 9.41 38.25
C LEU B 611 8.47 8.24 38.47
N THR B 612 7.30 8.49 39.07
CA THR B 612 6.29 7.46 39.24
C THR B 612 5.76 6.98 37.90
N PHE B 613 5.41 7.90 37.01
CA PHE B 613 4.96 7.54 35.68
C PHE B 613 6.00 6.69 34.96
N LYS B 614 7.27 7.08 35.08
CA LYS B 614 8.36 6.36 34.43
C LYS B 614 8.48 4.95 34.97
N GLU B 615 8.46 4.80 36.29
CA GLU B 615 8.56 3.47 36.89
C GLU B 615 7.40 2.58 36.47
N ILE B 616 6.16 3.10 36.53
CA ILE B 616 5.02 2.29 36.13
C ILE B 616 5.11 1.85 34.69
N PHE B 617 5.34 2.80 33.78
CA PHE B 617 5.30 2.49 32.36
C PHE B 617 6.51 1.74 31.83
N GLN B 618 7.70 1.91 32.40
CA GLN B 618 8.78 1.03 32.01
C GLN B 618 8.37 -0.43 32.16
N THR B 619 7.82 -0.79 33.31
CA THR B 619 7.35 -2.15 33.56
C THR B 619 6.17 -2.54 32.67
N THR B 620 5.13 -1.69 32.62
CA THR B 620 3.88 -2.01 31.92
C THR B 620 3.94 -1.95 30.38
N VAL B 621 4.77 -1.11 29.77
CA VAL B 621 4.77 -0.95 28.31
C VAL B 621 4.95 -2.25 27.53
N PRO B 622 5.84 -3.16 27.90
CA PRO B 622 5.82 -4.48 27.23
C PRO B 622 4.45 -5.15 27.26
N TYR B 623 3.75 -5.12 28.40
CA TYR B 623 2.39 -5.64 28.46
C TYR B 623 1.42 -4.79 27.65
N MET B 624 1.58 -3.47 27.72
CA MET B 624 0.67 -2.55 27.04
C MET B 624 0.70 -2.74 25.53
N VAL B 625 1.88 -3.00 24.95
CA VAL B 625 1.95 -3.28 23.52
C VAL B 625 1.26 -4.59 23.14
N GLU B 626 1.35 -5.62 23.99
CA GLU B 626 0.59 -6.84 23.75
C GLU B 626 -0.92 -6.58 23.81
N ARG B 627 -1.36 -5.74 24.74
CA ARG B 627 -2.77 -5.43 24.82
C ARG B 627 -3.24 -4.61 23.63
N ILE B 628 -2.45 -3.62 23.21
CA ILE B 628 -2.77 -2.87 21.99
C ILE B 628 -2.85 -3.82 20.79
N SER B 629 -1.94 -4.80 20.73
CA SER B 629 -1.97 -5.78 19.65
C SER B 629 -3.29 -6.55 19.64
N LYS B 630 -3.77 -6.94 20.82
CA LYS B 630 -5.08 -7.57 20.89
C LYS B 630 -6.21 -6.58 20.73
N ASN B 631 -6.03 -5.31 21.14
CA ASN B 631 -7.11 -4.32 21.10
C ASN B 631 -6.52 -2.97 20.68
N TYR B 632 -6.71 -2.61 19.41
CA TYR B 632 -6.12 -1.40 18.85
C TYR B 632 -6.71 -0.12 19.39
N ALA B 633 -7.84 -0.18 20.10
CA ALA B 633 -8.39 1.02 20.70
C ALA B 633 -7.51 1.57 21.81
N LEU B 634 -6.64 0.75 22.37
CA LEU B 634 -5.76 1.18 23.46
C LEU B 634 -4.65 2.10 22.98
N GLN B 635 -4.47 2.26 21.67
CA GLN B 635 -3.61 3.30 21.14
C GLN B 635 -4.01 4.68 21.65
N ILE B 636 -5.29 4.88 21.95
CA ILE B 636 -5.78 6.16 22.44
C ILE B 636 -5.08 6.55 23.74
N VAL B 637 -4.79 5.57 24.60
CA VAL B 637 -4.05 5.87 25.82
C VAL B 637 -2.62 6.26 25.49
N ALA B 638 -1.99 5.53 24.57
CA ALA B 638 -0.66 5.89 24.10
C ALA B 638 -0.64 7.25 23.43
N ASN B 639 -1.62 7.50 22.56
CA ASN B 639 -1.79 8.83 21.97
C ASN B 639 -1.97 9.91 23.03
N SER B 640 -2.73 9.62 24.09
CA SER B 640 -2.90 10.62 25.15
C SER B 640 -1.61 10.89 25.89
N PHE B 641 -0.83 9.84 26.18
CA PHE B 641 0.45 10.05 26.85
C PHE B 641 1.41 10.86 25.97
N LEU B 642 1.45 10.54 24.68
CA LEU B 642 2.31 11.26 23.75
C LEU B 642 1.85 12.71 23.55
N ALA B 643 0.57 12.99 23.72
CA ALA B 643 0.06 14.33 23.51
C ALA B 643 0.17 15.21 24.74
N ASN B 644 0.27 14.64 25.93
CA ASN B 644 0.38 15.45 27.13
C ASN B 644 1.82 15.92 27.30
N PRO B 645 2.05 17.21 27.54
CA PRO B 645 3.44 17.69 27.68
C PRO B 645 4.23 17.03 28.78
N THR B 646 3.58 16.69 29.90
CA THR B 646 4.31 16.15 31.04
C THR B 646 4.86 14.75 30.75
N THR B 647 4.05 13.91 30.11
CA THR B 647 4.40 12.50 29.91
C THR B 647 4.92 12.19 28.51
N SER B 648 4.92 13.16 27.61
CA SER B 648 5.23 12.87 26.20
C SER B 648 6.66 12.35 26.05
N ALA B 649 7.63 13.08 26.58
CA ALA B 649 9.03 12.67 26.40
C ALA B 649 9.31 11.35 27.09
N LEU B 650 8.81 11.17 28.31
CA LEU B 650 9.07 9.95 29.06
C LEU B 650 8.47 8.73 28.37
N PHE B 651 7.18 8.82 28.01
CA PHE B 651 6.53 7.69 27.36
C PHE B 651 7.14 7.41 26.00
N ALA B 652 7.51 8.45 25.25
CA ALA B 652 8.15 8.23 23.97
C ALA B 652 9.49 7.54 24.14
N THR B 653 10.28 7.94 25.14
CA THR B 653 11.55 7.27 25.40
C THR B 653 11.35 5.79 25.70
N ILE B 654 10.41 5.49 26.60
CA ILE B 654 10.17 4.10 26.99
C ILE B 654 9.69 3.27 25.81
N LEU B 655 8.77 3.84 25.02
CA LEU B 655 8.21 3.13 23.86
C LEU B 655 9.23 2.95 22.73
N VAL B 656 10.07 3.95 22.44
CA VAL B 656 11.11 3.75 21.43
C VAL B 656 12.13 2.73 21.91
N GLU B 657 12.50 2.74 23.19
CA GLU B 657 13.46 1.74 23.63
C GLU B 657 12.88 0.33 23.51
N TYR B 658 11.61 0.16 23.85
CA TYR B 658 10.97 -1.15 23.65
C TYR B 658 10.88 -1.53 22.18
N LEU B 659 10.48 -0.60 21.32
CA LEU B 659 10.34 -0.88 19.89
C LEU B 659 11.68 -1.18 19.24
N LEU B 660 12.73 -0.45 19.63
CA LEU B 660 14.08 -0.74 19.15
C LEU B 660 14.56 -2.11 19.59
N ASP B 661 14.21 -2.52 20.81
CA ASP B 661 14.55 -3.89 21.22
C ASP B 661 13.83 -4.92 20.35
N ARG B 662 12.68 -4.57 19.78
CA ARG B 662 11.88 -5.50 18.97
C ARG B 662 12.04 -5.26 17.47
N LEU B 663 13.02 -4.46 17.06
CA LEU B 663 13.16 -4.12 15.65
C LEU B 663 13.33 -5.33 14.73
N PRO B 664 14.10 -6.37 15.06
CA PRO B 664 14.16 -7.53 14.15
C PRO B 664 12.82 -8.21 13.92
N GLU B 665 11.88 -8.11 14.85
CA GLU B 665 10.60 -8.77 14.68
C GLU B 665 9.74 -8.11 13.61
N MET B 666 10.00 -6.83 13.32
CA MET B 666 9.27 -6.13 12.26
C MET B 666 9.37 -6.84 10.92
N GLY B 667 10.45 -7.57 10.69
CA GLY B 667 10.59 -8.26 9.43
C GLY B 667 10.08 -9.69 9.42
N SER B 668 9.50 -10.16 10.52
CA SER B 668 9.10 -11.55 10.65
C SER B 668 7.59 -11.73 10.78
N ASN B 669 6.96 -11.10 11.78
CA ASN B 669 5.55 -11.32 12.07
C ASN B 669 4.75 -10.14 11.53
N VAL B 670 3.82 -10.42 10.61
CA VAL B 670 3.11 -9.35 9.90
C VAL B 670 2.27 -8.51 10.84
N GLU B 671 1.59 -9.15 11.79
CA GLU B 671 0.72 -8.41 12.72
C GLU B 671 1.53 -7.52 13.64
N LEU B 672 2.58 -8.09 14.25
CA LEU B 672 3.44 -7.29 15.11
C LEU B 672 4.21 -6.26 14.31
N SER B 673 4.58 -6.57 13.08
CA SER B 673 5.26 -5.60 12.23
C SER B 673 4.39 -4.37 11.97
N ASN B 674 3.13 -4.57 11.60
CA ASN B 674 2.22 -3.43 11.42
C ASN B 674 1.99 -2.68 12.72
N LEU B 675 1.87 -3.40 13.83
CA LEU B 675 1.70 -2.75 15.13
C LEU B 675 2.90 -1.86 15.46
N TYR B 676 4.11 -2.40 15.35
CA TYR B 676 5.31 -1.64 15.67
C TYR B 676 5.50 -0.45 14.73
N LEU B 677 5.14 -0.62 13.45
CA LEU B 677 5.19 0.50 12.52
C LEU B 677 4.25 1.63 12.94
N LYS B 678 3.04 1.30 13.36
CA LYS B 678 2.10 2.32 13.83
C LYS B 678 2.57 2.99 15.12
N LEU B 679 3.16 2.23 16.04
CA LEU B 679 3.68 2.84 17.27
C LEU B 679 4.87 3.75 17.01
N PHE B 680 5.78 3.36 16.11
CA PHE B 680 6.82 4.27 15.66
C PHE B 680 6.27 5.53 15.03
N LYS B 681 5.23 5.41 14.21
CA LYS B 681 4.55 6.60 13.68
C LYS B 681 3.98 7.49 14.78
N LEU B 682 3.44 6.89 15.85
CA LEU B 682 3.00 7.65 17.01
C LEU B 682 4.14 8.44 17.66
N VAL B 683 5.29 7.78 17.85
CA VAL B 683 6.47 8.48 18.38
C VAL B 683 6.87 9.65 17.49
N PHE B 684 6.97 9.40 16.18
CA PHE B 684 7.39 10.44 15.27
C PHE B 684 6.41 11.62 15.22
N GLY B 685 5.11 11.33 15.31
CA GLY B 685 4.15 12.41 15.54
C GLY B 685 4.29 13.11 16.87
N SER B 686 4.80 12.43 17.88
CA SER B 686 5.09 13.12 19.14
C SER B 686 6.25 14.11 18.96
N VAL B 687 7.27 13.69 18.21
CA VAL B 687 8.39 14.56 17.89
C VAL B 687 7.94 15.75 17.05
N SER B 688 6.94 15.54 16.20
CA SER B 688 6.24 16.66 15.55
C SER B 688 5.52 17.55 16.56
N LEU B 689 4.94 16.98 17.62
CA LEU B 689 4.11 17.79 18.51
C LEU B 689 4.94 18.64 19.47
N PHE B 690 5.96 18.05 20.09
CA PHE B 690 6.67 18.68 21.22
C PHE B 690 8.17 18.74 20.91
N ALA B 691 8.49 19.38 19.79
CA ALA B 691 9.81 19.42 19.19
C ALA B 691 10.95 19.61 20.17
N ALA B 692 10.76 20.42 21.22
CA ALA B 692 11.87 20.84 22.06
C ALA B 692 12.44 19.67 22.86
N GLU B 693 11.59 18.90 23.52
CA GLU B 693 12.06 17.77 24.30
C GLU B 693 12.04 16.48 23.49
N ASN B 694 11.08 16.33 22.57
CA ASN B 694 10.99 15.10 21.81
C ASN B 694 12.10 14.96 20.77
N GLU B 695 12.64 16.07 20.24
CA GLU B 695 13.85 15.95 19.44
C GLU B 695 14.99 15.36 20.25
N GLN B 696 15.18 15.85 21.48
CA GLN B 696 16.24 15.31 22.34
C GLN B 696 16.00 13.84 22.64
N MET B 697 14.73 13.46 22.83
CA MET B 697 14.40 12.05 23.03
C MET B 697 14.77 11.20 21.83
N LEU B 698 14.37 11.63 20.64
CA LEU B 698 14.62 10.86 19.41
C LEU B 698 16.10 10.83 19.00
N LYS B 699 16.86 11.89 19.31
CA LYS B 699 18.21 12.06 18.77
C LYS B 699 19.15 10.88 18.96
N PRO B 700 19.33 10.29 20.15
CA PRO B 700 20.27 9.16 20.25
C PRO B 700 19.82 7.91 19.50
N HIS B 701 18.51 7.66 19.46
CA HIS B 701 17.95 6.49 18.81
C HIS B 701 18.08 6.51 17.30
N LEU B 702 18.18 7.70 16.71
CA LEU B 702 18.13 7.90 15.26
C LEU B 702 19.12 7.01 14.50
N HIS B 703 20.37 6.95 14.96
CA HIS B 703 21.36 6.13 14.28
C HIS B 703 20.98 4.66 14.32
N LYS B 704 20.52 4.17 15.46
CA LYS B 704 20.11 2.78 15.56
C LYS B 704 18.95 2.50 14.62
N ILE B 705 17.96 3.40 14.60
CA ILE B 705 16.80 3.19 13.74
C ILE B 705 17.22 3.06 12.28
N VAL B 706 17.97 4.05 11.78
CA VAL B 706 18.34 4.07 10.37
C VAL B 706 19.22 2.87 10.02
N ASN B 707 20.27 2.64 10.81
CA ASN B 707 21.24 1.61 10.46
C ASN B 707 20.63 0.22 10.60
N SER B 708 19.85 -0.02 11.65
CA SER B 708 19.26 -1.35 11.83
C SER B 708 18.16 -1.61 10.81
N SER B 709 17.38 -0.58 10.45
CA SER B 709 16.38 -0.77 9.41
C SER B 709 17.03 -1.14 8.09
N MET B 710 18.12 -0.47 7.74
CA MET B 710 18.80 -0.82 6.48
C MET B 710 19.46 -2.19 6.58
N GLU B 711 20.03 -2.53 7.73
CA GLU B 711 20.70 -3.82 7.88
C GLU B 711 19.70 -4.97 7.91
N LEU B 712 18.61 -4.82 8.66
CA LEU B 712 17.67 -5.92 8.82
C LEU B 712 16.82 -6.16 7.58
N ALA B 713 16.67 -5.17 6.72
CA ALA B 713 15.86 -5.35 5.52
C ALA B 713 16.52 -6.27 4.51
N GLN B 714 17.84 -6.43 4.57
CA GLN B 714 18.52 -7.30 3.62
C GLN B 714 18.18 -8.77 3.86
N THR B 715 17.90 -9.14 5.09
CA THR B 715 17.60 -10.53 5.44
C THR B 715 16.15 -10.76 5.86
N ALA B 716 15.35 -9.70 5.97
CA ALA B 716 13.98 -9.86 6.43
C ALA B 716 13.12 -10.54 5.37
N LYS B 717 12.19 -11.38 5.82
CA LYS B 717 11.21 -11.96 4.91
C LYS B 717 10.30 -10.89 4.33
N GLU B 718 9.88 -9.93 5.16
CA GLU B 718 9.05 -8.80 4.73
C GLU B 718 9.76 -7.50 5.10
N PRO B 719 10.58 -6.95 4.20
CA PRO B 719 11.32 -5.72 4.49
C PRO B 719 10.56 -4.43 4.24
N TYR B 720 9.36 -4.52 3.66
CA TYR B 720 8.58 -3.35 3.28
C TYR B 720 8.35 -2.40 4.45
N ASN B 721 8.03 -2.94 5.62
CA ASN B 721 7.79 -2.10 6.80
C ASN B 721 9.03 -1.37 7.30
N TYR B 722 10.23 -1.92 7.12
CA TYR B 722 11.43 -1.14 7.42
C TYR B 722 11.55 0.11 6.55
N PHE B 723 11.14 0.03 5.30
CA PHE B 723 11.20 1.21 4.45
C PHE B 723 10.03 2.15 4.68
N LEU B 724 8.88 1.64 5.09
CA LEU B 724 7.81 2.52 5.54
C LEU B 724 8.17 3.21 6.85
N LEU B 725 8.94 2.55 7.71
CA LEU B 725 9.52 3.20 8.89
C LEU B 725 10.51 4.30 8.51
N LEU B 726 11.34 4.06 7.51
CA LEU B 726 12.26 5.10 7.07
C LEU B 726 11.51 6.28 6.47
N ARG B 727 10.46 6.00 5.69
CA ARG B 727 9.65 7.06 5.11
C ARG B 727 8.97 7.89 6.20
N ALA B 728 8.43 7.24 7.24
CA ALA B 728 7.83 7.98 8.34
C ALA B 728 8.85 8.84 9.06
N LEU B 729 10.05 8.30 9.32
CA LEU B 729 11.11 9.08 9.95
C LEU B 729 11.47 10.31 9.13
N PHE B 730 11.59 10.14 7.81
CA PHE B 730 11.93 11.26 6.94
C PHE B 730 10.82 12.29 6.89
N ARG B 731 9.57 11.86 6.78
CA ARG B 731 8.44 12.80 6.81
C ARG B 731 8.33 13.52 8.14
N SER B 732 8.81 12.91 9.22
CA SER B 732 8.88 13.59 10.51
C SER B 732 9.97 14.66 10.56
N ILE B 733 11.21 14.28 10.26
CA ILE B 733 12.32 15.25 10.25
C ILE B 733 12.15 16.32 9.17
N GLY B 734 11.42 16.01 8.10
CA GLY B 734 11.03 16.98 7.08
C GLY B 734 10.15 18.10 7.56
N GLY B 735 9.71 18.09 8.82
CA GLY B 735 9.09 19.27 9.40
C GLY B 735 10.00 20.49 9.50
N GLY B 736 11.30 20.32 9.31
CA GLY B 736 12.22 21.41 9.04
C GLY B 736 12.80 22.14 10.23
N SER B 737 11.99 22.36 11.26
CA SER B 737 12.46 23.05 12.46
C SER B 737 13.44 22.20 13.26
N HIS B 738 13.48 20.90 13.00
CA HIS B 738 14.12 19.90 13.85
C HIS B 738 15.65 19.86 13.71
N ASP B 739 16.30 21.02 13.72
CA ASP B 739 17.73 21.13 13.40
C ASP B 739 18.59 20.15 14.19
N LEU B 740 18.26 19.91 15.46
CA LEU B 740 18.99 18.92 16.25
C LEU B 740 18.97 17.54 15.61
N LEU B 741 17.88 17.20 14.93
CA LEU B 741 17.85 15.94 14.18
C LEU B 741 18.57 16.05 12.85
N TYR B 742 18.57 17.21 12.21
CA TYR B 742 19.35 17.36 10.99
C TYR B 742 20.83 17.13 11.30
N GLN B 743 21.34 17.77 12.36
CA GLN B 743 22.73 17.56 12.77
C GLN B 743 23.02 16.11 13.10
N GLU B 744 22.14 15.48 13.89
CA GLU B 744 22.35 14.07 14.20
C GLU B 744 22.31 13.16 12.97
N PHE B 745 21.48 13.52 11.98
CA PHE B 745 21.27 12.72 10.78
C PHE B 745 22.40 12.82 9.75
N LEU B 746 23.15 13.92 9.73
CA LEU B 746 24.19 14.08 8.70
C LEU B 746 25.25 12.99 8.61
N PRO B 747 25.78 12.44 9.70
CA PRO B 747 26.70 11.29 9.55
C PRO B 747 26.08 10.04 8.93
N LEU B 748 24.79 9.79 9.16
CA LEU B 748 24.09 8.68 8.50
C LEU B 748 24.01 8.85 6.99
N LEU B 749 23.96 10.09 6.52
CA LEU B 749 23.66 10.39 5.12
C LEU B 749 24.53 9.70 4.07
N PRO B 750 25.86 9.59 4.19
CA PRO B 750 26.61 8.86 3.14
C PRO B 750 26.23 7.40 2.99
N ASN B 751 26.21 6.64 4.09
CA ASN B 751 25.90 5.22 4.00
C ASN B 751 24.45 5.01 3.61
N LEU B 752 23.57 5.88 4.11
CA LEU B 752 22.15 5.73 3.80
C LEU B 752 21.92 5.94 2.31
N LEU B 753 22.45 7.03 1.76
CA LEU B 753 22.24 7.32 0.34
C LEU B 753 22.87 6.26 -0.54
N GLN B 754 24.04 5.74 -0.17
CA GLN B 754 24.63 4.64 -0.94
C GLN B 754 23.72 3.42 -0.94
N GLY B 755 23.22 3.03 0.24
CA GLY B 755 22.35 1.88 0.32
C GLY B 755 21.06 2.05 -0.46
N LEU B 756 20.45 3.23 -0.35
CA LEU B 756 19.21 3.50 -1.08
C LEU B 756 19.44 3.53 -2.58
N ASN B 757 20.56 4.09 -3.04
CA ASN B 757 20.88 4.07 -4.46
C ASN B 757 21.05 2.65 -4.97
N MET B 758 21.78 1.82 -4.23
CA MET B 758 21.92 0.43 -4.62
C MET B 758 20.58 -0.28 -4.66
N LEU B 759 19.69 0.03 -3.71
CA LEU B 759 18.38 -0.60 -3.71
C LEU B 759 17.55 -0.18 -4.91
N GLN B 760 17.49 1.12 -5.19
CA GLN B 760 16.65 1.59 -6.29
C GLN B 760 17.21 1.13 -7.64
N SER B 761 18.51 0.88 -7.72
CA SER B 761 19.08 0.36 -8.96
C SER B 761 18.68 -1.10 -9.23
N GLY B 762 18.24 -1.82 -8.21
CA GLY B 762 17.97 -3.23 -8.35
C GLY B 762 16.62 -3.54 -8.97
N LEU B 763 16.31 -4.83 -9.00
CA LEU B 763 15.05 -5.33 -9.56
C LEU B 763 14.11 -5.68 -8.41
N HIS B 764 12.98 -5.01 -8.36
CA HIS B 764 12.02 -5.18 -7.27
C HIS B 764 10.61 -5.09 -7.83
N LYS B 765 9.63 -5.33 -6.95
CA LYS B 765 8.26 -5.05 -7.29
C LYS B 765 8.04 -3.54 -7.35
N GLN B 766 6.99 -3.13 -8.03
CA GLN B 766 6.82 -1.72 -8.37
C GLN B 766 6.67 -0.86 -7.11
N HIS B 767 5.92 -1.34 -6.12
CA HIS B 767 5.74 -0.55 -4.90
C HIS B 767 7.06 -0.40 -4.16
N MET B 768 7.88 -1.45 -4.14
CA MET B 768 9.19 -1.36 -3.50
C MET B 768 10.08 -0.34 -4.20
N LYS B 769 10.09 -0.35 -5.53
CA LYS B 769 10.92 0.62 -6.25
C LYS B 769 10.40 2.04 -6.07
N ASP B 770 9.08 2.22 -6.04
CA ASP B 770 8.53 3.53 -5.77
C ASP B 770 8.97 4.02 -4.40
N LEU B 771 8.94 3.14 -3.40
CA LEU B 771 9.40 3.52 -2.07
C LEU B 771 10.87 3.87 -2.06
N PHE B 772 11.71 3.10 -2.76
CA PHE B 772 13.13 3.39 -2.79
C PHE B 772 13.42 4.74 -3.45
N VAL B 773 12.75 5.02 -4.57
CA VAL B 773 12.93 6.30 -5.23
C VAL B 773 12.48 7.45 -4.33
N GLU B 774 11.31 7.29 -3.70
CA GLU B 774 10.82 8.33 -2.80
C GLU B 774 11.79 8.57 -1.64
N LEU B 775 12.33 7.50 -1.06
CA LEU B 775 13.30 7.64 0.01
C LEU B 775 14.55 8.35 -0.46
N CYS B 776 15.01 8.04 -1.68
CA CYS B 776 16.19 8.71 -2.21
C CYS B 776 15.94 10.21 -2.37
N LEU B 777 14.75 10.58 -2.85
CA LEU B 777 14.48 11.99 -3.12
C LEU B 777 14.05 12.77 -1.88
N THR B 778 13.56 12.11 -0.83
CA THR B 778 13.04 12.79 0.35
C THR B 778 13.91 12.61 1.59
N VAL B 779 15.22 12.48 1.42
CA VAL B 779 16.10 12.45 2.59
C VAL B 779 16.02 13.79 3.31
N PRO B 780 15.78 13.81 4.62
CA PRO B 780 15.44 15.05 5.34
C PRO B 780 16.67 15.90 5.70
N VAL B 781 17.34 16.40 4.66
CA VAL B 781 18.52 17.24 4.83
C VAL B 781 18.47 18.38 3.82
N ARG B 782 19.05 19.51 4.19
CA ARG B 782 19.11 20.67 3.31
C ARG B 782 20.00 20.37 2.11
N LEU B 783 19.66 21.00 0.98
CA LEU B 783 20.37 20.70 -0.26
C LEU B 783 21.86 20.95 -0.16
N SER B 784 22.27 21.96 0.61
CA SER B 784 23.69 22.24 0.76
C SER B 784 24.45 21.05 1.34
N SER B 785 23.80 20.26 2.21
CA SER B 785 24.42 19.06 2.73
C SER B 785 24.45 17.94 1.71
N LEU B 786 23.48 17.89 0.80
CA LEU B 786 23.47 16.91 -0.28
C LEU B 786 24.64 17.05 -1.25
N LEU B 787 25.25 18.24 -1.34
CA LEU B 787 26.21 18.55 -2.41
C LEU B 787 27.24 17.46 -2.69
N PRO B 788 27.95 16.88 -1.71
CA PRO B 788 28.93 15.84 -2.05
C PRO B 788 28.29 14.55 -2.53
N TYR B 789 27.03 14.31 -2.17
CA TYR B 789 26.32 13.07 -2.48
C TYR B 789 25.37 13.22 -3.66
N LEU B 790 25.37 14.38 -4.32
CA LEU B 790 24.47 14.62 -5.44
C LEU B 790 24.51 13.56 -6.54
N PRO B 791 25.65 12.98 -6.92
CA PRO B 791 25.61 11.92 -7.94
C PRO B 791 24.75 10.72 -7.56
N MET B 792 24.57 10.44 -6.28
CA MET B 792 23.68 9.36 -5.89
C MET B 792 22.23 9.65 -6.25
N LEU B 793 21.84 10.92 -6.30
CA LEU B 793 20.44 11.29 -6.48
C LEU B 793 20.00 11.30 -7.94
N MET B 794 20.93 11.23 -8.89
CA MET B 794 20.59 11.41 -10.30
C MET B 794 19.81 10.23 -10.88
N ASP B 795 20.28 9.00 -10.65
CA ASP B 795 19.55 7.83 -11.10
C ASP B 795 18.17 7.70 -10.45
N PRO B 796 17.98 7.92 -9.15
CA PRO B 796 16.61 7.98 -8.62
C PRO B 796 15.79 9.07 -9.26
N LEU B 797 16.39 10.19 -9.63
CA LEU B 797 15.66 11.26 -10.29
C LEU B 797 15.13 10.79 -11.65
N VAL B 798 15.98 10.13 -12.43
CA VAL B 798 15.56 9.58 -13.71
C VAL B 798 14.46 8.55 -13.51
N SER B 799 14.60 7.69 -12.50
CA SER B 799 13.57 6.71 -12.20
C SER B 799 12.24 7.38 -11.84
N ALA B 800 12.30 8.44 -11.02
CA ALA B 800 11.10 9.16 -10.62
C ALA B 800 10.40 9.79 -11.81
N LEU B 801 11.17 10.39 -12.72
CA LEU B 801 10.58 10.96 -13.92
C LEU B 801 9.93 9.91 -14.80
N ASN B 802 10.36 8.66 -14.70
CA ASN B 802 9.78 7.55 -15.46
C ASN B 802 8.77 6.76 -14.66
N GLY B 803 8.44 7.19 -13.45
CA GLY B 803 7.55 6.46 -12.57
C GLY B 803 6.12 6.95 -12.63
N SER B 804 5.41 6.78 -11.53
CA SER B 804 4.01 7.18 -11.42
C SER B 804 3.89 8.69 -11.27
N GLN B 805 2.64 9.18 -11.28
CA GLN B 805 2.40 10.62 -11.28
C GLN B 805 2.97 11.30 -10.05
N THR B 806 2.78 10.70 -8.87
CA THR B 806 3.36 11.27 -7.66
C THR B 806 4.88 11.27 -7.71
N LEU B 807 5.46 10.18 -8.22
CA LEU B 807 6.91 10.12 -8.37
C LEU B 807 7.41 11.13 -9.39
N VAL B 808 6.67 11.32 -10.48
CA VAL B 808 7.08 12.31 -11.48
C VAL B 808 7.04 13.71 -10.89
N SER B 809 6.01 14.01 -10.10
CA SER B 809 5.93 15.30 -9.44
C SER B 809 7.09 15.49 -8.47
N GLN B 810 7.41 14.45 -7.70
CA GLN B 810 8.51 14.54 -6.74
C GLN B 810 9.85 14.75 -7.44
N GLY B 811 10.08 14.02 -8.53
CA GLY B 811 11.30 14.18 -9.28
C GLY B 811 11.42 15.56 -9.92
N LEU B 812 10.32 16.06 -10.47
CA LEU B 812 10.31 17.40 -11.03
C LEU B 812 10.57 18.45 -9.96
N ARG B 813 10.03 18.24 -8.76
CA ARG B 813 10.29 19.15 -7.65
C ARG B 813 11.77 19.14 -7.27
N THR B 814 12.36 17.95 -7.14
CA THR B 814 13.77 17.87 -6.78
C THR B 814 14.65 18.49 -7.87
N LEU B 815 14.32 18.24 -9.14
CA LEU B 815 15.09 18.80 -10.24
C LEU B 815 14.97 20.31 -10.28
N GLU B 816 13.77 20.85 -10.03
CA GLU B 816 13.62 22.30 -10.01
C GLU B 816 14.38 22.92 -8.85
N LEU B 817 14.38 22.24 -7.70
CA LEU B 817 15.19 22.70 -6.57
C LEU B 817 16.66 22.76 -6.95
N CYS B 818 17.16 21.70 -7.59
CA CYS B 818 18.57 21.67 -7.99
C CYS B 818 18.89 22.76 -9.00
N VAL B 819 18.01 22.97 -9.98
CA VAL B 819 18.25 24.00 -10.99
C VAL B 819 18.26 25.38 -10.34
N ASP B 820 17.31 25.64 -9.44
CA ASP B 820 17.19 26.95 -8.84
C ASP B 820 18.35 27.25 -7.90
N ASN B 821 18.84 26.25 -7.18
CA ASN B 821 19.80 26.50 -6.12
C ASN B 821 21.26 26.32 -6.52
N LEU B 822 21.55 25.56 -7.57
CA LEU B 822 22.92 25.26 -7.95
C LEU B 822 23.36 26.06 -9.17
N GLN B 823 24.68 26.20 -9.32
CA GLN B 823 25.23 26.83 -10.50
C GLN B 823 25.03 25.92 -11.72
N PRO B 824 24.72 26.50 -12.88
CA PRO B 824 24.45 25.66 -14.07
C PRO B 824 25.61 24.76 -14.46
N ASP B 825 26.85 25.21 -14.32
CA ASP B 825 27.98 24.37 -14.72
C ASP B 825 28.14 23.17 -13.80
N PHE B 826 28.03 23.38 -12.49
CA PHE B 826 28.12 22.29 -11.52
C PHE B 826 26.99 21.28 -11.73
N LEU B 827 25.77 21.78 -11.87
CA LEU B 827 24.62 20.90 -12.08
C LEU B 827 24.76 20.13 -13.38
N TYR B 828 25.15 20.79 -14.46
CA TYR B 828 25.35 20.10 -15.74
C TYR B 828 26.41 19.02 -15.63
N ASP B 829 27.51 19.31 -14.94
CA ASP B 829 28.55 18.30 -14.74
C ASP B 829 28.02 17.07 -14.01
N HIS B 830 27.20 17.28 -12.98
CA HIS B 830 26.62 16.13 -12.29
C HIS B 830 25.51 15.42 -13.06
N ILE B 831 24.69 16.16 -13.83
CA ILE B 831 23.71 15.50 -14.70
C ILE B 831 24.39 14.65 -15.78
N GLN B 832 25.60 15.01 -16.20
CA GLN B 832 26.15 14.46 -17.44
C GLN B 832 26.07 12.93 -17.54
N PRO B 833 26.40 12.13 -16.51
CA PRO B 833 26.11 10.69 -16.60
C PRO B 833 24.67 10.28 -16.92
N VAL B 834 23.69 10.80 -16.19
CA VAL B 834 22.26 10.58 -16.46
C VAL B 834 21.78 11.25 -17.74
N ARG B 835 22.45 12.31 -18.20
CA ARG B 835 21.83 13.35 -19.01
C ARG B 835 21.08 12.84 -20.23
N ALA B 836 21.59 11.81 -20.91
CA ALA B 836 20.83 11.21 -22.01
C ALA B 836 19.46 10.70 -21.58
N GLU B 837 19.42 9.94 -20.49
CA GLU B 837 18.13 9.44 -20.00
C GLU B 837 17.28 10.54 -19.36
N LEU B 838 17.93 11.48 -18.68
CA LEU B 838 17.21 12.57 -18.01
C LEU B 838 16.51 13.48 -19.01
N MET B 839 17.21 13.89 -20.07
CA MET B 839 16.58 14.76 -21.06
C MET B 839 15.44 14.06 -21.80
N GLN B 840 15.60 12.76 -22.08
CA GLN B 840 14.50 12.02 -22.71
C GLN B 840 13.30 11.90 -21.78
N ALA B 841 13.55 11.69 -20.49
CA ALA B 841 12.46 11.70 -19.52
C ALA B 841 11.76 13.05 -19.46
N LEU B 842 12.53 14.14 -19.45
CA LEU B 842 11.93 15.47 -19.48
C LEU B 842 11.12 15.70 -20.74
N TRP B 843 11.63 15.31 -21.91
CA TRP B 843 10.88 15.48 -23.14
C TRP B 843 9.58 14.70 -23.12
N ARG B 844 9.61 13.45 -22.66
CA ARG B 844 8.39 12.66 -22.55
C ARG B 844 7.39 13.31 -21.58
N THR B 845 7.91 13.90 -20.51
CA THR B 845 7.05 14.52 -19.48
C THR B 845 6.20 15.65 -20.05
N LEU B 846 6.69 16.35 -21.09
CA LEU B 846 5.86 17.30 -21.81
C LEU B 846 4.55 16.70 -22.33
N ARG B 847 4.54 15.42 -22.65
CA ARG B 847 3.34 14.77 -23.16
C ARG B 847 2.43 14.23 -22.06
N ASN B 848 2.76 14.48 -20.80
CA ASN B 848 1.96 13.98 -19.70
C ASN B 848 0.58 14.64 -19.69
N PRO B 849 -0.49 13.87 -19.50
CA PRO B 849 -1.84 14.46 -19.50
C PRO B 849 -2.10 15.44 -18.37
N ALA B 850 -1.32 15.40 -17.28
CA ALA B 850 -1.52 16.32 -16.17
C ALA B 850 -0.89 17.67 -16.49
N ASP B 851 -1.69 18.73 -16.45
CA ASP B 851 -1.19 20.04 -16.83
C ASP B 851 -0.11 20.55 -15.88
N SER B 852 -0.26 20.26 -14.58
CA SER B 852 0.75 20.71 -13.62
C SER B 852 2.11 20.06 -13.92
N ILE B 853 2.11 18.76 -14.18
CA ILE B 853 3.35 18.04 -14.43
C ILE B 853 4.03 18.57 -15.71
N SER B 854 3.25 18.68 -16.78
CA SER B 854 3.83 19.13 -18.05
C SER B 854 4.31 20.57 -17.97
N HIS B 855 3.57 21.43 -17.28
CA HIS B 855 3.98 22.82 -17.11
C HIS B 855 5.27 22.92 -16.31
N VAL B 856 5.38 22.14 -15.24
CA VAL B 856 6.62 22.14 -14.46
C VAL B 856 7.79 21.66 -15.31
N ALA B 857 7.56 20.64 -16.12
CA ALA B 857 8.62 20.14 -17.00
C ALA B 857 9.05 21.20 -18.00
N TYR B 858 8.10 21.90 -18.61
CA TYR B 858 8.44 22.95 -19.55
C TYR B 858 9.22 24.08 -18.88
N ARG B 859 8.82 24.43 -17.66
CA ARG B 859 9.54 25.45 -16.91
C ARG B 859 10.97 25.01 -16.61
N VAL B 860 11.15 23.74 -16.22
CA VAL B 860 12.49 23.24 -15.91
C VAL B 860 13.36 23.24 -17.17
N LEU B 861 12.78 22.84 -18.31
CA LEU B 861 13.53 22.87 -19.55
C LEU B 861 13.92 24.29 -19.92
N GLY B 862 13.02 25.25 -19.72
CA GLY B 862 13.37 26.64 -19.95
C GLY B 862 14.47 27.12 -19.04
N LYS B 863 14.47 26.64 -17.80
CA LYS B 863 15.54 27.02 -16.87
C LYS B 863 16.87 26.41 -17.27
N PHE B 864 16.85 25.22 -17.89
CA PHE B 864 18.10 24.65 -18.39
C PHE B 864 18.69 25.46 -19.54
N GLY B 865 17.90 26.28 -20.22
CA GLY B 865 18.38 27.10 -21.30
C GLY B 865 18.86 26.30 -22.49
N GLY B 866 20.12 26.49 -22.88
CA GLY B 866 20.67 25.75 -24.00
C GLY B 866 21.08 24.33 -23.68
N SER B 867 21.13 23.96 -22.41
CA SER B 867 21.53 22.60 -22.03
C SER B 867 20.45 21.58 -22.37
N ASN B 868 19.21 22.01 -22.58
CA ASN B 868 18.14 21.05 -22.85
C ASN B 868 18.31 20.38 -24.21
N ARG B 869 18.84 21.08 -25.20
CA ARG B 869 18.95 20.57 -26.56
C ARG B 869 20.36 20.17 -26.97
N LYS B 870 21.33 20.21 -26.07
CA LYS B 870 22.68 19.75 -26.40
C LYS B 870 22.66 18.29 -26.85
N MET B 871 23.45 18.00 -27.88
CA MET B 871 23.54 16.67 -28.46
C MET B 871 23.72 15.59 -27.39
N LEU B 872 22.86 14.57 -27.45
CA LEU B 872 23.07 13.37 -26.67
C LEU B 872 24.06 12.47 -27.40
N LYS B 873 25.17 12.13 -26.73
CA LYS B 873 26.07 11.12 -27.28
C LYS B 873 25.38 9.76 -27.38
N GLU B 874 24.60 9.39 -26.36
CA GLU B 874 23.80 8.17 -26.40
C GLU B 874 22.46 8.53 -27.04
N SER B 875 22.32 8.22 -28.33
CA SER B 875 21.15 8.66 -29.08
C SER B 875 19.92 7.89 -28.66
N GLN B 876 18.77 8.38 -29.12
CA GLN B 876 17.48 7.78 -28.77
C GLN B 876 17.34 6.42 -29.42
N LYS B 877 16.88 5.44 -28.64
CA LYS B 877 16.74 4.08 -29.13
C LYS B 877 15.56 3.97 -30.08
N LEU B 878 15.73 3.15 -31.12
CA LEU B 878 14.70 2.91 -32.12
C LEU B 878 14.20 1.48 -32.02
N HIS B 879 12.91 1.29 -32.27
CA HIS B 879 12.31 -0.03 -32.26
C HIS B 879 12.56 -0.70 -33.60
N TYR B 880 13.42 -1.71 -33.61
CA TYR B 880 13.81 -2.40 -34.83
C TYR B 880 13.29 -3.83 -34.81
N VAL B 881 12.78 -4.27 -35.96
CA VAL B 881 12.28 -5.63 -36.13
C VAL B 881 13.38 -6.49 -36.71
N VAL B 882 13.83 -7.49 -35.94
CA VAL B 882 14.92 -8.34 -36.38
C VAL B 882 14.44 -9.56 -37.18
N THR B 883 13.17 -9.91 -37.09
CA THR B 883 12.67 -11.14 -37.69
C THR B 883 11.87 -10.85 -38.95
N GLU B 884 12.17 -11.61 -40.01
CA GLU B 884 11.46 -11.50 -41.28
C GLU B 884 10.16 -12.30 -41.30
N VAL B 885 10.09 -13.39 -40.55
CA VAL B 885 8.94 -14.27 -40.59
C VAL B 885 7.75 -13.64 -39.88
N GLN B 886 6.57 -13.81 -40.47
CA GLN B 886 5.32 -13.39 -39.86
C GLN B 886 4.98 -14.25 -38.65
N GLY B 887 4.33 -13.63 -37.67
CA GLY B 887 3.89 -14.34 -36.50
C GLY B 887 2.66 -15.21 -36.79
N PRO B 888 2.25 -15.97 -35.78
CA PRO B 888 1.05 -16.81 -35.94
C PRO B 888 -0.21 -15.97 -36.14
N SER B 889 -1.16 -16.54 -36.87
CA SER B 889 -2.32 -15.81 -37.32
C SER B 889 -3.51 -16.76 -37.45
N ILE B 890 -4.70 -16.20 -37.35
CA ILE B 890 -5.95 -16.94 -37.48
C ILE B 890 -6.48 -16.70 -38.88
N THR B 891 -7.26 -17.65 -39.40
CA THR B 891 -7.81 -17.54 -40.74
C THR B 891 -9.26 -17.08 -40.64
N VAL B 892 -9.57 -15.98 -41.32
CA VAL B 892 -10.92 -15.44 -41.40
C VAL B 892 -11.39 -15.53 -42.85
N GLU B 893 -12.58 -16.08 -43.06
CA GLU B 893 -13.14 -16.23 -44.40
C GLU B 893 -14.19 -15.16 -44.62
N PHE B 894 -14.10 -14.48 -45.76
CA PHE B 894 -15.08 -13.49 -46.20
C PHE B 894 -15.81 -14.09 -47.38
N SER B 895 -16.97 -14.70 -47.13
CA SER B 895 -17.68 -15.43 -48.18
C SER B 895 -18.06 -14.51 -49.33
N ASP B 896 -18.41 -13.25 -49.04
CA ASP B 896 -18.80 -12.33 -50.11
C ASP B 896 -17.66 -12.10 -51.08
N CYS B 897 -16.44 -11.93 -50.56
CA CYS B 897 -15.27 -11.75 -51.41
C CYS B 897 -14.73 -13.07 -51.94
N LYS B 898 -15.23 -14.20 -51.44
CA LYS B 898 -14.74 -15.53 -51.83
C LYS B 898 -13.23 -15.62 -51.61
N ALA B 899 -12.78 -15.12 -50.47
CA ALA B 899 -11.37 -15.09 -50.15
C ALA B 899 -11.17 -15.18 -48.65
N SER B 900 -9.97 -15.58 -48.25
CA SER B 900 -9.61 -15.71 -46.85
C SER B 900 -8.43 -14.81 -46.53
N LEU B 901 -8.40 -14.32 -45.31
CA LEU B 901 -7.34 -13.47 -44.79
C LEU B 901 -6.79 -14.08 -43.51
N GLN B 902 -5.53 -13.76 -43.22
CA GLN B 902 -4.90 -14.14 -41.96
C GLN B 902 -4.91 -12.96 -41.01
N LEU B 903 -5.42 -13.20 -39.80
CA LEU B 903 -5.54 -12.16 -38.80
C LEU B 903 -4.46 -12.36 -37.75
N PRO B 904 -3.57 -11.39 -37.52
CA PRO B 904 -2.35 -11.70 -36.79
C PRO B 904 -2.54 -11.54 -35.29
N MET B 905 -1.96 -12.49 -34.54
CA MET B 905 -2.32 -12.71 -33.15
C MET B 905 -1.25 -12.28 -32.15
N GLU B 906 -0.03 -12.00 -32.59
CA GLU B 906 1.04 -11.69 -31.65
C GLU B 906 0.69 -10.51 -30.75
N LYS B 907 0.26 -9.40 -31.36
CA LYS B 907 -0.15 -8.24 -30.57
C LYS B 907 -1.38 -8.54 -29.72
N ALA B 908 -2.32 -9.32 -30.28
CA ALA B 908 -3.50 -9.71 -29.51
C ALA B 908 -3.11 -10.52 -28.28
N ILE B 909 -2.20 -11.47 -28.43
CA ILE B 909 -1.77 -12.27 -27.29
C ILE B 909 -1.03 -11.42 -26.28
N GLU B 910 -0.20 -10.49 -26.75
CA GLU B 910 0.49 -9.59 -25.83
C GLU B 910 -0.51 -8.75 -25.04
N THR B 911 -1.55 -8.24 -25.70
CA THR B 911 -2.56 -7.45 -25.02
C THR B 911 -3.35 -8.28 -24.03
N ALA B 912 -3.71 -9.51 -24.39
CA ALA B 912 -4.43 -10.38 -23.48
C ALA B 912 -3.59 -10.69 -22.24
N LEU B 913 -2.30 -10.98 -22.44
CA LEU B 913 -1.42 -11.25 -21.31
C LEU B 913 -1.27 -10.02 -20.42
N ASP B 914 -1.16 -8.84 -21.02
CA ASP B 914 -1.10 -7.61 -20.23
C ASP B 914 -2.38 -7.42 -19.43
N CYS B 915 -3.54 -7.71 -20.03
CA CYS B 915 -4.80 -7.57 -19.32
C CYS B 915 -4.88 -8.54 -18.14
N LEU B 916 -4.46 -9.78 -18.35
CA LEU B 916 -4.53 -10.77 -17.28
C LEU B 916 -3.49 -10.51 -16.20
N LYS B 917 -2.38 -9.86 -16.55
CA LYS B 917 -1.37 -9.52 -15.53
C LYS B 917 -1.85 -8.38 -14.63
N SER B 918 -2.50 -7.38 -15.22
CA SER B 918 -2.84 -6.17 -14.48
C SER B 918 -3.95 -6.44 -13.47
N ALA B 919 -3.86 -5.77 -12.32
CA ALA B 919 -4.91 -5.84 -11.31
C ALA B 919 -6.06 -4.89 -11.58
N ASN B 920 -5.84 -3.87 -12.41
CA ASN B 920 -6.85 -2.87 -12.70
C ASN B 920 -7.88 -3.32 -13.72
N THR B 921 -7.61 -4.41 -14.44
CA THR B 921 -8.48 -4.82 -15.53
C THR B 921 -9.87 -5.19 -15.01
N GLU B 922 -10.89 -4.81 -15.76
CA GLU B 922 -12.24 -5.22 -15.45
C GLU B 922 -12.39 -6.72 -15.67
N PRO B 923 -13.23 -7.38 -14.86
CA PRO B 923 -13.44 -8.82 -15.05
C PRO B 923 -13.95 -9.18 -16.44
N TYR B 924 -14.76 -8.32 -17.05
CA TYR B 924 -15.24 -8.57 -18.39
C TYR B 924 -14.09 -8.70 -19.37
N TYR B 925 -13.13 -7.79 -19.30
CA TYR B 925 -12.01 -7.83 -20.22
C TYR B 925 -11.01 -8.92 -19.85
N ARG B 926 -10.92 -9.30 -18.57
CA ARG B 926 -10.16 -10.49 -18.22
C ARG B 926 -10.75 -11.74 -18.87
N ARG B 927 -12.07 -11.86 -18.85
CA ARG B 927 -12.71 -12.98 -19.52
C ARG B 927 -12.47 -12.95 -21.02
N GLN B 928 -12.55 -11.76 -21.63
CA GLN B 928 -12.27 -11.64 -23.06
C GLN B 928 -10.83 -12.04 -23.39
N ALA B 929 -9.88 -11.60 -22.56
CA ALA B 929 -8.48 -11.96 -22.78
C ALA B 929 -8.27 -13.47 -22.66
N TRP B 930 -8.92 -14.09 -21.67
CA TRP B 930 -8.83 -15.53 -21.52
C TRP B 930 -9.41 -16.24 -22.73
N GLU B 931 -10.52 -15.73 -23.27
CA GLU B 931 -11.11 -16.33 -24.46
C GLU B 931 -10.17 -16.22 -25.66
N VAL B 932 -9.54 -15.06 -25.84
CA VAL B 932 -8.57 -14.91 -26.93
C VAL B 932 -7.44 -15.90 -26.78
N ILE B 933 -6.89 -16.02 -25.58
CA ILE B 933 -5.75 -16.90 -25.35
C ILE B 933 -6.13 -18.36 -25.59
N LYS B 934 -7.30 -18.76 -25.10
CA LYS B 934 -7.75 -20.14 -25.28
C LYS B 934 -7.96 -20.46 -26.76
N CYS B 935 -8.62 -19.56 -27.48
CA CYS B 935 -8.88 -19.81 -28.89
C CYS B 935 -7.59 -19.87 -29.68
N PHE B 936 -6.64 -18.99 -29.38
CA PHE B 936 -5.33 -19.06 -30.03
C PHE B 936 -4.64 -20.38 -29.73
N LEU B 937 -4.70 -20.85 -28.48
CA LEU B 937 -4.04 -22.10 -28.13
C LEU B 937 -4.68 -23.28 -28.84
N VAL B 938 -6.00 -23.27 -28.99
CA VAL B 938 -6.68 -24.34 -29.72
C VAL B 938 -6.33 -24.29 -31.20
N ALA B 939 -6.29 -23.10 -31.78
CA ALA B 939 -5.99 -22.95 -33.20
C ALA B 939 -4.58 -23.40 -33.55
N MET B 940 -3.63 -23.25 -32.63
CA MET B 940 -2.24 -23.58 -32.90
C MET B 940 -1.86 -25.02 -32.55
N MET B 941 -2.82 -25.88 -32.27
CA MET B 941 -2.57 -27.30 -32.08
C MET B 941 -3.39 -28.13 -33.07
N SER B 942 -2.87 -29.33 -33.37
CA SER B 942 -3.34 -30.07 -34.54
C SER B 942 -4.76 -30.59 -34.40
N LEU B 943 -5.13 -31.09 -33.21
CA LEU B 943 -6.44 -31.70 -32.96
C LEU B 943 -6.73 -32.97 -33.76
N GLU B 944 -5.76 -33.48 -34.51
CA GLU B 944 -6.01 -34.63 -35.38
C GLU B 944 -5.89 -35.96 -34.65
N ASP B 945 -5.54 -35.95 -33.37
CA ASP B 945 -5.41 -37.18 -32.61
C ASP B 945 -6.74 -37.91 -32.48
N ASN B 946 -6.74 -39.21 -32.79
CA ASN B 946 -7.91 -40.05 -32.72
C ASN B 946 -7.76 -41.04 -31.57
N LYS B 947 -8.87 -41.28 -30.86
CA LYS B 947 -8.84 -42.04 -29.62
C LYS B 947 -8.21 -43.42 -29.78
N HIS B 948 -8.67 -44.18 -30.78
CA HIS B 948 -8.15 -45.52 -30.98
C HIS B 948 -6.69 -45.49 -31.45
N ALA B 949 -6.34 -44.54 -32.30
CA ALA B 949 -4.95 -44.42 -32.72
C ALA B 949 -4.07 -43.97 -31.56
N LEU B 950 -4.59 -43.07 -30.71
CA LEU B 950 -3.82 -42.58 -29.57
C LEU B 950 -3.53 -43.70 -28.59
N TYR B 951 -4.54 -44.49 -28.24
CA TYR B 951 -4.32 -45.64 -27.36
C TYR B 951 -3.43 -46.68 -28.00
N GLN B 952 -3.58 -46.93 -29.31
CA GLN B 952 -2.73 -47.89 -29.98
C GLN B 952 -1.28 -47.46 -29.96
N LEU B 953 -1.02 -46.17 -30.11
CA LEU B 953 0.35 -45.67 -30.04
C LEU B 953 0.91 -45.78 -28.63
N LEU B 954 0.14 -45.30 -27.64
CA LEU B 954 0.66 -45.23 -26.28
C LEU B 954 0.69 -46.58 -25.57
N ALA B 955 -0.05 -47.57 -26.06
CA ALA B 955 -0.02 -48.91 -25.48
C ALA B 955 1.07 -49.79 -26.11
N HIS B 956 1.88 -49.23 -27.00
CA HIS B 956 2.96 -49.99 -27.60
C HIS B 956 3.93 -50.45 -26.51
N PRO B 957 4.42 -51.69 -26.57
CA PRO B 957 5.32 -52.18 -25.51
C PRO B 957 6.62 -51.40 -25.40
N ASN B 958 7.05 -50.71 -26.45
CA ASN B 958 8.29 -49.94 -26.39
C ASN B 958 8.24 -48.86 -25.32
N PHE B 959 7.04 -48.34 -25.03
CA PHE B 959 6.90 -47.30 -24.02
C PHE B 959 7.14 -47.83 -22.61
N THR B 960 7.06 -49.14 -22.41
CA THR B 960 7.26 -49.72 -21.09
C THR B 960 8.42 -50.69 -21.01
N GLU B 961 8.99 -51.12 -22.13
CA GLU B 961 10.08 -52.09 -22.13
C GLU B 961 11.40 -51.54 -22.65
N LYS B 962 11.38 -50.79 -23.75
CA LYS B 962 12.62 -50.30 -24.35
C LYS B 962 13.27 -49.25 -23.45
N THR B 963 14.60 -49.25 -23.44
CA THR B 963 15.35 -48.30 -22.64
C THR B 963 15.14 -46.88 -23.15
N ILE B 964 14.82 -45.97 -22.24
CA ILE B 964 14.66 -44.56 -22.60
C ILE B 964 15.99 -44.00 -23.07
N PRO B 965 16.04 -43.32 -24.22
CA PRO B 965 17.32 -42.77 -24.68
C PRO B 965 17.91 -41.79 -23.67
N ASN B 966 19.22 -41.90 -23.47
CA ASN B 966 19.94 -41.01 -22.56
C ASN B 966 20.35 -39.75 -23.32
N VAL B 967 19.36 -38.89 -23.56
CA VAL B 967 19.55 -37.67 -24.35
C VAL B 967 19.27 -36.47 -23.47
N ILE B 968 20.12 -35.46 -23.58
CA ILE B 968 20.02 -34.24 -22.79
C ILE B 968 19.49 -33.14 -23.69
N ILE B 969 18.48 -32.40 -23.22
CA ILE B 969 17.99 -31.20 -23.88
C ILE B 969 18.51 -30.00 -23.09
N SER B 970 19.11 -29.04 -23.79
CA SER B 970 19.62 -27.84 -23.14
C SER B 970 19.25 -26.61 -23.96
N HIS B 971 18.75 -25.58 -23.29
CA HIS B 971 18.54 -24.28 -23.93
C HIS B 971 19.85 -23.57 -24.31
N ARG B 972 21.02 -24.10 -23.91
CA ARG B 972 22.28 -23.62 -24.46
C ARG B 972 22.37 -23.78 -25.98
N TYR B 973 21.60 -24.68 -26.55
CA TYR B 973 21.62 -24.90 -28.00
C TYR B 973 20.40 -24.31 -28.68
N LYS B 974 19.47 -23.75 -27.93
CA LYS B 974 18.35 -23.03 -28.52
C LYS B 974 18.82 -21.69 -29.06
N ALA B 975 18.38 -21.35 -30.26
CA ALA B 975 18.57 -20.02 -30.80
C ALA B 975 17.56 -19.05 -30.19
N GLN B 976 17.57 -17.81 -30.65
CA GLN B 976 16.59 -16.83 -30.20
C GLN B 976 15.19 -17.27 -30.60
N ASP B 977 14.22 -16.98 -29.74
CA ASP B 977 12.87 -17.47 -29.95
C ASP B 977 12.28 -16.93 -31.24
N THR B 978 11.62 -17.82 -31.98
CA THR B 978 10.82 -17.40 -33.10
C THR B 978 9.61 -16.61 -32.61
N PRO B 979 9.01 -15.78 -33.47
CA PRO B 979 7.77 -15.10 -33.06
C PRO B 979 6.68 -16.08 -32.65
N ALA B 980 6.57 -17.19 -33.37
CA ALA B 980 5.62 -18.24 -32.99
C ALA B 980 5.90 -18.75 -31.58
N ARG B 981 7.16 -19.07 -31.28
CA ARG B 981 7.48 -19.63 -29.98
C ARG B 981 7.23 -18.62 -28.86
N LYS B 982 7.58 -17.35 -29.09
CA LYS B 982 7.30 -16.30 -28.11
C LYS B 982 5.81 -16.16 -27.87
N THR B 983 5.01 -16.24 -28.94
CA THR B 983 3.56 -16.10 -28.78
C THR B 983 2.96 -17.30 -28.07
N PHE B 984 3.47 -18.50 -28.36
CA PHE B 984 3.08 -19.69 -27.61
C PHE B 984 3.37 -19.54 -26.12
N GLU B 985 4.59 -19.12 -25.79
CA GLU B 985 4.96 -18.95 -24.39
C GLU B 985 4.09 -17.92 -23.70
N GLN B 986 3.79 -16.80 -24.37
CA GLN B 986 2.89 -15.81 -23.78
C GLN B 986 1.48 -16.37 -23.60
N ALA B 987 0.97 -17.09 -24.59
CA ALA B 987 -0.39 -17.64 -24.48
C ALA B 987 -0.48 -18.64 -23.34
N LEU B 988 0.52 -19.51 -23.22
CA LEU B 988 0.52 -20.47 -22.12
C LEU B 988 0.65 -19.79 -20.76
N THR B 989 1.46 -18.73 -20.68
CA THR B 989 1.54 -17.97 -19.44
C THR B 989 0.18 -17.34 -19.09
N GLY B 990 -0.51 -16.80 -20.09
CA GLY B 990 -1.84 -16.27 -19.86
C GLY B 990 -2.81 -17.34 -19.43
N ALA B 991 -2.67 -18.56 -19.97
CA ALA B 991 -3.52 -19.67 -19.56
C ALA B 991 -3.29 -20.01 -18.09
N PHE B 992 -2.04 -20.08 -17.66
CA PHE B 992 -1.76 -20.35 -16.25
C PHE B 992 -2.30 -19.25 -15.35
N MET B 993 -2.12 -17.99 -15.76
CA MET B 993 -2.63 -16.87 -14.98
C MET B 993 -4.15 -16.92 -14.89
N SER B 994 -4.82 -17.30 -15.98
CA SER B 994 -6.26 -17.51 -15.93
C SER B 994 -6.61 -18.64 -14.97
N ALA B 995 -5.78 -19.69 -14.93
CA ALA B 995 -6.03 -20.79 -14.01
C ALA B 995 -5.94 -20.34 -12.56
N VAL B 996 -5.13 -19.31 -12.27
CA VAL B 996 -5.05 -18.84 -10.89
C VAL B 996 -6.05 -17.73 -10.57
N ILE B 997 -6.55 -17.00 -11.57
CA ILE B 997 -7.56 -15.98 -11.32
C ILE B 997 -8.88 -16.65 -10.94
N LYS B 998 -9.50 -16.17 -9.86
CA LYS B 998 -10.64 -16.88 -9.28
C LYS B 998 -11.84 -16.88 -10.21
N ASP B 999 -12.11 -15.78 -10.89
CA ASP B 999 -13.29 -15.71 -11.75
C ASP B 999 -13.13 -16.57 -13.00
N LEU B 1000 -11.90 -16.82 -13.44
CA LEU B 1000 -11.65 -17.64 -14.61
C LEU B 1000 -11.27 -19.07 -14.28
N ARG B 1001 -10.93 -19.35 -13.02
CA ARG B 1001 -10.48 -20.67 -12.63
C ARG B 1001 -11.44 -21.81 -12.98
N PRO B 1002 -12.76 -21.71 -12.79
CA PRO B 1002 -13.62 -22.88 -13.07
C PRO B 1002 -13.51 -23.41 -14.47
N SER B 1003 -13.28 -22.56 -15.46
CA SER B 1003 -13.08 -23.02 -16.83
C SER B 1003 -11.61 -23.14 -17.21
N ALA B 1004 -10.75 -22.26 -16.69
CA ALA B 1004 -9.36 -22.24 -17.10
C ALA B 1004 -8.56 -23.40 -16.50
N LEU B 1005 -8.78 -23.72 -15.23
CA LEU B 1005 -7.96 -24.75 -14.58
C LEU B 1005 -8.12 -26.12 -15.21
N PRO B 1006 -9.34 -26.63 -15.45
CA PRO B 1006 -9.43 -27.89 -16.19
C PRO B 1006 -8.78 -27.84 -17.56
N PHE B 1007 -8.96 -26.71 -18.27
CA PHE B 1007 -8.35 -26.56 -19.58
C PHE B 1007 -6.83 -26.59 -19.48
N VAL B 1008 -6.28 -25.92 -18.48
CA VAL B 1008 -4.83 -25.89 -18.32
C VAL B 1008 -4.30 -27.28 -18.01
N ALA B 1009 -4.98 -28.02 -17.12
CA ALA B 1009 -4.53 -29.37 -16.80
C ALA B 1009 -4.55 -30.27 -18.02
N SER B 1010 -5.63 -30.22 -18.79
CA SER B 1010 -5.74 -31.08 -19.97
C SER B 1010 -4.75 -30.67 -21.06
N LEU B 1011 -4.47 -29.38 -21.20
CA LEU B 1011 -3.47 -28.93 -22.16
C LEU B 1011 -2.05 -29.36 -21.74
N ILE B 1012 -1.77 -29.33 -20.43
CA ILE B 1012 -0.50 -29.86 -19.96
C ILE B 1012 -0.38 -31.34 -20.27
N ARG B 1013 -1.47 -32.10 -20.08
CA ARG B 1013 -1.47 -33.50 -20.48
C ARG B 1013 -1.18 -33.65 -21.97
N HIS B 1014 -1.83 -32.83 -22.80
CA HIS B 1014 -1.62 -32.91 -24.24
C HIS B 1014 -0.15 -32.69 -24.61
N TYR B 1015 0.43 -31.61 -24.09
CA TYR B 1015 1.82 -31.30 -24.41
C TYR B 1015 2.77 -32.37 -23.89
N THR B 1016 2.49 -32.92 -22.70
CA THR B 1016 3.32 -33.99 -22.17
C THR B 1016 3.21 -35.25 -23.02
N MET B 1017 2.01 -35.59 -23.50
CA MET B 1017 1.85 -36.74 -24.38
C MET B 1017 2.59 -36.54 -25.69
N VAL B 1018 2.49 -35.36 -26.29
CA VAL B 1018 3.26 -35.06 -27.50
C VAL B 1018 4.75 -35.24 -27.24
N ALA B 1019 5.23 -34.72 -26.12
CA ALA B 1019 6.65 -34.82 -25.80
C ALA B 1019 7.06 -36.28 -25.59
N VAL B 1020 6.24 -37.06 -24.89
CA VAL B 1020 6.59 -38.46 -24.63
C VAL B 1020 6.66 -39.24 -25.93
N ALA B 1021 5.66 -39.07 -26.80
CA ALA B 1021 5.65 -39.78 -28.07
C ALA B 1021 6.82 -39.38 -28.96
N GLN B 1022 7.20 -38.10 -28.96
CA GLN B 1022 8.38 -37.70 -29.71
C GLN B 1022 9.67 -38.24 -29.11
N GLN B 1023 9.79 -38.21 -27.79
CA GLN B 1023 11.04 -38.56 -27.10
C GLN B 1023 11.31 -40.06 -27.01
N CYS B 1024 10.29 -40.91 -26.96
CA CYS B 1024 10.58 -42.34 -26.91
C CYS B 1024 9.43 -43.12 -27.55
N GLY B 1025 9.37 -44.42 -27.25
CA GLY B 1025 8.45 -45.33 -27.89
C GLY B 1025 8.88 -45.74 -29.29
N PRO B 1026 7.93 -46.24 -30.08
CA PRO B 1026 8.28 -46.81 -31.38
C PRO B 1026 8.73 -45.79 -32.41
N PHE B 1027 8.37 -44.52 -32.25
CA PHE B 1027 8.46 -43.55 -33.35
C PHE B 1027 9.15 -42.27 -32.90
N LEU B 1028 10.07 -42.38 -31.95
CA LEU B 1028 10.80 -41.23 -31.46
C LEU B 1028 11.54 -40.50 -32.59
N LEU B 1029 11.54 -39.18 -32.51
CA LEU B 1029 12.16 -38.35 -33.54
C LEU B 1029 13.67 -38.59 -33.59
N PRO B 1030 14.29 -38.35 -34.75
CA PRO B 1030 15.74 -38.57 -34.88
C PRO B 1030 16.62 -37.83 -33.89
N CYS B 1031 16.21 -36.64 -33.44
CA CYS B 1031 17.05 -35.90 -32.50
C CYS B 1031 17.01 -36.47 -31.09
N TYR B 1032 15.98 -37.23 -30.74
CA TYR B 1032 15.92 -37.99 -29.50
C TYR B 1032 16.58 -39.35 -29.57
N GLN B 1033 16.75 -39.93 -30.76
CA GLN B 1033 17.28 -41.29 -30.89
C GLN B 1033 18.63 -41.43 -30.18
N VAL B 1034 18.97 -42.69 -29.87
CA VAL B 1034 20.12 -43.01 -29.04
C VAL B 1034 21.40 -42.43 -29.62
N GLY B 1035 22.25 -41.90 -28.73
CA GLY B 1035 23.49 -41.27 -29.10
C GLY B 1035 23.37 -39.89 -29.70
N SER B 1036 22.21 -39.25 -29.58
CA SER B 1036 22.03 -37.91 -30.12
C SER B 1036 22.34 -36.86 -29.06
N GLN B 1037 23.09 -35.86 -29.45
CA GLN B 1037 23.46 -34.74 -28.59
C GLN B 1037 22.37 -33.69 -28.60
N PRO B 1038 22.33 -32.81 -27.60
CA PRO B 1038 21.43 -31.66 -27.67
C PRO B 1038 21.72 -30.83 -28.90
N SER B 1039 20.66 -30.34 -29.53
CA SER B 1039 20.80 -29.62 -30.80
C SER B 1039 19.64 -28.66 -30.95
N THR B 1040 19.70 -27.86 -32.02
CA THR B 1040 18.66 -26.88 -32.28
C THR B 1040 17.37 -27.53 -32.77
N ALA B 1041 17.45 -28.75 -33.32
CA ALA B 1041 16.27 -29.42 -33.83
C ALA B 1041 15.24 -29.70 -32.75
N MET B 1042 15.64 -29.66 -31.48
CA MET B 1042 14.70 -29.88 -30.39
C MET B 1042 13.73 -28.72 -30.21
N PHE B 1043 14.06 -27.55 -30.73
CA PHE B 1043 13.26 -26.35 -30.55
C PHE B 1043 12.80 -25.82 -31.90
N HIS B 1044 11.69 -25.08 -31.87
CA HIS B 1044 11.25 -24.35 -33.05
C HIS B 1044 12.18 -23.18 -33.29
N SER B 1045 12.85 -23.16 -34.43
CA SER B 1045 13.78 -22.08 -34.75
C SER B 1045 13.67 -21.74 -36.22
N GLU B 1046 14.25 -20.60 -36.58
CA GLU B 1046 14.13 -20.09 -37.94
C GLU B 1046 14.89 -20.95 -38.95
N GLU B 1047 16.07 -21.44 -38.59
CA GLU B 1047 16.93 -22.06 -39.59
C GLU B 1047 16.75 -23.58 -39.66
N ASN B 1048 17.10 -24.29 -38.60
CA ASN B 1048 17.00 -25.76 -38.61
C ASN B 1048 15.71 -26.24 -37.94
N GLY B 1049 15.54 -25.94 -36.66
CA GLY B 1049 14.26 -26.09 -36.00
C GLY B 1049 13.68 -27.48 -35.90
N SER B 1050 12.54 -27.57 -35.23
CA SER B 1050 11.73 -28.78 -35.18
C SER B 1050 10.60 -28.68 -36.19
N LYS B 1051 10.01 -29.82 -36.52
CA LYS B 1051 8.86 -29.87 -37.41
C LYS B 1051 7.63 -29.50 -36.60
N GLY B 1052 7.18 -28.25 -36.72
CA GLY B 1052 6.13 -27.73 -35.87
C GLY B 1052 6.66 -27.21 -34.54
N MET B 1053 5.75 -26.60 -33.79
CA MET B 1053 6.09 -26.15 -32.44
C MET B 1053 6.54 -27.32 -31.58
N ASP B 1054 7.61 -27.14 -30.85
CA ASP B 1054 8.04 -28.16 -29.92
C ASP B 1054 7.19 -28.11 -28.64
N PRO B 1055 6.97 -29.26 -28.00
CA PRO B 1055 6.22 -29.26 -26.73
C PRO B 1055 7.01 -28.73 -25.55
N LEU B 1056 8.31 -28.48 -25.70
CA LEU B 1056 9.10 -27.92 -24.61
C LEU B 1056 8.70 -26.50 -24.26
N VAL B 1057 7.95 -25.82 -25.12
CA VAL B 1057 7.52 -24.46 -24.83
C VAL B 1057 6.62 -24.41 -23.59
N LEU B 1058 6.01 -25.54 -23.22
CA LEU B 1058 5.27 -25.60 -21.97
C LEU B 1058 6.18 -25.39 -20.77
N ILE B 1059 7.38 -25.96 -20.81
CA ILE B 1059 8.33 -25.81 -19.70
C ILE B 1059 8.78 -24.36 -19.58
N ASP B 1060 8.95 -23.67 -20.70
CA ASP B 1060 9.30 -22.26 -20.66
C ASP B 1060 8.21 -21.44 -19.99
N ALA B 1061 6.94 -21.77 -20.27
CA ALA B 1061 5.83 -21.07 -19.64
C ALA B 1061 5.78 -21.37 -18.15
N ILE B 1062 6.02 -22.62 -17.76
CA ILE B 1062 6.07 -22.96 -16.34
C ILE B 1062 7.19 -22.19 -15.64
N ALA B 1063 8.34 -22.07 -16.29
CA ALA B 1063 9.45 -21.31 -15.70
C ALA B 1063 9.11 -19.84 -15.58
N ILE B 1064 8.43 -19.28 -16.58
CA ILE B 1064 7.99 -17.90 -16.50
C ILE B 1064 7.05 -17.70 -15.32
N CYS B 1065 6.10 -18.62 -15.14
CA CYS B 1065 5.17 -18.52 -14.02
C CYS B 1065 5.89 -18.65 -12.68
N MET B 1066 6.84 -19.58 -12.58
CA MET B 1066 7.58 -19.75 -11.34
C MET B 1066 8.41 -18.52 -11.01
N ALA B 1067 8.99 -17.89 -12.03
CA ALA B 1067 9.82 -16.71 -11.86
C ALA B 1067 9.01 -15.42 -11.78
N TYR B 1068 7.69 -15.48 -11.95
CA TYR B 1068 6.87 -14.27 -11.98
C TYR B 1068 6.93 -13.53 -10.64
N GLU B 1069 6.72 -12.21 -10.72
CA GLU B 1069 6.75 -11.36 -9.54
C GLU B 1069 5.76 -11.83 -8.47
N GLU B 1070 4.51 -12.09 -8.87
CA GLU B 1070 3.50 -12.55 -7.93
C GLU B 1070 3.67 -14.05 -7.69
N LYS B 1071 4.08 -14.39 -6.47
CA LYS B 1071 4.47 -15.75 -6.10
C LYS B 1071 3.32 -16.75 -6.07
N GLU B 1072 2.08 -16.30 -5.89
CA GLU B 1072 0.94 -17.23 -5.98
C GLU B 1072 0.96 -18.04 -7.27
N LEU B 1073 1.55 -17.51 -8.35
CA LEU B 1073 1.63 -18.26 -9.60
C LEU B 1073 2.48 -19.51 -9.47
N CYS B 1074 3.34 -19.59 -8.44
CA CYS B 1074 4.16 -20.77 -8.24
C CYS B 1074 3.32 -22.03 -8.02
N LYS B 1075 2.14 -21.88 -7.41
CA LYS B 1075 1.30 -23.05 -7.12
C LYS B 1075 0.85 -23.74 -8.41
N ILE B 1076 0.42 -22.97 -9.41
CA ILE B 1076 -0.02 -23.57 -10.66
C ILE B 1076 1.15 -24.22 -11.39
N GLY B 1077 2.37 -23.69 -11.20
CA GLY B 1077 3.53 -24.35 -11.76
C GLY B 1077 3.78 -25.71 -11.15
N GLU B 1078 3.59 -25.82 -9.83
CA GLU B 1078 3.71 -27.11 -9.16
C GLU B 1078 2.63 -28.07 -9.63
N VAL B 1079 1.41 -27.56 -9.84
CA VAL B 1079 0.34 -28.40 -10.37
C VAL B 1079 0.71 -28.91 -11.77
N ALA B 1080 1.27 -28.03 -12.60
CA ALA B 1080 1.67 -28.42 -13.94
C ALA B 1080 2.76 -29.49 -13.91
N LEU B 1081 3.75 -29.31 -13.04
CA LEU B 1081 4.81 -30.31 -12.92
C LEU B 1081 4.26 -31.65 -12.44
N ALA B 1082 3.30 -31.60 -11.50
CA ALA B 1082 2.68 -32.83 -11.04
C ALA B 1082 1.93 -33.54 -12.15
N VAL B 1083 1.22 -32.77 -12.99
CA VAL B 1083 0.49 -33.37 -14.11
C VAL B 1083 1.45 -34.00 -15.10
N ILE B 1084 2.54 -33.30 -15.43
CA ILE B 1084 3.55 -33.85 -16.33
C ILE B 1084 4.08 -35.17 -15.79
N PHE B 1085 4.45 -35.17 -14.50
CA PHE B 1085 5.03 -36.37 -13.89
C PHE B 1085 4.04 -37.53 -13.89
N ASP B 1086 2.77 -37.25 -13.56
CA ASP B 1086 1.78 -38.31 -13.50
C ASP B 1086 1.53 -38.91 -14.89
N VAL B 1087 1.40 -38.07 -15.91
CA VAL B 1087 1.15 -38.58 -17.25
C VAL B 1087 2.33 -39.39 -17.74
N ALA B 1088 3.56 -38.90 -17.51
CA ALA B 1088 4.74 -39.64 -17.93
C ALA B 1088 4.83 -40.98 -17.19
N SER B 1089 4.50 -40.99 -15.90
CA SER B 1089 4.54 -42.24 -15.14
C SER B 1089 3.52 -43.24 -15.66
N ILE B 1090 2.33 -42.77 -16.03
CA ILE B 1090 1.31 -43.67 -16.56
C ILE B 1090 1.74 -44.25 -17.90
N ILE B 1091 2.23 -43.40 -18.80
CA ILE B 1091 2.57 -43.89 -20.14
C ILE B 1091 3.80 -44.78 -20.11
N LEU B 1092 4.83 -44.38 -19.36
CA LEU B 1092 6.08 -45.13 -19.35
C LEU B 1092 6.08 -46.29 -18.36
N GLY B 1093 5.09 -46.36 -17.47
CA GLY B 1093 4.91 -47.50 -16.60
C GLY B 1093 5.46 -47.33 -15.19
N SER B 1094 6.37 -46.40 -14.98
CA SER B 1094 6.95 -46.23 -13.65
C SER B 1094 7.46 -44.79 -13.50
N LYS B 1095 7.60 -44.38 -12.24
CA LYS B 1095 8.20 -43.09 -11.95
C LYS B 1095 9.66 -43.05 -12.35
N GLU B 1096 10.38 -44.16 -12.17
CA GLU B 1096 11.78 -44.21 -12.56
C GLU B 1096 11.94 -44.05 -14.07
N ARG B 1097 11.08 -44.72 -14.85
CA ARG B 1097 11.13 -44.52 -16.30
C ARG B 1097 10.69 -43.11 -16.68
N ALA B 1098 9.73 -42.54 -15.96
CA ALA B 1098 9.26 -41.20 -16.27
C ALA B 1098 10.37 -40.17 -16.13
N CYS B 1099 11.15 -40.26 -15.05
CA CYS B 1099 12.18 -39.27 -14.79
C CYS B 1099 13.38 -39.40 -15.72
N GLN B 1100 13.49 -40.49 -16.47
CA GLN B 1100 14.56 -40.66 -17.44
C GLN B 1100 14.30 -39.93 -18.75
N LEU B 1101 13.13 -39.32 -18.91
CA LEU B 1101 12.82 -38.61 -20.14
C LEU B 1101 13.75 -37.42 -20.32
N PRO B 1102 14.17 -37.11 -21.54
CA PRO B 1102 14.94 -35.87 -21.78
C PRO B 1102 14.19 -34.62 -21.38
N LEU B 1103 12.86 -34.66 -21.44
CA LEU B 1103 12.03 -33.54 -21.02
C LEU B 1103 12.35 -33.13 -19.59
N PHE B 1104 12.65 -34.09 -18.73
CA PHE B 1104 12.96 -33.76 -17.34
C PHE B 1104 14.34 -33.13 -17.20
N SER B 1105 15.28 -33.46 -18.08
CA SER B 1105 16.54 -32.74 -18.11
C SER B 1105 16.35 -31.29 -18.55
N TYR B 1106 15.47 -31.07 -19.53
CA TYR B 1106 15.11 -29.69 -19.86
C TYR B 1106 14.44 -29.00 -18.68
N ILE B 1107 13.60 -29.71 -17.95
CA ILE B 1107 12.91 -29.11 -16.81
C ILE B 1107 13.92 -28.66 -15.77
N VAL B 1108 14.91 -29.51 -15.48
CA VAL B 1108 15.94 -29.18 -14.52
C VAL B 1108 16.72 -27.95 -14.96
N GLU B 1109 17.19 -27.94 -16.21
CA GLU B 1109 18.01 -26.82 -16.65
C GLU B 1109 17.21 -25.52 -16.73
N ARG B 1110 15.98 -25.58 -17.21
CA ARG B 1110 15.15 -24.39 -17.34
C ARG B 1110 14.71 -23.83 -15.99
N LEU B 1111 14.35 -24.69 -15.04
CA LEU B 1111 13.95 -24.18 -13.72
C LEU B 1111 15.13 -23.69 -12.88
N CYS B 1112 16.28 -24.37 -12.98
CA CYS B 1112 17.47 -23.89 -12.28
C CYS B 1112 18.00 -22.57 -12.85
N ALA B 1113 17.79 -22.32 -14.15
CA ALA B 1113 18.15 -21.03 -14.73
C ALA B 1113 17.47 -19.85 -14.03
N CYS B 1114 16.27 -20.06 -13.49
CA CYS B 1114 15.61 -19.02 -12.70
C CYS B 1114 16.47 -18.57 -11.52
N CYS B 1115 17.22 -19.49 -10.90
CA CYS B 1115 18.13 -19.12 -9.82
C CYS B 1115 19.23 -18.17 -10.27
N TYR B 1116 19.69 -18.29 -11.51
CA TYR B 1116 20.69 -17.36 -12.02
C TYR B 1116 20.11 -15.99 -12.38
N GLU B 1117 18.83 -15.93 -12.75
CA GLU B 1117 18.19 -14.65 -13.04
C GLU B 1117 18.37 -13.65 -11.91
N GLN B 1118 18.43 -12.37 -12.30
CA GLN B 1118 18.85 -11.29 -11.40
C GLN B 1118 17.85 -11.03 -10.27
N ALA B 1119 16.56 -10.99 -10.60
CA ALA B 1119 15.55 -10.64 -9.60
C ALA B 1119 15.48 -11.66 -8.48
N TRP B 1120 15.18 -11.17 -7.26
CA TRP B 1120 14.98 -12.07 -6.14
C TRP B 1120 13.78 -12.99 -6.33
N TYR B 1121 12.72 -12.51 -7.00
CA TYR B 1121 11.54 -13.36 -7.15
C TYR B 1121 11.79 -14.47 -8.16
N ALA B 1122 12.55 -14.21 -9.21
CA ALA B 1122 12.94 -15.27 -10.14
C ALA B 1122 13.79 -16.32 -9.44
N LYS B 1123 14.78 -15.88 -8.67
CA LYS B 1123 15.59 -16.76 -7.84
C LYS B 1123 14.72 -17.61 -6.93
N LEU B 1124 13.79 -16.98 -6.22
CA LEU B 1124 12.89 -17.69 -5.31
C LEU B 1124 12.03 -18.71 -6.06
N GLY B 1125 11.56 -18.38 -7.26
CA GLY B 1125 10.87 -19.36 -8.06
C GLY B 1125 11.73 -20.56 -8.41
N GLY B 1126 13.00 -20.31 -8.72
CA GLY B 1126 13.92 -21.41 -8.95
C GLY B 1126 14.10 -22.29 -7.73
N VAL B 1127 14.25 -21.66 -6.56
CA VAL B 1127 14.36 -22.40 -5.29
C VAL B 1127 13.11 -23.24 -5.04
N VAL B 1128 11.93 -22.66 -5.27
CA VAL B 1128 10.68 -23.40 -5.04
C VAL B 1128 10.57 -24.58 -5.98
N SER B 1129 10.96 -24.38 -7.26
CA SER B 1129 10.96 -25.49 -8.21
C SER B 1129 11.90 -26.59 -7.76
N ILE B 1130 13.10 -26.22 -7.27
CA ILE B 1130 14.05 -27.22 -6.82
C ILE B 1130 13.49 -28.01 -5.64
N LYS B 1131 12.87 -27.31 -4.69
CA LYS B 1131 12.29 -28.00 -3.54
C LYS B 1131 11.18 -28.96 -3.96
N PHE B 1132 10.31 -28.52 -4.87
CA PHE B 1132 9.23 -29.38 -5.33
C PHE B 1132 9.79 -30.63 -6.03
N LEU B 1133 10.76 -30.43 -6.92
CA LEU B 1133 11.33 -31.56 -7.66
C LEU B 1133 12.03 -32.54 -6.72
N MET B 1134 12.79 -32.02 -5.76
CA MET B 1134 13.46 -32.91 -4.82
C MET B 1134 12.47 -33.64 -3.92
N GLU B 1135 11.32 -33.02 -3.64
CA GLU B 1135 10.31 -33.70 -2.82
C GLU B 1135 9.63 -34.82 -3.60
N ARG B 1136 9.36 -34.60 -4.89
CA ARG B 1136 8.47 -35.51 -5.61
C ARG B 1136 9.19 -36.65 -6.32
N LEU B 1137 10.22 -36.33 -7.09
CA LEU B 1137 10.81 -37.29 -8.02
C LEU B 1137 11.65 -38.33 -7.29
N PRO B 1138 11.89 -39.48 -7.92
CA PRO B 1138 12.60 -40.58 -7.23
C PRO B 1138 14.00 -40.20 -6.78
N LEU B 1139 14.50 -40.98 -5.83
CA LEU B 1139 15.78 -40.68 -5.18
C LEU B 1139 16.94 -40.75 -6.16
N THR B 1140 16.94 -41.73 -7.06
CA THR B 1140 18.03 -41.86 -8.02
C THR B 1140 18.13 -40.63 -8.92
N TRP B 1141 16.98 -40.14 -9.38
CA TRP B 1141 16.96 -38.94 -10.21
C TRP B 1141 17.47 -37.73 -9.44
N VAL B 1142 17.10 -37.62 -8.17
CA VAL B 1142 17.55 -36.50 -7.35
C VAL B 1142 19.06 -36.58 -7.11
N LEU B 1143 19.58 -37.79 -6.91
CA LEU B 1143 21.02 -37.96 -6.75
C LEU B 1143 21.76 -37.61 -8.02
N GLN B 1144 21.18 -37.92 -9.18
CA GLN B 1144 21.81 -37.56 -10.45
C GLN B 1144 21.89 -36.05 -10.61
N ASN B 1145 20.90 -35.31 -10.13
CA ASN B 1145 20.82 -33.88 -10.34
C ASN B 1145 21.18 -33.07 -9.09
N GLN B 1146 21.74 -33.72 -8.07
CA GLN B 1146 22.00 -33.04 -6.80
C GLN B 1146 23.01 -31.91 -6.94
N GLN B 1147 24.04 -32.12 -7.76
CA GLN B 1147 25.07 -31.09 -7.91
C GLN B 1147 24.55 -29.85 -8.64
N THR B 1148 23.67 -30.03 -9.61
CA THR B 1148 23.04 -28.89 -10.27
C THR B 1148 22.20 -28.08 -9.29
N PHE B 1149 21.41 -28.76 -8.45
CA PHE B 1149 20.62 -28.07 -7.44
C PHE B 1149 21.51 -27.36 -6.44
N LEU B 1150 22.59 -28.01 -6.03
CA LEU B 1150 23.53 -27.41 -5.07
C LEU B 1150 24.13 -26.12 -5.65
N LYS B 1151 24.58 -26.17 -6.91
CA LYS B 1151 25.15 -24.98 -7.52
C LYS B 1151 24.11 -23.87 -7.65
N ALA B 1152 22.87 -24.22 -8.00
CA ALA B 1152 21.83 -23.20 -8.11
C ALA B 1152 21.55 -22.55 -6.75
N LEU B 1153 21.42 -23.35 -5.70
CA LEU B 1153 21.12 -22.82 -4.38
C LEU B 1153 22.26 -21.98 -3.84
N LEU B 1154 23.50 -22.43 -4.04
CA LEU B 1154 24.66 -21.65 -3.60
C LEU B 1154 24.75 -20.34 -4.37
N PHE B 1155 24.38 -20.35 -5.66
CA PHE B 1155 24.38 -19.10 -6.41
C PHE B 1155 23.31 -18.15 -5.92
N VAL B 1156 22.15 -18.68 -5.55
CA VAL B 1156 21.13 -17.84 -4.90
C VAL B 1156 21.69 -17.20 -3.64
N MET B 1157 22.36 -17.98 -2.81
CA MET B 1157 22.91 -17.43 -1.57
C MET B 1157 23.98 -16.38 -1.85
N MET B 1158 24.81 -16.60 -2.87
CA MET B 1158 25.91 -15.68 -3.16
C MET B 1158 25.40 -14.38 -3.77
N ASP B 1159 24.48 -14.46 -4.74
CA ASP B 1159 24.14 -13.31 -5.55
C ASP B 1159 23.30 -12.28 -4.80
N LEU B 1160 22.47 -12.71 -3.86
CA LEU B 1160 21.69 -11.80 -3.04
C LEU B 1160 22.44 -11.28 -1.81
N THR B 1161 23.72 -11.58 -1.69
CA THR B 1161 24.51 -11.03 -0.60
C THR B 1161 24.55 -9.51 -0.68
N GLY B 1162 24.06 -8.86 0.38
CA GLY B 1162 24.00 -7.42 0.44
C GLY B 1162 22.79 -6.80 -0.21
N GLU B 1163 21.88 -7.59 -0.75
CA GLU B 1163 20.67 -7.12 -1.38
C GLU B 1163 19.47 -7.44 -0.50
N VAL B 1164 18.34 -6.82 -0.82
CA VAL B 1164 17.09 -7.14 -0.14
C VAL B 1164 16.53 -8.40 -0.78
N SER B 1165 16.57 -9.51 -0.05
CA SER B 1165 15.98 -10.76 -0.46
C SER B 1165 14.80 -11.03 0.45
N ASN B 1166 13.60 -11.13 -0.13
CA ASN B 1166 12.38 -11.33 0.63
C ASN B 1166 12.26 -12.81 1.00
N GLY B 1167 13.20 -13.26 1.83
CA GLY B 1167 13.25 -14.63 2.27
C GLY B 1167 13.85 -15.61 1.27
N ALA B 1168 14.39 -15.13 0.15
CA ALA B 1168 14.96 -16.04 -0.84
C ALA B 1168 16.18 -16.78 -0.30
N VAL B 1169 17.05 -16.08 0.42
CA VAL B 1169 18.25 -16.71 0.97
C VAL B 1169 17.88 -17.73 2.04
N ALA B 1170 16.93 -17.39 2.92
CA ALA B 1170 16.49 -18.33 3.95
C ALA B 1170 15.86 -19.57 3.32
N MET B 1171 15.02 -19.37 2.30
CA MET B 1171 14.42 -20.51 1.61
C MET B 1171 15.48 -21.36 0.92
N ALA B 1172 16.50 -20.71 0.34
CA ALA B 1172 17.60 -21.46 -0.27
C ALA B 1172 18.34 -22.29 0.76
N LYS B 1173 18.59 -21.74 1.94
CA LYS B 1173 19.29 -22.48 2.99
C LYS B 1173 18.48 -23.70 3.43
N THR B 1174 17.19 -23.49 3.68
CA THR B 1174 16.33 -24.60 4.09
C THR B 1174 16.27 -25.67 3.00
N THR B 1175 16.14 -25.25 1.75
CA THR B 1175 16.08 -26.18 0.63
C THR B 1175 17.37 -26.96 0.49
N LEU B 1176 18.51 -26.29 0.66
CA LEU B 1176 19.79 -26.98 0.57
C LEU B 1176 19.96 -28.01 1.68
N GLU B 1177 19.59 -27.65 2.90
CA GLU B 1177 19.67 -28.61 4.00
C GLU B 1177 18.78 -29.81 3.77
N GLN B 1178 17.54 -29.58 3.30
CA GLN B 1178 16.64 -30.68 2.99
C GLN B 1178 17.18 -31.56 1.86
N LEU B 1179 17.74 -30.97 0.82
CA LEU B 1179 18.31 -31.73 -0.29
C LEU B 1179 19.45 -32.62 0.20
N LEU B 1180 20.38 -32.04 0.96
CA LEU B 1180 21.49 -32.81 1.49
C LEU B 1180 21.02 -33.93 2.39
N MET B 1181 20.05 -33.66 3.27
CA MET B 1181 19.53 -34.71 4.13
C MET B 1181 18.89 -35.85 3.33
N ARG B 1182 18.07 -35.53 2.33
CA ARG B 1182 17.45 -36.59 1.54
C ARG B 1182 18.49 -37.44 0.83
N CYS B 1183 19.46 -36.80 0.18
CA CYS B 1183 20.43 -37.55 -0.61
C CYS B 1183 21.40 -38.34 0.25
N ALA B 1184 21.91 -37.74 1.33
CA ALA B 1184 22.91 -38.39 2.18
C ALA B 1184 22.32 -39.51 3.04
N THR B 1185 21.06 -39.43 3.43
CA THR B 1185 20.44 -40.41 4.30
C THR B 1185 20.72 -41.84 3.84
N PRO B 1186 21.38 -42.67 4.66
CA PRO B 1186 21.82 -43.99 4.19
C PRO B 1186 20.65 -44.90 3.87
N LEU B 1187 20.80 -45.64 2.77
CA LEU B 1187 19.75 -46.55 2.34
C LEU B 1187 19.60 -47.72 3.30
N LYS B 1188 18.36 -48.17 3.48
CA LYS B 1188 18.10 -49.33 4.32
C LYS B 1188 18.64 -50.59 3.65
N ASP B 1189 18.74 -51.66 4.44
CA ASP B 1189 19.25 -52.93 3.92
C ASP B 1189 18.38 -53.46 2.80
N GLU B 1190 17.08 -53.19 2.83
CA GLU B 1190 16.18 -53.61 1.76
C GLU B 1190 16.29 -52.72 0.53
N GLU B 1191 16.74 -51.48 0.69
CA GLU B 1191 16.83 -50.53 -0.42
C GLU B 1191 18.20 -50.51 -1.07
N ARG B 1192 19.17 -51.27 -0.57
CA ARG B 1192 20.55 -51.18 -1.03
C ARG B 1192 20.74 -52.00 -2.31
N ALA B 1193 20.15 -51.51 -3.38
CA ALA B 1193 20.49 -52.01 -4.71
C ALA B 1193 21.84 -51.46 -5.15
N GLU B 1194 22.46 -52.14 -6.10
CA GLU B 1194 23.77 -51.71 -6.58
C GLU B 1194 23.69 -50.34 -7.25
N GLU B 1195 22.69 -50.13 -8.10
CA GLU B 1195 22.60 -48.89 -8.85
C GLU B 1195 22.36 -47.70 -7.94
N ILE B 1196 21.46 -47.83 -6.96
CA ILE B 1196 21.17 -46.70 -6.08
C ILE B 1196 22.36 -46.40 -5.19
N VAL B 1197 23.07 -47.44 -4.73
CA VAL B 1197 24.24 -47.23 -3.89
C VAL B 1197 25.34 -46.52 -4.68
N ALA B 1198 25.60 -46.97 -5.90
CA ALA B 1198 26.62 -46.34 -6.73
C ALA B 1198 26.25 -44.88 -7.03
N ALA B 1199 24.99 -44.63 -7.36
CA ALA B 1199 24.55 -43.26 -7.62
C ALA B 1199 24.71 -42.39 -6.39
N GLN B 1200 24.35 -42.91 -5.23
CA GLN B 1200 24.48 -42.14 -3.99
C GLN B 1200 25.93 -41.82 -3.68
N GLU B 1201 26.83 -42.80 -3.88
CA GLU B 1201 28.24 -42.56 -3.62
C GLU B 1201 28.81 -41.51 -4.57
N LYS B 1202 28.47 -41.60 -5.86
CA LYS B 1202 28.97 -40.63 -6.83
C LYS B 1202 28.46 -39.23 -6.51
N SER B 1203 27.16 -39.11 -6.21
CA SER B 1203 26.58 -37.81 -5.89
C SER B 1203 27.18 -37.24 -4.62
N PHE B 1204 27.37 -38.08 -3.60
CA PHE B 1204 27.97 -37.62 -2.36
C PHE B 1204 29.39 -37.13 -2.58
N HIS B 1205 30.17 -37.85 -3.40
CA HIS B 1205 31.51 -37.40 -3.73
C HIS B 1205 31.49 -36.01 -4.37
N HIS B 1206 30.66 -35.83 -5.39
CA HIS B 1206 30.63 -34.54 -6.09
C HIS B 1206 30.12 -33.41 -5.20
N VAL B 1207 29.13 -33.68 -4.34
CA VAL B 1207 28.61 -32.64 -3.49
C VAL B 1207 29.60 -32.25 -2.40
N THR B 1208 30.27 -33.23 -1.79
CA THR B 1208 31.27 -32.90 -0.78
C THR B 1208 32.45 -32.17 -1.41
N HIS B 1209 32.81 -32.52 -2.65
CA HIS B 1209 33.82 -31.77 -3.37
C HIS B 1209 33.42 -30.31 -3.51
N ASP B 1210 32.18 -30.05 -3.92
CA ASP B 1210 31.76 -28.67 -4.08
C ASP B 1210 31.72 -27.93 -2.74
N LEU B 1211 31.26 -28.61 -1.68
CA LEU B 1211 31.17 -27.96 -0.38
C LEU B 1211 32.53 -27.62 0.21
N VAL B 1212 33.50 -28.52 0.08
CA VAL B 1212 34.82 -28.28 0.65
C VAL B 1212 35.52 -27.11 -0.03
N ARG B 1213 35.33 -26.95 -1.34
CA ARG B 1213 35.86 -25.79 -2.04
C ARG B 1213 35.27 -24.48 -1.54
N GLU B 1214 34.01 -24.48 -1.13
CA GLU B 1214 33.39 -23.28 -0.56
C GLU B 1214 33.91 -22.91 0.83
N VAL B 1215 34.53 -23.84 1.55
CA VAL B 1215 34.94 -23.62 2.93
C VAL B 1215 35.79 -22.36 3.10
N THR B 1216 36.57 -21.99 2.09
CA THR B 1216 37.36 -20.77 2.14
C THR B 1216 36.75 -19.59 1.38
N SER B 1217 35.49 -19.70 0.97
CA SER B 1217 34.91 -18.71 0.07
C SER B 1217 34.95 -17.31 0.68
N PRO B 1218 35.25 -16.28 -0.13
CA PRO B 1218 35.12 -14.90 0.35
C PRO B 1218 33.71 -14.53 0.77
N ASN B 1219 32.70 -15.20 0.22
CA ASN B 1219 31.31 -14.89 0.53
C ASN B 1219 30.94 -15.52 1.87
N SER B 1220 30.65 -14.68 2.86
CA SER B 1220 30.43 -15.16 4.22
C SER B 1220 29.23 -16.10 4.30
N THR B 1221 28.15 -15.78 3.58
CA THR B 1221 26.97 -16.63 3.57
C THR B 1221 27.28 -18.00 2.99
N VAL B 1222 27.94 -18.03 1.83
CA VAL B 1222 28.24 -19.31 1.19
C VAL B 1222 29.24 -20.10 2.03
N ARG B 1223 30.25 -19.44 2.59
CA ARG B 1223 31.21 -20.11 3.46
C ARG B 1223 30.53 -20.75 4.67
N LYS B 1224 29.71 -19.98 5.38
CA LYS B 1224 29.05 -20.51 6.57
C LYS B 1224 28.07 -21.61 6.20
N GLN B 1225 27.37 -21.48 5.07
CA GLN B 1225 26.47 -22.54 4.64
C GLN B 1225 27.23 -23.80 4.25
N ALA B 1226 28.40 -23.67 3.65
CA ALA B 1226 29.22 -24.85 3.34
C ALA B 1226 29.67 -25.55 4.61
N MET B 1227 30.12 -24.79 5.61
CA MET B 1227 30.52 -25.39 6.88
C MET B 1227 29.34 -26.10 7.56
N HIS B 1228 28.19 -25.43 7.57
CA HIS B 1228 26.98 -26.02 8.15
C HIS B 1228 26.56 -27.26 7.37
N SER B 1229 26.71 -27.23 6.04
CA SER B 1229 26.33 -28.35 5.21
C SER B 1229 27.23 -29.56 5.46
N LEU B 1230 28.53 -29.32 5.61
CA LEU B 1230 29.43 -30.43 5.93
C LEU B 1230 29.07 -31.04 7.29
N GLN B 1231 28.75 -30.20 8.26
CA GLN B 1231 28.33 -30.73 9.56
C GLN B 1231 27.02 -31.51 9.45
N VAL B 1232 26.07 -31.00 8.67
CA VAL B 1232 24.81 -31.70 8.44
C VAL B 1232 25.04 -33.06 7.78
N LEU B 1233 25.91 -33.10 6.76
CA LEU B 1233 26.27 -34.37 6.13
C LEU B 1233 26.90 -35.33 7.12
N ALA B 1234 27.76 -34.82 8.01
CA ALA B 1234 28.38 -35.70 9.00
C ALA B 1234 27.33 -36.26 9.96
N GLN B 1235 26.36 -35.43 10.34
CA GLN B 1235 25.31 -35.88 11.25
C GLN B 1235 24.38 -36.90 10.58
N VAL B 1236 24.04 -36.69 9.32
CA VAL B 1236 23.15 -37.60 8.61
C VAL B 1236 23.84 -38.93 8.31
N THR B 1237 25.05 -38.88 7.75
CA THR B 1237 25.76 -40.13 7.44
C THR B 1237 26.21 -40.86 8.69
N GLY B 1238 26.49 -40.15 9.77
CA GLY B 1238 27.13 -40.71 10.94
C GLY B 1238 28.63 -40.71 10.88
N LYS B 1239 29.22 -40.34 9.75
CA LYS B 1239 30.65 -40.17 9.63
C LYS B 1239 31.06 -38.85 10.27
N SER B 1240 32.37 -38.66 10.42
CA SER B 1240 32.89 -37.42 10.96
C SER B 1240 33.19 -36.44 9.81
N VAL B 1241 33.28 -35.16 10.17
CA VAL B 1241 33.54 -34.14 9.17
C VAL B 1241 34.90 -34.38 8.51
N THR B 1242 35.88 -34.82 9.29
CA THR B 1242 37.20 -35.09 8.73
C THR B 1242 37.15 -36.23 7.71
N VAL B 1243 36.43 -37.30 8.03
CA VAL B 1243 36.33 -38.44 7.11
C VAL B 1243 35.66 -38.01 5.82
N ILE B 1244 34.62 -37.19 5.92
CA ILE B 1244 33.94 -36.68 4.73
C ILE B 1244 34.87 -35.80 3.91
N MET B 1245 35.62 -34.92 4.57
CA MET B 1245 36.51 -33.98 3.90
C MET B 1245 37.82 -34.60 3.44
N GLU B 1246 38.14 -35.82 3.88
CA GLU B 1246 39.47 -36.38 3.62
C GLU B 1246 39.81 -36.57 2.15
N PRO B 1247 38.99 -37.19 1.31
CA PRO B 1247 39.39 -37.35 -0.10
C PRO B 1247 39.51 -36.05 -0.86
N HIS B 1248 38.76 -35.03 -0.46
CA HIS B 1248 38.77 -33.73 -1.12
C HIS B 1248 39.97 -32.85 -0.78
N LYS B 1249 40.54 -33.00 0.41
CA LYS B 1249 41.42 -31.99 1.01
C LYS B 1249 42.52 -31.50 0.08
N GLU B 1250 42.83 -32.24 -0.98
CA GLU B 1250 43.64 -31.70 -2.07
C GLU B 1250 43.19 -30.31 -2.51
N VAL B 1251 41.88 -30.08 -2.60
CA VAL B 1251 41.39 -28.77 -3.02
C VAL B 1251 41.68 -27.68 -2.00
N LEU B 1252 41.99 -28.04 -0.76
CA LEU B 1252 42.37 -27.07 0.26
C LEU B 1252 43.87 -26.83 0.36
N GLN B 1253 44.69 -27.63 -0.32
CA GLN B 1253 46.14 -27.61 -0.08
C GLN B 1253 46.76 -26.23 -0.36
N ASP B 1254 46.23 -25.48 -1.32
CA ASP B 1254 46.70 -24.13 -1.55
C ASP B 1254 46.15 -23.11 -0.56
N MET B 1255 45.14 -23.46 0.21
CA MET B 1255 44.39 -22.51 1.02
C MET B 1255 44.61 -22.69 2.51
N VAL B 1256 44.90 -23.90 2.96
CA VAL B 1256 45.03 -24.21 4.38
C VAL B 1256 46.42 -24.78 4.62
N PRO B 1257 47.42 -23.96 4.98
CA PRO B 1257 47.42 -22.49 5.04
C PRO B 1257 47.65 -21.81 3.69
N PRO B 1258 47.37 -20.52 3.58
CA PRO B 1258 47.54 -19.82 2.29
C PRO B 1258 48.98 -19.87 1.81
N LYS B 1259 49.18 -20.45 0.63
CA LYS B 1259 50.50 -20.58 0.04
C LYS B 1259 50.81 -19.46 -0.95
N LYS B 1260 50.01 -19.32 -1.99
CA LYS B 1260 50.41 -18.64 -3.21
C LYS B 1260 50.32 -17.12 -3.12
N HIS B 1261 49.65 -16.56 -2.11
CA HIS B 1261 49.60 -15.12 -1.94
C HIS B 1261 49.79 -14.76 -0.48
N LEU B 1262 50.47 -13.65 -0.22
CA LEU B 1262 50.43 -13.05 1.10
C LEU B 1262 49.04 -12.49 1.37
N LEU B 1263 48.59 -12.62 2.62
CA LEU B 1263 47.28 -12.09 3.00
C LEU B 1263 47.19 -10.59 2.80
N ARG B 1264 48.29 -9.87 3.01
CA ARG B 1264 48.34 -8.43 2.77
C ARG B 1264 47.94 -8.06 1.34
N HIS B 1265 48.29 -8.90 0.36
CA HIS B 1265 47.86 -8.64 -1.01
C HIS B 1265 46.39 -8.94 -1.24
N GLN B 1266 45.82 -9.88 -0.50
CA GLN B 1266 44.44 -10.25 -0.74
C GLN B 1266 43.46 -9.25 -0.13
N PRO B 1267 42.27 -9.13 -0.70
CA PRO B 1267 41.23 -8.30 -0.08
C PRO B 1267 40.74 -8.87 1.24
N ALA B 1268 40.16 -7.97 2.04
CA ALA B 1268 39.79 -8.31 3.41
C ALA B 1268 38.78 -9.44 3.47
N ASN B 1269 37.81 -9.46 2.55
CA ASN B 1269 36.83 -10.53 2.55
C ASN B 1269 37.49 -11.88 2.26
N ALA B 1270 38.43 -11.91 1.30
CA ALA B 1270 39.16 -13.14 1.02
C ALA B 1270 40.01 -13.56 2.21
N GLN B 1271 40.65 -12.59 2.87
CA GLN B 1271 41.44 -12.89 4.06
C GLN B 1271 40.59 -13.54 5.14
N ILE B 1272 39.41 -12.95 5.41
CA ILE B 1272 38.51 -13.51 6.42
C ILE B 1272 38.03 -14.90 6.01
N GLY B 1273 37.74 -15.10 4.73
CA GLY B 1273 37.35 -16.43 4.27
C GLY B 1273 38.43 -17.48 4.47
N LEU B 1274 39.68 -17.12 4.16
CA LEU B 1274 40.79 -18.05 4.38
C LEU B 1274 41.02 -18.31 5.87
N MET B 1275 40.97 -17.27 6.69
CA MET B 1275 41.17 -17.48 8.13
C MET B 1275 40.07 -18.33 8.74
N GLU B 1276 38.81 -18.09 8.36
CA GLU B 1276 37.72 -18.92 8.87
C GLU B 1276 37.82 -20.35 8.37
N GLY B 1277 38.14 -20.56 7.09
CA GLY B 1277 38.34 -21.91 6.60
C GLY B 1277 39.47 -22.66 7.29
N ASN B 1278 40.56 -21.94 7.58
CA ASN B 1278 41.64 -22.53 8.37
C ASN B 1278 41.18 -22.89 9.77
N THR B 1279 40.45 -22.00 10.43
CA THR B 1279 39.89 -22.30 11.74
C THR B 1279 39.02 -23.55 11.70
N PHE B 1280 38.18 -23.66 10.67
CA PHE B 1280 37.27 -24.79 10.55
C PHE B 1280 38.02 -26.09 10.36
N CYS B 1281 38.95 -26.14 9.40
CA CYS B 1281 39.69 -27.36 9.13
C CYS B 1281 40.56 -27.78 10.32
N THR B 1282 41.24 -26.83 10.97
CA THR B 1282 42.10 -27.15 12.10
C THR B 1282 41.33 -27.51 13.37
N THR B 1283 40.12 -26.96 13.56
CA THR B 1283 39.36 -27.26 14.77
C THR B 1283 38.63 -28.61 14.73
N LEU B 1284 38.60 -29.29 13.59
CA LEU B 1284 37.96 -30.60 13.52
C LEU B 1284 38.59 -31.58 14.50
N GLN B 1285 37.77 -32.53 14.97
CA GLN B 1285 38.17 -33.37 16.11
C GLN B 1285 39.42 -34.19 15.80
N PRO B 1286 39.45 -35.03 14.75
CA PRO B 1286 40.75 -35.32 14.13
C PRO B 1286 41.04 -34.26 13.09
N ARG B 1287 42.11 -33.49 13.28
CA ARG B 1287 42.36 -32.34 12.42
C ARG B 1287 42.58 -32.77 10.98
N LEU B 1288 41.92 -32.08 10.06
CA LEU B 1288 42.12 -32.34 8.64
C LEU B 1288 43.49 -31.86 8.19
N PHE B 1289 43.94 -30.73 8.73
CA PHE B 1289 45.30 -30.23 8.52
C PHE B 1289 45.88 -29.87 9.87
N THR B 1290 47.12 -30.29 10.11
CA THR B 1290 47.86 -29.94 11.31
C THR B 1290 49.00 -29.01 10.93
N MET B 1291 48.97 -27.79 11.46
CA MET B 1291 49.99 -26.81 11.12
C MET B 1291 51.33 -27.18 11.76
N ASP B 1292 52.40 -27.04 11.00
CA ASP B 1292 53.76 -27.33 11.45
C ASP B 1292 54.59 -26.08 11.21
N LEU B 1293 55.04 -25.44 12.29
CA LEU B 1293 55.74 -24.16 12.17
C LEU B 1293 57.09 -24.29 11.48
N ASN B 1294 57.63 -25.50 11.36
CA ASN B 1294 58.85 -25.68 10.58
C ASN B 1294 58.63 -25.46 9.10
N VAL B 1295 57.40 -25.63 8.61
CA VAL B 1295 57.07 -25.39 7.21
C VAL B 1295 56.96 -23.89 6.98
N VAL B 1296 57.62 -23.39 5.94
CA VAL B 1296 57.77 -21.96 5.74
C VAL B 1296 56.41 -21.28 5.62
N GLU B 1297 55.52 -21.84 4.80
CA GLU B 1297 54.22 -21.21 4.59
C GLU B 1297 53.41 -21.18 5.87
N HIS B 1298 53.57 -22.21 6.71
CA HIS B 1298 52.82 -22.27 7.97
C HIS B 1298 53.33 -21.21 8.95
N LYS B 1299 54.64 -21.06 9.06
CA LYS B 1299 55.22 -20.01 9.89
C LYS B 1299 54.83 -18.63 9.39
N VAL B 1300 54.81 -18.42 8.08
CA VAL B 1300 54.38 -17.13 7.52
C VAL B 1300 52.94 -16.84 7.91
N PHE B 1301 52.03 -17.79 7.70
CA PHE B 1301 50.64 -17.59 8.07
C PHE B 1301 50.48 -17.31 9.56
N TYR B 1302 51.18 -18.09 10.40
CA TYR B 1302 51.12 -17.86 11.84
C TYR B 1302 51.64 -16.49 12.25
N THR B 1303 52.74 -16.04 11.62
CA THR B 1303 53.27 -14.73 11.91
C THR B 1303 52.32 -13.63 11.47
N GLU B 1304 51.66 -13.81 10.33
CA GLU B 1304 50.68 -12.84 9.87
C GLU B 1304 49.50 -12.75 10.84
N LEU B 1305 49.04 -13.91 11.33
CA LEU B 1305 47.96 -13.90 12.32
C LEU B 1305 48.38 -13.20 13.60
N LEU B 1306 49.60 -13.44 14.06
CA LEU B 1306 50.09 -12.78 15.26
C LEU B 1306 50.18 -11.27 15.06
N ASN B 1307 50.74 -10.85 13.92
CA ASN B 1307 50.87 -9.42 13.64
C ASN B 1307 49.51 -8.76 13.55
N LEU B 1308 48.54 -9.43 12.93
CA LEU B 1308 47.20 -8.86 12.81
C LEU B 1308 46.54 -8.74 14.17
N CYS B 1309 46.74 -9.72 15.06
CA CYS B 1309 46.15 -9.64 16.39
C CYS B 1309 46.81 -8.55 17.23
N GLU B 1310 48.12 -8.35 17.06
CA GLU B 1310 48.84 -7.45 17.96
C GLU B 1310 48.92 -6.02 17.45
N ALA B 1311 48.91 -5.80 16.14
CA ALA B 1311 49.22 -4.48 15.60
C ALA B 1311 48.14 -3.47 15.95
N GLU B 1312 48.53 -2.20 15.97
CA GLU B 1312 47.60 -1.12 16.23
C GLU B 1312 46.70 -0.89 15.03
N ASP B 1313 45.56 -0.25 15.30
CA ASP B 1313 44.59 0.04 14.24
C ASP B 1313 45.14 1.03 13.21
N SER B 1314 45.98 1.97 13.64
CA SER B 1314 46.60 2.89 12.69
C SER B 1314 47.64 2.18 11.83
N ALA B 1315 48.38 1.23 12.40
CA ALA B 1315 49.34 0.48 11.61
C ALA B 1315 48.65 -0.41 10.58
N LEU B 1316 47.46 -0.91 10.90
CA LEU B 1316 46.68 -1.67 9.92
C LEU B 1316 46.06 -0.75 8.87
N THR B 1317 45.64 0.44 9.26
CA THR B 1317 44.94 1.33 8.34
C THR B 1317 45.83 1.74 7.17
N LYS B 1318 47.12 2.00 7.44
CA LYS B 1318 48.02 2.41 6.37
C LYS B 1318 48.21 1.31 5.33
N LEU B 1319 48.00 0.05 5.70
CA LEU B 1319 48.04 -1.02 4.72
C LEU B 1319 46.87 -0.86 3.75
N PRO B 1320 47.12 -0.92 2.43
CA PRO B 1320 46.05 -0.62 1.47
C PRO B 1320 44.82 -1.50 1.57
N CYS B 1321 44.99 -2.80 1.88
CA CYS B 1321 43.85 -3.70 1.89
C CYS B 1321 42.86 -3.38 3.01
N TYR B 1322 43.34 -2.91 4.16
CA TYR B 1322 42.46 -2.49 5.25
C TYR B 1322 41.91 -1.07 5.09
N LYS B 1323 42.55 -0.24 4.25
CA LYS B 1323 42.35 1.21 4.30
C LYS B 1323 40.89 1.63 4.15
N SER B 1324 40.01 0.75 3.68
CA SER B 1324 38.64 1.11 3.39
C SER B 1324 37.61 0.40 4.25
N LEU B 1325 38.03 -0.49 5.14
CA LEU B 1325 37.10 -1.18 6.03
C LEU B 1325 36.39 -0.18 6.93
N PRO B 1326 35.06 -0.29 7.09
CA PRO B 1326 34.41 0.51 8.14
C PRO B 1326 34.91 0.18 9.53
N SER B 1327 35.22 -1.08 9.80
CA SER B 1327 35.82 -1.46 11.06
C SER B 1327 36.76 -2.65 10.84
N LEU B 1328 37.94 -2.57 11.46
CA LEU B 1328 38.88 -3.68 11.49
C LEU B 1328 38.38 -4.85 12.34
N VAL B 1329 37.38 -4.64 13.19
CA VAL B 1329 37.05 -5.62 14.23
C VAL B 1329 36.69 -6.99 13.68
N PRO B 1330 35.89 -7.14 12.62
CA PRO B 1330 35.67 -8.51 12.09
C PRO B 1330 36.94 -9.21 11.64
N LEU B 1331 37.87 -8.47 11.05
CA LEU B 1331 39.16 -9.05 10.68
C LEU B 1331 39.94 -9.46 11.91
N ARG B 1332 39.90 -8.63 12.97
CA ARG B 1332 40.65 -8.95 14.17
C ARG B 1332 40.07 -10.18 14.84
N ILE B 1333 38.75 -10.31 14.82
CA ILE B 1333 38.10 -11.46 15.44
C ILE B 1333 38.41 -12.73 14.66
N ALA B 1334 38.38 -12.66 13.32
CA ALA B 1334 38.74 -13.83 12.53
C ALA B 1334 40.19 -14.24 12.76
N ALA B 1335 41.09 -13.26 12.87
CA ALA B 1335 42.48 -13.58 13.15
C ALA B 1335 42.65 -14.20 14.54
N LEU B 1336 41.93 -13.68 15.53
CA LEU B 1336 42.00 -14.23 16.87
C LEU B 1336 41.46 -15.65 16.91
N ASN B 1337 40.37 -15.92 16.20
CA ASN B 1337 39.82 -17.27 16.15
C ASN B 1337 40.78 -18.23 15.47
N ALA B 1338 41.42 -17.80 14.38
CA ALA B 1338 42.39 -18.66 13.72
C ALA B 1338 43.63 -18.89 14.57
N LEU B 1339 44.03 -17.90 15.37
CA LEU B 1339 45.17 -18.07 16.26
C LEU B 1339 44.85 -19.01 17.42
N ALA B 1340 43.66 -18.88 18.00
CA ALA B 1340 43.27 -19.72 19.12
C ALA B 1340 43.16 -21.19 18.71
N ALA B 1341 42.98 -21.47 17.42
CA ALA B 1341 42.95 -22.85 16.95
C ALA B 1341 44.32 -23.53 17.06
N CYS B 1342 45.39 -22.75 17.19
CA CYS B 1342 46.74 -23.32 17.35
C CYS B 1342 47.04 -23.60 18.82
N ASN B 1343 46.15 -24.31 19.49
CA ASN B 1343 46.34 -24.67 20.88
C ASN B 1343 47.27 -25.87 21.06
N TYR B 1344 47.53 -26.62 19.99
CA TYR B 1344 48.34 -27.83 20.07
C TYR B 1344 49.82 -27.60 19.86
N LEU B 1345 50.21 -26.47 19.28
CA LEU B 1345 51.63 -26.18 19.09
C LEU B 1345 52.25 -25.64 20.37
N PRO B 1346 53.15 -26.40 21.01
CA PRO B 1346 53.68 -25.97 22.30
C PRO B 1346 54.57 -24.74 22.22
N GLN B 1347 55.23 -24.52 21.08
CA GLN B 1347 56.08 -23.34 20.93
C GLN B 1347 55.27 -22.06 20.92
N SER B 1348 54.06 -22.11 20.36
CA SER B 1348 53.26 -20.92 20.13
C SER B 1348 52.62 -20.36 21.40
N ARG B 1349 52.37 -21.22 22.40
CA ARG B 1349 51.33 -20.94 23.39
C ARG B 1349 51.50 -19.60 24.10
N GLU B 1350 52.74 -19.20 24.42
CA GLU B 1350 52.90 -17.94 25.13
C GLU B 1350 52.42 -16.74 24.31
N LYS B 1351 52.75 -16.71 23.02
CA LYS B 1351 52.30 -15.62 22.16
C LYS B 1351 50.78 -15.64 21.96
N ILE B 1352 50.21 -16.82 21.78
CA ILE B 1352 48.76 -16.94 21.62
C ILE B 1352 48.04 -16.48 22.88
N ILE B 1353 48.50 -16.94 24.05
CA ILE B 1353 47.91 -16.51 25.31
C ILE B 1353 48.02 -15.00 25.47
N ALA B 1354 49.15 -14.42 25.09
CA ALA B 1354 49.28 -12.96 25.19
C ALA B 1354 48.29 -12.25 24.28
N ALA B 1355 48.12 -12.74 23.05
CA ALA B 1355 47.14 -12.14 22.14
C ALA B 1355 45.72 -12.29 22.66
N LEU B 1356 45.39 -13.47 23.20
CA LEU B 1356 44.06 -13.71 23.73
C LEU B 1356 43.77 -12.80 24.92
N PHE B 1357 44.77 -12.57 25.77
CA PHE B 1357 44.54 -11.68 26.91
C PHE B 1357 44.46 -10.23 26.45
N LYS B 1358 45.19 -9.86 25.40
CA LYS B 1358 45.05 -8.52 24.84
C LYS B 1358 43.65 -8.30 24.30
N ALA B 1359 43.10 -9.30 23.60
CA ALA B 1359 41.74 -9.17 23.08
C ALA B 1359 40.71 -9.19 24.19
N LEU B 1360 40.95 -9.99 25.24
CA LEU B 1360 40.04 -10.08 26.36
C LEU B 1360 39.98 -8.77 27.15
N ASN B 1361 41.01 -7.95 27.07
CA ASN B 1361 41.07 -6.67 27.78
C ASN B 1361 40.75 -5.50 26.87
N SER B 1362 40.26 -5.75 25.66
CA SER B 1362 40.00 -4.67 24.72
C SER B 1362 38.81 -3.83 25.18
N THR B 1363 38.92 -2.51 24.99
CA THR B 1363 37.82 -1.62 25.30
C THR B 1363 36.64 -1.81 24.34
N ASN B 1364 36.90 -2.32 23.14
CA ASN B 1364 35.83 -2.65 22.22
C ASN B 1364 35.02 -3.82 22.78
N SER B 1365 33.69 -3.67 22.78
CA SER B 1365 32.83 -4.71 23.33
C SER B 1365 32.87 -5.97 22.50
N GLU B 1366 32.77 -5.84 21.17
CA GLU B 1366 32.79 -7.01 20.30
C GLU B 1366 34.12 -7.74 20.40
N LEU B 1367 35.21 -6.99 20.42
CA LEU B 1367 36.52 -7.61 20.56
C LEU B 1367 36.68 -8.27 21.92
N GLN B 1368 36.12 -7.67 22.97
CA GLN B 1368 36.17 -8.28 24.29
C GLN B 1368 35.43 -9.61 24.32
N GLU B 1369 34.23 -9.64 23.75
CA GLU B 1369 33.46 -10.88 23.71
C GLU B 1369 34.15 -11.93 22.87
N ALA B 1370 34.73 -11.52 21.74
CA ALA B 1370 35.49 -12.45 20.91
C ALA B 1370 36.70 -13.00 21.65
N GLY B 1371 37.37 -12.15 22.43
CA GLY B 1371 38.49 -12.62 23.22
C GLY B 1371 38.06 -13.65 24.25
N GLU B 1372 36.93 -13.41 24.91
CA GLU B 1372 36.42 -14.39 25.87
C GLU B 1372 36.10 -15.71 25.19
N ALA B 1373 35.42 -15.66 24.04
CA ALA B 1373 35.06 -16.89 23.35
C ALA B 1373 36.29 -17.65 22.85
N CYS B 1374 37.28 -16.92 22.32
CA CYS B 1374 38.49 -17.55 21.83
C CYS B 1374 39.30 -18.15 22.97
N MET B 1375 39.34 -17.48 24.12
CA MET B 1375 40.02 -18.05 25.28
C MET B 1375 39.32 -19.32 25.74
N ARG B 1376 37.98 -19.31 25.72
CA ARG B 1376 37.24 -20.51 26.10
C ARG B 1376 37.56 -21.66 25.15
N LYS B 1377 37.65 -21.38 23.84
CA LYS B 1377 38.00 -22.41 22.88
C LYS B 1377 39.44 -22.87 23.07
N PHE B 1378 40.36 -21.93 23.32
CA PHE B 1378 41.76 -22.27 23.52
C PHE B 1378 41.97 -23.18 24.73
N LEU B 1379 41.24 -22.91 25.81
CA LEU B 1379 41.39 -23.72 27.02
C LEU B 1379 40.91 -25.15 26.83
N GLU B 1380 40.08 -25.41 25.82
CA GLU B 1380 39.60 -26.77 25.59
C GLU B 1380 40.73 -27.71 25.19
N GLY B 1381 41.82 -27.19 24.66
CA GLY B 1381 42.93 -28.03 24.23
C GLY B 1381 44.28 -27.63 24.81
N ALA B 1382 44.32 -26.56 25.62
CA ALA B 1382 45.56 -26.12 26.22
C ALA B 1382 45.34 -25.68 27.65
N THR B 1383 46.30 -25.98 28.51
CA THR B 1383 46.34 -25.45 29.87
C THR B 1383 46.90 -24.03 29.88
N ILE B 1384 46.54 -23.28 30.91
CA ILE B 1384 47.17 -22.00 31.21
C ILE B 1384 47.43 -21.92 32.71
N GLU B 1385 48.62 -21.44 33.07
CA GLU B 1385 49.04 -21.42 34.46
C GLU B 1385 48.45 -20.21 35.19
N VAL B 1386 48.34 -20.33 36.51
CA VAL B 1386 47.83 -19.23 37.31
C VAL B 1386 48.77 -18.03 37.27
N ASP B 1387 50.08 -18.28 37.20
CA ASP B 1387 51.04 -17.18 37.09
C ASP B 1387 50.83 -16.40 35.80
N GLN B 1388 50.56 -17.10 34.69
CA GLN B 1388 50.28 -16.40 33.44
C GLN B 1388 49.04 -15.52 33.56
N ILE B 1389 47.98 -16.05 34.19
CA ILE B 1389 46.76 -15.27 34.35
C ILE B 1389 47.03 -14.03 35.18
N HIS B 1390 47.76 -14.18 36.29
CA HIS B 1390 48.03 -13.05 37.16
C HIS B 1390 48.91 -12.01 36.47
N THR B 1391 49.92 -12.45 35.73
CA THR B 1391 50.78 -11.51 35.03
C THR B 1391 50.02 -10.75 33.95
N HIS B 1392 49.17 -11.45 33.20
CA HIS B 1392 48.42 -10.78 32.14
C HIS B 1392 47.35 -9.86 32.69
N MET B 1393 46.78 -10.18 33.84
CA MET B 1393 45.72 -9.35 34.42
C MET B 1393 46.24 -8.29 35.38
N ARG B 1394 47.54 -8.29 35.69
CA ARG B 1394 48.08 -7.32 36.63
C ARG B 1394 47.82 -5.86 36.24
N PRO B 1395 47.97 -5.43 34.98
CA PRO B 1395 47.66 -4.02 34.67
C PRO B 1395 46.24 -3.61 35.00
N LEU B 1396 45.26 -4.49 34.79
CA LEU B 1396 43.88 -4.15 35.11
C LEU B 1396 43.61 -4.18 36.61
N LEU B 1397 44.15 -5.18 37.30
CA LEU B 1397 43.91 -5.30 38.73
C LEU B 1397 44.51 -4.14 39.50
N MET B 1398 45.68 -3.66 39.06
CA MET B 1398 46.28 -2.49 39.71
C MET B 1398 45.48 -1.22 39.45
N MET B 1399 44.85 -1.11 38.29
CA MET B 1399 44.11 0.09 37.96
C MET B 1399 42.79 0.20 38.73
N LEU B 1400 42.18 -0.93 39.08
CA LEU B 1400 40.88 -0.91 39.76
C LEU B 1400 40.99 -0.63 41.26
N GLY B 1401 42.13 -0.13 41.73
CA GLY B 1401 42.23 0.23 43.13
C GLY B 1401 41.28 1.35 43.52
N ASP B 1402 41.05 2.30 42.62
CA ASP B 1402 40.12 3.39 42.83
C ASP B 1402 38.78 3.07 42.19
N TYR B 1403 37.70 3.57 42.79
CA TYR B 1403 36.37 3.20 42.33
C TYR B 1403 36.01 3.87 41.01
N ARG B 1404 36.58 5.05 40.74
CA ARG B 1404 36.28 5.74 39.49
C ARG B 1404 36.82 5.00 38.28
N SER B 1405 37.80 4.12 38.46
CA SER B 1405 38.34 3.35 37.35
C SER B 1405 37.39 2.27 36.87
N LEU B 1406 36.39 1.90 37.67
CA LEU B 1406 35.46 0.83 37.31
C LEU B 1406 34.44 1.36 36.32
N THR B 1407 34.85 1.37 35.05
CA THR B 1407 33.90 1.58 33.97
C THR B 1407 33.18 0.27 33.68
N LEU B 1408 32.12 0.37 32.87
CA LEU B 1408 31.37 -0.84 32.51
C LEU B 1408 32.25 -1.82 31.75
N ASN B 1409 33.17 -1.31 30.93
CA ASN B 1409 34.10 -2.18 30.22
C ASN B 1409 35.03 -2.92 31.18
N VAL B 1410 35.51 -2.22 32.22
CA VAL B 1410 36.40 -2.85 33.18
C VAL B 1410 35.68 -3.97 33.94
N VAL B 1411 34.43 -3.71 34.36
CA VAL B 1411 33.67 -4.73 35.06
C VAL B 1411 33.36 -5.90 34.14
N ASN B 1412 33.11 -5.62 32.86
CA ASN B 1412 32.90 -6.70 31.89
C ASN B 1412 34.16 -7.55 31.74
N ARG B 1413 35.32 -6.91 31.71
CA ARG B 1413 36.57 -7.67 31.60
C ARG B 1413 36.81 -8.53 32.83
N LEU B 1414 36.51 -7.98 34.02
CA LEU B 1414 36.62 -8.78 35.24
C LEU B 1414 35.64 -9.95 35.23
N THR B 1415 34.43 -9.71 34.72
CA THR B 1415 33.45 -10.78 34.61
C THR B 1415 33.93 -11.89 33.70
N SER B 1416 34.50 -11.52 32.55
CA SER B 1416 35.05 -12.53 31.64
C SER B 1416 36.18 -13.30 32.28
N VAL B 1417 37.06 -12.60 33.01
CA VAL B 1417 38.19 -13.27 33.67
C VAL B 1417 37.70 -14.24 34.73
N THR B 1418 36.71 -13.85 35.52
CA THR B 1418 36.22 -14.76 36.55
C THR B 1418 35.40 -15.89 35.98
N ARG B 1419 34.79 -15.71 34.80
CA ARG B 1419 34.12 -16.82 34.14
C ARG B 1419 35.13 -17.83 33.62
N LEU B 1420 36.17 -17.36 32.93
CA LEU B 1420 37.17 -18.25 32.39
C LEU B 1420 38.03 -18.87 33.49
N PHE B 1421 38.40 -18.08 34.49
CA PHE B 1421 39.39 -18.47 35.51
C PHE B 1421 38.83 -18.21 36.89
N PRO B 1422 37.88 -19.03 37.35
CA PRO B 1422 37.21 -18.74 38.63
C PRO B 1422 38.14 -18.61 39.83
N ASN B 1423 39.25 -19.36 39.84
CA ASN B 1423 40.21 -19.30 40.94
C ASN B 1423 40.81 -17.93 41.13
N SER B 1424 40.91 -17.12 40.06
CA SER B 1424 41.72 -15.91 40.07
C SER B 1424 41.35 -14.95 41.21
N PHE B 1425 40.07 -14.83 41.55
CA PHE B 1425 39.62 -13.82 42.48
C PHE B 1425 39.29 -14.43 43.84
N ASN B 1426 39.73 -13.76 44.90
CA ASN B 1426 39.59 -14.25 46.26
C ASN B 1426 38.71 -13.32 47.10
N ASP B 1427 38.67 -13.59 48.40
CA ASP B 1427 37.80 -12.85 49.31
C ASP B 1427 38.12 -11.36 49.36
N LYS B 1428 39.40 -11.00 49.39
CA LYS B 1428 39.76 -9.59 49.48
C LYS B 1428 39.36 -8.82 48.24
N PHE B 1429 39.39 -9.46 47.08
CA PHE B 1429 38.87 -8.83 45.87
C PHE B 1429 37.38 -8.57 46.02
N CYS B 1430 36.65 -9.50 46.63
CA CYS B 1430 35.22 -9.29 46.89
C CYS B 1430 34.99 -8.12 47.84
N ASP B 1431 35.82 -7.99 48.87
CA ASP B 1431 35.69 -6.85 49.78
C ASP B 1431 35.95 -5.53 49.07
N GLN B 1432 36.98 -5.49 48.22
CA GLN B 1432 37.26 -4.28 47.46
C GLN B 1432 36.10 -3.95 46.52
N MET B 1433 35.56 -4.97 45.85
CA MET B 1433 34.41 -4.75 44.98
C MET B 1433 33.20 -4.26 45.78
N MET B 1434 33.04 -4.74 47.00
CA MET B 1434 31.94 -4.26 47.85
C MET B 1434 32.11 -2.78 48.17
N GLN B 1435 33.33 -2.36 48.51
CA GLN B 1435 33.56 -0.94 48.78
C GLN B 1435 33.28 -0.09 47.54
N HIS B 1436 33.76 -0.55 46.39
CA HIS B 1436 33.52 0.18 45.15
C HIS B 1436 32.03 0.23 44.82
N LEU B 1437 31.32 -0.86 45.07
CA LEU B 1437 29.88 -0.88 44.82
C LEU B 1437 29.15 0.09 45.74
N ARG B 1438 29.57 0.18 47.01
CA ARG B 1438 28.96 1.15 47.91
C ARG B 1438 29.15 2.56 47.38
N LYS B 1439 30.37 2.88 46.94
CA LYS B 1439 30.62 4.23 46.42
C LYS B 1439 29.81 4.51 45.16
N TRP B 1440 29.74 3.54 44.25
CA TRP B 1440 28.95 3.74 43.03
C TRP B 1440 27.46 3.84 43.31
N MET B 1441 26.96 3.14 44.33
CA MET B 1441 25.55 3.28 44.68
C MET B 1441 25.28 4.65 45.29
N GLU B 1442 26.21 5.17 46.09
CA GLU B 1442 26.09 6.54 46.57
C GLU B 1442 26.07 7.53 45.41
N VAL B 1443 26.90 7.29 44.39
CA VAL B 1443 26.91 8.15 43.21
C VAL B 1443 25.61 8.05 42.43
N VAL B 1444 25.03 6.85 42.33
CA VAL B 1444 23.72 6.69 41.73
C VAL B 1444 22.65 7.46 42.49
N VAL B 1445 22.69 7.42 43.82
CA VAL B 1445 21.71 8.14 44.61
C VAL B 1445 21.89 9.64 44.43
N ILE B 1446 23.13 10.12 44.42
CA ILE B 1446 23.39 11.55 44.22
C ILE B 1446 22.87 12.00 42.86
N THR B 1447 23.14 11.22 41.82
CA THR B 1447 22.66 11.56 40.49
C THR B 1447 21.14 11.58 40.43
N HIS B 1448 20.49 10.60 41.06
CA HIS B 1448 19.03 10.58 41.07
C HIS B 1448 18.47 11.79 41.81
N LYS B 1449 19.09 12.18 42.93
CA LYS B 1449 18.64 13.37 43.65
C LYS B 1449 18.82 14.62 42.81
N GLY B 1450 19.92 14.70 42.05
CA GLY B 1450 20.13 15.85 41.19
C GLY B 1450 19.11 15.96 40.07
N GLY B 1451 18.65 14.83 39.55
CA GLY B 1451 17.66 14.81 38.50
C GLY B 1451 16.25 14.69 39.01
N ASN B 1457 24.78 5.52 33.19
CA ASN B 1457 25.68 4.38 33.03
C ASN B 1457 26.06 3.82 34.39
N GLU B 1458 26.00 4.69 35.40
CA GLU B 1458 26.32 4.28 36.77
C GLU B 1458 25.43 3.16 37.28
N MET B 1459 24.17 3.13 36.82
CA MET B 1459 23.26 2.06 37.16
C MET B 1459 23.71 0.74 36.53
N LYS B 1460 24.26 0.79 35.32
CA LYS B 1460 24.83 -0.41 34.70
C LYS B 1460 26.11 -0.85 35.39
N ILE B 1461 26.98 0.08 35.77
CA ILE B 1461 28.15 -0.26 36.56
C ILE B 1461 27.74 -0.98 37.85
N CYS B 1462 26.81 -0.39 38.61
CA CYS B 1462 26.32 -1.02 39.83
C CYS B 1462 25.76 -2.42 39.58
N SER B 1463 24.91 -2.57 38.56
CA SER B 1463 24.31 -3.87 38.28
C SER B 1463 25.37 -4.89 37.90
N ALA B 1464 26.34 -4.49 37.07
CA ALA B 1464 27.41 -5.40 36.68
C ALA B 1464 28.27 -5.79 37.88
N ILE B 1465 28.56 -4.85 38.78
CA ILE B 1465 29.34 -5.18 39.96
C ILE B 1465 28.60 -6.18 40.83
N ILE B 1466 27.30 -6.00 41.00
CA ILE B 1466 26.52 -6.97 41.77
C ILE B 1466 26.55 -8.33 41.08
N ASN B 1467 26.43 -8.33 39.75
CA ASN B 1467 26.48 -9.59 39.00
C ASN B 1467 27.84 -10.27 39.12
N LEU B 1468 28.90 -9.50 39.35
CA LEU B 1468 30.23 -10.09 39.46
C LEU B 1468 30.37 -11.01 40.67
N PHE B 1469 29.60 -10.76 41.72
CA PHE B 1469 29.79 -11.47 42.98
C PHE B 1469 29.44 -12.96 42.84
N HIS B 1470 28.35 -13.28 42.15
CA HIS B 1470 27.91 -14.67 42.09
C HIS B 1470 28.77 -15.52 41.16
N LEU B 1471 29.65 -14.91 40.37
CA LEU B 1471 30.56 -15.66 39.52
C LEU B 1471 31.90 -15.93 40.17
N ILE B 1472 32.19 -15.32 41.31
CA ILE B 1472 33.42 -15.58 42.06
C ILE B 1472 33.12 -16.68 43.08
N PRO B 1473 33.70 -17.88 42.92
CA PRO B 1473 33.44 -18.95 43.91
C PRO B 1473 33.95 -18.62 45.30
N ALA B 1474 34.89 -17.68 45.43
CA ALA B 1474 35.44 -17.32 46.73
C ALA B 1474 34.60 -16.27 47.45
N ALA B 1475 33.48 -15.84 46.87
CA ALA B 1475 32.63 -14.86 47.52
C ALA B 1475 31.99 -15.48 48.76
N PRO B 1476 32.24 -14.97 49.95
CA PRO B 1476 31.71 -15.59 51.16
C PRO B 1476 30.25 -15.24 51.38
N GLN B 1477 29.60 -16.07 52.21
CA GLN B 1477 28.23 -15.79 52.61
C GLN B 1477 28.12 -14.53 53.46
N THR B 1478 29.24 -14.08 54.03
CA THR B 1478 29.23 -12.85 54.83
C THR B 1478 28.95 -11.62 53.99
N LEU B 1479 29.05 -11.71 52.67
CA LEU B 1479 28.74 -10.57 51.80
C LEU B 1479 27.25 -10.29 51.72
N VAL B 1480 26.41 -11.25 52.07
CA VAL B 1480 24.97 -11.13 51.84
C VAL B 1480 24.41 -9.94 52.61
N LYS B 1481 24.78 -9.79 53.87
CA LYS B 1481 24.22 -8.71 54.67
C LYS B 1481 24.62 -7.33 54.17
N PRO B 1482 25.91 -7.01 53.94
CA PRO B 1482 26.23 -5.69 53.38
C PRO B 1482 25.61 -5.44 52.02
N LEU B 1483 25.54 -6.47 51.18
CA LEU B 1483 24.97 -6.32 49.85
C LEU B 1483 23.48 -5.98 49.94
N LEU B 1484 22.74 -6.71 50.77
CA LEU B 1484 21.34 -6.41 50.98
C LEU B 1484 21.16 -5.01 51.57
N GLU B 1485 22.02 -4.65 52.52
CA GLU B 1485 21.89 -3.34 53.15
C GLU B 1485 22.10 -2.20 52.15
N VAL B 1486 23.13 -2.32 51.31
CA VAL B 1486 23.40 -1.25 50.35
C VAL B 1486 22.31 -1.19 49.28
N VAL B 1487 21.82 -2.35 48.82
CA VAL B 1487 20.75 -2.33 47.83
C VAL B 1487 19.49 -1.73 48.42
N MET B 1488 19.15 -2.09 49.67
CA MET B 1488 17.98 -1.52 50.31
C MET B 1488 18.12 -0.03 50.51
N LYS B 1489 19.30 0.44 50.92
CA LYS B 1489 19.52 1.86 51.11
C LYS B 1489 19.36 2.62 49.79
N THR B 1490 19.97 2.11 48.72
CA THR B 1490 19.87 2.78 47.43
C THR B 1490 18.43 2.80 46.92
N GLU B 1491 17.72 1.68 47.03
CA GLU B 1491 16.35 1.62 46.55
C GLU B 1491 15.45 2.53 47.36
N ARG B 1492 15.64 2.57 48.68
CA ARG B 1492 14.85 3.46 49.53
C ARG B 1492 15.11 4.92 49.18
N ALA B 1493 16.37 5.26 48.90
CA ALA B 1493 16.68 6.63 48.50
C ALA B 1493 16.02 6.97 47.17
N MET B 1494 16.07 6.04 46.21
CA MET B 1494 15.50 6.29 44.89
C MET B 1494 14.02 5.98 44.80
N LEU B 1495 13.44 5.37 45.84
CA LEU B 1495 12.03 4.98 45.87
C LEU B 1495 11.63 4.14 44.66
N ILE B 1496 12.37 3.05 44.42
CA ILE B 1496 12.08 2.15 43.32
C ILE B 1496 12.06 0.72 43.86
N GLU B 1497 11.03 -0.04 43.48
CA GLU B 1497 10.99 -1.47 43.70
C GLU B 1497 10.82 -2.26 42.42
N ALA B 1498 9.86 -1.89 41.58
CA ALA B 1498 9.61 -2.65 40.35
C ALA B 1498 10.69 -2.36 39.30
N GLY B 1499 11.11 -1.12 39.17
CA GLY B 1499 12.12 -0.73 38.21
C GLY B 1499 13.55 -0.91 38.65
N SER B 1500 13.78 -1.53 39.80
CA SER B 1500 15.13 -1.68 40.32
C SER B 1500 15.90 -2.69 39.49
N PRO B 1501 17.04 -2.33 38.92
CA PRO B 1501 17.87 -3.29 38.18
C PRO B 1501 18.84 -4.08 39.05
N PHE B 1502 18.80 -3.91 40.36
CA PHE B 1502 19.68 -4.64 41.26
C PHE B 1502 19.13 -6.00 41.66
N ARG B 1503 17.84 -6.25 41.42
CA ARG B 1503 17.25 -7.50 41.87
C ARG B 1503 17.75 -8.69 41.06
N GLU B 1504 17.89 -8.53 39.75
CA GLU B 1504 18.28 -9.64 38.90
C GLU B 1504 19.64 -10.24 39.25
N PRO B 1505 20.71 -9.45 39.48
CA PRO B 1505 21.99 -10.07 39.89
C PRO B 1505 22.01 -10.47 41.36
N LEU B 1506 21.33 -9.69 42.21
CA LEU B 1506 21.31 -9.98 43.63
C LEU B 1506 20.66 -11.33 43.91
N ILE B 1507 19.56 -11.64 43.22
CA ILE B 1507 18.92 -12.93 43.42
C ILE B 1507 19.83 -14.05 42.96
N LYS B 1508 20.65 -13.81 41.94
CA LYS B 1508 21.65 -14.80 41.54
C LYS B 1508 22.66 -15.03 42.64
N PHE B 1509 23.09 -13.97 43.32
CA PHE B 1509 24.02 -14.16 44.44
C PHE B 1509 23.34 -14.82 45.63
N LEU B 1510 22.11 -14.40 45.95
CA LEU B 1510 21.43 -14.93 47.13
C LEU B 1510 21.16 -16.41 47.01
N THR B 1511 20.80 -16.87 45.81
CA THR B 1511 20.54 -18.29 45.60
C THR B 1511 21.78 -19.15 45.80
N ARG B 1512 22.97 -18.56 45.74
CA ARG B 1512 24.19 -19.29 46.04
C ARG B 1512 24.37 -19.54 47.53
N HIS B 1513 23.78 -18.72 48.38
CA HIS B 1513 23.81 -18.90 49.83
C HIS B 1513 22.40 -18.78 50.39
N PRO B 1514 21.52 -19.74 50.07
CA PRO B 1514 20.10 -19.56 50.41
C PRO B 1514 19.81 -19.64 51.91
N SER B 1515 20.52 -20.50 52.64
CA SER B 1515 20.29 -20.60 54.08
C SER B 1515 20.62 -19.29 54.78
N GLN B 1516 21.74 -18.66 54.41
CA GLN B 1516 22.11 -17.39 55.01
C GLN B 1516 21.08 -16.31 54.73
N THR B 1517 20.58 -16.25 53.49
CA THR B 1517 19.57 -15.26 53.14
C THR B 1517 18.27 -15.48 53.90
N VAL B 1518 17.83 -16.74 53.98
CA VAL B 1518 16.58 -17.03 54.68
C VAL B 1518 16.71 -16.71 56.16
N GLU B 1519 17.82 -17.09 56.78
CA GLU B 1519 18.02 -16.80 58.20
C GLU B 1519 18.12 -15.31 58.48
N LEU B 1520 18.76 -14.55 57.57
CA LEU B 1520 18.78 -13.10 57.73
C LEU B 1520 17.39 -12.49 57.63
N PHE B 1521 16.62 -12.88 56.62
CA PHE B 1521 15.29 -12.31 56.45
C PHE B 1521 14.28 -12.81 57.48
N MET B 1522 14.39 -14.08 57.90
CA MET B 1522 13.42 -14.64 58.84
C MET B 1522 13.64 -14.21 60.28
N MET B 1523 14.55 -13.27 60.55
CA MET B 1523 14.65 -12.72 61.89
C MET B 1523 13.38 -11.95 62.23
N GLU B 1524 13.03 -11.96 63.51
CA GLU B 1524 11.77 -11.34 63.94
C GLU B 1524 11.75 -9.85 63.64
N ALA B 1525 12.80 -9.13 64.01
CA ALA B 1525 12.86 -7.69 63.74
C ALA B 1525 12.81 -7.41 62.24
N THR B 1526 13.48 -8.25 61.45
CA THR B 1526 13.48 -8.08 60.00
C THR B 1526 12.14 -8.46 59.36
N LEU B 1527 11.43 -9.42 59.95
CA LEU B 1527 10.07 -9.71 59.51
C LEU B 1527 9.06 -8.63 59.94
N ASN B 1528 9.35 -7.91 61.01
CA ASN B 1528 8.53 -6.75 61.37
C ASN B 1528 8.81 -5.53 60.48
N ASP B 1529 10.06 -5.30 60.13
CA ASP B 1529 10.41 -4.14 59.31
C ASP B 1529 9.81 -4.28 57.92
N PRO B 1530 8.80 -3.47 57.56
CA PRO B 1530 8.03 -3.75 56.33
C PRO B 1530 8.86 -3.74 55.06
N GLN B 1531 9.91 -2.91 55.00
CA GLN B 1531 10.73 -2.84 53.80
C GLN B 1531 11.47 -4.15 53.56
N TRP B 1532 12.07 -4.71 54.61
CA TRP B 1532 12.78 -5.96 54.48
C TRP B 1532 11.81 -7.11 54.18
N SER B 1533 10.64 -7.09 54.80
CA SER B 1533 9.64 -8.12 54.51
C SER B 1533 9.20 -8.07 53.05
N ARG B 1534 8.97 -6.86 52.53
CA ARG B 1534 8.63 -6.71 51.12
C ARG B 1534 9.74 -7.23 50.21
N MET B 1535 11.00 -6.87 50.51
CA MET B 1535 12.11 -7.35 49.70
C MET B 1535 12.23 -8.87 49.75
N PHE B 1536 12.00 -9.47 50.92
CA PHE B 1536 11.99 -10.92 51.04
C PHE B 1536 10.88 -11.56 50.21
N MET B 1537 9.67 -11.02 50.30
CA MET B 1537 8.57 -11.58 49.52
C MET B 1537 8.84 -11.46 48.03
N SER B 1538 9.39 -10.32 47.60
CA SER B 1538 9.72 -10.14 46.19
C SER B 1538 10.77 -11.13 45.72
N PHE B 1539 11.79 -11.39 46.56
CA PHE B 1539 12.79 -12.37 46.17
C PHE B 1539 12.20 -13.77 46.11
N LEU B 1540 11.34 -14.13 47.06
CA LEU B 1540 10.77 -15.47 47.07
C LEU B 1540 9.87 -15.72 45.87
N LYS B 1541 9.29 -14.68 45.30
CA LYS B 1541 8.40 -14.84 44.15
C LYS B 1541 9.17 -15.03 42.84
N HIS B 1542 10.49 -14.85 42.85
CA HIS B 1542 11.27 -14.90 41.62
C HIS B 1542 11.35 -16.33 41.09
N LYS B 1543 11.57 -16.42 39.77
CA LYS B 1543 11.71 -17.72 39.13
C LYS B 1543 12.96 -18.45 39.61
N ASP B 1544 14.05 -17.71 39.80
CA ASP B 1544 15.32 -18.33 40.18
C ASP B 1544 15.42 -18.64 41.67
N ALA B 1545 14.44 -18.23 42.46
CA ALA B 1545 14.51 -18.34 43.91
C ALA B 1545 14.11 -19.71 44.43
N ARG B 1546 14.15 -20.74 43.58
CA ARG B 1546 13.84 -22.09 44.05
C ARG B 1546 14.70 -22.53 45.23
N PRO B 1547 16.01 -22.29 45.26
CA PRO B 1547 16.78 -22.66 46.48
C PRO B 1547 16.27 -22.01 47.75
N LEU B 1548 15.87 -20.74 47.71
CA LEU B 1548 15.34 -20.09 48.90
C LEU B 1548 14.05 -20.73 49.37
N ARG B 1549 13.14 -21.03 48.45
CA ARG B 1549 11.90 -21.68 48.81
C ARG B 1549 12.13 -23.09 49.31
N ASP B 1550 13.10 -23.79 48.75
CA ASP B 1550 13.45 -25.12 49.24
C ASP B 1550 14.00 -25.06 50.66
N VAL B 1551 14.84 -24.05 50.95
CA VAL B 1551 15.36 -23.88 52.30
C VAL B 1551 14.23 -23.60 53.28
N LEU B 1552 13.30 -22.72 52.90
CA LEU B 1552 12.18 -22.42 53.78
C LEU B 1552 11.30 -23.63 54.00
N ALA B 1553 11.05 -24.40 52.94
CA ALA B 1553 10.14 -25.54 53.02
C ALA B 1553 10.73 -26.70 53.82
N ALA B 1554 12.05 -26.75 53.97
CA ALA B 1554 12.67 -27.86 54.68
C ALA B 1554 12.44 -27.79 56.18
N ASN B 1555 12.05 -26.64 56.72
CA ASN B 1555 11.82 -26.48 58.15
C ASN B 1555 10.45 -25.84 58.37
N PRO B 1556 9.37 -26.61 58.24
CA PRO B 1556 8.03 -26.07 58.53
C PRO B 1556 7.84 -25.63 59.97
N ASN B 1557 8.56 -26.23 60.92
CA ASN B 1557 8.45 -25.87 62.33
C ASN B 1557 8.80 -24.42 62.62
N ARG B 1558 9.55 -23.75 61.74
CA ARG B 1558 9.80 -22.33 61.91
C ARG B 1558 8.50 -21.52 61.85
N PHE B 1559 7.60 -21.87 60.92
CA PHE B 1559 6.33 -21.15 60.80
C PHE B 1559 5.43 -21.32 62.00
N ILE B 1560 5.45 -22.50 62.64
CA ILE B 1560 4.57 -22.77 63.77
C ILE B 1560 4.79 -21.79 64.92
N THR B 1561 6.02 -21.30 65.08
CA THR B 1561 6.25 -20.26 66.09
C THR B 1561 5.62 -18.93 65.71
N LEU B 1562 5.47 -18.67 64.41
CA LEU B 1562 4.93 -17.39 63.96
C LEU B 1562 3.41 -17.39 63.86
N LEU B 1563 2.80 -18.55 63.59
CA LEU B 1563 1.36 -18.67 63.75
C LEU B 1563 0.97 -18.44 65.22
N LEU B 1564 -0.05 -17.60 65.41
CA LEU B 1564 -0.31 -16.99 66.72
C LEU B 1564 -0.60 -18.06 67.77
N PRO B 1565 0.06 -18.00 68.95
CA PRO B 1565 -0.18 -18.91 70.07
C PRO B 1565 -1.66 -19.00 70.47
N SER B 1578 1.14 -3.61 73.44
CA SER B 1578 1.24 -3.40 72.00
C SER B 1578 2.03 -4.53 71.34
N THR B 1579 2.42 -5.52 72.14
CA THR B 1579 3.16 -6.66 71.60
C THR B 1579 2.29 -7.51 70.67
N SER B 1580 0.98 -7.55 70.90
CA SER B 1580 0.09 -8.35 70.06
C SER B 1580 0.09 -7.89 68.61
N THR B 1581 0.37 -6.61 68.37
CA THR B 1581 0.44 -6.12 67.00
C THR B 1581 1.58 -6.78 66.23
N MET B 1582 2.73 -6.96 66.88
CA MET B 1582 3.87 -7.61 66.25
C MET B 1582 3.57 -9.06 65.91
N ARG B 1583 2.88 -9.77 66.80
CA ARG B 1583 2.61 -11.19 66.58
C ARG B 1583 1.66 -11.40 65.41
N LEU B 1584 0.66 -10.53 65.27
CA LEU B 1584 -0.25 -10.60 64.13
C LEU B 1584 0.43 -10.26 62.81
N ASP B 1585 1.39 -9.32 62.84
CA ASP B 1585 2.19 -9.05 61.65
C ASP B 1585 3.06 -10.25 61.29
N LEU B 1586 3.66 -10.89 62.28
CA LEU B 1586 4.46 -12.09 62.02
C LEU B 1586 3.61 -13.21 61.46
N GLN B 1587 2.39 -13.39 61.98
CA GLN B 1587 1.47 -14.36 61.40
C GLN B 1587 1.12 -14.05 59.95
N PHE B 1588 0.86 -12.77 59.64
CA PHE B 1588 0.57 -12.40 58.27
C PHE B 1588 1.76 -12.66 57.34
N GLN B 1589 2.97 -12.35 57.81
CA GLN B 1589 4.16 -12.64 57.01
C GLN B 1589 4.34 -14.14 56.80
N ALA B 1590 4.09 -14.93 57.84
CA ALA B 1590 4.18 -16.38 57.73
C ALA B 1590 3.21 -16.94 56.71
N ILE B 1591 1.94 -16.52 56.81
CA ILE B 1591 0.93 -16.98 55.86
C ILE B 1591 1.26 -16.56 54.43
N LYS B 1592 1.82 -15.36 54.26
CA LYS B 1592 2.26 -14.94 52.93
C LYS B 1592 3.42 -15.79 52.40
N ILE B 1593 4.40 -16.12 53.24
CA ILE B 1593 5.49 -16.99 52.82
C ILE B 1593 4.97 -18.38 52.45
N ILE B 1594 4.08 -18.92 53.27
CA ILE B 1594 3.50 -20.23 52.98
C ILE B 1594 2.73 -20.20 51.67
N SER B 1595 1.98 -19.11 51.43
CA SER B 1595 1.28 -18.93 50.17
C SER B 1595 2.22 -18.91 48.98
N ILE B 1596 3.38 -18.25 49.12
CA ILE B 1596 4.35 -18.25 48.02
C ILE B 1596 4.88 -19.66 47.77
N ILE B 1597 5.24 -20.38 48.84
CA ILE B 1597 5.75 -21.74 48.68
C ILE B 1597 4.70 -22.62 48.02
N VAL B 1598 3.44 -22.48 48.45
CA VAL B 1598 2.35 -23.27 47.87
C VAL B 1598 2.18 -22.94 46.40
N LYS B 1599 2.27 -21.65 46.05
CA LYS B 1599 2.12 -21.26 44.65
C LYS B 1599 3.21 -21.88 43.80
N ASN B 1600 4.45 -21.89 44.29
CA ASN B 1600 5.55 -22.42 43.50
C ASN B 1600 5.63 -23.94 43.54
N ASP B 1601 5.14 -24.57 44.62
CA ASP B 1601 5.12 -26.03 44.74
C ASP B 1601 3.73 -26.44 45.19
N ASP B 1602 2.93 -26.95 44.25
CA ASP B 1602 1.55 -27.31 44.56
C ASP B 1602 1.44 -28.53 45.46
N SER B 1603 2.42 -29.43 45.41
CA SER B 1603 2.33 -30.69 46.14
C SER B 1603 2.95 -30.63 47.53
N TRP B 1604 3.60 -29.53 47.90
CA TRP B 1604 4.37 -29.50 49.14
C TRP B 1604 3.47 -29.57 50.37
N LEU B 1605 2.41 -28.76 50.39
CA LEU B 1605 1.62 -28.60 51.59
C LEU B 1605 0.78 -29.83 51.92
N ALA B 1606 0.50 -30.68 50.93
CA ALA B 1606 -0.32 -31.86 51.16
C ALA B 1606 0.31 -32.82 52.17
N SER B 1607 1.62 -32.71 52.40
CA SER B 1607 2.30 -33.57 53.36
C SER B 1607 2.52 -32.93 54.71
N GLN B 1608 2.57 -31.60 54.79
CA GLN B 1608 2.89 -30.89 56.03
C GLN B 1608 1.64 -30.86 56.92
N HIS B 1609 1.40 -32.00 57.58
CA HIS B 1609 0.15 -32.17 58.33
C HIS B 1609 0.07 -31.26 59.56
N SER B 1610 1.17 -31.13 60.30
CA SER B 1610 1.14 -30.28 61.49
C SER B 1610 0.97 -28.81 61.13
N LEU B 1611 1.65 -28.38 60.06
CA LEU B 1611 1.52 -26.99 59.61
C LEU B 1611 0.08 -26.68 59.21
N VAL B 1612 -0.54 -27.59 58.45
CA VAL B 1612 -1.92 -27.40 58.04
C VAL B 1612 -2.86 -27.47 59.24
N SER B 1613 -2.50 -28.26 60.26
CA SER B 1613 -3.31 -28.29 61.47
C SER B 1613 -3.30 -26.95 62.19
N GLN B 1614 -2.15 -26.29 62.26
CA GLN B 1614 -2.11 -24.96 62.85
C GLN B 1614 -2.73 -23.88 61.96
N LEU B 1615 -2.61 -24.02 60.63
CA LEU B 1615 -3.35 -23.15 59.73
C LEU B 1615 -4.86 -23.26 59.91
N ARG B 1616 -5.37 -24.49 60.02
CA ARG B 1616 -6.78 -24.70 60.36
C ARG B 1616 -7.13 -24.06 61.70
N ARG B 1617 -6.29 -24.29 62.72
CA ARG B 1617 -6.53 -23.71 64.04
C ARG B 1617 -6.70 -22.20 63.97
N VAL B 1618 -5.82 -21.53 63.21
CA VAL B 1618 -5.99 -20.10 62.97
C VAL B 1618 -7.29 -19.79 62.23
N TRP B 1619 -7.60 -20.58 61.19
CA TRP B 1619 -8.74 -20.26 60.35
C TRP B 1619 -10.07 -20.41 61.09
N VAL B 1620 -10.19 -21.44 61.95
CA VAL B 1620 -11.40 -21.63 62.74
C VAL B 1620 -11.44 -20.78 64.00
N SER B 1621 -10.33 -20.15 64.36
CA SER B 1621 -10.26 -19.39 65.61
C SER B 1621 -11.23 -18.21 65.60
N GLU B 1622 -11.80 -17.93 66.77
CA GLU B 1622 -12.77 -16.86 66.92
C GLU B 1622 -12.15 -15.48 66.68
N ASN B 1623 -10.97 -15.24 67.25
CA ASN B 1623 -10.34 -13.92 67.18
C ASN B 1623 -10.02 -13.54 65.75
N PHE B 1624 -9.62 -14.50 64.92
CA PHE B 1624 -9.29 -14.21 63.53
C PHE B 1624 -10.52 -13.82 62.71
N GLN B 1625 -11.60 -14.58 62.85
CA GLN B 1625 -12.84 -14.27 62.15
C GLN B 1625 -13.47 -12.97 62.64
N GLU B 1626 -13.39 -12.68 63.94
CA GLU B 1626 -13.84 -11.39 64.45
C GLU B 1626 -12.99 -10.24 63.91
N ARG B 1627 -11.67 -10.36 64.01
CA ARG B 1627 -10.79 -9.27 63.58
C ARG B 1627 -10.97 -8.96 62.10
N HIS B 1628 -11.07 -10.00 61.25
CA HIS B 1628 -11.30 -9.76 59.83
C HIS B 1628 -12.72 -9.31 59.49
N ARG B 1629 -13.73 -9.73 60.25
CA ARG B 1629 -15.06 -9.15 60.03
C ARG B 1629 -15.17 -7.73 60.56
N LYS B 1630 -14.48 -7.40 61.66
CA LYS B 1630 -14.63 -6.11 62.31
C LYS B 1630 -13.37 -5.26 62.13
N GLU B 1631 -12.77 -5.32 60.95
CA GLU B 1631 -11.57 -4.55 60.66
C GLU B 1631 -11.84 -3.04 60.67
N ASN B 1632 -10.76 -2.29 60.90
CA ASN B 1632 -10.66 -0.93 60.38
C ASN B 1632 -10.36 -0.96 58.89
N MET B 1633 -10.93 0.01 58.17
CA MET B 1633 -10.72 0.08 56.72
C MET B 1633 -9.24 0.13 56.36
N ALA B 1634 -8.42 0.78 57.19
CA ALA B 1634 -6.98 0.88 56.97
C ALA B 1634 -6.20 -0.33 57.48
N ALA B 1635 -6.85 -1.41 57.91
CA ALA B 1635 -6.10 -2.57 58.39
C ALA B 1635 -5.22 -3.18 57.30
N THR B 1636 -3.98 -3.49 57.68
CA THR B 1636 -2.97 -4.00 56.76
C THR B 1636 -3.25 -5.43 56.30
N ASN B 1637 -3.96 -6.21 57.11
CA ASN B 1637 -4.06 -7.66 56.96
C ASN B 1637 -5.25 -8.11 56.13
N TRP B 1638 -5.82 -7.22 55.31
CA TRP B 1638 -7.05 -7.55 54.59
C TRP B 1638 -6.88 -8.71 53.61
N LYS B 1639 -5.66 -8.92 53.10
CA LYS B 1639 -5.37 -10.08 52.26
C LYS B 1639 -5.33 -11.40 53.04
N GLU B 1640 -5.11 -11.37 54.34
CA GLU B 1640 -4.82 -12.57 55.13
C GLU B 1640 -5.83 -13.71 54.99
N PRO B 1641 -7.15 -13.49 55.02
CA PRO B 1641 -8.07 -14.63 54.89
C PRO B 1641 -8.08 -15.23 53.50
N LYS B 1642 -7.85 -14.44 52.46
CA LYS B 1642 -7.73 -15.01 51.11
C LYS B 1642 -6.53 -15.92 51.01
N LEU B 1643 -5.38 -15.50 51.54
CA LEU B 1643 -4.17 -16.30 51.49
C LEU B 1643 -4.29 -17.57 52.32
N LEU B 1644 -4.86 -17.46 53.53
CA LEU B 1644 -5.06 -18.64 54.37
C LEU B 1644 -6.04 -19.61 53.73
N ALA B 1645 -7.14 -19.12 53.16
CA ALA B 1645 -8.07 -19.99 52.46
C ALA B 1645 -7.43 -20.64 51.24
N TYR B 1646 -6.62 -19.90 50.50
CA TYR B 1646 -5.89 -20.48 49.38
C TYR B 1646 -4.97 -21.61 49.81
N CYS B 1647 -4.26 -21.44 50.92
CA CYS B 1647 -3.40 -22.51 51.42
C CYS B 1647 -4.22 -23.72 51.86
N LEU B 1648 -5.29 -23.50 52.62
CA LEU B 1648 -6.10 -24.61 53.09
C LEU B 1648 -6.77 -25.35 51.93
N LEU B 1649 -7.21 -24.60 50.92
CA LEU B 1649 -7.76 -25.22 49.71
C LEU B 1649 -6.71 -26.05 49.00
N ASN B 1650 -5.48 -25.54 48.90
CA ASN B 1650 -4.42 -26.32 48.27
C ASN B 1650 -4.22 -27.63 49.01
N TYR B 1651 -4.25 -27.59 50.34
CA TYR B 1651 -4.17 -28.84 51.10
C TYR B 1651 -5.36 -29.76 50.80
N CYS B 1652 -6.56 -29.19 50.74
CA CYS B 1652 -7.77 -30.00 50.57
C CYS B 1652 -7.85 -30.62 49.18
N LYS B 1653 -7.20 -30.01 48.18
CA LYS B 1653 -7.30 -30.51 46.82
C LYS B 1653 -6.74 -31.92 46.70
N ARG B 1654 -5.63 -32.21 47.37
CA ARG B 1654 -5.01 -33.52 47.26
C ARG B 1654 -5.46 -34.49 48.33
N ASN B 1655 -5.89 -34.00 49.49
CA ASN B 1655 -6.36 -34.83 50.59
C ASN B 1655 -7.88 -34.71 50.68
N TYR B 1656 -8.58 -35.59 49.96
CA TYR B 1656 -10.04 -35.55 49.92
C TYR B 1656 -10.66 -35.97 51.24
N GLY B 1657 -10.03 -36.90 51.96
CA GLY B 1657 -10.62 -37.42 53.18
C GLY B 1657 -10.81 -36.41 54.28
N ASP B 1658 -10.06 -35.32 54.25
CA ASP B 1658 -10.19 -34.26 55.25
C ASP B 1658 -11.39 -33.39 54.88
N ILE B 1659 -12.58 -33.96 55.08
CA ILE B 1659 -13.82 -33.25 54.80
C ILE B 1659 -14.04 -32.13 55.82
N GLU B 1660 -13.57 -32.33 57.06
CA GLU B 1660 -13.78 -31.32 58.09
C GLU B 1660 -13.13 -30.00 57.73
N LEU B 1661 -11.88 -30.04 57.28
CA LEU B 1661 -11.20 -28.81 56.87
C LEU B 1661 -11.87 -28.20 55.64
N LEU B 1662 -12.43 -29.02 54.75
CA LEU B 1662 -13.18 -28.50 53.62
C LEU B 1662 -14.40 -27.72 54.09
N PHE B 1663 -15.10 -28.24 55.10
CA PHE B 1663 -16.28 -27.55 55.61
C PHE B 1663 -15.94 -26.25 56.32
N GLN B 1664 -14.79 -26.20 57.01
CA GLN B 1664 -14.39 -24.97 57.68
C GLN B 1664 -14.04 -23.86 56.70
N LEU B 1665 -13.78 -24.19 55.44
CA LEU B 1665 -13.53 -23.18 54.44
C LEU B 1665 -14.76 -22.34 54.13
N LEU B 1666 -15.95 -22.87 54.43
CA LEU B 1666 -17.18 -22.13 54.19
C LEU B 1666 -17.37 -20.98 55.15
N ARG B 1667 -16.51 -20.86 56.16
CA ARG B 1667 -16.49 -19.65 56.99
C ARG B 1667 -16.15 -18.42 56.15
N ALA B 1668 -15.48 -18.61 55.01
CA ALA B 1668 -15.26 -17.52 54.07
C ALA B 1668 -16.58 -16.97 53.54
N PHE B 1669 -17.61 -17.80 53.44
CA PHE B 1669 -18.89 -17.38 52.91
C PHE B 1669 -19.87 -16.91 53.98
N THR B 1670 -19.62 -17.19 55.25
CA THR B 1670 -20.49 -16.68 56.30
C THR B 1670 -20.27 -15.19 56.56
N GLY B 1671 -19.02 -14.75 56.51
CA GLY B 1671 -18.71 -13.34 56.62
C GLY B 1671 -18.95 -12.62 55.31
N ARG B 1672 -18.52 -11.36 55.27
CA ARG B 1672 -18.36 -10.62 54.02
C ARG B 1672 -17.00 -9.95 54.04
N PHE B 1673 -15.99 -10.73 53.68
CA PHE B 1673 -14.62 -10.22 53.60
C PHE B 1673 -14.47 -9.26 52.41
N LEU B 1674 -13.46 -8.40 52.52
CA LEU B 1674 -13.12 -7.44 51.49
C LEU B 1674 -12.09 -8.02 50.51
N CYS B 1675 -11.88 -9.32 50.51
CA CYS B 1675 -11.11 -10.01 49.49
C CYS B 1675 -11.97 -11.08 48.82
N ASN B 1676 -11.79 -11.21 47.51
CA ASN B 1676 -12.66 -12.03 46.68
C ASN B 1676 -12.38 -13.51 46.92
N MET B 1677 -13.35 -14.20 47.51
CA MET B 1677 -13.29 -15.64 47.78
C MET B 1677 -13.88 -16.48 46.66
N THR B 1678 -14.07 -15.89 45.48
CA THR B 1678 -14.69 -16.59 44.35
C THR B 1678 -13.95 -17.87 43.97
N PHE B 1679 -12.64 -17.93 44.18
CA PHE B 1679 -11.92 -19.18 43.92
C PHE B 1679 -12.37 -20.35 44.79
N LEU B 1680 -12.78 -20.10 46.04
CA LEU B 1680 -13.40 -21.18 46.83
C LEU B 1680 -14.73 -21.62 46.26
N LYS B 1681 -15.58 -20.66 45.85
CA LYS B 1681 -16.89 -21.01 45.32
C LYS B 1681 -16.74 -21.79 44.01
N GLU B 1682 -15.87 -21.31 43.13
CA GLU B 1682 -15.53 -22.02 41.90
C GLU B 1682 -15.06 -23.43 42.19
N TYR B 1683 -14.11 -23.60 43.11
CA TYR B 1683 -13.65 -24.95 43.44
C TYR B 1683 -14.80 -25.82 43.92
N MET B 1684 -15.62 -25.30 44.83
CA MET B 1684 -16.61 -26.15 45.48
C MET B 1684 -17.74 -26.53 44.53
N GLU B 1685 -18.19 -25.58 43.72
CA GLU B 1685 -19.31 -25.84 42.83
C GLU B 1685 -18.89 -26.58 41.56
N GLU B 1686 -17.70 -26.30 41.02
CA GLU B 1686 -17.27 -26.93 39.78
C GLU B 1686 -16.40 -28.16 40.01
N GLU B 1687 -15.30 -28.03 40.75
CA GLU B 1687 -14.27 -29.06 40.77
C GLU B 1687 -14.68 -30.27 41.60
N ILE B 1688 -15.35 -30.06 42.73
CA ILE B 1688 -15.75 -31.18 43.57
C ILE B 1688 -16.72 -32.12 42.84
N PRO B 1689 -17.79 -31.64 42.20
CA PRO B 1689 -18.65 -32.58 41.46
C PRO B 1689 -17.91 -33.30 40.36
N LYS B 1690 -16.99 -32.62 39.69
CA LYS B 1690 -16.26 -33.22 38.57
C LYS B 1690 -15.25 -34.26 39.06
N ASN B 1691 -14.51 -33.93 40.12
CA ASN B 1691 -13.34 -34.72 40.52
C ASN B 1691 -13.68 -35.81 41.53
N TYR B 1692 -14.47 -35.50 42.55
CA TYR B 1692 -14.75 -36.46 43.61
C TYR B 1692 -15.47 -37.68 43.05
N SER B 1693 -15.17 -38.83 43.62
CA SER B 1693 -15.81 -40.08 43.22
C SER B 1693 -17.13 -40.25 43.95
N ILE B 1694 -17.86 -41.31 43.60
CA ILE B 1694 -19.12 -41.60 44.26
C ILE B 1694 -18.89 -41.93 45.74
N ALA B 1695 -17.84 -42.70 46.03
CA ALA B 1695 -17.51 -42.99 47.43
C ALA B 1695 -17.16 -41.72 48.20
N GLN B 1696 -16.43 -40.81 47.56
CA GLN B 1696 -16.06 -39.57 48.23
C GLN B 1696 -17.26 -38.65 48.42
N LYS B 1697 -18.19 -38.64 47.46
CA LYS B 1697 -19.42 -37.89 47.63
C LYS B 1697 -20.27 -38.47 48.77
N ARG B 1698 -20.34 -39.79 48.86
CA ARG B 1698 -21.03 -40.42 49.97
C ARG B 1698 -20.38 -40.07 51.30
N ALA B 1699 -19.05 -40.02 51.31
CA ALA B 1699 -18.34 -39.61 52.52
C ALA B 1699 -18.68 -38.17 52.88
N LEU B 1700 -18.77 -37.29 51.88
CA LEU B 1700 -19.21 -35.92 52.12
C LEU B 1700 -20.57 -35.90 52.82
N PHE B 1701 -21.54 -36.63 52.27
CA PHE B 1701 -22.88 -36.60 52.84
C PHE B 1701 -22.88 -37.16 54.27
N PHE B 1702 -22.21 -38.29 54.49
CA PHE B 1702 -22.23 -38.91 55.80
C PHE B 1702 -21.44 -38.12 56.82
N ARG B 1703 -20.48 -37.32 56.39
CA ARG B 1703 -19.81 -36.39 57.29
C ARG B 1703 -20.71 -35.20 57.61
N PHE B 1704 -21.52 -34.77 56.64
CA PHE B 1704 -22.49 -33.72 56.91
C PHE B 1704 -23.53 -34.18 57.93
N VAL B 1705 -23.89 -35.46 57.89
CA VAL B 1705 -24.93 -35.96 58.80
C VAL B 1705 -24.43 -35.95 60.24
N ASP B 1706 -23.22 -36.46 60.48
CA ASP B 1706 -22.71 -36.66 61.83
C ASP B 1706 -21.78 -35.55 62.29
N PHE B 1707 -21.94 -34.34 61.76
CA PHE B 1707 -21.06 -33.22 62.12
C PHE B 1707 -21.58 -32.59 63.40
N ASN B 1708 -21.15 -33.14 64.53
CA ASN B 1708 -21.52 -32.63 65.85
C ASN B 1708 -20.38 -31.76 66.38
N ASP B 1709 -20.30 -30.55 65.85
CA ASP B 1709 -19.32 -29.56 66.28
C ASP B 1709 -20.07 -28.34 66.81
N PRO B 1710 -19.90 -27.97 68.08
CA PRO B 1710 -20.66 -26.84 68.63
C PRO B 1710 -20.40 -25.52 67.91
N ASN B 1711 -19.21 -25.32 67.37
CA ASN B 1711 -18.85 -24.06 66.73
C ASN B 1711 -19.25 -24.00 65.26
N PHE B 1712 -19.88 -25.05 64.74
CA PHE B 1712 -20.31 -25.13 63.34
C PHE B 1712 -21.82 -25.00 63.32
N GLY B 1713 -22.31 -23.76 63.22
CA GLY B 1713 -23.71 -23.48 63.36
C GLY B 1713 -24.54 -23.88 62.16
N ASP B 1714 -25.81 -23.50 62.20
CA ASP B 1714 -26.74 -23.85 61.14
C ASP B 1714 -26.43 -23.11 59.84
N GLU B 1715 -25.91 -21.88 59.92
CA GLU B 1715 -25.57 -21.16 58.70
C GLU B 1715 -24.43 -21.83 57.94
N LEU B 1716 -23.47 -22.40 58.67
CA LEU B 1716 -22.39 -23.12 58.02
C LEU B 1716 -22.89 -24.42 57.39
N LYS B 1717 -23.85 -25.09 58.02
CA LYS B 1717 -24.44 -26.27 57.40
C LYS B 1717 -25.24 -25.89 56.17
N ALA B 1718 -25.90 -24.74 56.20
CA ALA B 1718 -26.55 -24.22 55.01
C ALA B 1718 -25.55 -23.98 53.89
N LYS B 1719 -24.39 -23.43 54.24
CA LYS B 1719 -23.33 -23.27 53.25
C LYS B 1719 -22.86 -24.61 52.70
N VAL B 1720 -22.76 -25.62 53.57
CA VAL B 1720 -22.36 -26.96 53.12
C VAL B 1720 -23.34 -27.47 52.07
N LEU B 1721 -24.64 -27.42 52.39
CA LEU B 1721 -25.65 -27.90 51.46
C LEU B 1721 -25.67 -27.07 50.18
N GLN B 1722 -25.45 -25.76 50.29
CA GLN B 1722 -25.55 -24.88 49.13
C GLN B 1722 -24.38 -25.09 48.18
N HIS B 1723 -23.16 -25.19 48.70
CA HIS B 1723 -21.97 -25.15 47.86
C HIS B 1723 -21.36 -26.51 47.57
N ILE B 1724 -21.51 -27.49 48.45
CA ILE B 1724 -20.84 -28.78 48.29
C ILE B 1724 -21.83 -29.89 47.94
N LEU B 1725 -22.78 -30.17 48.83
CA LEU B 1725 -23.60 -31.37 48.67
C LEU B 1725 -24.52 -31.27 47.46
N ASN B 1726 -25.27 -30.17 47.34
CA ASN B 1726 -26.24 -30.06 46.26
C ASN B 1726 -25.60 -30.07 44.88
N PRO B 1727 -24.56 -29.27 44.59
CA PRO B 1727 -23.94 -29.36 43.25
C PRO B 1727 -23.38 -30.72 42.94
N ALA B 1728 -22.72 -31.37 43.90
CA ALA B 1728 -22.13 -32.67 43.65
C ALA B 1728 -23.21 -33.71 43.35
N PHE B 1729 -24.27 -33.72 44.14
CA PHE B 1729 -25.33 -34.69 43.91
C PHE B 1729 -26.09 -34.40 42.62
N LEU B 1730 -26.26 -33.12 42.28
CA LEU B 1730 -26.90 -32.78 41.02
C LEU B 1730 -26.08 -33.27 39.83
N TYR B 1731 -24.75 -33.08 39.90
CA TYR B 1731 -23.89 -33.57 38.83
C TYR B 1731 -23.96 -35.09 38.72
N SER B 1732 -23.93 -35.77 39.86
CA SER B 1732 -24.01 -37.24 39.85
C SER B 1732 -25.31 -37.72 39.25
N PHE B 1733 -26.43 -37.10 39.64
CA PHE B 1733 -27.72 -37.51 39.08
C PHE B 1733 -27.80 -37.20 37.59
N GLU B 1734 -27.25 -36.07 37.16
CA GLU B 1734 -27.26 -35.74 35.74
C GLU B 1734 -26.43 -36.74 34.94
N LYS B 1735 -25.33 -37.21 35.50
CA LYS B 1735 -24.53 -38.23 34.82
C LYS B 1735 -25.19 -39.60 34.86
N GLY B 1736 -26.05 -39.87 35.83
CA GLY B 1736 -26.71 -41.15 35.95
C GLY B 1736 -26.21 -42.04 37.06
N GLU B 1737 -25.34 -41.54 37.95
CA GLU B 1737 -24.76 -42.33 39.02
C GLU B 1737 -25.63 -42.35 40.27
N GLY B 1738 -26.94 -42.13 40.13
CA GLY B 1738 -27.79 -42.00 41.30
C GLY B 1738 -27.90 -43.28 42.10
N GLU B 1739 -27.93 -44.42 41.41
CA GLU B 1739 -28.07 -45.70 42.08
C GLU B 1739 -26.88 -45.99 42.97
N GLN B 1740 -25.67 -45.75 42.47
CA GLN B 1740 -24.48 -45.97 43.27
C GLN B 1740 -24.35 -44.95 44.40
N LEU B 1741 -24.63 -43.68 44.11
CA LEU B 1741 -24.46 -42.65 45.13
C LEU B 1741 -25.44 -42.82 46.28
N LEU B 1742 -26.72 -43.03 45.98
CA LEU B 1742 -27.71 -43.22 47.02
C LEU B 1742 -27.55 -44.56 47.73
N GLY B 1743 -27.05 -45.58 47.04
CA GLY B 1743 -27.00 -46.91 47.58
C GLY B 1743 -28.36 -47.57 47.53
N PRO B 1744 -28.65 -48.43 48.51
CA PRO B 1744 -29.82 -49.31 48.40
C PRO B 1744 -31.11 -48.55 48.57
N PRO B 1745 -32.14 -48.91 47.81
CA PRO B 1745 -33.41 -48.15 47.82
C PRO B 1745 -34.27 -48.48 49.02
N ASN B 1746 -33.66 -48.60 50.20
CA ASN B 1746 -34.26 -49.22 51.38
C ASN B 1746 -35.64 -48.68 51.72
N PRO B 1747 -36.70 -49.46 51.47
CA PRO B 1747 -38.06 -48.99 51.78
C PRO B 1747 -38.32 -48.76 53.25
N GLU B 1748 -37.45 -49.23 54.15
CA GLU B 1748 -37.79 -49.32 55.57
C GLU B 1748 -36.93 -48.41 56.45
N GLY B 1749 -36.09 -47.56 55.86
CA GLY B 1749 -35.45 -46.48 56.57
C GLY B 1749 -34.36 -46.85 57.56
N ASP B 1750 -34.18 -48.14 57.87
CA ASP B 1750 -33.17 -48.51 58.86
C ASP B 1750 -31.76 -48.52 58.28
N ASN B 1751 -31.57 -49.04 57.08
CA ASN B 1751 -30.28 -49.32 56.46
C ASN B 1751 -29.39 -48.08 56.48
N PRO B 1752 -28.29 -48.10 57.26
CA PRO B 1752 -27.40 -46.92 57.31
C PRO B 1752 -26.69 -46.60 56.01
N GLU B 1753 -26.75 -47.46 55.00
CA GLU B 1753 -26.11 -47.20 53.72
C GLU B 1753 -26.99 -46.43 52.75
N SER B 1754 -28.29 -46.31 53.03
CA SER B 1754 -29.23 -45.69 52.10
C SER B 1754 -29.29 -44.20 52.38
N ILE B 1755 -28.75 -43.40 51.45
CA ILE B 1755 -28.66 -41.96 51.63
C ILE B 1755 -30.02 -41.34 51.89
N THR B 1756 -31.05 -41.80 51.19
CA THR B 1756 -32.39 -41.27 51.41
C THR B 1756 -32.93 -41.64 52.78
N SER B 1757 -32.59 -42.83 53.27
CA SER B 1757 -33.06 -43.27 54.57
C SER B 1757 -32.44 -42.47 55.69
N VAL B 1758 -31.11 -42.33 55.68
CA VAL B 1758 -30.46 -41.56 56.72
C VAL B 1758 -30.80 -40.08 56.60
N PHE B 1759 -30.96 -39.55 55.40
CA PHE B 1759 -31.38 -38.16 55.26
C PHE B 1759 -32.73 -37.91 55.91
N ILE B 1760 -33.74 -38.70 55.55
CA ILE B 1760 -35.09 -38.49 56.06
C ILE B 1760 -35.18 -38.79 57.54
N THR B 1761 -34.49 -39.81 58.02
CA THR B 1761 -34.60 -40.14 59.44
C THR B 1761 -33.75 -39.24 60.33
N LYS B 1762 -32.46 -39.12 60.04
CA LYS B 1762 -31.56 -38.37 60.90
C LYS B 1762 -31.63 -36.86 60.66
N VAL B 1763 -31.54 -36.42 59.41
CA VAL B 1763 -31.48 -34.98 59.15
C VAL B 1763 -32.83 -34.32 59.37
N LEU B 1764 -33.89 -34.91 58.83
CA LEU B 1764 -35.23 -34.35 58.94
C LEU B 1764 -35.92 -34.69 60.27
N ASP B 1765 -35.19 -35.23 61.23
CA ASP B 1765 -35.71 -35.60 62.55
C ASP B 1765 -36.56 -34.47 63.12
N PRO B 1766 -37.85 -34.71 63.38
CA PRO B 1766 -38.73 -33.65 63.91
C PRO B 1766 -38.22 -32.94 65.16
N GLU B 1767 -37.48 -33.62 66.02
CA GLU B 1767 -36.94 -32.94 67.22
C GLU B 1767 -35.97 -31.83 66.85
N LYS B 1768 -35.25 -31.97 65.74
CA LYS B 1768 -34.33 -30.94 65.30
C LYS B 1768 -35.08 -29.73 64.72
N GLN B 1769 -36.27 -29.95 64.16
CA GLN B 1769 -36.97 -28.94 63.37
C GLN B 1769 -37.20 -27.64 64.13
N ALA B 1770 -37.23 -27.68 65.46
CA ALA B 1770 -37.69 -26.52 66.23
C ALA B 1770 -36.82 -25.29 65.97
N ASP B 1771 -35.55 -25.35 66.34
CA ASP B 1771 -34.66 -24.20 66.25
C ASP B 1771 -34.12 -23.97 64.84
N MET B 1772 -34.60 -24.72 63.86
CA MET B 1772 -34.13 -24.69 62.49
C MET B 1772 -34.07 -23.28 61.92
N LEU B 1773 -32.87 -22.85 61.54
CA LEU B 1773 -32.73 -21.60 60.79
C LEU B 1773 -33.32 -21.74 59.40
N ASP B 1774 -33.86 -20.62 58.90
CA ASP B 1774 -34.57 -20.65 57.62
C ASP B 1774 -33.67 -21.00 56.44
N SER B 1775 -32.41 -20.55 56.47
CA SER B 1775 -31.51 -20.91 55.37
C SER B 1775 -31.23 -22.40 55.33
N LEU B 1776 -30.98 -23.00 56.49
CA LEU B 1776 -30.75 -24.44 56.55
C LEU B 1776 -31.96 -25.22 56.06
N ARG B 1777 -33.16 -24.81 56.51
CA ARG B 1777 -34.39 -25.45 56.04
C ARG B 1777 -34.56 -25.32 54.54
N ILE B 1778 -34.31 -24.12 54.00
CA ILE B 1778 -34.44 -23.91 52.56
C ILE B 1778 -33.53 -24.85 51.78
N TYR B 1779 -32.27 -24.94 52.18
CA TYR B 1779 -31.36 -25.76 51.39
C TYR B 1779 -31.59 -27.26 51.64
N LEU B 1780 -32.12 -27.63 52.81
CA LEU B 1780 -32.56 -29.01 53.01
C LEU B 1780 -33.74 -29.35 52.11
N LEU B 1781 -34.68 -28.42 51.94
CA LEU B 1781 -35.78 -28.65 51.02
C LEU B 1781 -35.31 -28.72 49.57
N GLN B 1782 -34.27 -27.97 49.22
CA GLN B 1782 -33.71 -28.09 47.88
C GLN B 1782 -33.04 -29.46 47.68
N TYR B 1783 -32.33 -29.94 48.69
CA TYR B 1783 -31.73 -31.28 48.59
C TYR B 1783 -32.82 -32.36 48.49
N ALA B 1784 -33.88 -32.21 49.27
CA ALA B 1784 -34.99 -33.16 49.18
C ALA B 1784 -35.67 -33.10 47.82
N THR B 1785 -35.69 -31.92 47.19
CA THR B 1785 -36.23 -31.81 45.85
C THR B 1785 -35.36 -32.53 44.84
N LEU B 1786 -34.03 -32.44 45.00
CA LEU B 1786 -33.14 -33.26 44.17
C LEU B 1786 -33.44 -34.74 44.35
N LEU B 1787 -33.52 -35.20 45.60
CA LEU B 1787 -33.80 -36.61 45.85
C LEU B 1787 -35.12 -37.05 45.22
N VAL B 1788 -36.17 -36.24 45.35
CA VAL B 1788 -37.48 -36.64 44.82
C VAL B 1788 -37.46 -36.64 43.30
N GLU B 1789 -36.93 -35.58 42.69
CA GLU B 1789 -36.99 -35.44 41.25
C GLU B 1789 -36.11 -36.49 40.55
N HIS B 1790 -34.85 -36.59 40.96
CA HIS B 1790 -33.93 -37.52 40.33
C HIS B 1790 -34.11 -38.97 40.76
N ALA B 1791 -34.55 -39.22 41.98
CA ALA B 1791 -34.61 -40.59 42.52
C ALA B 1791 -35.91 -40.89 43.23
N PRO B 1792 -37.05 -40.82 42.52
CA PRO B 1792 -38.33 -41.08 43.18
C PRO B 1792 -38.44 -42.51 43.71
N HIS B 1793 -37.86 -43.45 42.99
CA HIS B 1793 -37.86 -44.87 43.40
C HIS B 1793 -37.29 -45.08 44.80
N HIS B 1794 -36.23 -44.35 45.15
CA HIS B 1794 -35.68 -44.48 46.51
C HIS B 1794 -36.58 -43.87 47.57
N ILE B 1795 -37.31 -42.80 47.23
CA ILE B 1795 -38.21 -42.21 48.22
C ILE B 1795 -39.44 -43.08 48.44
N HIS B 1796 -40.10 -43.50 47.38
CA HIS B 1796 -41.34 -44.26 47.54
C HIS B 1796 -41.54 -45.18 46.34
N ASP B 1797 -41.66 -46.47 46.61
CA ASP B 1797 -42.09 -47.45 45.62
C ASP B 1797 -43.61 -47.54 45.65
N ASN B 1798 -44.24 -47.30 44.49
CA ASN B 1798 -45.69 -47.30 44.42
C ASN B 1798 -46.29 -48.68 44.69
N ASN B 1799 -45.50 -49.74 44.56
CA ASN B 1799 -46.02 -51.08 44.83
C ASN B 1799 -46.24 -51.32 46.31
N LYS B 1800 -45.48 -50.64 47.16
CA LYS B 1800 -45.59 -50.85 48.59
C LYS B 1800 -46.93 -50.34 49.11
N ASN B 1801 -47.56 -51.13 49.97
CA ASN B 1801 -48.84 -50.73 50.54
C ASN B 1801 -48.69 -49.42 51.33
N ARG B 1802 -47.63 -49.32 52.13
CA ARG B 1802 -47.35 -48.11 52.90
C ARG B 1802 -45.85 -47.87 52.88
N ASN B 1803 -45.47 -46.60 52.89
CA ASN B 1803 -44.08 -46.21 53.14
C ASN B 1803 -44.05 -45.01 54.08
N SER B 1804 -43.24 -45.14 55.13
CA SER B 1804 -43.07 -44.07 56.11
C SER B 1804 -42.23 -42.91 55.57
N LYS B 1805 -41.28 -43.17 54.67
CA LYS B 1805 -40.34 -42.12 54.26
C LYS B 1805 -41.03 -40.98 53.52
N LEU B 1806 -41.96 -41.30 52.62
CA LEU B 1806 -42.77 -40.28 51.96
C LEU B 1806 -43.56 -39.47 52.97
N ARG B 1807 -44.22 -40.14 53.93
CA ARG B 1807 -44.95 -39.44 54.98
C ARG B 1807 -44.05 -38.51 55.79
N ARG B 1808 -42.85 -38.97 56.16
CA ARG B 1808 -41.95 -38.15 56.96
C ARG B 1808 -41.37 -36.98 56.16
N LEU B 1809 -41.18 -37.15 54.86
CA LEU B 1809 -40.74 -36.03 54.02
C LEU B 1809 -41.84 -34.99 53.83
N MET B 1810 -43.07 -35.46 53.59
CA MET B 1810 -44.21 -34.54 53.57
C MET B 1810 -44.41 -33.85 54.91
N THR B 1811 -44.23 -34.58 56.01
CA THR B 1811 -44.31 -33.97 57.33
C THR B 1811 -43.24 -32.91 57.53
N PHE B 1812 -42.06 -33.10 56.95
CA PHE B 1812 -41.04 -32.06 57.03
C PHE B 1812 -41.42 -30.84 56.20
N ALA B 1813 -42.01 -31.05 55.02
CA ALA B 1813 -42.53 -29.93 54.24
C ALA B 1813 -43.71 -29.25 54.90
N TRP B 1814 -44.59 -30.01 55.56
CA TRP B 1814 -45.93 -29.60 55.97
C TRP B 1814 -46.05 -28.31 56.81
N PRO B 1815 -45.11 -28.01 57.72
CA PRO B 1815 -45.17 -26.72 58.43
C PRO B 1815 -45.32 -25.47 57.57
N CYS B 1816 -44.91 -25.55 56.30
CA CYS B 1816 -45.15 -24.43 55.39
C CYS B 1816 -46.64 -24.23 55.09
N LEU B 1817 -47.43 -25.30 55.10
CA LEU B 1817 -48.87 -25.17 54.88
C LEU B 1817 -49.63 -24.63 56.09
N LEU B 1818 -49.03 -24.70 57.29
CA LEU B 1818 -49.62 -24.01 58.44
C LEU B 1818 -49.77 -22.52 58.15
N SER B 1819 -50.84 -21.94 58.67
CA SER B 1819 -51.25 -20.57 58.38
C SER B 1819 -50.66 -19.55 59.35
N LYS B 1820 -49.45 -19.79 59.85
CA LYS B 1820 -48.81 -18.81 60.72
C LYS B 1820 -48.53 -17.53 59.95
N ALA B 1821 -48.44 -16.42 60.69
CA ALA B 1821 -48.36 -15.10 60.09
C ALA B 1821 -46.95 -14.53 60.03
N CYS B 1822 -45.98 -15.13 60.73
CA CYS B 1822 -44.60 -14.63 60.72
C CYS B 1822 -43.69 -15.78 60.29
N VAL B 1823 -43.61 -16.00 58.98
CA VAL B 1823 -42.71 -16.98 58.39
C VAL B 1823 -42.02 -16.31 57.20
N ASP B 1824 -40.72 -16.52 57.08
CA ASP B 1824 -40.02 -16.02 55.91
C ASP B 1824 -40.62 -16.66 54.66
N PRO B 1825 -41.04 -15.87 53.67
CA PRO B 1825 -41.80 -16.45 52.55
C PRO B 1825 -41.02 -17.46 51.73
N ALA B 1826 -39.70 -17.30 51.62
CA ALA B 1826 -38.89 -18.25 50.87
C ALA B 1826 -38.91 -19.64 51.48
N CYS B 1827 -38.86 -19.75 52.81
CA CYS B 1827 -38.96 -21.05 53.46
C CYS B 1827 -40.31 -21.73 53.22
N LYS B 1828 -41.39 -20.99 53.41
CA LYS B 1828 -42.74 -21.52 53.17
C LYS B 1828 -42.92 -21.99 51.73
N TYR B 1829 -42.57 -21.13 50.79
CA TYR B 1829 -42.79 -21.52 49.40
C TYR B 1829 -41.77 -22.56 48.92
N SER B 1830 -40.55 -22.59 49.47
CA SER B 1830 -39.66 -23.70 49.17
C SER B 1830 -40.28 -25.02 49.61
N GLY B 1831 -40.98 -25.01 50.75
CA GLY B 1831 -41.69 -26.20 51.18
C GLY B 1831 -42.84 -26.55 50.26
N HIS B 1832 -43.52 -25.53 49.74
CA HIS B 1832 -44.54 -25.77 48.72
C HIS B 1832 -43.94 -26.31 47.42
N LEU B 1833 -42.75 -25.86 47.04
CA LEU B 1833 -42.08 -26.39 45.87
C LEU B 1833 -41.70 -27.86 46.05
N LEU B 1834 -41.30 -28.24 47.25
CA LEU B 1834 -41.04 -29.65 47.53
C LEU B 1834 -42.33 -30.46 47.47
N LEU B 1835 -43.41 -29.93 48.04
CA LEU B 1835 -44.69 -30.64 47.95
C LEU B 1835 -45.20 -30.72 46.51
N ALA B 1836 -44.99 -29.66 45.71
CA ALA B 1836 -45.32 -29.71 44.29
C ALA B 1836 -44.56 -30.81 43.56
N HIS B 1837 -43.28 -30.96 43.86
CA HIS B 1837 -42.52 -32.05 43.24
C HIS B 1837 -43.02 -33.41 43.71
N ILE B 1838 -43.27 -33.58 45.01
CA ILE B 1838 -43.80 -34.84 45.52
C ILE B 1838 -45.14 -35.17 44.86
N ILE B 1839 -46.03 -34.18 44.76
CA ILE B 1839 -47.33 -34.38 44.12
C ILE B 1839 -47.17 -34.77 42.66
N ALA B 1840 -46.22 -34.17 41.95
CA ALA B 1840 -45.99 -34.54 40.57
C ALA B 1840 -45.48 -35.97 40.46
N LYS B 1841 -44.57 -36.37 41.36
CA LYS B 1841 -43.98 -37.70 41.26
C LYS B 1841 -44.91 -38.79 41.78
N PHE B 1842 -45.65 -38.54 42.86
CA PHE B 1842 -46.35 -39.57 43.59
C PHE B 1842 -47.85 -39.32 43.64
N ALA B 1843 -48.61 -40.42 43.65
CA ALA B 1843 -50.07 -40.39 43.69
C ALA B 1843 -50.54 -39.97 45.08
N ILE B 1844 -50.50 -38.66 45.32
CA ILE B 1844 -50.95 -38.08 46.58
C ILE B 1844 -52.46 -37.91 46.56
N HIS B 1845 -53.08 -38.04 47.74
CA HIS B 1845 -54.52 -37.87 47.88
C HIS B 1845 -54.95 -36.47 47.44
N LYS B 1846 -56.24 -36.36 47.08
CA LYS B 1846 -56.76 -35.11 46.52
C LYS B 1846 -56.63 -33.96 47.49
N LYS B 1847 -56.91 -34.19 48.78
CA LYS B 1847 -57.01 -33.07 49.72
C LYS B 1847 -55.68 -32.33 49.87
N ILE B 1848 -54.56 -33.07 49.85
CA ILE B 1848 -53.25 -32.44 49.95
C ILE B 1848 -52.96 -31.63 48.69
N VAL B 1849 -53.24 -32.19 47.52
CA VAL B 1849 -53.01 -31.47 46.27
C VAL B 1849 -53.82 -30.19 46.24
N LEU B 1850 -55.09 -30.27 46.62
CA LEU B 1850 -55.96 -29.10 46.58
C LEU B 1850 -55.55 -28.06 47.62
N GLN B 1851 -55.07 -28.49 48.78
CA GLN B 1851 -54.57 -27.54 49.76
C GLN B 1851 -53.31 -26.83 49.29
N VAL B 1852 -52.38 -27.56 48.67
CA VAL B 1852 -51.18 -26.95 48.12
C VAL B 1852 -51.53 -25.98 47.01
N PHE B 1853 -52.46 -26.37 46.13
CA PHE B 1853 -52.85 -25.49 45.03
C PHE B 1853 -53.51 -24.23 45.55
N HIS B 1854 -54.42 -24.36 46.52
CA HIS B 1854 -55.10 -23.19 47.06
C HIS B 1854 -54.13 -22.26 47.75
N SER B 1855 -53.17 -22.82 48.49
CA SER B 1855 -52.18 -22.00 49.19
C SER B 1855 -51.24 -21.29 48.22
N LEU B 1856 -50.90 -21.92 47.09
CA LEU B 1856 -50.14 -21.23 46.07
C LEU B 1856 -50.96 -20.19 45.33
N LEU B 1857 -52.26 -20.41 45.19
CA LEU B 1857 -53.12 -19.39 44.58
C LEU B 1857 -53.20 -18.14 45.45
N LYS B 1858 -53.29 -18.32 46.77
CA LYS B 1858 -53.31 -17.19 47.69
C LYS B 1858 -51.96 -16.51 47.84
N ALA B 1859 -50.92 -17.00 47.15
CA ALA B 1859 -49.56 -16.48 47.30
C ALA B 1859 -49.30 -15.38 46.27
N HIS B 1860 -49.91 -14.23 46.51
CA HIS B 1860 -49.73 -13.07 45.65
C HIS B 1860 -48.66 -12.12 46.14
N ALA B 1861 -47.97 -12.44 47.22
CA ALA B 1861 -46.94 -11.56 47.75
C ALA B 1861 -45.76 -11.44 46.79
N MET B 1862 -45.18 -10.24 46.74
CA MET B 1862 -44.05 -9.99 45.85
C MET B 1862 -42.80 -10.71 46.31
N GLU B 1863 -42.63 -10.89 47.63
CA GLU B 1863 -41.37 -11.35 48.19
C GLU B 1863 -40.99 -12.74 47.69
N ALA B 1864 -41.97 -13.62 47.49
CA ALA B 1864 -41.70 -15.00 47.09
C ALA B 1864 -42.23 -15.32 45.70
N ARG B 1865 -42.22 -14.34 44.80
CA ARG B 1865 -42.85 -14.52 43.49
C ARG B 1865 -42.17 -15.64 42.70
N ALA B 1866 -40.84 -15.69 42.70
CA ALA B 1866 -40.13 -16.65 41.87
C ALA B 1866 -40.38 -18.09 42.34
N ILE B 1867 -40.30 -18.33 43.65
CA ILE B 1867 -40.50 -19.67 44.17
C ILE B 1867 -41.93 -20.12 43.93
N VAL B 1868 -42.89 -19.21 44.12
CA VAL B 1868 -44.30 -19.53 43.86
C VAL B 1868 -44.50 -19.86 42.38
N ARG B 1869 -43.84 -19.11 41.50
CA ARG B 1869 -43.96 -19.39 40.07
C ARG B 1869 -43.39 -20.76 39.72
N GLN B 1870 -42.24 -21.11 40.32
CA GLN B 1870 -41.69 -22.45 40.11
C GLN B 1870 -42.66 -23.53 40.59
N ALA B 1871 -43.22 -23.34 41.78
CA ALA B 1871 -44.12 -24.33 42.33
C ALA B 1871 -45.37 -24.48 41.48
N MET B 1872 -45.92 -23.36 41.01
CA MET B 1872 -47.11 -23.40 40.16
C MET B 1872 -46.80 -24.02 38.81
N ALA B 1873 -45.62 -23.72 38.24
CA ALA B 1873 -45.24 -24.33 36.98
C ALA B 1873 -45.11 -25.84 37.11
N ILE B 1874 -44.65 -26.32 38.26
CA ILE B 1874 -44.60 -27.75 38.48
C ILE B 1874 -46.00 -28.32 38.67
N LEU B 1875 -46.83 -27.64 39.48
CA LEU B 1875 -48.05 -28.24 39.99
C LEU B 1875 -49.20 -28.18 38.98
N THR B 1876 -49.34 -27.08 38.26
CA THR B 1876 -50.50 -26.91 37.39
C THR B 1876 -50.62 -28.00 36.33
N PRO B 1877 -49.55 -28.39 35.61
CA PRO B 1877 -49.68 -29.57 34.74
C PRO B 1877 -49.98 -30.84 35.51
N ALA B 1878 -49.53 -30.95 36.75
CA ALA B 1878 -49.72 -32.20 37.50
C ALA B 1878 -51.17 -32.42 37.89
N VAL B 1879 -51.93 -31.34 38.12
CA VAL B 1879 -53.30 -31.49 38.63
C VAL B 1879 -54.19 -32.29 37.68
N PRO B 1880 -54.27 -31.97 36.38
CA PRO B 1880 -55.07 -32.83 35.50
C PRO B 1880 -54.54 -34.25 35.40
N ALA B 1881 -53.22 -34.43 35.49
CA ALA B 1881 -52.65 -35.77 35.38
C ALA B 1881 -52.87 -36.61 36.63
N ARG B 1882 -53.14 -35.98 37.77
CA ARG B 1882 -53.23 -36.71 39.03
C ARG B 1882 -54.60 -37.33 39.22
N MET B 1883 -55.65 -36.53 39.19
CA MET B 1883 -56.98 -36.96 39.58
C MET B 1883 -57.93 -36.94 38.38
N GLU B 1884 -59.01 -37.71 38.49
CA GLU B 1884 -59.92 -37.90 37.38
C GLU B 1884 -60.72 -36.64 37.07
N ASP B 1885 -60.86 -35.73 38.02
CA ASP B 1885 -61.58 -34.47 37.83
C ASP B 1885 -60.64 -33.29 38.04
N GLY B 1886 -59.43 -33.39 37.51
CA GLY B 1886 -58.45 -32.33 37.71
C GLY B 1886 -58.84 -31.03 37.03
N HIS B 1887 -59.40 -31.11 35.83
CA HIS B 1887 -59.80 -29.90 35.12
C HIS B 1887 -60.91 -29.18 35.87
N GLN B 1888 -61.88 -29.94 36.40
CA GLN B 1888 -62.96 -29.32 37.16
C GLN B 1888 -62.42 -28.65 38.43
N MET B 1889 -61.44 -29.27 39.08
CA MET B 1889 -60.88 -28.67 40.28
C MET B 1889 -60.09 -27.41 39.96
N LEU B 1890 -59.32 -27.44 38.86
CA LEU B 1890 -58.62 -26.23 38.41
C LEU B 1890 -59.62 -25.11 38.17
N THR B 1891 -60.69 -25.40 37.42
CA THR B 1891 -61.72 -24.40 37.15
C THR B 1891 -62.32 -23.88 38.45
N HIS B 1892 -62.72 -24.80 39.33
CA HIS B 1892 -63.42 -24.42 40.56
C HIS B 1892 -62.56 -23.48 41.40
N TRP B 1893 -61.30 -23.84 41.61
CA TRP B 1893 -60.48 -23.03 42.51
C TRP B 1893 -60.05 -21.72 41.87
N THR B 1894 -59.72 -21.73 40.58
CA THR B 1894 -59.37 -20.48 39.90
C THR B 1894 -60.56 -19.52 39.89
N ARG B 1895 -61.75 -20.03 39.56
CA ARG B 1895 -62.95 -19.19 39.57
C ARG B 1895 -63.23 -18.66 40.97
N LYS B 1896 -63.13 -19.53 41.98
CA LYS B 1896 -63.44 -19.13 43.34
C LYS B 1896 -62.51 -18.02 43.79
N ILE B 1897 -61.21 -18.16 43.53
CA ILE B 1897 -60.28 -17.13 43.98
C ILE B 1897 -60.48 -15.84 43.18
N ILE B 1898 -60.73 -15.95 41.87
CA ILE B 1898 -60.92 -14.75 41.06
C ILE B 1898 -62.17 -13.99 41.49
N VAL B 1899 -63.22 -14.69 41.89
CA VAL B 1899 -64.48 -14.04 42.26
C VAL B 1899 -64.47 -13.59 43.72
N GLU B 1900 -64.34 -14.54 44.66
CA GLU B 1900 -64.42 -14.23 46.08
C GLU B 1900 -63.29 -13.31 46.52
N GLU B 1901 -62.21 -13.24 45.76
CA GLU B 1901 -61.16 -12.27 45.97
C GLU B 1901 -60.98 -11.50 44.66
N GLY B 1902 -59.90 -10.73 44.55
CA GLY B 1902 -59.72 -9.86 43.41
C GLY B 1902 -60.26 -8.47 43.60
N HIS B 1903 -60.98 -8.20 44.69
CA HIS B 1903 -61.19 -6.83 45.11
C HIS B 1903 -59.86 -6.15 45.44
N THR B 1904 -58.84 -6.93 45.76
CA THR B 1904 -57.47 -6.45 45.82
C THR B 1904 -56.77 -6.81 44.51
N VAL B 1905 -56.10 -5.82 43.91
CA VAL B 1905 -55.52 -6.02 42.58
C VAL B 1905 -54.44 -7.09 42.57
N PRO B 1906 -53.48 -7.13 43.51
CA PRO B 1906 -52.38 -8.10 43.38
C PRO B 1906 -52.83 -9.55 43.30
N GLN B 1907 -53.87 -9.94 44.03
CA GLN B 1907 -54.36 -11.31 43.94
C GLN B 1907 -54.84 -11.62 42.52
N LEU B 1908 -55.63 -10.71 41.95
CA LEU B 1908 -56.16 -10.90 40.61
C LEU B 1908 -55.03 -10.98 39.58
N VAL B 1909 -54.05 -10.09 39.69
CA VAL B 1909 -52.97 -10.10 38.71
C VAL B 1909 -52.12 -11.36 38.86
N HIS B 1910 -51.98 -11.87 40.09
CA HIS B 1910 -51.27 -13.12 40.30
C HIS B 1910 -51.97 -14.28 39.60
N ILE B 1911 -53.28 -14.38 39.80
CA ILE B 1911 -54.03 -15.46 39.16
C ILE B 1911 -54.00 -15.31 37.64
N LEU B 1912 -54.06 -14.08 37.14
CA LEU B 1912 -54.04 -13.88 35.70
C LEU B 1912 -52.68 -14.20 35.11
N HIS B 1913 -51.60 -13.89 35.84
CA HIS B 1913 -50.27 -14.31 35.41
C HIS B 1913 -50.20 -15.83 35.34
N LEU B 1914 -50.77 -16.52 36.33
CA LEU B 1914 -50.75 -17.97 36.31
C LEU B 1914 -51.54 -18.53 35.13
N ILE B 1915 -52.68 -17.91 34.80
CA ILE B 1915 -53.47 -18.34 33.65
C ILE B 1915 -52.69 -18.13 32.36
N VAL B 1916 -52.03 -16.98 32.23
CA VAL B 1916 -51.26 -16.68 31.03
C VAL B 1916 -50.13 -17.67 30.86
N GLN B 1917 -49.41 -17.98 31.95
CA GLN B 1917 -48.27 -18.89 31.85
C GLN B 1917 -48.71 -20.29 31.42
N HIS B 1918 -49.83 -20.77 31.94
CA HIS B 1918 -50.29 -22.14 31.71
C HIS B 1918 -51.59 -22.17 30.92
N PHE B 1919 -51.69 -21.34 29.88
CA PHE B 1919 -52.93 -21.30 29.10
C PHE B 1919 -53.20 -22.62 28.39
N LYS B 1920 -52.15 -23.35 28.02
CA LYS B 1920 -52.35 -24.65 27.38
C LYS B 1920 -53.03 -25.64 28.31
N VAL B 1921 -52.66 -25.60 29.60
CA VAL B 1921 -53.34 -26.44 30.59
C VAL B 1921 -54.81 -26.04 30.71
N TYR B 1922 -55.06 -24.74 30.79
CA TYR B 1922 -56.41 -24.22 31.00
C TYR B 1922 -57.29 -24.32 29.75
N TYR B 1923 -56.72 -24.67 28.60
CA TYR B 1923 -57.47 -24.70 27.34
C TYR B 1923 -58.74 -25.54 27.41
N PRO B 1924 -58.74 -26.78 27.92
CA PRO B 1924 -60.01 -27.54 28.01
C PRO B 1924 -61.06 -26.96 28.96
N VAL B 1925 -60.74 -25.89 29.69
CA VAL B 1925 -61.70 -25.25 30.58
C VAL B 1925 -61.78 -23.77 30.22
N ARG B 1926 -61.41 -23.46 28.98
CA ARG B 1926 -61.38 -22.10 28.46
C ARG B 1926 -62.70 -21.35 28.64
N HIS B 1927 -63.81 -22.03 28.36
CA HIS B 1927 -65.13 -21.38 28.35
C HIS B 1927 -65.49 -20.78 29.70
N HIS B 1928 -65.08 -21.41 30.80
CA HIS B 1928 -65.39 -20.87 32.11
C HIS B 1928 -64.53 -19.64 32.41
N LEU B 1929 -63.23 -19.77 32.23
CA LEU B 1929 -62.30 -18.69 32.59
C LEU B 1929 -62.46 -17.45 31.73
N VAL B 1930 -62.88 -17.59 30.47
CA VAL B 1930 -62.73 -16.51 29.51
C VAL B 1930 -63.51 -15.26 29.91
N GLN B 1931 -64.69 -15.43 30.51
CA GLN B 1931 -65.48 -14.27 30.91
C GLN B 1931 -64.76 -13.42 31.95
N HIS B 1932 -64.27 -14.07 33.00
CA HIS B 1932 -63.51 -13.35 34.02
C HIS B 1932 -62.23 -12.78 33.44
N MET B 1933 -61.61 -13.49 32.51
CA MET B 1933 -60.37 -13.00 31.91
C MET B 1933 -60.60 -11.71 31.16
N VAL B 1934 -61.64 -11.66 30.32
CA VAL B 1934 -61.87 -10.43 29.55
C VAL B 1934 -62.33 -9.30 30.46
N SER B 1935 -63.12 -9.61 31.49
CA SER B 1935 -63.54 -8.57 32.42
C SER B 1935 -62.35 -7.97 33.15
N ALA B 1936 -61.45 -8.82 33.65
CA ALA B 1936 -60.27 -8.34 34.35
C ALA B 1936 -59.34 -7.61 33.39
N MET B 1937 -59.26 -8.07 32.15
CA MET B 1937 -58.44 -7.39 31.15
C MET B 1937 -58.92 -5.95 30.95
N GLN B 1938 -60.22 -5.77 30.73
CA GLN B 1938 -60.77 -4.42 30.57
C GLN B 1938 -60.52 -3.57 31.81
N ARG B 1939 -60.79 -4.12 32.99
CA ARG B 1939 -60.62 -3.35 34.22
C ARG B 1939 -59.17 -2.93 34.41
N LEU B 1940 -58.23 -3.87 34.30
CA LEU B 1940 -56.83 -3.57 34.51
C LEU B 1940 -56.30 -2.63 33.45
N GLY B 1941 -56.81 -2.71 32.23
CA GLY B 1941 -56.34 -1.84 31.16
C GLY B 1941 -56.91 -0.45 31.18
N PHE B 1942 -58.02 -0.21 31.90
CA PHE B 1942 -58.67 1.09 31.85
C PHE B 1942 -58.87 1.77 33.21
N THR B 1943 -58.65 1.08 34.33
CA THR B 1943 -58.68 1.73 35.62
C THR B 1943 -57.64 2.85 35.69
N PRO B 1944 -57.93 3.95 36.39
CA PRO B 1944 -56.99 5.09 36.44
C PRO B 1944 -55.59 4.70 36.88
N SER B 1945 -54.59 5.34 36.25
CA SER B 1945 -53.16 5.21 36.60
C SER B 1945 -52.59 3.80 36.39
N VAL B 1946 -52.98 3.14 35.30
CA VAL B 1946 -52.42 1.82 34.98
C VAL B 1946 -50.91 1.91 34.89
N THR B 1947 -50.22 1.08 35.65
CA THR B 1947 -48.79 0.93 35.43
C THR B 1947 -48.59 0.10 34.16
N ILE B 1948 -47.48 0.36 33.47
CA ILE B 1948 -47.21 -0.31 32.19
C ILE B 1948 -47.14 -1.83 32.33
N GLU B 1949 -46.68 -2.35 33.46
CA GLU B 1949 -46.72 -3.79 33.70
C GLU B 1949 -48.13 -4.35 33.78
N GLN B 1950 -49.06 -3.60 34.39
CA GLN B 1950 -50.45 -4.04 34.41
C GLN B 1950 -51.08 -4.00 33.03
N ARG B 1951 -50.77 -2.97 32.25
CA ARG B 1951 -51.34 -2.89 30.92
C ARG B 1951 -50.79 -4.03 30.06
N ARG B 1952 -49.50 -4.31 30.21
CA ARG B 1952 -48.88 -5.44 29.54
C ARG B 1952 -49.59 -6.74 29.90
N LEU B 1953 -49.96 -6.90 31.17
CA LEU B 1953 -50.69 -8.10 31.59
C LEU B 1953 -52.04 -8.19 30.89
N ALA B 1954 -52.72 -7.06 30.74
CA ALA B 1954 -54.00 -7.09 30.02
C ALA B 1954 -53.80 -7.51 28.57
N VAL B 1955 -52.76 -7.00 27.93
CA VAL B 1955 -52.45 -7.40 26.56
C VAL B 1955 -52.11 -8.89 26.51
N ASP B 1956 -51.46 -9.40 27.57
CA ASP B 1956 -51.15 -10.82 27.64
C ASP B 1956 -52.42 -11.65 27.69
N LEU B 1957 -53.42 -11.20 28.45
CA LEU B 1957 -54.70 -11.91 28.49
C LEU B 1957 -55.38 -11.92 27.13
N SER B 1958 -55.33 -10.78 26.43
CA SER B 1958 -55.86 -10.74 25.06
C SER B 1958 -55.14 -11.74 24.16
N GLU B 1959 -53.81 -11.80 24.27
CA GLU B 1959 -53.04 -12.75 23.49
C GLU B 1959 -53.40 -14.18 23.85
N VAL B 1960 -53.71 -14.44 25.12
CA VAL B 1960 -54.11 -15.78 25.53
C VAL B 1960 -55.41 -16.19 24.85
N VAL B 1961 -56.37 -15.27 24.78
CA VAL B 1961 -57.63 -15.60 24.12
C VAL B 1961 -57.42 -15.86 22.63
N ILE B 1962 -56.57 -15.06 21.99
CA ILE B 1962 -56.25 -15.27 20.58
C ILE B 1962 -55.57 -16.62 20.36
N LYS B 1963 -54.62 -16.97 21.22
CA LYS B 1963 -53.94 -18.26 21.08
C LYS B 1963 -54.87 -19.43 21.34
N TRP B 1964 -55.83 -19.28 22.25
CA TRP B 1964 -56.83 -20.32 22.43
C TRP B 1964 -57.65 -20.53 21.16
N GLU B 1965 -57.97 -19.44 20.46
CA GLU B 1965 -58.70 -19.62 19.20
C GLU B 1965 -57.82 -20.15 18.07
N LEU B 1966 -56.53 -19.84 18.06
CA LEU B 1966 -55.62 -20.52 17.15
C LEU B 1966 -55.57 -22.03 17.41
N GLN B 1967 -55.54 -22.43 18.68
CA GLN B 1967 -55.57 -23.85 18.98
C GLN B 1967 -56.90 -24.49 18.61
N ARG B 1968 -58.00 -23.75 18.74
CA ARG B 1968 -59.30 -24.26 18.29
C ARG B 1968 -59.30 -24.47 16.78
N ILE B 1969 -58.75 -23.52 16.03
CA ILE B 1969 -58.63 -23.69 14.58
C ILE B 1969 -57.78 -24.91 14.24
N LYS B 1970 -56.67 -25.11 14.96
CA LYS B 1970 -55.85 -26.28 14.69
C LYS B 1970 -56.60 -27.57 14.99
N ASP B 1971 -57.34 -27.60 16.11
CA ASP B 1971 -58.08 -28.80 16.47
C ASP B 1971 -59.17 -29.12 15.46
N GLN B 1972 -59.90 -28.10 15.00
CA GLN B 1972 -60.97 -28.31 14.05
C GLN B 1972 -60.46 -28.73 12.67
N GLN B 1973 -59.20 -28.46 12.36
CA GLN B 1973 -58.62 -28.85 11.08
C GLN B 1973 -58.07 -30.27 11.13
N SER B 2046 -68.64 -32.38 22.67
CA SER B 2046 -68.03 -31.43 21.75
C SER B 2046 -67.89 -30.05 22.40
N LEU B 2047 -68.15 -29.99 23.71
CA LEU B 2047 -68.07 -28.73 24.43
C LEU B 2047 -66.63 -28.22 24.55
N LEU B 2048 -65.64 -29.10 24.40
CA LEU B 2048 -64.26 -28.66 24.43
C LEU B 2048 -63.79 -28.14 23.08
N ALA B 2049 -64.41 -28.59 21.99
CA ALA B 2049 -64.04 -28.16 20.65
C ALA B 2049 -64.92 -27.03 20.12
N LYS B 2050 -66.00 -26.69 20.81
CA LYS B 2050 -66.88 -25.64 20.33
C LYS B 2050 -66.16 -24.30 20.40
N PRO B 2051 -66.46 -23.38 19.48
CA PRO B 2051 -65.75 -22.10 19.47
C PRO B 2051 -66.16 -21.18 20.61
N ILE B 2052 -65.26 -20.24 20.91
CA ILE B 2052 -65.51 -19.19 21.88
C ILE B 2052 -66.77 -18.39 21.52
N ASP B 2053 -67.45 -17.89 22.56
CA ASP B 2053 -68.62 -17.04 22.34
C ASP B 2053 -68.21 -15.71 21.73
N LYS B 2054 -68.92 -15.33 20.66
CA LYS B 2054 -68.49 -14.22 19.81
C LYS B 2054 -68.31 -12.91 20.56
N GLN B 2055 -69.18 -12.61 21.52
CA GLN B 2055 -69.08 -11.36 22.28
C GLN B 2055 -67.72 -11.20 22.98
N HIS B 2056 -67.11 -12.31 23.41
CA HIS B 2056 -65.78 -12.24 24.00
C HIS B 2056 -64.74 -11.90 22.94
N THR B 2057 -64.87 -12.45 21.74
CA THR B 2057 -63.98 -12.07 20.65
C THR B 2057 -64.15 -10.59 20.34
N ASP B 2058 -65.39 -10.12 20.29
CA ASP B 2058 -65.66 -8.71 20.00
C ASP B 2058 -64.97 -7.82 21.03
N THR B 2059 -65.13 -8.12 22.32
CA THR B 2059 -64.54 -7.26 23.33
C THR B 2059 -63.02 -7.38 23.35
N VAL B 2060 -62.47 -8.53 22.95
CA VAL B 2060 -61.02 -8.67 22.86
C VAL B 2060 -60.46 -7.85 21.71
N VAL B 2061 -61.11 -7.90 20.55
CA VAL B 2061 -60.73 -7.07 19.41
C VAL B 2061 -60.82 -5.59 19.77
N ASN B 2062 -61.91 -5.18 20.42
CA ASN B 2062 -62.09 -3.77 20.72
C ASN B 2062 -61.10 -3.30 21.78
N PHE B 2063 -60.82 -4.14 22.78
CA PHE B 2063 -59.80 -3.78 23.75
C PHE B 2063 -58.43 -3.65 23.09
N LEU B 2064 -58.11 -4.56 22.17
CA LEU B 2064 -56.84 -4.46 21.47
C LEU B 2064 -56.73 -3.17 20.68
N ILE B 2065 -57.80 -2.80 19.97
CA ILE B 2065 -57.78 -1.56 19.21
C ILE B 2065 -57.57 -0.37 20.13
N ARG B 2066 -58.33 -0.33 21.23
CA ARG B 2066 -58.26 0.81 22.13
C ARG B 2066 -56.88 0.92 22.79
N VAL B 2067 -56.34 -0.21 23.26
CA VAL B 2067 -55.05 -0.17 23.94
C VAL B 2067 -53.94 0.17 22.95
N ALA B 2068 -54.03 -0.32 21.71
CA ALA B 2068 -53.04 0.01 20.71
C ALA B 2068 -53.03 1.51 20.42
N CYS B 2069 -54.22 2.10 20.27
CA CYS B 2069 -54.29 3.52 19.97
C CYS B 2069 -53.94 4.40 21.17
N GLN B 2070 -54.22 3.93 22.39
CA GLN B 2070 -53.94 4.71 23.61
C GLN B 2070 -52.50 4.64 24.08
N VAL B 2071 -51.86 3.46 24.02
CA VAL B 2071 -50.67 3.21 24.82
C VAL B 2071 -49.42 3.94 24.35
N ASN B 2072 -49.38 4.46 23.13
CA ASN B 2072 -48.19 5.17 22.69
C ASN B 2072 -47.92 6.40 23.57
N ASP B 2073 -46.64 6.68 23.76
CA ASP B 2073 -46.18 7.79 24.58
C ASP B 2073 -46.05 9.07 23.76
N ASN B 2074 -46.31 10.20 24.42
CA ASN B 2074 -46.33 11.49 23.75
C ASN B 2074 -44.95 11.96 23.32
N THR B 2075 -43.88 11.35 23.83
CA THR B 2075 -42.52 11.81 23.56
C THR B 2075 -41.57 10.64 23.32
N PRO B 2081 -40.72 1.14 26.44
CA PRO B 2081 -41.80 2.11 26.29
C PRO B 2081 -43.08 1.51 25.74
N GLY B 2082 -44.18 2.23 25.92
CA GLY B 2082 -45.48 1.81 25.42
C GLY B 2082 -45.56 1.65 23.92
N GLU B 2083 -44.66 2.30 23.18
CA GLU B 2083 -44.57 2.09 21.73
C GLU B 2083 -44.41 0.61 21.37
N VAL B 2084 -43.60 -0.14 22.12
CA VAL B 2084 -43.42 -1.55 21.83
C VAL B 2084 -44.70 -2.34 22.12
N LEU B 2085 -45.38 -2.01 23.21
CA LEU B 2085 -46.66 -2.65 23.48
C LEU B 2085 -47.70 -2.29 22.44
N SER B 2086 -47.65 -1.08 21.91
CA SER B 2086 -48.53 -0.70 20.81
C SER B 2086 -48.27 -1.55 19.58
N ARG B 2087 -47.00 -1.75 19.23
CA ARG B 2087 -46.69 -2.57 18.07
C ARG B 2087 -47.14 -4.01 18.28
N ARG B 2088 -46.95 -4.53 19.50
CA ARG B 2088 -47.42 -5.88 19.79
C ARG B 2088 -48.94 -5.98 19.69
N CYS B 2089 -49.65 -4.98 20.20
CA CYS B 2089 -51.11 -4.97 20.10
C CYS B 2089 -51.56 -4.89 18.65
N VAL B 2090 -50.84 -4.11 17.83
CA VAL B 2090 -51.21 -4.00 16.41
C VAL B 2090 -51.03 -5.34 15.72
N ASN B 2091 -49.91 -6.01 15.98
CA ASN B 2091 -49.69 -7.33 15.39
C ASN B 2091 -50.74 -8.33 15.87
N LEU B 2092 -51.09 -8.24 17.15
CA LEU B 2092 -52.09 -9.13 17.72
C LEU B 2092 -53.46 -8.89 17.10
N LEU B 2093 -53.80 -7.64 16.82
CA LEU B 2093 -55.03 -7.30 16.11
C LEU B 2093 -55.00 -7.81 14.68
N LYS B 2094 -53.87 -7.66 13.99
CA LYS B 2094 -53.74 -8.19 12.64
C LYS B 2094 -53.89 -9.70 12.60
N THR B 2095 -53.47 -10.39 13.66
CA THR B 2095 -53.72 -11.83 13.71
C THR B 2095 -55.16 -12.14 14.12
N ALA B 2096 -55.78 -11.28 14.93
CA ALA B 2096 -57.14 -11.53 15.38
C ALA B 2096 -58.16 -11.43 14.25
N LEU B 2097 -57.88 -10.60 13.24
CA LEU B 2097 -58.80 -10.40 12.11
C LEU B 2097 -58.20 -11.06 10.87
N ARG B 2098 -58.64 -12.27 10.59
CA ARG B 2098 -58.11 -13.11 9.52
C ARG B 2098 -59.28 -13.79 8.79
N PRO B 2099 -59.04 -14.42 7.65
CA PRO B 2099 -60.12 -15.24 7.05
C PRO B 2099 -60.59 -16.39 7.93
N ASP B 2100 -59.79 -16.80 8.92
CA ASP B 2100 -60.18 -17.85 9.84
C ASP B 2100 -60.48 -17.33 11.24
N MET B 2101 -59.58 -16.57 11.85
CA MET B 2101 -59.89 -15.93 13.13
C MET B 2101 -60.87 -14.77 12.94
N TRP B 2102 -62.07 -14.92 13.50
CA TRP B 2102 -63.00 -13.84 13.78
C TRP B 2102 -63.23 -12.83 12.65
N PRO B 2103 -63.42 -13.24 11.39
CA PRO B 2103 -63.90 -12.27 10.41
C PRO B 2103 -65.30 -11.77 10.78
N LYS B 2104 -65.60 -10.55 10.33
CA LYS B 2104 -66.88 -9.90 10.61
C LYS B 2104 -67.18 -9.84 12.11
N SER B 2105 -66.14 -9.56 12.89
CA SER B 2105 -66.36 -9.08 14.25
C SER B 2105 -67.06 -7.73 14.21
N GLU B 2106 -67.77 -7.41 15.30
CA GLU B 2106 -68.17 -6.03 15.51
C GLU B 2106 -66.95 -5.14 15.73
N LEU B 2107 -67.19 -3.82 15.68
CA LEU B 2107 -66.17 -2.84 15.98
C LEU B 2107 -66.83 -1.63 16.63
N LYS B 2108 -66.06 -0.95 17.47
CA LYS B 2108 -66.52 0.24 18.18
C LYS B 2108 -65.57 1.37 17.82
N LEU B 2109 -65.87 2.08 16.74
CA LEU B 2109 -64.99 3.10 16.19
C LEU B 2109 -65.31 4.52 16.64
N GLN B 2110 -66.45 4.74 17.30
CA GLN B 2110 -66.90 6.10 17.57
C GLN B 2110 -65.88 6.89 18.37
N TRP B 2111 -65.18 6.21 19.28
CA TRP B 2111 -64.21 6.87 20.14
C TRP B 2111 -63.08 7.55 19.36
N PHE B 2112 -62.74 7.01 18.18
CA PHE B 2112 -61.75 7.65 17.31
C PHE B 2112 -62.07 9.10 16.99
N ASP B 2113 -63.36 9.47 16.92
CA ASP B 2113 -63.72 10.86 16.65
C ASP B 2113 -63.07 11.82 17.65
N LYS B 2114 -63.11 11.47 18.94
CA LYS B 2114 -62.47 12.30 19.95
C LYS B 2114 -60.96 12.35 19.76
N LEU B 2115 -60.34 11.20 19.49
CA LEU B 2115 -58.89 11.13 19.34
C LEU B 2115 -58.39 11.98 18.18
N LEU B 2116 -59.00 11.84 17.00
CA LEU B 2116 -58.52 12.55 15.83
C LEU B 2116 -58.75 14.06 15.94
N MET B 2117 -59.85 14.48 16.56
CA MET B 2117 -60.05 15.88 16.90
C MET B 2117 -58.93 16.47 17.77
N THR B 2118 -58.28 15.66 18.61
CA THR B 2118 -57.11 16.14 19.35
C THR B 2118 -56.03 16.71 18.44
N VAL B 2119 -55.89 16.22 17.20
CA VAL B 2119 -54.96 16.85 16.26
C VAL B 2119 -55.22 18.34 16.12
N GLU B 2120 -56.48 18.77 16.23
CA GLU B 2120 -56.78 20.19 16.16
C GLU B 2120 -56.10 21.00 17.26
N GLN B 2121 -55.88 20.40 18.43
CA GLN B 2121 -55.40 21.15 19.59
C GLN B 2121 -53.89 21.21 19.58
N PRO B 2122 -53.27 22.38 19.37
CA PRO B 2122 -51.81 22.43 19.17
C PRO B 2122 -51.01 22.46 20.46
N ASN B 2123 -51.65 22.55 21.62
CA ASN B 2123 -50.90 22.65 22.87
C ASN B 2123 -50.16 21.35 23.16
N GLN B 2124 -50.90 20.26 23.33
CA GLN B 2124 -50.30 18.95 23.58
C GLN B 2124 -51.18 17.90 22.93
N VAL B 2125 -50.59 17.09 22.07
CA VAL B 2125 -51.29 16.01 21.37
C VAL B 2125 -50.36 14.83 21.21
N ASN B 2126 -50.89 13.62 21.42
CA ASN B 2126 -50.13 12.39 21.26
C ASN B 2126 -50.13 11.99 19.79
N TYR B 2127 -49.12 12.46 19.05
CA TYR B 2127 -49.03 12.18 17.62
C TYR B 2127 -48.93 10.68 17.34
N GLY B 2128 -48.22 9.95 18.20
CA GLY B 2128 -48.12 8.52 18.03
C GLY B 2128 -49.46 7.82 18.06
N ASN B 2129 -50.36 8.30 18.94
CA ASN B 2129 -51.71 7.75 18.99
C ASN B 2129 -52.44 7.98 17.67
N ILE B 2130 -52.30 9.18 17.10
CA ILE B 2130 -52.91 9.50 15.81
C ILE B 2130 -52.38 8.57 14.72
N CYS B 2131 -51.06 8.38 14.68
CA CYS B 2131 -50.48 7.53 13.65
C CYS B 2131 -50.95 6.08 13.81
N THR B 2132 -50.98 5.59 15.05
CA THR B 2132 -51.42 4.21 15.28
C THR B 2132 -52.89 4.06 14.90
N GLY B 2133 -53.72 5.04 15.24
CA GLY B 2133 -55.12 4.97 14.86
C GLY B 2133 -55.33 4.99 13.36
N LEU B 2134 -54.56 5.82 12.65
CA LEU B 2134 -54.68 5.85 11.19
C LEU B 2134 -54.24 4.53 10.58
N GLU B 2135 -53.15 3.94 11.09
CA GLU B 2135 -52.73 2.63 10.61
C GLU B 2135 -53.81 1.58 10.85
N VAL B 2136 -54.37 1.56 12.07
CA VAL B 2136 -55.46 0.66 12.39
C VAL B 2136 -56.64 0.86 11.45
N LEU B 2137 -56.94 2.11 11.11
CA LEU B 2137 -58.04 2.38 10.18
C LEU B 2137 -57.75 1.81 8.80
N SER B 2138 -56.52 1.95 8.31
CA SER B 2138 -56.19 1.40 7.00
C SER B 2138 -56.23 -0.13 7.01
N PHE B 2139 -55.81 -0.73 8.12
CA PHE B 2139 -55.97 -2.17 8.26
C PHE B 2139 -57.44 -2.57 8.29
N LEU B 2140 -58.27 -1.84 9.02
CA LEU B 2140 -59.69 -2.13 9.00
C LEU B 2140 -60.29 -1.98 7.61
N LEU B 2141 -59.76 -1.05 6.80
CA LEU B 2141 -60.17 -0.95 5.40
C LEU B 2141 -59.80 -2.17 4.57
N THR B 2142 -58.66 -2.80 4.84
CA THR B 2142 -58.44 -4.09 4.18
C THR B 2142 -59.29 -5.21 4.78
N VAL B 2143 -59.59 -5.13 6.08
CA VAL B 2143 -60.37 -6.18 6.74
C VAL B 2143 -61.84 -6.15 6.33
N LEU B 2144 -62.48 -4.99 6.39
CA LEU B 2144 -63.93 -4.97 6.35
C LEU B 2144 -64.47 -5.13 4.93
N GLN B 2145 -65.70 -5.64 4.86
CA GLN B 2145 -66.47 -5.66 3.63
C GLN B 2145 -66.91 -4.24 3.25
N SER B 2146 -67.16 -4.05 1.95
CA SER B 2146 -67.42 -2.70 1.45
C SER B 2146 -68.61 -2.02 2.09
N PRO B 2147 -69.80 -2.64 2.20
CA PRO B 2147 -70.89 -1.97 2.91
C PRO B 2147 -70.56 -1.67 4.36
N ALA B 2148 -69.85 -2.58 5.03
CA ALA B 2148 -69.42 -2.33 6.39
C ALA B 2148 -68.42 -1.18 6.44
N ILE B 2149 -67.55 -1.07 5.42
CA ILE B 2149 -66.62 0.05 5.35
C ILE B 2149 -67.38 1.37 5.28
N LEU B 2150 -68.35 1.44 4.36
CA LEU B 2150 -69.12 2.66 4.18
C LEU B 2150 -69.88 3.01 5.45
N SER B 2151 -70.50 2.00 6.09
CA SER B 2151 -71.28 2.29 7.29
C SER B 2151 -70.38 2.75 8.43
N SER B 2152 -69.23 2.09 8.61
CA SER B 2152 -68.40 2.34 9.78
C SER B 2152 -67.64 3.66 9.68
N PHE B 2153 -67.26 4.10 8.47
CA PHE B 2153 -66.37 5.25 8.37
C PHE B 2153 -67.05 6.60 8.47
N LYS B 2154 -68.38 6.67 8.40
CA LYS B 2154 -69.06 7.97 8.33
C LYS B 2154 -68.71 8.93 9.46
N PRO B 2155 -68.73 8.55 10.74
CA PRO B 2155 -68.34 9.50 11.80
C PRO B 2155 -66.88 9.92 11.73
N LEU B 2156 -66.00 9.00 11.32
CA LEU B 2156 -64.58 9.26 11.14
C LEU B 2156 -64.27 10.45 10.24
N GLN B 2157 -65.16 10.76 9.29
CA GLN B 2157 -64.87 11.78 8.28
C GLN B 2157 -64.36 13.09 8.86
N ARG B 2158 -64.95 13.56 9.96
CA ARG B 2158 -64.46 14.80 10.57
C ARG B 2158 -63.04 14.63 11.09
N GLY B 2159 -62.76 13.49 11.73
CA GLY B 2159 -61.42 13.26 12.24
C GLY B 2159 -60.37 13.13 11.16
N ILE B 2160 -60.69 12.41 10.07
CA ILE B 2160 -59.75 12.28 8.97
C ILE B 2160 -59.47 13.64 8.35
N ALA B 2161 -60.54 14.43 8.13
CA ALA B 2161 -60.36 15.77 7.57
C ALA B 2161 -59.50 16.64 8.48
N ALA B 2162 -59.63 16.48 9.79
CA ALA B 2162 -58.85 17.29 10.71
C ALA B 2162 -57.35 16.99 10.60
N CYS B 2163 -56.99 15.73 10.34
CA CYS B 2163 -55.58 15.35 10.29
C CYS B 2163 -54.85 16.05 9.15
N MET B 2164 -55.54 16.23 8.01
CA MET B 2164 -54.94 16.77 6.80
C MET B 2164 -54.38 18.18 6.96
N THR B 2165 -54.62 18.84 8.10
CA THR B 2165 -54.21 20.22 8.28
C THR B 2165 -52.92 20.37 9.08
N CYS B 2166 -52.61 19.43 9.96
CA CYS B 2166 -51.49 19.59 10.88
C CYS B 2166 -50.16 19.54 10.14
N GLY B 2167 -49.15 20.19 10.73
CA GLY B 2167 -47.83 20.28 10.15
C GLY B 2167 -46.93 19.09 10.38
N ASN B 2168 -47.35 18.10 11.16
CA ASN B 2168 -46.53 16.93 11.41
C ASN B 2168 -46.49 16.08 10.14
N THR B 2169 -45.27 15.79 9.66
CA THR B 2169 -45.13 15.00 8.44
C THR B 2169 -45.58 13.57 8.63
N LYS B 2170 -45.36 13.00 9.81
CA LYS B 2170 -45.76 11.61 10.05
C LYS B 2170 -47.26 11.44 9.93
N VAL B 2171 -48.03 12.37 10.52
CA VAL B 2171 -49.48 12.30 10.42
C VAL B 2171 -49.92 12.51 8.98
N LEU B 2172 -49.26 13.41 8.27
CA LEU B 2172 -49.59 13.61 6.86
C LEU B 2172 -49.39 12.34 6.05
N ARG B 2173 -48.26 11.65 6.28
CA ARG B 2173 -48.03 10.40 5.56
C ARG B 2173 -49.04 9.32 5.94
N ALA B 2174 -49.38 9.23 7.23
CA ALA B 2174 -50.33 8.23 7.68
C ALA B 2174 -51.70 8.48 7.06
N VAL B 2175 -52.17 9.72 7.08
CA VAL B 2175 -53.46 10.03 6.50
C VAL B 2175 -53.41 9.89 4.99
N HIS B 2176 -52.24 10.13 4.37
CA HIS B 2176 -52.09 9.91 2.94
C HIS B 2176 -52.27 8.43 2.61
N SER B 2177 -51.65 7.55 3.38
CA SER B 2177 -51.82 6.12 3.15
C SER B 2177 -53.26 5.69 3.37
N LEU B 2178 -53.89 6.20 4.44
CA LEU B 2178 -55.28 5.85 4.71
C LEU B 2178 -56.19 6.28 3.57
N LEU B 2179 -56.05 7.54 3.13
CA LEU B 2179 -56.89 8.04 2.05
C LEU B 2179 -56.60 7.33 0.75
N SER B 2180 -55.34 6.96 0.52
CA SER B 2180 -54.99 6.21 -0.68
C SER B 2180 -55.74 4.88 -0.71
N ARG B 2181 -55.72 4.14 0.40
CA ARG B 2181 -56.47 2.88 0.45
C ARG B 2181 -57.97 3.10 0.29
N LEU B 2182 -58.51 4.12 0.98
CA LEU B 2182 -59.96 4.37 0.90
C LEU B 2182 -60.39 4.75 -0.50
N MET B 2183 -59.69 5.69 -1.13
CA MET B 2183 -60.01 6.13 -2.48
C MET B 2183 -59.69 5.08 -3.53
N SER B 2184 -58.79 4.14 -3.23
CA SER B 2184 -58.62 2.98 -4.09
C SER B 2184 -59.85 2.09 -4.00
N ILE B 2185 -60.45 1.99 -2.80
CA ILE B 2185 -61.69 1.23 -2.69
C ILE B 2185 -62.85 1.99 -3.33
N PHE B 2186 -62.89 3.32 -3.16
CA PHE B 2186 -63.95 4.15 -3.73
C PHE B 2186 -63.36 5.39 -4.41
N PRO B 2187 -63.16 5.34 -5.73
CA PRO B 2187 -62.53 6.47 -6.43
C PRO B 2187 -63.37 7.74 -6.43
N THR B 2188 -62.66 8.87 -6.42
CA THR B 2188 -63.26 10.19 -6.50
C THR B 2188 -64.01 10.39 -7.82
N GLU B 2189 -64.95 11.35 -7.80
CA GLU B 2189 -65.84 11.58 -8.95
C GLU B 2189 -65.12 12.30 -10.09
N PRO B 2190 -65.37 11.88 -11.32
CA PRO B 2190 -64.81 12.56 -12.50
C PRO B 2190 -65.60 13.78 -12.96
N SER B 2191 -65.19 14.32 -14.10
CA SER B 2191 -65.93 15.31 -14.90
C SER B 2191 -66.20 16.63 -14.18
N THR B 2192 -65.53 16.89 -13.06
CA THR B 2192 -65.89 18.02 -12.19
C THR B 2192 -67.35 17.95 -11.79
N SER B 2193 -67.83 16.74 -11.49
CA SER B 2193 -69.21 16.59 -11.03
C SER B 2193 -69.40 17.36 -9.74
N SER B 2194 -70.64 17.84 -9.55
CA SER B 2194 -70.94 18.74 -8.44
C SER B 2194 -70.83 18.02 -7.09
N VAL B 2195 -71.28 16.76 -7.02
CA VAL B 2195 -71.14 16.01 -5.79
C VAL B 2195 -69.68 15.55 -5.62
N ALA B 2196 -69.18 15.64 -4.39
CA ALA B 2196 -67.83 15.17 -4.10
C ALA B 2196 -67.74 13.65 -4.11
N SER B 2197 -68.85 12.98 -3.86
CA SER B 2197 -68.91 11.53 -3.99
C SER B 2197 -70.36 11.14 -4.22
N LYS B 2198 -70.55 9.98 -4.85
CA LYS B 2198 -71.85 9.32 -4.88
C LYS B 2198 -72.22 8.66 -3.56
N TYR B 2199 -71.32 8.62 -2.57
CA TYR B 2199 -71.62 8.04 -1.27
C TYR B 2199 -71.63 9.11 -0.19
N GLU B 2200 -72.74 9.20 0.55
CA GLU B 2200 -72.89 10.23 1.59
C GLU B 2200 -71.81 10.10 2.66
N GLU B 2201 -71.43 8.86 2.97
CA GLU B 2201 -70.37 8.58 3.93
C GLU B 2201 -69.00 9.03 3.44
N LEU B 2202 -68.84 9.22 2.13
CA LEU B 2202 -67.66 9.80 1.53
C LEU B 2202 -67.81 11.26 1.13
N GLU B 2203 -69.04 11.77 1.05
CA GLU B 2203 -69.27 13.12 0.53
C GLU B 2203 -68.50 14.18 1.31
N CYS B 2204 -68.65 14.20 2.64
CA CYS B 2204 -67.99 15.25 3.42
C CYS B 2204 -66.49 15.10 3.44
N LEU B 2205 -65.99 13.86 3.56
CA LEU B 2205 -64.54 13.65 3.58
C LEU B 2205 -63.92 14.07 2.25
N TYR B 2206 -64.54 13.69 1.13
CA TYR B 2206 -64.01 14.01 -0.18
C TYR B 2206 -64.15 15.50 -0.51
N ALA B 2207 -65.20 16.14 -0.01
CA ALA B 2207 -65.28 17.60 -0.11
C ALA B 2207 -64.16 18.28 0.65
N ALA B 2208 -63.85 17.78 1.85
CA ALA B 2208 -62.75 18.36 2.61
C ALA B 2208 -61.42 18.13 1.92
N VAL B 2209 -61.23 16.95 1.34
CA VAL B 2209 -60.00 16.66 0.61
C VAL B 2209 -59.84 17.63 -0.56
N GLY B 2210 -60.89 17.79 -1.37
CA GLY B 2210 -60.82 18.70 -2.48
C GLY B 2210 -60.55 20.14 -2.04
N LYS B 2211 -61.24 20.57 -0.98
CA LYS B 2211 -61.06 21.92 -0.49
C LYS B 2211 -59.64 22.16 0.00
N VAL B 2212 -59.07 21.19 0.72
CA VAL B 2212 -57.72 21.40 1.24
C VAL B 2212 -56.71 21.40 0.10
N ILE B 2213 -56.94 20.59 -0.94
CA ILE B 2213 -56.04 20.61 -2.10
C ILE B 2213 -56.07 21.98 -2.74
N TYR B 2214 -57.29 22.48 -3.01
CA TYR B 2214 -57.44 23.76 -3.68
C TYR B 2214 -56.81 24.88 -2.85
N GLU B 2215 -57.08 24.88 -1.54
CA GLU B 2215 -56.57 25.95 -0.69
C GLU B 2215 -55.05 25.90 -0.59
N GLY B 2216 -54.46 24.70 -0.55
CA GLY B 2216 -53.02 24.61 -0.46
C GLY B 2216 -52.35 25.09 -1.72
N LEU B 2217 -52.87 24.67 -2.89
CA LEU B 2217 -52.31 25.13 -4.15
C LEU B 2217 -52.45 26.64 -4.30
N THR B 2218 -53.62 27.17 -3.96
CA THR B 2218 -53.83 28.62 -4.07
C THR B 2218 -52.94 29.39 -3.09
N ASN B 2219 -52.71 28.85 -1.90
CA ASN B 2219 -51.82 29.50 -0.95
C ASN B 2219 -50.38 29.52 -1.45
N TYR B 2220 -49.90 28.39 -1.99
CA TYR B 2220 -48.53 28.38 -2.50
C TYR B 2220 -48.37 29.29 -3.72
N GLU B 2221 -49.37 29.32 -4.60
CA GLU B 2221 -49.38 30.30 -5.68
C GLU B 2221 -49.31 31.73 -5.15
N LYS B 2222 -50.15 32.05 -4.15
CA LYS B 2222 -50.17 33.40 -3.59
C LYS B 2222 -48.91 33.76 -2.83
N ALA B 2223 -48.25 32.80 -2.20
CA ALA B 2223 -47.21 33.11 -1.22
C ALA B 2223 -46.11 33.95 -1.84
N THR B 2224 -45.75 35.03 -1.14
CA THR B 2224 -44.67 35.90 -1.60
C THR B 2224 -43.31 35.24 -1.43
N ASN B 2225 -43.14 34.48 -0.35
CA ASN B 2225 -41.92 33.70 -0.13
C ASN B 2225 -42.27 32.56 0.80
N ALA B 2226 -42.17 31.33 0.31
CA ALA B 2226 -42.48 30.15 1.09
C ALA B 2226 -41.67 28.97 0.57
N ASN B 2227 -41.32 28.06 1.47
CA ASN B 2227 -40.68 26.83 1.06
C ASN B 2227 -41.70 25.89 0.40
N PRO B 2228 -41.25 25.07 -0.56
CA PRO B 2228 -42.11 24.01 -1.11
C PRO B 2228 -42.72 23.09 -0.05
N SER B 2229 -42.06 23.00 1.10
CA SER B 2229 -42.55 22.18 2.20
C SER B 2229 -44.00 22.48 2.58
N GLN B 2230 -44.44 23.73 2.41
CA GLN B 2230 -45.86 24.04 2.58
C GLN B 2230 -46.74 23.18 1.69
N LEU B 2231 -46.29 22.90 0.46
CA LEU B 2231 -47.05 22.02 -0.42
C LEU B 2231 -47.15 20.59 0.07
N PHE B 2232 -46.20 20.16 0.92
CA PHE B 2232 -46.01 18.73 1.20
C PHE B 2232 -47.31 18.00 1.46
N GLY B 2233 -48.07 18.46 2.46
CA GLY B 2233 -49.33 17.80 2.76
C GLY B 2233 -50.33 17.92 1.63
N THR B 2234 -50.42 19.10 1.01
CA THR B 2234 -51.29 19.30 -0.12
C THR B 2234 -50.98 18.30 -1.23
N LEU B 2235 -49.69 18.17 -1.55
CA LEU B 2235 -49.27 17.28 -2.63
C LEU B 2235 -49.57 15.82 -2.28
N MET B 2236 -49.31 15.40 -1.04
CA MET B 2236 -49.63 14.02 -0.68
C MET B 2236 -51.13 13.75 -0.78
N ILE B 2237 -51.95 14.69 -0.33
CA ILE B 2237 -53.40 14.49 -0.37
C ILE B 2237 -53.87 14.43 -1.82
N LEU B 2238 -53.35 15.33 -2.67
CA LEU B 2238 -53.67 15.31 -4.08
C LEU B 2238 -53.28 13.98 -4.74
N LYS B 2239 -52.08 13.48 -4.42
CA LYS B 2239 -51.67 12.18 -4.93
C LYS B 2239 -52.63 11.08 -4.50
N SER B 2240 -53.09 11.12 -3.25
CA SER B 2240 -54.06 10.13 -2.80
C SER B 2240 -55.36 10.25 -3.58
N ALA B 2241 -55.81 11.47 -3.83
CA ALA B 2241 -57.07 11.69 -4.54
C ALA B 2241 -57.02 11.23 -6.00
N CYS B 2242 -55.83 11.22 -6.60
CA CYS B 2242 -55.64 10.79 -7.99
C CYS B 2242 -55.14 9.37 -8.13
N SER B 2243 -54.98 8.64 -7.03
CA SER B 2243 -54.38 7.30 -7.11
C SER B 2243 -55.21 6.38 -8.00
N ASN B 2244 -56.52 6.36 -7.80
CA ASN B 2244 -57.40 5.52 -8.62
C ASN B 2244 -58.31 6.34 -9.52
N ASN B 2245 -57.95 7.58 -9.80
CA ASN B 2245 -58.71 8.44 -10.71
C ASN B 2245 -57.79 9.47 -11.32
N PRO B 2246 -57.07 9.11 -12.39
CA PRO B 2246 -56.12 10.05 -13.00
C PRO B 2246 -56.73 11.37 -13.43
N SER B 2247 -58.02 11.39 -13.76
CA SER B 2247 -58.71 12.58 -14.23
C SER B 2247 -58.87 13.67 -13.17
N TYR B 2248 -58.65 13.36 -11.90
CA TYR B 2248 -59.02 14.27 -10.83
C TYR B 2248 -58.30 15.62 -10.94
N ILE B 2249 -57.03 15.61 -11.34
CA ILE B 2249 -56.27 16.85 -11.43
C ILE B 2249 -56.73 17.77 -12.57
N ASP B 2250 -57.60 17.28 -13.44
CA ASP B 2250 -58.13 18.13 -14.51
C ASP B 2250 -58.91 19.30 -13.94
N ARG B 2251 -59.47 19.15 -12.74
CA ARG B 2251 -60.08 20.27 -12.04
C ARG B 2251 -59.06 21.37 -11.79
N LEU B 2252 -57.88 20.97 -11.31
CA LEU B 2252 -56.89 21.87 -10.71
C LEU B 2252 -55.73 22.16 -11.64
N ILE B 2253 -55.87 21.87 -12.94
CA ILE B 2253 -54.71 21.79 -13.81
C ILE B 2253 -53.98 23.13 -13.91
N SER B 2254 -54.72 24.24 -14.01
CA SER B 2254 -54.06 25.53 -14.17
C SER B 2254 -53.30 25.92 -12.90
N VAL B 2255 -53.95 25.82 -11.75
CA VAL B 2255 -53.32 26.24 -10.50
C VAL B 2255 -52.20 25.29 -10.14
N PHE B 2256 -52.37 24.00 -10.43
CA PHE B 2256 -51.32 23.04 -10.16
C PHE B 2256 -50.12 23.26 -11.07
N MET B 2257 -50.37 23.60 -12.34
CA MET B 2257 -49.25 23.86 -13.23
C MET B 2257 -48.48 25.10 -12.82
N ARG B 2258 -49.18 26.15 -12.37
CA ARG B 2258 -48.46 27.32 -11.86
C ARG B 2258 -47.70 27.02 -10.57
N SER B 2259 -48.24 26.14 -9.73
CA SER B 2259 -47.50 25.72 -8.55
C SER B 2259 -46.28 24.88 -8.92
N LEU B 2260 -46.41 24.04 -9.95
CA LEU B 2260 -45.28 23.24 -10.42
C LEU B 2260 -44.19 24.14 -11.00
N GLN B 2261 -44.58 25.17 -11.73
CA GLN B 2261 -43.59 26.14 -12.21
C GLN B 2261 -42.87 26.80 -11.05
N LYS B 2262 -43.62 27.19 -10.01
CA LYS B 2262 -42.99 27.81 -8.84
C LYS B 2262 -42.05 26.84 -8.13
N MET B 2263 -42.43 25.56 -8.07
CA MET B 2263 -41.57 24.56 -7.45
C MET B 2263 -40.28 24.38 -8.23
N VAL B 2264 -40.39 24.26 -9.56
CA VAL B 2264 -39.19 24.07 -10.37
C VAL B 2264 -38.28 25.27 -10.28
N ARG B 2265 -38.86 26.48 -10.31
CA ARG B 2265 -38.05 27.68 -10.19
C ARG B 2265 -37.33 27.74 -8.84
N GLU B 2266 -38.04 27.39 -7.75
CA GLU B 2266 -37.39 27.38 -6.45
C GLU B 2266 -36.31 26.31 -6.34
N HIS B 2267 -36.51 25.17 -7.00
CA HIS B 2267 -35.52 24.09 -6.96
C HIS B 2267 -34.26 24.47 -7.75
N LEU B 2268 -34.43 25.09 -8.91
CA LEU B 2268 -33.26 25.42 -9.73
C LEU B 2268 -32.44 26.55 -9.12
N ASN B 2269 -33.08 27.45 -8.39
CA ASN B 2269 -32.41 28.58 -7.75
C ASN B 2269 -32.76 28.61 -6.28
N PRO B 2270 -32.15 27.74 -5.47
CA PRO B 2270 -32.44 27.67 -4.03
C PRO B 2270 -31.73 28.77 -3.23
N SER B 2281 -34.30 19.01 0.87
CA SER B 2281 -34.15 17.67 0.34
C SER B 2281 -35.50 17.14 -0.14
N GLY B 2282 -36.58 17.58 0.52
CA GLY B 2282 -37.91 17.20 0.12
C GLY B 2282 -38.38 17.86 -1.16
N THR B 2283 -37.67 18.91 -1.60
CA THR B 2283 -38.04 19.59 -2.84
C THR B 2283 -37.99 18.65 -4.03
N SER B 2284 -36.96 17.81 -4.10
CA SER B 2284 -36.89 16.80 -5.15
C SER B 2284 -38.08 15.85 -5.09
N GLU B 2285 -38.42 15.38 -3.90
CA GLU B 2285 -39.56 14.47 -3.74
C GLU B 2285 -40.86 15.11 -4.19
N LEU B 2286 -41.06 16.39 -3.88
CA LEU B 2286 -42.27 17.07 -4.29
C LEU B 2286 -42.28 17.35 -5.79
N VAL B 2287 -41.14 17.64 -6.38
CA VAL B 2287 -41.09 17.84 -7.83
C VAL B 2287 -41.35 16.53 -8.55
N MET B 2288 -40.77 15.43 -8.07
CA MET B 2288 -41.02 14.13 -8.69
C MET B 2288 -42.48 13.74 -8.57
N LEU B 2289 -43.09 13.97 -7.41
CA LEU B 2289 -44.50 13.66 -7.23
C LEU B 2289 -45.37 14.48 -8.18
N SER B 2290 -45.08 15.78 -8.28
CA SER B 2290 -45.85 16.63 -9.18
C SER B 2290 -45.70 16.22 -10.64
N LEU B 2291 -44.47 15.87 -11.04
CA LEU B 2291 -44.25 15.40 -12.40
C LEU B 2291 -45.01 14.11 -12.67
N GLU B 2292 -45.01 13.19 -11.71
CA GLU B 2292 -45.76 11.95 -11.87
C GLU B 2292 -47.26 12.22 -11.96
N LEU B 2293 -47.73 13.31 -11.35
CA LEU B 2293 -49.16 13.61 -11.41
C LEU B 2293 -49.58 14.06 -12.81
N VAL B 2294 -48.83 14.99 -13.41
CA VAL B 2294 -49.24 15.60 -14.67
C VAL B 2294 -48.68 14.90 -15.90
N LYS B 2295 -47.94 13.81 -15.72
CA LYS B 2295 -47.27 13.19 -16.86
C LYS B 2295 -48.25 12.65 -17.90
N THR B 2296 -49.50 12.41 -17.52
CA THR B 2296 -50.47 11.81 -18.43
C THR B 2296 -51.66 12.71 -18.74
N ARG B 2297 -51.61 13.98 -18.35
CA ARG B 2297 -52.72 14.91 -18.55
C ARG B 2297 -52.37 16.00 -19.55
N LEU B 2298 -51.63 15.65 -20.60
CA LEU B 2298 -51.26 16.63 -21.61
C LEU B 2298 -52.48 17.14 -22.38
N ALA B 2299 -53.42 16.24 -22.68
CA ALA B 2299 -54.60 16.62 -23.46
C ALA B 2299 -55.50 17.58 -22.70
N VAL B 2300 -55.38 17.65 -21.38
CA VAL B 2300 -56.22 18.55 -20.60
C VAL B 2300 -55.62 19.96 -20.56
N MET B 2301 -54.30 20.05 -20.51
CA MET B 2301 -53.63 21.35 -20.39
C MET B 2301 -53.83 22.18 -21.65
N SER B 2302 -53.87 23.49 -21.47
CA SER B 2302 -53.94 24.41 -22.59
C SER B 2302 -52.64 24.38 -23.38
N MET B 2303 -52.69 24.93 -24.60
CA MET B 2303 -51.52 24.90 -25.47
C MET B 2303 -50.35 25.65 -24.86
N GLU B 2304 -50.60 26.81 -24.26
CA GLU B 2304 -49.52 27.55 -23.61
C GLU B 2304 -48.98 26.80 -22.40
N MET B 2305 -49.86 26.22 -21.59
CA MET B 2305 -49.41 25.44 -20.44
C MET B 2305 -48.64 24.21 -20.89
N ARG B 2306 -49.12 23.53 -21.94
CA ARG B 2306 -48.41 22.37 -22.46
C ARG B 2306 -47.02 22.74 -22.95
N LYS B 2307 -46.93 23.84 -23.69
CA LYS B 2307 -45.64 24.31 -24.19
C LYS B 2307 -44.71 24.66 -23.04
N ASN B 2308 -45.22 25.35 -22.03
CA ASN B 2308 -44.40 25.68 -20.87
C ASN B 2308 -43.92 24.43 -20.16
N PHE B 2309 -44.81 23.45 -19.98
CA PHE B 2309 -44.43 22.22 -19.30
C PHE B 2309 -43.34 21.48 -20.05
N ILE B 2310 -43.45 21.40 -21.38
CA ILE B 2310 -42.52 20.56 -22.12
C ILE B 2310 -41.21 21.30 -22.40
N GLN B 2311 -41.28 22.52 -22.93
CA GLN B 2311 -40.09 23.24 -23.34
C GLN B 2311 -39.56 24.19 -22.28
N ALA B 2312 -40.19 24.27 -21.11
CA ALA B 2312 -39.74 25.13 -20.03
C ALA B 2312 -39.42 24.36 -18.76
N ILE B 2313 -40.34 23.51 -18.29
CA ILE B 2313 -40.13 22.83 -17.03
C ILE B 2313 -39.21 21.62 -17.20
N LEU B 2314 -39.60 20.68 -18.06
CA LEU B 2314 -38.78 19.48 -18.27
C LEU B 2314 -37.42 19.83 -18.85
N THR B 2315 -37.37 20.80 -19.76
CA THR B 2315 -36.12 21.22 -20.37
C THR B 2315 -35.18 21.87 -19.35
N SER B 2316 -35.72 22.72 -18.48
CA SER B 2316 -34.89 23.32 -17.45
C SER B 2316 -34.47 22.34 -16.36
N LEU B 2317 -35.29 21.33 -16.08
CA LEU B 2317 -34.83 20.25 -15.21
C LEU B 2317 -33.67 19.49 -15.84
N ILE B 2318 -33.80 19.10 -17.10
CA ILE B 2318 -32.72 18.40 -17.79
C ILE B 2318 -31.44 19.24 -17.81
N GLU B 2319 -31.55 20.51 -18.19
CA GLU B 2319 -30.36 21.37 -18.33
C GLU B 2319 -29.76 21.83 -16.99
N LYS B 2320 -30.57 22.41 -16.12
CA LYS B 2320 -30.09 22.96 -14.85
C LYS B 2320 -30.14 22.04 -13.63
N SER B 2321 -31.10 21.12 -13.53
CA SER B 2321 -31.36 20.48 -12.23
C SER B 2321 -30.16 19.63 -11.80
N PRO B 2322 -29.70 19.78 -10.56
CA PRO B 2322 -28.51 19.06 -10.10
C PRO B 2322 -28.78 17.65 -9.58
N ASP B 2323 -30.03 17.33 -9.28
CA ASP B 2323 -30.36 16.06 -8.65
C ASP B 2323 -30.50 14.99 -9.73
N ALA B 2324 -29.72 13.92 -9.61
CA ALA B 2324 -29.77 12.87 -10.60
C ALA B 2324 -31.07 12.06 -10.51
N LYS B 2325 -31.70 12.03 -9.33
CA LYS B 2325 -32.97 11.34 -9.22
C LYS B 2325 -34.05 12.05 -10.04
N ILE B 2326 -34.00 13.38 -10.08
CA ILE B 2326 -34.92 14.14 -10.93
C ILE B 2326 -34.70 13.81 -12.40
N LEU B 2327 -33.44 13.75 -12.82
CA LEU B 2327 -33.12 13.36 -14.18
C LEU B 2327 -33.63 11.95 -14.49
N ARG B 2328 -33.40 11.00 -13.59
CA ARG B 2328 -33.92 9.65 -13.78
C ARG B 2328 -35.45 9.65 -13.93
N ALA B 2329 -36.14 10.49 -13.15
CA ALA B 2329 -37.59 10.55 -13.25
C ALA B 2329 -38.03 11.14 -14.57
N VAL B 2330 -37.35 12.21 -15.02
CA VAL B 2330 -37.70 12.82 -16.30
C VAL B 2330 -37.46 11.85 -17.45
N VAL B 2331 -36.32 11.15 -17.41
CA VAL B 2331 -36.02 10.18 -18.45
C VAL B 2331 -37.03 9.04 -18.44
N LYS B 2332 -37.49 8.63 -17.25
CA LYS B 2332 -38.52 7.60 -17.20
C LYS B 2332 -39.83 8.10 -17.81
N ILE B 2333 -40.19 9.36 -17.53
CA ILE B 2333 -41.41 9.93 -18.11
C ILE B 2333 -41.31 9.98 -19.63
N VAL B 2334 -40.15 10.43 -20.14
CA VAL B 2334 -39.96 10.53 -21.59
C VAL B 2334 -39.95 9.15 -22.22
N GLU B 2335 -39.36 8.16 -21.55
CA GLU B 2335 -39.33 6.81 -22.07
C GLU B 2335 -40.74 6.22 -22.14
N GLU B 2336 -41.56 6.45 -21.11
CA GLU B 2336 -42.94 6.00 -21.15
C GLU B 2336 -43.71 6.68 -22.28
N TRP B 2337 -43.44 7.97 -22.50
CA TRP B 2337 -44.09 8.66 -23.61
C TRP B 2337 -43.68 8.06 -24.95
N VAL B 2338 -42.39 7.79 -25.13
CA VAL B 2338 -41.89 7.30 -26.42
C VAL B 2338 -42.36 5.89 -26.69
N LYS B 2339 -42.37 5.03 -25.67
CA LYS B 2339 -42.72 3.62 -25.87
C LYS B 2339 -44.22 3.40 -26.06
N ASN B 2340 -45.05 4.39 -25.74
CA ASN B 2340 -46.50 4.24 -25.92
C ASN B 2340 -46.87 4.26 -27.39
N ASN B 2347 -53.37 11.63 -28.65
CA ASN B 2347 -53.17 12.95 -28.05
C ASN B 2347 -52.77 12.84 -26.59
N GLN B 2348 -52.87 11.64 -26.04
CA GLN B 2348 -52.47 11.40 -24.66
C GLN B 2348 -50.96 11.38 -24.49
N THR B 2349 -50.20 11.35 -25.59
CA THR B 2349 -48.75 11.38 -25.59
C THR B 2349 -48.27 12.59 -26.41
N PRO B 2350 -47.09 13.11 -26.12
CA PRO B 2350 -46.64 14.30 -26.84
C PRO B 2350 -46.38 14.02 -28.31
N THR B 2351 -46.37 15.09 -29.09
CA THR B 2351 -46.09 14.99 -30.51
C THR B 2351 -44.64 14.61 -30.74
N LEU B 2352 -44.32 14.24 -31.97
CA LEU B 2352 -42.96 13.86 -32.32
C LEU B 2352 -41.99 15.02 -32.11
N ARG B 2353 -42.45 16.26 -32.29
CA ARG B 2353 -41.58 17.42 -32.09
C ARG B 2353 -41.21 17.59 -30.63
N GLU B 2354 -42.17 17.40 -29.72
CA GLU B 2354 -41.87 17.51 -28.30
C GLU B 2354 -40.93 16.40 -27.83
N LYS B 2355 -41.18 15.17 -28.29
CA LYS B 2355 -40.26 14.08 -28.01
C LYS B 2355 -38.87 14.40 -28.52
N SER B 2356 -38.78 14.97 -29.72
CA SER B 2356 -37.48 15.33 -30.28
C SER B 2356 -36.78 16.36 -29.43
N ILE B 2357 -37.52 17.39 -28.97
CA ILE B 2357 -36.93 18.44 -28.15
C ILE B 2357 -36.36 17.84 -26.86
N LEU B 2358 -37.16 17.00 -26.20
CA LEU B 2358 -36.71 16.41 -24.95
C LEU B 2358 -35.51 15.50 -25.14
N LEU B 2359 -35.54 14.67 -26.20
CA LEU B 2359 -34.43 13.75 -26.43
C LEU B 2359 -33.16 14.49 -26.79
N VAL B 2360 -33.26 15.58 -27.56
CA VAL B 2360 -32.08 16.36 -27.90
C VAL B 2360 -31.49 17.04 -26.67
N LYS B 2361 -32.36 17.60 -25.81
CA LYS B 2361 -31.86 18.19 -24.56
C LYS B 2361 -31.17 17.15 -23.69
N MET B 2362 -31.76 15.96 -23.58
CA MET B 2362 -31.15 14.88 -22.82
C MET B 2362 -29.82 14.46 -23.43
N MET B 2363 -29.77 14.36 -24.76
CA MET B 2363 -28.54 13.96 -25.44
C MET B 2363 -27.41 14.96 -25.22
N THR B 2364 -27.74 16.25 -25.15
CA THR B 2364 -26.69 17.23 -24.85
C THR B 2364 -26.27 17.19 -23.38
N TYR B 2365 -27.23 17.33 -22.46
CA TYR B 2365 -26.93 17.52 -21.05
C TYR B 2365 -26.58 16.27 -20.24
N ILE B 2366 -27.20 15.10 -20.49
CA ILE B 2366 -27.02 13.98 -19.57
C ILE B 2366 -25.58 13.48 -19.54
N GLU B 2367 -24.95 13.33 -20.70
CA GLU B 2367 -23.55 12.90 -20.69
C GLU B 2367 -22.64 13.97 -20.09
N LYS B 2368 -22.93 15.24 -20.38
CA LYS B 2368 -22.04 16.32 -19.97
C LYS B 2368 -22.06 16.55 -18.46
N ARG B 2369 -23.27 16.70 -17.90
CA ARG B 2369 -23.45 17.04 -16.49
C ARG B 2369 -23.22 15.88 -15.53
N PHE B 2370 -23.49 14.64 -15.93
CA PHE B 2370 -23.36 13.48 -15.05
C PHE B 2370 -22.56 12.38 -15.74
N PRO B 2371 -21.26 12.59 -15.96
CA PRO B 2371 -20.44 11.52 -16.55
C PRO B 2371 -20.33 10.29 -15.68
N GLU B 2372 -20.34 10.45 -14.35
CA GLU B 2372 -20.11 9.33 -13.45
C GLU B 2372 -21.34 8.46 -13.27
N ASP B 2373 -22.53 8.98 -13.53
CA ASP B 2373 -23.77 8.24 -13.29
C ASP B 2373 -23.96 7.23 -14.41
N LEU B 2374 -23.50 6.00 -14.17
CA LEU B 2374 -23.61 4.97 -15.19
C LEU B 2374 -25.04 4.50 -15.38
N GLU B 2375 -25.85 4.49 -14.31
CA GLU B 2375 -27.23 4.03 -14.43
C GLU B 2375 -28.08 5.01 -15.22
N LEU B 2376 -27.90 6.31 -14.99
CA LEU B 2376 -28.67 7.31 -15.73
C LEU B 2376 -28.32 7.29 -17.21
N ASN B 2377 -27.02 7.23 -17.52
CA ASN B 2377 -26.60 7.16 -18.91
C ASN B 2377 -27.06 5.85 -19.56
N ALA B 2378 -27.04 4.76 -18.80
CA ALA B 2378 -27.57 3.50 -19.32
C ALA B 2378 -29.06 3.60 -19.64
N GLN B 2379 -29.82 4.25 -18.78
CA GLN B 2379 -31.25 4.45 -19.04
C GLN B 2379 -31.49 5.29 -20.30
N PHE B 2380 -30.73 6.38 -20.44
CA PHE B 2380 -30.92 7.23 -21.62
C PHE B 2380 -30.49 6.52 -22.89
N LEU B 2381 -29.39 5.78 -22.85
CA LEU B 2381 -28.95 5.06 -24.04
C LEU B 2381 -29.87 3.88 -24.36
N ASP B 2382 -30.48 3.25 -23.35
CA ASP B 2382 -31.53 2.27 -23.62
C ASP B 2382 -32.71 2.90 -24.33
N LEU B 2383 -33.08 4.12 -23.95
CA LEU B 2383 -34.15 4.81 -24.66
C LEU B 2383 -33.75 5.14 -26.11
N VAL B 2384 -32.53 5.64 -26.32
CA VAL B 2384 -32.06 5.92 -27.67
C VAL B 2384 -32.02 4.64 -28.51
N ASN B 2385 -31.58 3.54 -27.90
CA ASN B 2385 -31.58 2.24 -28.57
C ASN B 2385 -32.98 1.83 -28.99
N TYR B 2386 -33.97 1.99 -28.10
CA TYR B 2386 -35.35 1.72 -28.50
C TYR B 2386 -35.78 2.59 -29.67
N VAL B 2387 -35.43 3.89 -29.63
CA VAL B 2387 -35.82 4.79 -30.72
C VAL B 2387 -35.26 4.31 -32.05
N TYR B 2388 -33.97 3.98 -32.09
CA TYR B 2388 -33.36 3.51 -33.32
C TYR B 2388 -33.84 2.12 -33.75
N ARG B 2389 -34.22 1.26 -32.80
CA ARG B 2389 -34.86 0.00 -33.16
C ARG B 2389 -36.28 0.19 -33.70
N ASP B 2390 -36.99 1.23 -33.27
CA ASP B 2390 -38.39 1.38 -33.63
C ASP B 2390 -38.54 1.61 -35.14
N GLU B 2391 -39.48 0.90 -35.75
CA GLU B 2391 -39.72 1.03 -37.19
C GLU B 2391 -40.48 2.30 -37.55
N THR B 2392 -41.35 2.76 -36.66
CA THR B 2392 -42.11 3.99 -36.94
C THR B 2392 -41.19 5.18 -37.07
N LEU B 2393 -40.18 5.28 -36.20
CA LEU B 2393 -39.30 6.42 -36.16
C LEU B 2393 -38.10 6.29 -37.08
N SER B 2394 -37.94 5.16 -37.76
CA SER B 2394 -36.81 4.98 -38.67
C SER B 2394 -36.90 5.97 -39.82
N GLY B 2395 -35.79 6.65 -40.09
CA GLY B 2395 -35.74 7.64 -41.14
C GLY B 2395 -36.29 8.99 -40.77
N SER B 2396 -36.86 9.13 -39.58
CA SER B 2396 -37.38 10.42 -39.12
C SER B 2396 -36.24 11.41 -38.94
N GLU B 2397 -36.61 12.69 -38.85
CA GLU B 2397 -35.69 13.72 -38.40
C GLU B 2397 -35.11 13.40 -37.03
N LEU B 2398 -35.85 12.70 -36.18
CA LEU B 2398 -35.37 12.36 -34.84
C LEU B 2398 -34.13 11.46 -34.88
N THR B 2399 -34.15 10.42 -35.71
CA THR B 2399 -32.96 9.58 -35.89
C THR B 2399 -31.79 10.35 -36.49
N ALA B 2400 -32.05 11.37 -37.31
CA ALA B 2400 -30.97 12.24 -37.74
C ALA B 2400 -30.44 13.11 -36.60
N LYS B 2401 -31.32 13.54 -35.71
CA LYS B 2401 -30.92 14.43 -34.63
C LYS B 2401 -30.23 13.69 -33.49
N LEU B 2402 -30.49 12.40 -33.35
CA LEU B 2402 -29.95 11.61 -32.24
C LEU B 2402 -28.65 10.89 -32.61
N GLU B 2403 -28.09 11.19 -33.78
CA GLU B 2403 -26.84 10.54 -34.18
C GLU B 2403 -25.71 10.68 -33.17
N PRO B 2404 -25.47 11.85 -32.56
CA PRO B 2404 -24.47 11.89 -31.48
C PRO B 2404 -24.76 10.92 -30.34
N ALA B 2405 -26.03 10.76 -29.98
CA ALA B 2405 -26.36 9.79 -28.93
C ALA B 2405 -26.07 8.37 -29.37
N PHE B 2406 -26.39 8.04 -30.62
CA PHE B 2406 -26.08 6.71 -31.13
C PHE B 2406 -24.59 6.44 -31.15
N LEU B 2407 -23.80 7.44 -31.56
CA LEU B 2407 -22.35 7.26 -31.55
C LEU B 2407 -21.79 7.20 -30.13
N SER B 2408 -22.45 7.86 -29.18
CA SER B 2408 -22.09 7.68 -27.78
C SER B 2408 -22.38 6.25 -27.33
N GLY B 2409 -23.48 5.67 -27.81
CA GLY B 2409 -23.77 4.29 -27.52
C GLY B 2409 -22.78 3.32 -28.12
N LEU B 2410 -22.29 3.61 -29.33
CA LEU B 2410 -21.31 2.73 -29.96
C LEU B 2410 -19.97 2.75 -29.22
N ARG B 2411 -19.58 3.89 -28.68
CA ARG B 2411 -18.32 4.02 -27.97
C ARG B 2411 -18.49 3.91 -26.46
N CYS B 2412 -19.64 3.43 -25.99
CA CYS B 2412 -19.91 3.37 -24.57
C CYS B 2412 -18.93 2.46 -23.84
N ALA B 2413 -18.56 2.86 -22.63
CA ALA B 2413 -17.69 2.05 -21.79
C ALA B 2413 -18.41 0.88 -21.14
N GLN B 2414 -19.75 0.87 -21.17
CA GLN B 2414 -20.51 -0.24 -20.63
C GLN B 2414 -20.76 -1.25 -21.73
N PRO B 2415 -20.22 -2.46 -21.64
CA PRO B 2415 -20.26 -3.39 -22.79
C PRO B 2415 -21.65 -3.78 -23.24
N LEU B 2416 -22.63 -3.87 -22.33
CA LEU B 2416 -23.98 -4.28 -22.75
C LEU B 2416 -24.62 -3.23 -23.64
N ILE B 2417 -24.50 -1.95 -23.26
CA ILE B 2417 -24.96 -0.85 -24.11
C ILE B 2417 -24.24 -0.87 -25.45
N ARG B 2418 -22.91 -0.96 -25.41
CA ARG B 2418 -22.12 -0.97 -26.63
C ARG B 2418 -22.54 -2.10 -27.56
N ALA B 2419 -22.82 -3.28 -26.99
CA ALA B 2419 -23.28 -4.41 -27.79
C ALA B 2419 -24.64 -4.16 -28.41
N LYS B 2420 -25.58 -3.59 -27.66
CA LYS B 2420 -26.91 -3.31 -28.22
C LYS B 2420 -26.83 -2.28 -29.35
N PHE B 2421 -26.03 -1.25 -29.16
CA PHE B 2421 -25.84 -0.26 -30.21
C PHE B 2421 -25.11 -0.84 -31.43
N PHE B 2422 -24.12 -1.70 -31.22
CA PHE B 2422 -23.47 -2.30 -32.39
C PHE B 2422 -24.41 -3.24 -33.12
N GLU B 2423 -25.27 -3.95 -32.38
CA GLU B 2423 -26.26 -4.81 -33.02
C GLU B 2423 -27.18 -4.01 -33.92
N VAL B 2424 -27.64 -2.85 -33.45
CA VAL B 2424 -28.38 -1.95 -34.34
C VAL B 2424 -27.50 -1.48 -35.49
N PHE B 2425 -26.25 -1.10 -35.20
CA PHE B 2425 -25.34 -0.60 -36.22
C PHE B 2425 -25.01 -1.67 -37.25
N ASP B 2426 -24.85 -2.92 -36.81
CA ASP B 2426 -24.47 -3.99 -37.71
C ASP B 2426 -25.52 -4.22 -38.79
N ASN B 2427 -26.79 -4.19 -38.40
CA ASN B 2427 -27.87 -4.48 -39.33
C ASN B 2427 -28.19 -3.32 -40.27
N SER B 2428 -27.59 -2.16 -40.08
CA SER B 2428 -27.87 -1.01 -40.92
C SER B 2428 -27.21 -1.10 -42.29
N MET B 2429 -26.34 -2.07 -42.51
CA MET B 2429 -25.65 -2.20 -43.78
C MET B 2429 -25.43 -3.67 -44.07
N LYS B 2430 -25.14 -3.98 -45.33
CA LYS B 2430 -25.03 -5.36 -45.74
C LYS B 2430 -23.69 -5.96 -45.34
N ARG B 2431 -23.69 -7.27 -45.11
CA ARG B 2431 -22.53 -8.02 -44.65
C ARG B 2431 -21.56 -8.24 -45.81
N ARG B 2432 -20.94 -7.15 -46.25
CA ARG B 2432 -20.00 -7.19 -47.37
C ARG B 2432 -18.85 -6.24 -47.10
N VAL B 2433 -17.64 -6.68 -47.46
CA VAL B 2433 -16.43 -5.92 -47.17
C VAL B 2433 -16.44 -4.58 -47.88
N TYR B 2434 -16.73 -4.60 -49.18
CA TYR B 2434 -16.67 -3.37 -49.98
C TYR B 2434 -17.70 -2.36 -49.51
N GLU B 2435 -18.91 -2.82 -49.22
CA GLU B 2435 -19.96 -1.89 -48.79
C GLU B 2435 -19.65 -1.25 -47.44
N ARG B 2436 -19.08 -2.01 -46.51
CA ARG B 2436 -18.71 -1.44 -45.21
C ARG B 2436 -17.51 -0.51 -45.32
N LEU B 2437 -16.48 -0.88 -46.11
CA LEU B 2437 -15.40 0.06 -46.35
C LEU B 2437 -15.91 1.36 -46.98
N LEU B 2438 -16.90 1.24 -47.88
CA LEU B 2438 -17.52 2.43 -48.45
C LEU B 2438 -18.29 3.20 -47.38
N TYR B 2439 -18.92 2.50 -46.46
CA TYR B 2439 -19.65 3.17 -45.39
C TYR B 2439 -18.72 4.01 -44.54
N VAL B 2440 -17.64 3.39 -44.04
CA VAL B 2440 -16.73 4.12 -43.18
C VAL B 2440 -16.00 5.24 -43.92
N THR B 2441 -15.78 5.09 -45.23
CA THR B 2441 -15.20 6.19 -46.00
C THR B 2441 -16.20 7.30 -46.37
N CYS B 2442 -17.47 6.98 -46.53
CA CYS B 2442 -18.35 7.91 -47.24
C CYS B 2442 -19.61 8.29 -46.47
N SER B 2443 -20.22 7.35 -45.77
CA SER B 2443 -21.55 7.57 -45.21
C SER B 2443 -21.51 8.07 -43.78
N GLN B 2444 -20.53 7.66 -43.00
CA GLN B 2444 -20.49 7.98 -41.57
C GLN B 2444 -19.68 9.25 -41.36
N ASN B 2445 -20.35 10.30 -40.91
CA ASN B 2445 -19.65 11.45 -40.33
C ASN B 2445 -19.14 11.05 -38.96
N TRP B 2446 -17.83 10.97 -38.79
CA TRP B 2446 -17.23 10.55 -37.54
C TRP B 2446 -16.99 11.70 -36.58
N GLU B 2447 -17.43 12.91 -36.92
CA GLU B 2447 -17.15 14.07 -36.07
C GLU B 2447 -17.81 13.92 -34.70
N ALA B 2448 -19.00 13.32 -34.64
CA ALA B 2448 -19.71 13.19 -33.38
C ALA B 2448 -19.05 12.21 -32.42
N MET B 2449 -18.09 11.42 -32.87
CA MET B 2449 -17.34 10.57 -31.94
C MET B 2449 -16.44 11.40 -31.03
N GLY B 2450 -16.02 12.57 -31.49
CA GLY B 2450 -15.20 13.43 -30.66
C GLY B 2450 -13.75 13.00 -30.68
N ASN B 2451 -13.19 12.79 -29.50
CA ASN B 2451 -11.82 12.35 -29.37
C ASN B 2451 -11.69 10.83 -29.35
N HIS B 2452 -12.79 10.11 -29.57
CA HIS B 2452 -12.76 8.66 -29.56
C HIS B 2452 -11.99 8.13 -30.77
N PHE B 2453 -11.22 7.07 -30.54
CA PHE B 2453 -10.46 6.40 -31.59
C PHE B 2453 -11.41 5.47 -32.34
N TRP B 2454 -12.18 6.06 -33.26
CA TRP B 2454 -13.27 5.35 -33.94
C TRP B 2454 -12.80 4.26 -34.88
N ILE B 2455 -11.49 4.03 -35.00
CA ILE B 2455 -10.98 2.87 -35.72
C ILE B 2455 -11.44 1.58 -35.05
N LYS B 2456 -11.67 1.62 -33.74
CA LYS B 2456 -12.23 0.48 -33.02
C LYS B 2456 -13.56 0.05 -33.63
N GLN B 2457 -14.42 1.01 -33.95
CA GLN B 2457 -15.70 0.70 -34.58
C GLN B 2457 -15.54 0.18 -36.00
N CYS B 2458 -14.53 0.66 -36.73
CA CYS B 2458 -14.26 0.12 -38.06
C CYS B 2458 -13.83 -1.35 -37.99
N ILE B 2459 -12.93 -1.66 -37.06
CA ILE B 2459 -12.53 -3.05 -36.84
C ILE B 2459 -13.73 -3.91 -36.50
N GLU B 2460 -14.55 -3.44 -35.56
CA GLU B 2460 -15.72 -4.21 -35.14
C GLU B 2460 -16.68 -4.44 -36.31
N LEU B 2461 -16.89 -3.41 -37.12
CA LEU B 2461 -17.81 -3.51 -38.26
C LEU B 2461 -17.33 -4.47 -39.33
N LEU B 2462 -16.05 -4.41 -39.70
CA LEU B 2462 -15.54 -5.28 -40.76
C LEU B 2462 -15.35 -6.74 -40.32
N LEU B 2463 -14.86 -6.97 -39.10
CA LEU B 2463 -14.72 -8.33 -38.61
C LEU B 2463 -16.06 -9.05 -38.47
N ALA B 2464 -17.15 -8.31 -38.22
CA ALA B 2464 -18.49 -8.90 -38.27
C ALA B 2464 -18.80 -9.61 -39.60
N VAL B 2465 -18.22 -9.15 -40.71
CA VAL B 2465 -18.42 -9.83 -41.99
C VAL B 2465 -17.88 -11.25 -41.99
N CYS B 2466 -16.81 -11.53 -41.25
CA CYS B 2466 -16.18 -12.84 -41.26
C CYS B 2466 -17.16 -13.95 -40.91
N GLU B 2467 -16.94 -15.12 -41.51
CA GLU B 2467 -17.70 -16.31 -41.15
C GLU B 2467 -17.39 -16.72 -39.71
N LYS B 2468 -18.44 -16.98 -38.94
CA LYS B 2468 -18.30 -17.27 -37.52
C LYS B 2468 -18.33 -18.77 -37.19
N SER B 2469 -19.06 -19.56 -37.97
CA SER B 2469 -19.27 -20.97 -37.65
C SER B 2469 -18.14 -21.87 -38.11
N THR B 2470 -17.14 -21.35 -38.81
CA THR B 2470 -16.04 -22.19 -39.25
C THR B 2470 -15.15 -22.56 -38.06
N PRO B 2471 -14.67 -23.81 -38.00
CA PRO B 2471 -13.74 -24.18 -36.94
C PRO B 2471 -12.46 -23.34 -37.01
N ILE B 2472 -11.95 -22.96 -35.84
CA ILE B 2472 -10.78 -22.10 -35.79
C ILE B 2472 -9.58 -22.82 -36.40
N GLY B 2473 -8.71 -22.05 -37.05
CA GLY B 2473 -7.62 -22.64 -37.80
C GLY B 2473 -6.65 -21.58 -38.26
N THR B 2474 -5.59 -22.03 -38.92
CA THR B 2474 -4.48 -21.16 -39.29
C THR B 2474 -3.90 -21.64 -40.61
N SER B 2475 -3.22 -20.74 -41.31
CA SER B 2475 -2.29 -21.12 -42.37
C SER B 2475 -0.90 -21.44 -41.86
N CYS B 2476 -0.61 -21.19 -40.59
CA CYS B 2476 0.74 -21.33 -40.06
C CYS B 2476 0.94 -22.77 -39.57
N GLN B 2477 0.99 -23.68 -40.55
CA GLN B 2477 1.14 -25.10 -40.23
C GLN B 2477 2.50 -25.41 -39.64
N GLY B 2478 3.53 -24.62 -40.00
CA GLY B 2478 4.85 -24.84 -39.46
C GLY B 2478 5.01 -24.43 -38.02
N ALA B 2479 4.12 -23.59 -37.50
CA ALA B 2479 4.16 -23.16 -36.12
C ALA B 2479 3.22 -23.96 -35.22
N MET B 2480 2.36 -24.80 -35.80
CA MET B 2480 1.39 -25.53 -35.00
C MET B 2480 2.07 -26.65 -34.21
N LEU B 2481 1.57 -26.89 -33.01
CA LEU B 2481 1.96 -28.05 -32.24
C LEU B 2481 1.41 -29.30 -32.92
N PRO B 2482 2.26 -30.28 -33.26
CA PRO B 2482 1.76 -31.47 -33.96
C PRO B 2482 0.94 -32.37 -33.05
N SER B 2483 0.22 -33.29 -33.68
CA SER B 2483 -0.56 -34.27 -32.96
C SER B 2483 0.35 -35.20 -32.18
N ILE B 2484 -0.23 -35.86 -31.18
CA ILE B 2484 0.50 -36.91 -30.47
C ILE B 2484 0.91 -38.00 -31.44
N THR B 2485 0.00 -38.38 -32.34
CA THR B 2485 0.23 -39.47 -33.30
C THR B 2485 0.96 -39.00 -34.55
N ASN B 2486 1.41 -37.75 -34.61
CA ASN B 2486 2.13 -37.27 -35.78
C ASN B 2486 3.48 -37.97 -35.96
N VAL B 2487 4.03 -38.55 -34.90
CA VAL B 2487 5.25 -39.35 -35.02
C VAL B 2487 5.06 -40.51 -35.99
N ILE B 2488 3.84 -41.04 -36.09
CA ILE B 2488 3.58 -42.14 -37.02
C ILE B 2488 3.73 -41.66 -38.46
N ASN B 2489 3.18 -40.48 -38.77
CA ASN B 2489 3.26 -39.97 -40.14
C ASN B 2489 4.69 -39.67 -40.55
N LEU B 2490 5.54 -39.27 -39.59
CA LEU B 2490 6.93 -38.96 -39.92
C LEU B 2490 7.75 -40.23 -40.17
N ALA B 2491 7.33 -41.37 -39.63
CA ALA B 2491 8.11 -42.59 -39.75
C ALA B 2491 8.01 -43.15 -41.16
N ASP B 2492 9.01 -43.97 -41.52
CA ASP B 2492 9.03 -44.60 -42.83
C ASP B 2492 7.97 -45.69 -42.91
N SER B 2493 7.75 -46.18 -44.13
CA SER B 2493 6.66 -47.12 -44.37
C SER B 2493 6.88 -48.44 -43.66
N HIS B 2494 8.13 -48.86 -43.48
CA HIS B 2494 8.41 -50.16 -42.88
C HIS B 2494 7.95 -50.20 -41.43
N ASP B 2495 8.31 -49.19 -40.64
CA ASP B 2495 7.92 -49.16 -39.23
C ASP B 2495 6.42 -49.00 -39.07
N ARG B 2496 5.78 -48.21 -39.94
CA ARG B 2496 4.33 -48.07 -39.89
C ARG B 2496 3.65 -49.39 -40.22
N ALA B 2497 4.17 -50.13 -41.20
CA ALA B 2497 3.61 -51.44 -41.53
C ALA B 2497 3.79 -52.41 -40.37
N ALA B 2498 4.96 -52.39 -39.73
CA ALA B 2498 5.16 -53.21 -38.54
C ALA B 2498 4.23 -52.78 -37.42
N PHE B 2499 4.02 -51.46 -37.28
CA PHE B 2499 3.11 -50.95 -36.26
C PHE B 2499 1.66 -51.31 -36.57
N ALA B 2500 1.33 -51.50 -37.84
CA ALA B 2500 -0.03 -51.81 -38.25
C ALA B 2500 -0.48 -53.17 -37.73
N GLY B 2548 -3.27 -50.25 -20.67
CA GLY B 2548 -3.95 -50.71 -19.47
C GLY B 2548 -5.07 -49.79 -19.01
N ASN B 2549 -5.66 -50.12 -17.86
CA ASN B 2549 -6.84 -49.40 -17.40
C ASN B 2549 -6.56 -47.91 -17.21
N GLN B 2550 -5.44 -47.58 -16.57
CA GLN B 2550 -5.09 -46.17 -16.40
C GLN B 2550 -4.81 -45.49 -17.74
N LEU B 2551 -4.10 -46.18 -18.64
CA LEU B 2551 -3.80 -45.58 -19.93
C LEU B 2551 -5.06 -45.43 -20.78
N HIS B 2552 -5.96 -46.41 -20.73
CA HIS B 2552 -7.21 -46.31 -21.46
C HIS B 2552 -8.10 -45.19 -20.93
N MET B 2553 -8.19 -45.06 -19.60
CA MET B 2553 -8.92 -43.93 -19.02
C MET B 2553 -8.30 -42.59 -19.40
N LEU B 2554 -6.96 -42.51 -19.41
CA LEU B 2554 -6.28 -41.28 -19.80
C LEU B 2554 -6.62 -40.91 -21.24
N THR B 2555 -6.53 -41.87 -22.16
CA THR B 2555 -6.82 -41.58 -23.55
C THR B 2555 -8.30 -41.29 -23.80
N ASN B 2556 -9.20 -41.91 -23.04
CA ASN B 2556 -10.62 -41.54 -23.17
C ASN B 2556 -10.89 -40.12 -22.69
N ARG B 2557 -10.37 -39.75 -21.53
CA ARG B 2557 -10.56 -38.39 -21.03
C ARG B 2557 -9.94 -37.37 -21.97
N HIS B 2558 -8.78 -37.69 -22.54
CA HIS B 2558 -8.17 -36.79 -23.50
C HIS B 2558 -8.95 -36.71 -24.81
N ASP B 2559 -9.56 -37.80 -25.25
CA ASP B 2559 -10.41 -37.72 -26.43
C ASP B 2559 -11.62 -36.83 -26.18
N LYS B 2560 -12.21 -36.92 -25.00
CA LYS B 2560 -13.32 -36.02 -24.66
C LYS B 2560 -12.88 -34.56 -24.62
N PHE B 2561 -11.69 -34.29 -24.09
CA PHE B 2561 -11.12 -32.94 -24.13
C PHE B 2561 -10.91 -32.44 -25.56
N LEU B 2562 -10.27 -33.25 -26.39
CA LEU B 2562 -10.03 -32.85 -27.77
C LEU B 2562 -11.32 -32.65 -28.55
N ASP B 2563 -12.36 -33.45 -28.25
CA ASP B 2563 -13.68 -33.20 -28.82
C ASP B 2563 -14.26 -31.85 -28.37
N THR B 2564 -14.05 -31.48 -27.11
CA THR B 2564 -14.45 -30.14 -26.67
C THR B 2564 -13.70 -29.05 -27.42
N LEU B 2565 -12.42 -29.28 -27.75
CA LEU B 2565 -11.66 -28.28 -28.51
C LEU B 2565 -12.06 -28.20 -29.98
N ARG B 2566 -12.35 -29.33 -30.61
CA ARG B 2566 -12.85 -29.35 -31.99
C ARG B 2566 -14.12 -28.52 -32.18
N GLU B 2567 -14.95 -28.39 -31.14
CA GLU B 2567 -16.10 -27.48 -31.15
C GLU B 2567 -15.74 -26.00 -31.22
N VAL B 2568 -14.55 -25.59 -30.74
CA VAL B 2568 -14.20 -24.16 -30.73
C VAL B 2568 -14.21 -23.57 -32.14
N LYS B 2569 -14.86 -22.41 -32.27
CA LYS B 2569 -15.19 -21.76 -33.53
C LYS B 2569 -14.50 -20.40 -33.65
N THR B 2570 -14.32 -19.95 -34.90
CA THR B 2570 -13.67 -18.68 -35.18
C THR B 2570 -14.44 -17.48 -34.62
N GLY B 2571 -15.77 -17.59 -34.51
CA GLY B 2571 -16.55 -16.46 -34.04
C GLY B 2571 -16.21 -16.03 -32.63
N ALA B 2572 -15.92 -16.99 -31.76
CA ALA B 2572 -15.57 -16.66 -30.37
C ALA B 2572 -14.30 -15.84 -30.32
N LEU B 2573 -13.27 -16.28 -31.03
CA LEU B 2573 -12.03 -15.51 -31.10
C LEU B 2573 -12.27 -14.14 -31.70
N LEU B 2574 -13.10 -14.04 -32.74
CA LEU B 2574 -13.35 -12.75 -33.35
C LEU B 2574 -14.03 -11.79 -32.37
N SER B 2575 -15.01 -12.27 -31.61
CA SER B 2575 -15.71 -11.43 -30.66
C SER B 2575 -14.77 -10.95 -29.55
N ALA B 2576 -14.01 -11.88 -28.97
CA ALA B 2576 -13.10 -11.49 -27.89
C ALA B 2576 -12.02 -10.54 -28.41
N PHE B 2577 -11.54 -10.78 -29.64
CA PHE B 2577 -10.59 -9.91 -30.29
C PHE B 2577 -11.14 -8.49 -30.42
N VAL B 2578 -12.39 -8.37 -30.86
CA VAL B 2578 -13.01 -7.06 -31.00
C VAL B 2578 -13.12 -6.37 -29.64
N GLN B 2579 -13.46 -7.12 -28.59
CA GLN B 2579 -13.54 -6.51 -27.26
C GLN B 2579 -12.17 -6.01 -26.79
N LEU B 2580 -11.12 -6.80 -26.99
CA LEU B 2580 -9.78 -6.34 -26.64
C LEU B 2580 -9.35 -5.13 -27.48
N CYS B 2581 -9.78 -5.06 -28.74
CA CYS B 2581 -9.54 -3.84 -29.51
C CYS B 2581 -10.28 -2.63 -28.94
N HIS B 2582 -11.48 -2.85 -28.39
CA HIS B 2582 -12.17 -1.77 -27.69
C HIS B 2582 -11.38 -1.29 -26.48
N ILE B 2583 -10.85 -2.22 -25.68
CA ILE B 2583 -10.13 -1.81 -24.47
C ILE B 2583 -8.75 -1.20 -24.80
N SER B 2584 -8.10 -1.63 -25.88
CA SER B 2584 -6.72 -1.22 -26.15
C SER B 2584 -6.64 -0.44 -27.45
N THR B 2585 -6.14 0.79 -27.37
CA THR B 2585 -5.95 1.63 -28.55
C THR B 2585 -4.73 1.23 -29.35
N THR B 2586 -3.65 0.82 -28.66
CA THR B 2586 -2.48 0.33 -29.37
C THR B 2586 -2.80 -0.92 -30.17
N LEU B 2587 -3.53 -1.85 -29.56
CA LEU B 2587 -3.95 -3.04 -30.27
C LEU B 2587 -4.86 -2.71 -31.43
N ALA B 2588 -5.78 -1.77 -31.26
CA ALA B 2588 -6.67 -1.39 -32.34
C ALA B 2588 -5.90 -0.79 -33.51
N GLU B 2589 -4.94 0.09 -33.21
CA GLU B 2589 -4.15 0.72 -34.27
C GLU B 2589 -3.32 -0.31 -35.02
N LYS B 2590 -2.66 -1.20 -34.29
CA LYS B 2590 -1.87 -2.26 -34.91
C LYS B 2590 -2.75 -3.16 -35.77
N THR B 2591 -3.92 -3.53 -35.26
CA THR B 2591 -4.80 -4.43 -35.99
C THR B 2591 -5.35 -3.77 -37.25
N TRP B 2592 -5.70 -2.49 -37.20
CA TRP B 2592 -6.18 -1.82 -38.40
C TRP B 2592 -5.07 -1.68 -39.43
N VAL B 2593 -3.85 -1.38 -38.99
CA VAL B 2593 -2.74 -1.29 -39.93
C VAL B 2593 -2.44 -2.65 -40.56
N GLN B 2594 -2.62 -3.73 -39.81
CA GLN B 2594 -2.44 -5.05 -40.37
C GLN B 2594 -3.61 -5.49 -41.25
N LEU B 2595 -4.81 -5.02 -40.94
CA LEU B 2595 -6.04 -5.56 -41.51
C LEU B 2595 -6.48 -4.84 -42.79
N PHE B 2596 -6.39 -3.51 -42.82
CA PHE B 2596 -6.85 -2.80 -44.01
C PHE B 2596 -6.12 -3.18 -45.28
N PRO B 2597 -4.79 -3.31 -45.31
CA PRO B 2597 -4.14 -3.78 -46.55
C PRO B 2597 -4.62 -5.15 -47.00
N ARG B 2598 -4.89 -6.04 -46.05
CA ARG B 2598 -5.37 -7.38 -46.39
C ARG B 2598 -6.76 -7.34 -47.01
N LEU B 2599 -7.66 -6.55 -46.42
CA LEU B 2599 -8.97 -6.30 -47.01
C LEU B 2599 -8.85 -5.68 -48.40
N TRP B 2600 -7.94 -4.73 -48.56
CA TRP B 2600 -7.71 -4.10 -49.85
C TRP B 2600 -7.26 -5.12 -50.89
N LYS B 2601 -6.41 -6.06 -50.49
CA LYS B 2601 -5.94 -7.09 -51.41
C LYS B 2601 -7.08 -7.98 -51.89
N ILE B 2602 -8.05 -8.29 -51.02
CA ILE B 2602 -9.16 -9.15 -51.44
C ILE B 2602 -10.29 -8.39 -52.13
N LEU B 2603 -10.14 -7.10 -52.35
CA LEU B 2603 -11.09 -6.37 -53.18
C LEU B 2603 -10.77 -6.61 -54.66
N SER B 2604 -11.75 -6.32 -55.50
CA SER B 2604 -11.54 -6.36 -56.94
C SER B 2604 -10.97 -5.03 -57.42
N ASP B 2605 -10.48 -5.04 -58.67
CA ASP B 2605 -9.85 -3.85 -59.23
C ASP B 2605 -10.85 -2.70 -59.35
N ARG B 2606 -12.06 -2.99 -59.80
CA ARG B 2606 -13.09 -1.96 -59.89
C ARG B 2606 -13.43 -1.40 -58.51
N GLN B 2607 -13.63 -2.31 -57.54
CA GLN B 2607 -13.89 -1.89 -56.18
C GLN B 2607 -12.72 -1.09 -55.62
N GLN B 2608 -11.49 -1.49 -55.95
CA GLN B 2608 -10.33 -0.77 -55.46
C GLN B 2608 -10.28 0.65 -56.03
N HIS B 2609 -10.55 0.80 -57.32
CA HIS B 2609 -10.53 2.14 -57.90
C HIS B 2609 -11.61 3.02 -57.28
N ALA B 2610 -12.82 2.46 -57.10
CA ALA B 2610 -13.89 3.24 -56.48
C ALA B 2610 -13.54 3.64 -55.06
N LEU B 2611 -12.99 2.71 -54.28
CA LEU B 2611 -12.67 3.00 -52.89
C LEU B 2611 -11.53 4.01 -52.77
N ALA B 2612 -10.56 3.97 -53.68
CA ALA B 2612 -9.50 4.98 -53.66
C ALA B 2612 -10.06 6.35 -54.01
N GLY B 2613 -10.92 6.42 -55.03
CA GLY B 2613 -11.51 7.69 -55.41
C GLY B 2613 -12.38 8.27 -54.31
N GLU B 2614 -12.94 7.41 -53.47
CA GLU B 2614 -13.70 7.88 -52.32
C GLU B 2614 -12.82 8.19 -51.12
N ILE B 2615 -11.68 7.51 -50.99
CA ILE B 2615 -10.78 7.74 -49.87
C ILE B 2615 -10.13 9.11 -49.97
N SER B 2616 -9.81 9.55 -51.19
CA SER B 2616 -9.17 10.85 -51.33
C SER B 2616 -9.95 12.00 -50.68
N PRO B 2617 -11.25 12.18 -50.93
CA PRO B 2617 -12.00 13.20 -50.19
C PRO B 2617 -12.23 12.89 -48.72
N PHE B 2618 -12.32 11.60 -48.36
CA PHE B 2618 -12.42 11.21 -46.95
C PHE B 2618 -11.27 11.77 -46.11
N LEU B 2619 -10.04 11.67 -46.59
CA LEU B 2619 -8.92 12.19 -45.81
C LEU B 2619 -9.00 13.70 -45.66
N CYS B 2620 -9.53 14.39 -46.67
CA CYS B 2620 -9.65 15.84 -46.66
C CYS B 2620 -10.74 16.37 -45.75
N SER B 2621 -11.71 15.55 -45.35
CA SER B 2621 -12.89 16.03 -44.63
C SER B 2621 -12.56 16.78 -43.33
N GLY B 2622 -13.41 17.79 -43.05
CA GLY B 2622 -13.29 18.59 -41.84
C GLY B 2622 -13.53 17.83 -40.54
N SER B 2623 -14.37 16.79 -40.58
CA SER B 2623 -14.73 16.02 -39.39
C SER B 2623 -13.51 15.50 -38.64
N HIS B 2624 -12.46 15.14 -39.37
CA HIS B 2624 -11.18 14.71 -38.78
C HIS B 2624 -10.54 15.77 -37.88
N GLN B 2625 -10.88 17.05 -38.04
CA GLN B 2625 -10.16 18.10 -37.32
C GLN B 2625 -10.27 17.96 -35.81
N VAL B 2626 -11.33 17.33 -35.31
CA VAL B 2626 -11.44 17.13 -33.87
C VAL B 2626 -10.40 16.12 -33.37
N GLN B 2627 -9.98 15.19 -34.24
CA GLN B 2627 -8.91 14.25 -33.93
C GLN B 2627 -7.56 14.92 -33.72
N ARG B 2628 -7.41 16.18 -34.13
CA ARG B 2628 -6.10 16.79 -34.35
C ARG B 2628 -5.13 16.52 -33.20
N ASP B 2629 -5.60 16.69 -31.96
CA ASP B 2629 -4.75 16.50 -30.80
C ASP B 2629 -4.89 15.12 -30.16
N CYS B 2630 -5.56 14.18 -30.82
CA CYS B 2630 -5.57 12.81 -30.34
C CYS B 2630 -4.23 12.14 -30.59
N GLN B 2631 -3.89 11.19 -29.70
CA GLN B 2631 -2.60 10.52 -29.72
C GLN B 2631 -2.79 9.03 -29.50
N PRO B 2632 -2.88 8.25 -30.59
CA PRO B 2632 -2.93 8.67 -32.00
C PRO B 2632 -4.27 9.23 -32.44
N SER B 2633 -4.26 10.01 -33.52
CA SER B 2633 -5.47 10.29 -34.28
C SER B 2633 -5.91 9.04 -35.03
N ALA B 2634 -7.23 8.83 -35.10
CA ALA B 2634 -7.78 7.79 -35.95
C ALA B 2634 -7.40 8.00 -37.41
N LEU B 2635 -7.32 9.25 -37.85
CA LEU B 2635 -6.91 9.50 -39.22
C LEU B 2635 -5.43 9.18 -39.44
N ASN B 2636 -4.59 9.38 -38.42
CA ASN B 2636 -3.21 8.93 -38.49
C ASN B 2636 -3.14 7.43 -38.77
N CYS B 2637 -3.87 6.63 -37.99
CA CYS B 2637 -3.89 5.19 -38.19
C CYS B 2637 -4.46 4.82 -39.55
N PHE B 2638 -5.49 5.54 -40.00
CA PHE B 2638 -6.08 5.26 -41.30
C PHE B 2638 -5.08 5.52 -42.43
N VAL B 2639 -4.34 6.63 -42.35
CA VAL B 2639 -3.35 6.92 -43.38
C VAL B 2639 -2.20 5.92 -43.32
N GLU B 2640 -1.80 5.50 -42.12
CA GLU B 2640 -0.75 4.49 -42.01
C GLU B 2640 -1.20 3.17 -42.63
N ALA B 2641 -2.47 2.81 -42.46
CA ALA B 2641 -2.97 1.58 -43.08
C ALA B 2641 -2.97 1.69 -44.59
N MET B 2642 -3.36 2.85 -45.12
CA MET B 2642 -3.43 3.03 -46.57
C MET B 2642 -2.05 2.92 -47.21
N SER B 2643 -1.02 3.44 -46.55
CA SER B 2643 0.32 3.45 -47.13
C SER B 2643 0.84 2.05 -47.40
N GLN B 2644 0.36 1.06 -46.66
CA GLN B 2644 0.80 -0.32 -46.85
C GLN B 2644 0.12 -1.01 -48.02
N CYS B 2645 -0.98 -0.44 -48.53
CA CYS B 2645 -1.78 -1.11 -49.55
C CYS B 2645 -1.01 -1.33 -50.84
N VAL B 2646 -1.16 -2.54 -51.40
CA VAL B 2646 -0.66 -2.86 -52.73
C VAL B 2646 -1.84 -3.39 -53.54
N PRO B 2647 -2.19 -2.76 -54.67
CA PRO B 2647 -1.58 -1.59 -55.31
C PRO B 2647 -1.80 -0.31 -54.52
N PRO B 2648 -0.90 0.67 -54.68
CA PRO B 2648 -0.97 1.88 -53.86
C PRO B 2648 -2.21 2.71 -54.15
N ILE B 2649 -2.62 3.49 -53.14
CA ILE B 2649 -3.72 4.43 -53.24
C ILE B 2649 -3.12 5.83 -53.44
N PRO B 2650 -3.33 6.47 -54.58
CA PRO B 2650 -2.69 7.78 -54.82
C PRO B 2650 -3.35 8.87 -53.98
N ILE B 2651 -2.50 9.72 -53.39
CA ILE B 2651 -2.95 10.83 -52.57
C ILE B 2651 -2.21 12.08 -53.03
N ARG B 2652 -2.94 13.18 -53.16
CA ARG B 2652 -2.35 14.42 -53.66
C ARG B 2652 -1.26 14.91 -52.70
N PRO B 2653 -0.15 15.43 -53.22
CA PRO B 2653 0.95 15.87 -52.35
C PRO B 2653 0.56 16.92 -51.33
N CYS B 2654 -0.30 17.87 -51.69
CA CYS B 2654 -0.70 18.90 -50.74
C CYS B 2654 -1.52 18.31 -49.59
N VAL B 2655 -2.34 17.31 -49.91
CA VAL B 2655 -3.06 16.57 -48.87
C VAL B 2655 -2.09 15.84 -47.96
N LEU B 2656 -1.07 15.21 -48.54
CA LEU B 2656 -0.07 14.52 -47.72
C LEU B 2656 0.65 15.49 -46.79
N LYS B 2657 1.04 16.66 -47.30
CA LYS B 2657 1.70 17.65 -46.43
C LYS B 2657 0.77 18.11 -45.32
N TYR B 2658 -0.49 18.39 -45.65
CA TYR B 2658 -1.44 18.83 -44.62
C TYR B 2658 -1.62 17.77 -43.55
N LEU B 2659 -1.77 16.50 -43.96
CA LEU B 2659 -1.95 15.42 -43.00
C LEU B 2659 -0.69 15.23 -42.16
N GLY B 2660 0.48 15.36 -42.77
CA GLY B 2660 1.72 15.21 -42.02
C GLY B 2660 1.87 16.26 -40.94
N LYS B 2661 1.55 17.51 -41.27
CA LYS B 2661 1.69 18.57 -40.28
C LYS B 2661 0.55 18.60 -39.28
N THR B 2662 -0.61 18.04 -39.62
CA THR B 2662 -1.81 18.19 -38.82
C THR B 2662 -2.08 17.01 -37.89
N HIS B 2663 -1.88 15.79 -38.37
CA HIS B 2663 -2.24 14.59 -37.63
C HIS B 2663 -1.02 13.82 -37.12
N ASN B 2664 0.12 14.50 -36.96
CA ASN B 2664 1.36 13.88 -36.49
C ASN B 2664 1.78 12.72 -37.39
N LEU B 2665 1.69 12.95 -38.70
CA LEU B 2665 2.10 12.00 -39.73
C LEU B 2665 3.37 12.45 -40.44
N TRP B 2666 4.19 13.28 -39.78
CA TRP B 2666 5.26 14.02 -40.43
C TRP B 2666 6.13 13.13 -41.31
N PHE B 2667 6.79 12.14 -40.71
CA PHE B 2667 7.79 11.38 -41.45
C PHE B 2667 7.14 10.36 -42.38
N ARG B 2668 5.96 9.87 -42.06
CA ARG B 2668 5.23 9.03 -43.00
C ARG B 2668 4.91 9.80 -44.28
N SER B 2669 4.39 11.03 -44.14
CA SER B 2669 4.11 11.86 -45.30
C SER B 2669 5.39 12.21 -46.05
N THR B 2670 6.47 12.50 -45.32
CA THR B 2670 7.73 12.82 -45.98
C THR B 2670 8.24 11.64 -46.80
N LEU B 2671 8.17 10.43 -46.24
CA LEU B 2671 8.63 9.25 -46.97
C LEU B 2671 7.74 8.95 -48.17
N MET B 2672 6.42 9.13 -48.02
CA MET B 2672 5.52 8.92 -49.14
C MET B 2672 5.81 9.91 -50.26
N LEU B 2673 6.05 11.18 -49.92
CA LEU B 2673 6.35 12.17 -50.94
C LEU B 2673 7.70 11.89 -51.60
N GLU B 2674 8.68 11.43 -50.82
CA GLU B 2674 9.96 11.04 -51.40
C GLU B 2674 9.78 9.90 -52.40
N HIS B 2675 8.98 8.90 -52.04
CA HIS B 2675 8.73 7.79 -52.96
C HIS B 2675 8.03 8.26 -54.22
N GLN B 2676 7.04 9.16 -54.07
CA GLN B 2676 6.37 9.71 -55.24
C GLN B 2676 7.34 10.47 -56.14
N ALA B 2677 8.25 11.23 -55.54
CA ALA B 2677 9.21 12.00 -56.33
C ALA B 2677 10.19 11.09 -57.06
N PHE B 2678 10.67 10.03 -56.39
CA PHE B 2678 11.58 9.10 -57.05
C PHE B 2678 10.87 8.29 -58.13
N GLU B 2679 9.57 8.01 -57.97
CA GLU B 2679 8.82 7.33 -59.02
C GLU B 2679 8.68 8.21 -60.25
N LYS B 2680 8.45 9.51 -60.07
CA LYS B 2680 8.27 10.44 -61.17
C LYS B 2680 9.59 10.98 -61.71
N GLY B 2681 10.72 10.44 -61.25
CA GLY B 2681 12.01 10.96 -61.65
C GLY B 2681 12.28 12.37 -61.16
N LEU B 2682 11.91 12.65 -59.92
CA LEU B 2682 12.08 13.99 -59.32
C LEU B 2682 11.40 15.07 -60.16
N ILE B 2700 9.66 21.27 -65.19
CA ILE B 2700 9.08 20.03 -64.68
C ILE B 2700 7.56 20.08 -64.80
N THR B 2701 6.94 18.91 -64.82
CA THR B 2701 5.49 18.84 -64.94
C THR B 2701 4.82 19.34 -63.66
N PRO B 2702 3.59 19.83 -63.76
CA PRO B 2702 2.89 20.32 -62.57
C PRO B 2702 2.75 19.27 -61.48
N PRO B 2703 2.52 17.99 -61.81
CA PRO B 2703 2.56 16.97 -60.74
C PRO B 2703 3.91 16.88 -60.04
N GLN B 2704 5.00 16.85 -60.81
CA GLN B 2704 6.32 16.85 -60.20
C GLN B 2704 6.55 18.14 -59.41
N GLN B 2705 6.05 19.26 -59.93
CA GLN B 2705 6.15 20.53 -59.24
C GLN B 2705 5.49 20.47 -57.87
N GLU B 2706 4.25 20.00 -57.80
CA GLU B 2706 3.55 19.94 -56.52
C GLU B 2706 4.14 18.90 -55.59
N ILE B 2707 4.70 17.80 -56.12
CA ILE B 2707 5.38 16.85 -55.26
C ILE B 2707 6.61 17.48 -54.60
N LEU B 2708 7.43 18.15 -55.41
CA LEU B 2708 8.63 18.77 -54.86
C LEU B 2708 8.30 19.96 -53.97
N ASP B 2709 7.23 20.70 -54.27
CA ASP B 2709 6.75 21.76 -53.39
C ASP B 2709 6.36 21.22 -52.02
N SER B 2710 5.56 20.16 -52.00
CA SER B 2710 5.12 19.61 -50.72
C SER B 2710 6.29 19.01 -49.94
N LEU B 2711 7.22 18.36 -50.64
CA LEU B 2711 8.38 17.82 -49.96
C LEU B 2711 9.27 18.91 -49.40
N ALA B 2712 9.47 20.00 -50.14
CA ALA B 2712 10.27 21.11 -49.66
C ALA B 2712 9.63 21.78 -48.46
N GLU B 2713 8.31 22.00 -48.50
CA GLU B 2713 7.63 22.56 -47.33
C GLU B 2713 7.72 21.63 -46.13
N LEU B 2714 7.60 20.32 -46.32
CA LEU B 2714 7.75 19.41 -45.19
C LEU B 2714 9.17 19.42 -44.64
N TYR B 2715 10.17 19.48 -45.51
CA TYR B 2715 11.55 19.60 -45.04
C TYR B 2715 11.77 20.87 -44.24
N SER B 2716 11.22 21.98 -44.72
CA SER B 2716 11.37 23.26 -44.00
C SER B 2716 10.65 23.24 -42.67
N LEU B 2717 9.46 22.62 -42.62
CA LEU B 2717 8.71 22.54 -41.37
C LEU B 2717 9.38 21.64 -40.35
N LEU B 2718 10.20 20.69 -40.81
CA LEU B 2718 10.89 19.76 -39.93
C LEU B 2718 12.27 20.26 -39.52
N GLN B 2719 12.66 21.46 -39.94
CA GLN B 2719 13.98 22.03 -39.67
C GLN B 2719 15.09 21.12 -40.16
N GLU B 2720 14.85 20.41 -41.26
CA GLU B 2720 15.85 19.56 -41.89
C GLU B 2720 16.52 20.38 -42.98
N GLU B 2721 17.48 21.21 -42.56
CA GLU B 2721 18.07 22.20 -43.45
C GLU B 2721 18.82 21.53 -44.61
N ASP B 2722 19.55 20.45 -44.33
CA ASP B 2722 20.39 19.84 -45.36
C ASP B 2722 19.56 19.14 -46.43
N MET B 2723 18.51 18.43 -46.03
CA MET B 2723 17.65 17.77 -47.01
C MET B 2723 16.96 18.80 -47.90
N TRP B 2724 16.47 19.87 -47.30
CA TRP B 2724 15.86 20.97 -48.05
C TRP B 2724 16.87 21.58 -49.02
N ALA B 2725 18.11 21.78 -48.56
CA ALA B 2725 19.15 22.33 -49.41
C ALA B 2725 19.45 21.42 -50.60
N GLY B 2726 19.54 20.12 -50.37
CA GLY B 2726 19.81 19.21 -51.47
C GLY B 2726 18.69 19.19 -52.49
N LEU B 2727 17.45 19.11 -52.01
CA LEU B 2727 16.31 19.16 -52.90
C LEU B 2727 16.31 20.44 -53.74
N TRP B 2728 16.47 21.60 -53.10
CA TRP B 2728 16.47 22.84 -53.86
C TRP B 2728 17.69 23.02 -54.76
N GLN B 2729 18.84 22.48 -54.39
CA GLN B 2729 19.98 22.50 -55.32
C GLN B 2729 19.69 21.71 -56.59
N LYS B 2730 19.01 20.58 -56.47
CA LYS B 2730 18.59 19.87 -57.68
C LYS B 2730 17.49 20.63 -58.43
N ARG B 2731 16.54 21.19 -57.68
CA ARG B 2731 15.37 21.83 -58.27
C ARG B 2731 15.67 23.18 -58.92
N CYS B 2732 16.51 24.00 -58.31
CA CYS B 2732 16.56 25.42 -58.65
C CYS B 2732 16.96 25.67 -60.11
N LYS B 2733 16.43 26.75 -60.65
CA LYS B 2733 16.66 27.18 -62.03
C LYS B 2733 17.79 28.20 -62.16
N TYR B 2734 18.05 28.97 -61.13
CA TYR B 2734 19.11 29.97 -61.13
C TYR B 2734 20.32 29.44 -60.37
N SER B 2735 21.51 29.59 -60.96
CA SER B 2735 22.73 29.17 -60.28
C SER B 2735 22.97 30.00 -59.03
N GLU B 2736 22.51 31.25 -59.03
CA GLU B 2736 22.64 32.08 -57.84
C GLU B 2736 21.87 31.49 -56.67
N THR B 2737 20.72 30.86 -56.93
CA THR B 2737 19.98 30.22 -55.85
C THR B 2737 20.77 29.10 -55.21
N ALA B 2738 21.40 28.25 -56.02
CA ALA B 2738 22.20 27.15 -55.46
C ALA B 2738 23.41 27.69 -54.71
N THR B 2739 24.06 28.73 -55.25
CA THR B 2739 25.18 29.34 -54.55
C THR B 2739 24.74 29.91 -53.19
N ALA B 2740 23.60 30.61 -53.17
CA ALA B 2740 23.10 31.21 -51.94
C ALA B 2740 22.73 30.15 -50.92
N ILE B 2741 22.11 29.06 -51.37
CA ILE B 2741 21.74 27.98 -50.47
C ILE B 2741 22.99 27.34 -49.88
N ALA B 2742 24.01 27.12 -50.70
CA ALA B 2742 25.27 26.58 -50.19
C ALA B 2742 25.88 27.51 -49.16
N TYR B 2743 25.88 28.81 -49.43
CA TYR B 2743 26.47 29.77 -48.49
C TYR B 2743 25.71 29.77 -47.16
N GLU B 2744 24.38 29.89 -47.22
CA GLU B 2744 23.57 29.96 -46.01
C GLU B 2744 23.63 28.66 -45.22
N GLN B 2745 23.71 27.53 -45.92
CA GLN B 2745 23.74 26.23 -45.26
C GLN B 2745 24.92 26.10 -44.31
N HIS B 2746 26.02 26.79 -44.60
CA HIS B 2746 27.24 26.70 -43.79
C HIS B 2746 27.56 28.00 -43.08
N GLY B 2747 26.56 28.85 -42.84
CA GLY B 2747 26.74 30.03 -42.03
C GLY B 2747 27.32 31.24 -42.72
N PHE B 2748 27.48 31.21 -44.04
CA PHE B 2748 27.99 32.36 -44.79
C PHE B 2748 26.81 33.24 -45.20
N PHE B 2749 26.19 33.84 -44.18
CA PHE B 2749 24.94 34.56 -44.38
C PHE B 2749 25.13 35.83 -45.21
N GLU B 2750 26.29 36.47 -45.10
CA GLU B 2750 26.54 37.69 -45.89
C GLU B 2750 26.65 37.35 -47.38
N GLN B 2751 27.44 36.32 -47.69
CA GLN B 2751 27.58 35.90 -49.09
C GLN B 2751 26.26 35.37 -49.63
N ALA B 2752 25.50 34.64 -48.80
CA ALA B 2752 24.20 34.17 -49.22
C ALA B 2752 23.25 35.33 -49.51
N GLN B 2753 23.31 36.38 -48.69
CA GLN B 2753 22.46 37.55 -48.92
C GLN B 2753 22.82 38.23 -50.23
N GLU B 2754 24.12 38.38 -50.50
CA GLU B 2754 24.56 38.96 -51.76
C GLU B 2754 24.09 38.10 -52.94
N SER B 2755 24.17 36.77 -52.80
CA SER B 2755 23.75 35.89 -53.88
C SER B 2755 22.25 35.97 -54.12
N TYR B 2756 21.45 36.06 -53.05
CA TYR B 2756 20.01 36.23 -53.21
C TYR B 2756 19.70 37.54 -53.91
N GLU B 2757 20.42 38.61 -53.55
CA GLU B 2757 20.22 39.89 -54.22
C GLU B 2757 20.56 39.81 -55.70
N LYS B 2758 21.66 39.11 -56.03
CA LYS B 2758 22.02 38.93 -57.44
C LYS B 2758 20.95 38.17 -58.19
N ALA B 2759 20.39 37.13 -57.57
CA ALA B 2759 19.32 36.36 -58.20
C ALA B 2759 18.09 37.24 -58.44
N MET B 2760 17.74 38.08 -57.46
CA MET B 2760 16.59 38.96 -57.62
C MET B 2760 16.83 39.98 -58.74
N ASP B 2761 18.05 40.50 -58.84
CA ASP B 2761 18.38 41.42 -59.92
C ASP B 2761 18.27 40.76 -61.29
N LYS B 2762 18.74 39.51 -61.39
CA LYS B 2762 18.58 38.77 -62.64
C LYS B 2762 17.11 38.53 -62.96
N ALA B 2763 16.31 38.18 -61.96
CA ALA B 2763 14.90 37.93 -62.19
C ALA B 2763 14.16 39.19 -62.63
N LYS B 2764 14.46 40.33 -62.00
CA LYS B 2764 13.87 41.60 -62.45
C LYS B 2764 14.29 41.93 -63.88
N LYS B 2765 15.58 41.73 -64.21
CA LYS B 2765 16.01 41.95 -65.58
C LYS B 2765 15.28 41.06 -66.58
N GLU B 2766 14.94 39.83 -66.18
CA GLU B 2766 14.18 38.96 -67.06
C GLU B 2766 12.69 39.27 -67.10
N HIS B 2767 12.15 39.92 -66.05
CA HIS B 2767 10.74 40.27 -66.05
C HIS B 2767 10.41 41.37 -67.05
N GLU B 2768 11.34 42.27 -67.32
CA GLU B 2768 11.14 43.27 -68.36
C GLU B 2768 11.02 42.66 -69.75
N ARG B 2769 11.50 41.44 -69.94
CA ARG B 2769 11.39 40.77 -71.23
C ARG B 2769 10.11 39.97 -71.36
N SER B 2770 9.75 39.20 -70.33
CA SER B 2770 8.57 38.35 -70.36
C SER B 2770 8.07 38.15 -68.94
N ASN B 2771 6.80 37.76 -68.83
CA ASN B 2771 6.24 37.43 -67.53
C ASN B 2771 6.88 36.15 -66.99
N ALA B 2772 6.52 35.83 -65.74
CA ALA B 2772 7.09 34.69 -65.04
C ALA B 2772 6.04 33.59 -64.91
N SER B 2773 6.44 32.36 -65.22
CA SER B 2773 5.56 31.22 -65.06
C SER B 2773 5.34 30.92 -63.58
N PRO B 2774 4.20 30.34 -63.22
CA PRO B 2774 4.00 29.93 -61.81
C PRO B 2774 4.94 28.84 -61.33
N ALA B 2775 5.75 28.26 -62.22
CA ALA B 2775 6.72 27.26 -61.80
C ALA B 2775 7.91 27.88 -61.08
N ILE B 2776 8.22 29.14 -61.38
CA ILE B 2776 9.37 29.82 -60.76
C ILE B 2776 9.00 30.57 -59.48
N PHE B 2777 7.73 30.75 -59.19
CA PHE B 2777 7.33 31.50 -58.01
C PHE B 2777 7.83 30.89 -56.70
N PRO B 2778 7.90 29.57 -56.51
CA PRO B 2778 8.54 29.06 -55.29
C PRO B 2778 9.99 29.46 -55.14
N GLU B 2779 10.72 29.63 -56.24
CA GLU B 2779 12.09 30.11 -56.13
C GLU B 2779 12.13 31.56 -55.65
N TYR B 2780 11.22 32.39 -56.14
CA TYR B 2780 11.17 33.78 -55.69
C TYR B 2780 10.75 33.88 -54.22
N GLN B 2781 9.81 33.03 -53.81
CA GLN B 2781 9.45 32.96 -52.40
C GLN B 2781 10.63 32.52 -51.54
N LEU B 2782 11.40 31.55 -52.03
CA LEU B 2782 12.60 31.14 -51.32
C LEU B 2782 13.57 32.30 -51.18
N TRP B 2783 13.77 33.06 -52.25
CA TRP B 2783 14.67 34.21 -52.19
C TRP B 2783 14.21 35.21 -51.13
N GLU B 2784 12.93 35.57 -51.14
CA GLU B 2784 12.44 36.55 -50.18
C GLU B 2784 12.59 36.03 -48.74
N ASP B 2785 12.15 34.80 -48.50
CA ASP B 2785 12.18 34.25 -47.14
C ASP B 2785 13.61 34.13 -46.62
N HIS B 2786 14.53 33.67 -47.45
CA HIS B 2786 15.87 33.44 -46.94
C HIS B 2786 16.74 34.69 -46.97
N TRP B 2787 16.40 35.69 -47.79
CA TRP B 2787 16.98 37.02 -47.59
C TRP B 2787 16.55 37.59 -46.24
N ILE B 2788 15.28 37.40 -45.89
CA ILE B 2788 14.82 37.84 -44.57
C ILE B 2788 15.58 37.10 -43.47
N ARG B 2789 15.76 35.79 -43.62
CA ARG B 2789 16.47 35.02 -42.60
C ARG B 2789 17.92 35.45 -42.49
N CYS B 2790 18.59 35.68 -43.63
CA CYS B 2790 19.97 36.14 -43.60
C CYS B 2790 20.08 37.51 -42.94
N SER B 2791 19.14 38.40 -43.21
CA SER B 2791 19.12 39.70 -42.54
C SER B 2791 18.93 39.53 -41.04
N LYS B 2792 18.12 38.55 -40.63
CA LYS B 2792 17.97 38.26 -39.21
C LYS B 2792 19.28 37.78 -38.60
N GLU B 2793 20.01 36.91 -39.29
CA GLU B 2793 21.27 36.40 -38.76
C GLU B 2793 22.37 37.45 -38.78
N LEU B 2794 22.30 38.40 -39.71
CA LEU B 2794 23.27 39.48 -39.78
C LEU B 2794 22.91 40.67 -38.88
N ASN B 2795 21.95 40.49 -37.97
CA ASN B 2795 21.61 41.50 -36.97
C ASN B 2795 21.07 42.79 -37.61
N GLN B 2796 20.38 42.67 -38.74
CA GLN B 2796 19.83 43.82 -39.45
C GLN B 2796 18.35 44.02 -39.12
N TRP B 2797 18.07 44.29 -37.85
CA TRP B 2797 16.70 44.35 -37.38
C TRP B 2797 16.00 45.65 -37.74
N GLU B 2798 16.72 46.78 -37.74
CA GLU B 2798 16.12 48.04 -38.13
C GLU B 2798 15.66 48.01 -39.58
N ALA B 2799 16.52 47.50 -40.47
CA ALA B 2799 16.16 47.42 -41.89
C ALA B 2799 14.98 46.48 -42.10
N LEU B 2800 14.92 45.40 -41.31
CA LEU B 2800 13.82 44.46 -41.44
C LEU B 2800 12.51 45.09 -40.96
N THR B 2801 12.56 45.88 -39.89
CA THR B 2801 11.36 46.58 -39.45
C THR B 2801 10.91 47.59 -40.48
N GLU B 2802 11.87 48.29 -41.11
CA GLU B 2802 11.52 49.20 -42.19
C GLU B 2802 10.93 48.43 -43.38
N TYR B 2803 11.56 47.33 -43.75
CA TYR B 2803 11.09 46.52 -44.87
C TYR B 2803 9.69 45.97 -44.62
N GLY B 2804 9.40 45.56 -43.38
CA GLY B 2804 8.08 45.04 -43.07
C GLY B 2804 7.00 46.09 -43.02
N GLN B 2805 7.36 47.36 -42.85
CA GLN B 2805 6.40 48.45 -42.82
C GLN B 2805 6.22 49.13 -44.17
N SER B 2806 6.86 48.62 -45.22
CA SER B 2806 6.75 49.22 -46.54
C SER B 2806 5.31 49.23 -47.02
N LYS B 2807 4.87 50.37 -47.55
CA LYS B 2807 3.48 50.53 -47.95
C LYS B 2807 3.13 49.61 -49.10
N GLY B 2808 1.96 48.99 -49.02
CA GLY B 2808 1.46 48.09 -50.04
C GLY B 2808 1.94 46.66 -49.89
N HIS B 2809 3.10 46.47 -49.25
CA HIS B 2809 3.74 45.16 -49.12
C HIS B 2809 4.04 44.88 -47.65
N ILE B 2810 3.10 45.23 -46.78
CA ILE B 2810 3.31 45.12 -45.34
C ILE B 2810 3.42 43.66 -44.93
N ASN B 2811 4.38 43.37 -44.05
CA ASN B 2811 4.56 42.05 -43.45
C ASN B 2811 4.46 42.21 -41.93
N PRO B 2812 3.24 42.13 -41.37
CA PRO B 2812 3.10 42.33 -39.92
C PRO B 2812 3.83 41.29 -39.08
N TYR B 2813 3.97 40.06 -39.55
CA TYR B 2813 4.68 39.04 -38.78
C TYR B 2813 6.16 39.38 -38.65
N LEU B 2814 6.77 39.85 -39.74
CA LEU B 2814 8.17 40.25 -39.67
C LEU B 2814 8.36 41.43 -38.73
N VAL B 2815 7.46 42.41 -38.78
CA VAL B 2815 7.54 43.55 -37.87
C VAL B 2815 7.39 43.08 -36.43
N LEU B 2816 6.46 42.15 -36.19
CA LEU B 2816 6.26 41.63 -34.85
C LEU B 2816 7.50 40.90 -34.35
N GLU B 2817 8.23 40.26 -35.25
CA GLU B 2817 9.48 39.62 -34.84
C GLU B 2817 10.60 40.62 -34.63
N CYS B 2818 10.61 41.74 -35.35
CA CYS B 2818 11.76 42.63 -35.41
C CYS B 2818 11.60 43.89 -34.58
N ALA B 2819 10.40 44.46 -34.48
CA ALA B 2819 10.25 45.82 -33.97
C ALA B 2819 10.65 45.93 -32.50
N TRP B 2820 10.34 44.91 -31.71
CA TRP B 2820 10.64 44.98 -30.29
C TRP B 2820 12.14 45.01 -30.02
N ARG B 2821 12.94 44.41 -30.91
CA ARG B 2821 14.38 44.38 -30.73
C ARG B 2821 15.01 45.76 -30.86
N VAL B 2822 14.40 46.64 -31.64
CA VAL B 2822 14.89 47.99 -31.82
C VAL B 2822 14.04 49.01 -31.07
N SER B 2823 13.24 48.56 -30.11
CA SER B 2823 12.45 49.43 -29.23
C SER B 2823 11.43 50.26 -30.01
N ASN B 2824 10.89 49.70 -31.09
CA ASN B 2824 9.82 50.36 -31.84
C ASN B 2824 8.47 49.79 -31.39
N TRP B 2825 8.06 50.20 -30.20
CA TRP B 2825 6.90 49.59 -29.56
C TRP B 2825 5.58 50.02 -30.18
N THR B 2826 5.52 51.18 -30.83
CA THR B 2826 4.32 51.55 -31.57
C THR B 2826 4.08 50.61 -32.75
N ALA B 2827 5.13 50.36 -33.54
CA ALA B 2827 5.05 49.39 -34.61
C ALA B 2827 4.76 48.00 -34.07
N MET B 2828 5.29 47.68 -32.89
CA MET B 2828 4.98 46.39 -32.26
C MET B 2828 3.50 46.28 -31.95
N LYS B 2829 2.89 47.34 -31.40
CA LYS B 2829 1.46 47.29 -31.10
C LYS B 2829 0.63 47.13 -32.36
N GLU B 2830 0.97 47.89 -33.41
CA GLU B 2830 0.23 47.78 -34.67
C GLU B 2830 0.34 46.38 -35.27
N ALA B 2831 1.56 45.84 -35.28
CA ALA B 2831 1.78 44.50 -35.81
C ALA B 2831 1.07 43.46 -34.96
N LEU B 2832 1.03 43.66 -33.64
CA LEU B 2832 0.32 42.71 -32.78
C LEU B 2832 -1.16 42.69 -33.11
N VAL B 2833 -1.74 43.86 -33.39
CA VAL B 2833 -3.16 43.90 -33.72
C VAL B 2833 -3.45 43.17 -35.03
N GLN B 2834 -2.65 43.48 -36.06
CA GLN B 2834 -2.79 42.78 -37.34
C GLN B 2834 -2.57 41.27 -37.21
N VAL B 2835 -1.58 40.84 -36.43
CA VAL B 2835 -1.35 39.41 -36.28
C VAL B 2835 -2.48 38.76 -35.50
N GLU B 2836 -2.97 39.41 -34.44
CA GLU B 2836 -4.05 38.86 -33.65
C GLU B 2836 -5.33 38.68 -34.44
N VAL B 2837 -5.60 39.53 -35.43
CA VAL B 2837 -6.81 39.25 -36.21
C VAL B 2837 -6.67 37.94 -36.99
N SER B 2838 -5.46 37.61 -37.46
CA SER B 2838 -5.25 36.51 -38.40
C SER B 2838 -3.85 35.96 -38.18
N CYS B 2839 -3.75 34.91 -37.37
CA CYS B 2839 -2.47 34.31 -37.03
C CYS B 2839 -2.50 32.81 -37.24
N PRO B 2840 -1.41 32.21 -37.71
CA PRO B 2840 -1.32 30.74 -37.75
C PRO B 2840 -1.35 30.17 -36.34
N LYS B 2841 -1.90 28.96 -36.24
CA LYS B 2841 -2.10 28.35 -34.93
C LYS B 2841 -0.79 28.02 -34.23
N GLU B 2842 0.24 27.64 -34.99
CA GLU B 2842 1.53 27.33 -34.38
C GLU B 2842 2.17 28.56 -33.74
N MET B 2843 1.84 29.75 -34.23
CA MET B 2843 2.42 30.99 -33.72
C MET B 2843 1.68 31.56 -32.52
N ALA B 2844 0.68 30.86 -31.98
CA ALA B 2844 -0.17 31.44 -30.94
C ALA B 2844 0.64 31.76 -29.68
N TRP B 2845 1.55 30.85 -29.29
CA TRP B 2845 2.34 31.09 -28.10
C TRP B 2845 3.20 32.33 -28.26
N LYS B 2846 3.76 32.55 -29.46
CA LYS B 2846 4.58 33.72 -29.67
C LYS B 2846 3.75 34.99 -29.61
N VAL B 2847 2.48 34.91 -30.01
CA VAL B 2847 1.60 36.07 -29.90
C VAL B 2847 1.34 36.41 -28.44
N ASN B 2848 1.09 35.40 -27.61
CA ASN B 2848 0.92 35.65 -26.18
C ASN B 2848 2.20 36.22 -25.57
N MET B 2849 3.35 35.67 -25.96
CA MET B 2849 4.62 36.16 -25.43
C MET B 2849 4.89 37.60 -25.84
N TYR B 2850 4.58 37.95 -27.09
CA TYR B 2850 4.77 39.33 -27.53
C TYR B 2850 3.77 40.27 -26.86
N ARG B 2851 2.58 39.77 -26.54
CA ARG B 2851 1.65 40.57 -25.77
C ARG B 2851 2.22 40.86 -24.38
N GLY B 2852 2.89 39.87 -23.79
CA GLY B 2852 3.61 40.13 -22.54
C GLY B 2852 4.73 41.13 -22.71
N TYR B 2853 5.47 41.04 -23.83
CA TYR B 2853 6.50 42.02 -24.14
C TYR B 2853 5.94 43.42 -24.15
N LEU B 2854 4.83 43.63 -24.85
CA LEU B 2854 4.20 44.94 -24.89
C LEU B 2854 3.68 45.35 -23.52
N ALA B 2855 3.12 44.40 -22.77
CA ALA B 2855 2.59 44.73 -21.45
C ALA B 2855 3.68 45.17 -20.49
N ILE B 2856 4.91 44.69 -20.68
CA ILE B 2856 6.01 45.09 -19.80
C ILE B 2856 6.68 46.37 -20.28
N CYS B 2857 7.00 46.44 -21.57
CA CYS B 2857 7.97 47.42 -22.05
C CYS B 2857 7.38 48.60 -22.80
N HIS B 2858 6.10 48.58 -23.15
CA HIS B 2858 5.52 49.70 -23.86
C HIS B 2858 5.55 50.93 -22.95
N PRO B 2859 5.97 52.10 -23.46
CA PRO B 2859 6.17 53.26 -22.58
C PRO B 2859 4.92 53.71 -21.85
N GLU B 2860 3.74 53.53 -22.42
CA GLU B 2860 2.52 54.02 -21.81
C GLU B 2860 1.60 52.94 -21.27
N GLU B 2861 1.57 51.76 -21.90
CA GLU B 2861 0.59 50.73 -21.60
C GLU B 2861 1.15 49.62 -20.71
N GLN B 2862 2.01 49.96 -19.76
CA GLN B 2862 2.57 48.95 -18.86
C GLN B 2862 1.47 48.33 -18.01
N GLN B 2863 1.34 47.01 -18.08
CA GLN B 2863 0.33 46.25 -17.31
C GLN B 2863 1.00 44.97 -16.83
N LEU B 2864 1.54 45.00 -15.62
CA LEU B 2864 2.28 43.87 -15.08
C LEU B 2864 1.39 42.76 -14.56
N SER B 2865 0.10 43.02 -14.34
CA SER B 2865 -0.79 42.00 -13.80
C SER B 2865 -1.12 40.90 -14.80
N PHE B 2866 -0.96 41.18 -16.09
CA PHE B 2866 -1.30 40.22 -17.13
C PHE B 2866 -0.23 39.16 -17.36
N ILE B 2867 0.95 39.33 -16.77
CA ILE B 2867 2.10 38.53 -17.21
C ILE B 2867 1.95 37.08 -16.78
N GLU B 2868 1.41 36.84 -15.59
CA GLU B 2868 1.28 35.46 -15.12
C GLU B 2868 0.37 34.66 -16.04
N ARG B 2869 -0.79 35.21 -16.41
CA ARG B 2869 -1.71 34.49 -17.26
C ARG B 2869 -1.17 34.38 -18.69
N LEU B 2870 -0.48 35.41 -19.17
CA LEU B 2870 0.11 35.35 -20.50
C LEU B 2870 1.20 34.29 -20.57
N VAL B 2871 2.03 34.19 -19.53
CA VAL B 2871 3.04 33.15 -19.49
C VAL B 2871 2.41 31.78 -19.43
N GLU B 2872 1.36 31.62 -18.62
CA GLU B 2872 0.67 30.33 -18.56
C GLU B 2872 0.08 29.95 -19.91
N MET B 2873 -0.53 30.92 -20.60
CA MET B 2873 -1.11 30.65 -21.91
C MET B 2873 -0.03 30.31 -22.93
N ALA B 2874 1.09 31.02 -22.91
CA ALA B 2874 2.20 30.71 -23.82
C ALA B 2874 2.73 29.31 -23.56
N SER B 2875 2.88 28.94 -22.29
CA SER B 2875 3.36 27.59 -21.97
C SER B 2875 2.37 26.52 -22.41
N SER B 2876 1.08 26.74 -22.19
CA SER B 2876 0.08 25.77 -22.60
C SER B 2876 0.07 25.60 -24.11
N LEU B 2877 0.14 26.71 -24.85
CA LEU B 2877 0.14 26.63 -26.31
C LEU B 2877 1.41 25.96 -26.84
N ALA B 2878 2.56 26.25 -26.22
CA ALA B 2878 3.80 25.62 -26.63
C ALA B 2878 3.77 24.12 -26.36
N ILE B 2879 3.21 23.71 -25.21
CA ILE B 2879 3.08 22.29 -24.91
C ILE B 2879 2.15 21.62 -25.90
N ARG B 2880 1.04 22.28 -26.24
CA ARG B 2880 0.13 21.74 -27.25
C ARG B 2880 0.83 21.55 -28.58
N GLU B 2881 1.63 22.53 -29.00
CA GLU B 2881 2.41 22.40 -30.23
C GLU B 2881 3.42 21.26 -30.12
N TRP B 2882 4.00 21.07 -28.94
CA TRP B 2882 4.98 20.01 -28.76
C TRP B 2882 4.36 18.64 -28.99
N ARG B 2883 3.14 18.42 -28.50
CA ARG B 2883 2.49 17.13 -28.64
C ARG B 2883 2.13 16.81 -30.09
N ARG B 2884 2.11 17.81 -30.97
CA ARG B 2884 1.83 17.59 -32.38
C ARG B 2884 3.07 17.27 -33.18
N LEU B 2885 4.23 17.25 -32.56
CA LEU B 2885 5.52 16.96 -33.16
C LEU B 2885 5.85 15.48 -33.02
N PRO B 2886 6.81 14.98 -33.79
CA PRO B 2886 7.18 13.56 -33.68
C PRO B 2886 7.71 13.21 -32.31
N HIS B 2887 7.50 11.95 -31.92
CA HIS B 2887 7.89 11.50 -30.58
C HIS B 2887 9.39 11.44 -30.41
N VAL B 2888 10.14 11.19 -31.49
CA VAL B 2888 11.60 11.24 -31.43
C VAL B 2888 12.03 12.68 -31.62
N VAL B 2889 12.77 13.20 -30.64
CA VAL B 2889 13.14 14.61 -30.64
C VAL B 2889 14.27 14.84 -31.64
N SER B 2890 14.12 15.86 -32.47
CA SER B 2890 15.07 16.19 -33.51
C SER B 2890 15.04 17.70 -33.71
N HIS B 2891 15.57 18.17 -34.84
CA HIS B 2891 15.65 19.59 -35.10
C HIS B 2891 14.30 20.29 -35.11
N VAL B 2892 13.21 19.55 -35.33
CA VAL B 2892 11.89 20.18 -35.36
C VAL B 2892 11.48 20.67 -33.98
N HIS B 2893 12.01 20.09 -32.90
CA HIS B 2893 11.66 20.47 -31.55
C HIS B 2893 12.45 21.66 -31.03
N THR B 2894 13.50 22.07 -31.73
CA THR B 2894 14.35 23.14 -31.24
C THR B 2894 13.64 24.47 -31.01
N PRO B 2895 12.75 24.94 -31.90
CA PRO B 2895 12.07 26.22 -31.62
C PRO B 2895 11.32 26.24 -30.30
N LEU B 2896 10.67 25.13 -29.93
CA LEU B 2896 9.93 25.11 -28.67
C LEU B 2896 10.86 25.00 -27.47
N LEU B 2897 11.99 24.31 -27.63
CA LEU B 2897 12.98 24.27 -26.56
C LEU B 2897 13.63 25.63 -26.32
N GLN B 2898 13.75 26.45 -27.36
CA GLN B 2898 14.19 27.83 -27.16
C GLN B 2898 13.07 28.69 -26.57
N ALA B 2899 11.84 28.45 -27.01
CA ALA B 2899 10.69 29.15 -26.50
C ALA B 2899 10.53 28.97 -25.00
N ALA B 2900 10.93 27.81 -24.48
CA ALA B 2900 10.84 27.58 -23.04
C ALA B 2900 11.64 28.61 -22.25
N GLN B 2901 12.92 28.76 -22.60
CA GLN B 2901 13.75 29.76 -21.94
C GLN B 2901 13.19 31.15 -22.15
N GLN B 2902 12.70 31.43 -23.37
CA GLN B 2902 12.16 32.76 -23.63
C GLN B 2902 10.98 33.06 -22.71
N ILE B 2903 10.09 32.10 -22.50
CA ILE B 2903 8.88 32.31 -21.71
C ILE B 2903 9.23 32.49 -20.22
N ILE B 2904 10.11 31.65 -19.69
CA ILE B 2904 10.50 31.85 -18.30
C ILE B 2904 11.22 33.19 -18.11
N GLU B 2905 12.03 33.59 -19.09
CA GLU B 2905 12.68 34.90 -18.97
C GLU B 2905 11.68 36.04 -19.05
N LEU B 2906 10.58 35.85 -19.78
CA LEU B 2906 9.50 36.84 -19.73
C LEU B 2906 8.94 36.98 -18.31
N GLN B 2907 8.70 35.84 -17.65
CA GLN B 2907 8.21 35.89 -16.27
C GLN B 2907 9.22 36.56 -15.34
N GLU B 2908 10.49 36.21 -15.46
CA GLU B 2908 11.53 36.79 -14.63
C GLU B 2908 11.68 38.30 -14.88
N ALA B 2909 11.54 38.73 -16.13
CA ALA B 2909 11.52 40.15 -16.45
C ALA B 2909 10.35 40.85 -15.78
N ALA B 2910 9.18 40.21 -15.76
CA ALA B 2910 8.05 40.80 -15.04
C ALA B 2910 8.38 40.97 -13.56
N GLN B 2911 9.05 39.98 -12.97
CA GLN B 2911 9.47 40.12 -11.58
C GLN B 2911 10.42 41.31 -11.40
N ILE B 2912 11.40 41.46 -12.29
CA ILE B 2912 12.34 42.58 -12.18
C ILE B 2912 11.60 43.91 -12.26
N ASN B 2913 10.68 44.05 -13.21
CA ASN B 2913 9.96 45.30 -13.36
C ASN B 2913 9.01 45.56 -12.20
N ALA B 2914 8.45 44.50 -11.59
CA ALA B 2914 7.74 44.66 -10.34
C ALA B 2914 8.65 45.19 -9.24
N GLY B 2915 9.92 44.79 -9.25
CA GLY B 2915 10.86 45.32 -8.26
C GLY B 2915 11.19 46.78 -8.44
N LEU B 2916 11.06 47.32 -9.66
CA LEU B 2916 11.45 48.69 -9.94
C LEU B 2916 10.33 49.69 -9.72
N GLN B 2917 9.14 49.24 -9.35
CA GLN B 2917 8.03 50.15 -9.10
C GLN B 2917 8.37 51.07 -7.93
N PRO B 2918 7.82 52.28 -7.92
CA PRO B 2918 8.21 53.25 -6.87
C PRO B 2918 7.98 52.75 -5.46
N THR B 2919 6.94 51.95 -5.23
CA THR B 2919 6.72 51.37 -3.91
C THR B 2919 7.84 50.41 -3.52
N ASN B 2920 8.25 49.55 -4.45
CA ASN B 2920 9.24 48.52 -4.17
C ASN B 2920 10.67 48.97 -4.37
N LEU B 2921 10.89 50.05 -5.11
CA LEU B 2921 12.25 50.48 -5.43
C LEU B 2921 13.03 50.82 -4.18
N GLY B 2922 14.24 50.27 -4.07
CA GLY B 2922 15.11 50.50 -2.94
C GLY B 2922 14.95 49.53 -1.79
N ARG B 2923 13.85 48.79 -1.74
CA ARG B 2923 13.63 47.84 -0.66
C ARG B 2923 14.58 46.65 -0.80
N ASN B 2924 14.94 46.07 0.34
CA ASN B 2924 15.98 45.03 0.34
C ASN B 2924 15.55 43.79 -0.42
N ASN B 2925 14.29 43.38 -0.29
CA ASN B 2925 13.82 42.19 -1.01
C ASN B 2925 13.81 42.42 -2.51
N SER B 2926 13.43 43.62 -2.94
CA SER B 2926 13.48 43.95 -4.37
C SER B 2926 14.90 43.89 -4.91
N LEU B 2927 15.86 44.45 -4.16
CA LEU B 2927 17.25 44.40 -4.59
C LEU B 2927 17.76 42.96 -4.65
N HIS B 2928 17.41 42.15 -3.65
CA HIS B 2928 17.87 40.76 -3.64
C HIS B 2928 17.28 39.98 -4.80
N ASP B 2929 16.00 40.17 -5.08
CA ASP B 2929 15.38 39.49 -6.22
C ASP B 2929 15.99 39.94 -7.54
N MET B 2930 16.25 41.24 -7.67
CA MET B 2930 16.86 41.77 -8.89
C MET B 2930 18.24 41.18 -9.11
N LYS B 2931 19.07 41.14 -8.05
CA LYS B 2931 20.41 40.57 -8.18
C LYS B 2931 20.33 39.08 -8.51
N THR B 2932 19.40 38.36 -7.89
CA THR B 2932 19.25 36.94 -8.16
C THR B 2932 18.91 36.69 -9.62
N VAL B 2933 17.93 37.44 -10.15
CA VAL B 2933 17.53 37.25 -11.54
C VAL B 2933 18.66 37.65 -12.50
N VAL B 2934 19.38 38.73 -12.20
CA VAL B 2934 20.51 39.11 -13.04
C VAL B 2934 21.58 38.02 -13.07
N LYS B 2935 21.87 37.40 -11.92
CA LYS B 2935 22.86 36.33 -11.91
C LYS B 2935 22.36 35.10 -12.67
N THR B 2936 21.08 34.76 -12.49
CA THR B 2936 20.49 33.62 -13.17
C THR B 2936 20.55 33.82 -14.69
N TRP B 2937 20.22 35.02 -15.17
CA TRP B 2937 20.38 35.32 -16.58
C TRP B 2937 21.84 35.22 -17.01
N ARG B 2938 22.75 35.76 -16.21
CA ARG B 2938 24.16 35.71 -16.56
C ARG B 2938 24.62 34.29 -16.86
N ASN B 2939 24.32 33.36 -15.95
CA ASN B 2939 24.74 31.97 -16.15
C ASN B 2939 23.91 31.20 -17.19
N ARG B 2940 22.62 31.50 -17.35
CA ARG B 2940 21.77 30.78 -18.29
C ARG B 2940 21.91 31.30 -19.72
N LEU B 2941 22.63 30.57 -20.55
CA LEU B 2941 22.92 30.96 -21.91
C LEU B 2941 22.37 29.96 -22.91
N PRO B 2942 22.08 30.39 -24.15
CA PRO B 2942 21.89 29.44 -25.26
C PRO B 2942 23.19 28.74 -25.63
N ILE B 2943 23.19 27.92 -26.66
CA ILE B 2943 24.37 27.17 -27.08
C ILE B 2943 24.84 27.66 -28.44
N VAL B 2944 26.03 27.22 -28.82
CA VAL B 2944 26.69 27.72 -30.04
C VAL B 2944 25.95 27.25 -31.30
N SER B 2945 25.26 26.11 -31.23
CA SER B 2945 24.49 25.66 -32.39
C SER B 2945 23.27 26.51 -32.65
N ASP B 2946 22.83 27.32 -31.68
CA ASP B 2946 21.67 28.17 -31.89
C ASP B 2946 21.99 29.28 -32.88
N ASP B 2947 21.04 29.57 -33.76
CA ASP B 2947 21.17 30.69 -34.67
C ASP B 2947 21.31 32.00 -33.91
N LEU B 2948 22.06 32.93 -34.51
CA LEU B 2948 22.29 34.22 -33.86
C LEU B 2948 21.01 34.99 -33.61
N SER B 2949 19.94 34.68 -34.33
CA SER B 2949 18.65 35.32 -34.07
C SER B 2949 18.11 34.96 -32.69
N HIS B 2950 18.29 33.71 -32.25
CA HIS B 2950 17.82 33.32 -30.93
C HIS B 2950 18.66 33.99 -29.83
N TRP B 2951 19.98 34.04 -30.02
CA TRP B 2951 20.83 34.80 -29.12
C TRP B 2951 20.39 36.25 -29.05
N SER B 2952 20.01 36.81 -30.20
CA SER B 2952 19.52 38.18 -30.24
C SER B 2952 18.25 38.33 -29.41
N SER B 2953 17.31 37.40 -29.56
CA SER B 2953 16.09 37.45 -28.78
C SER B 2953 16.40 37.50 -27.28
N ILE B 2954 17.17 36.53 -26.80
CA ILE B 2954 17.48 36.43 -25.38
C ILE B 2954 18.19 37.69 -24.88
N PHE B 2955 19.25 38.10 -25.58
CA PHE B 2955 20.05 39.23 -25.10
C PHE B 2955 19.32 40.55 -25.21
N MET B 2956 18.54 40.78 -26.27
CA MET B 2956 17.86 42.07 -26.39
C MET B 2956 16.72 42.21 -25.38
N TRP B 2957 16.02 41.12 -25.07
CA TRP B 2957 15.05 41.17 -23.98
C TRP B 2957 15.75 41.53 -22.65
N ARG B 2958 16.83 40.82 -22.35
CA ARG B 2958 17.57 41.12 -21.13
C ARG B 2958 18.09 42.55 -21.14
N GLN B 2959 18.56 43.04 -22.29
CA GLN B 2959 19.02 44.43 -22.42
C GLN B 2959 17.93 45.42 -22.07
N HIS B 2960 16.69 45.16 -22.49
CA HIS B 2960 15.61 46.07 -22.12
C HIS B 2960 15.45 46.14 -20.61
N HIS B 2961 15.52 44.99 -19.94
CA HIS B 2961 15.38 45.04 -18.48
C HIS B 2961 16.62 45.57 -17.75
N TYR B 2962 17.82 45.35 -18.27
CA TYR B 2962 19.00 45.99 -17.71
C TYR B 2962 18.90 47.50 -17.80
N GLN B 2963 18.48 48.01 -18.96
CA GLN B 2963 18.29 49.45 -19.11
C GLN B 2963 17.20 49.95 -18.18
N ALA B 2964 16.16 49.15 -17.94
CA ALA B 2964 15.14 49.54 -16.97
C ALA B 2964 15.74 49.71 -15.58
N ILE B 2965 16.60 48.78 -15.17
CA ILE B 2965 17.27 48.90 -13.87
C ILE B 2965 18.11 50.16 -13.80
N VAL B 2966 18.87 50.44 -14.87
CA VAL B 2966 19.74 51.61 -14.89
C VAL B 2966 18.92 52.89 -14.80
N THR B 2967 17.85 52.98 -15.58
CA THR B 2967 17.00 54.17 -15.56
C THR B 2967 16.35 54.35 -14.19
N ALA B 2968 15.85 53.27 -13.61
CA ALA B 2968 15.17 53.37 -12.32
C ALA B 2968 16.12 53.85 -11.22
N TYR B 2969 17.33 53.32 -11.19
CA TYR B 2969 18.23 53.67 -10.10
C TYR B 2969 19.09 54.89 -10.41
N GLU B 2970 19.03 55.42 -11.63
CA GLU B 2970 19.63 56.72 -11.90
C GLU B 2970 18.65 57.86 -11.70
N ASN B 2971 17.37 57.64 -12.01
CA ASN B 2971 16.38 58.71 -11.85
C ASN B 2971 16.08 58.99 -10.38
N SER B 2972 15.93 57.93 -9.59
CA SER B 2972 15.58 58.09 -8.18
C SER B 2972 16.76 58.64 -7.38
N SER B 2973 17.83 57.86 -7.29
CA SER B 2973 19.10 58.26 -6.67
C SER B 2973 18.93 58.73 -5.22
N GLN B 2974 17.79 58.47 -4.59
CA GLN B 2974 17.64 58.76 -3.17
C GLN B 2974 18.25 57.65 -2.33
N HIS B 2975 17.72 56.44 -2.46
CA HIS B 2975 18.40 55.25 -2.00
C HIS B 2975 19.56 54.92 -2.94
N ASP B 2976 20.47 54.08 -2.45
CA ASP B 2976 21.70 53.74 -3.16
C ASP B 2976 22.51 54.98 -3.57
N PRO B 2977 22.95 55.78 -2.61
CA PRO B 2977 23.74 56.98 -2.96
C PRO B 2977 25.10 56.66 -3.56
N SER B 2978 25.56 55.42 -3.46
CA SER B 2978 26.79 54.96 -4.10
C SER B 2978 26.58 54.42 -5.51
N SER B 2979 25.36 54.47 -6.03
CA SER B 2979 25.03 54.07 -7.41
C SER B 2979 25.37 52.62 -7.74
N ASN B 2980 25.48 51.75 -6.72
CA ASN B 2980 25.84 50.36 -6.97
C ASN B 2980 24.76 49.62 -7.75
N ASN B 2981 23.49 49.98 -7.59
CA ASN B 2981 22.42 49.32 -8.32
C ASN B 2981 22.42 49.71 -9.80
N ALA B 2982 22.62 50.99 -10.09
CA ALA B 2982 22.78 51.41 -11.48
C ALA B 2982 24.03 50.82 -12.09
N MET B 2983 25.12 50.73 -11.33
CA MET B 2983 26.33 50.10 -11.83
C MET B 2983 26.14 48.61 -12.08
N LEU B 2984 25.29 47.95 -11.29
CA LEU B 2984 24.93 46.55 -11.57
C LEU B 2984 24.17 46.42 -12.89
N GLY B 2985 23.23 47.34 -13.14
CA GLY B 2985 22.55 47.32 -14.43
C GLY B 2985 23.50 47.60 -15.58
N VAL B 2986 24.39 48.58 -15.42
CA VAL B 2986 25.32 48.94 -16.48
C VAL B 2986 26.27 47.77 -16.78
N HIS B 2987 26.79 47.13 -15.72
CA HIS B 2987 27.69 46.01 -15.91
C HIS B 2987 26.98 44.85 -16.60
N ALA B 2988 25.73 44.57 -16.21
CA ALA B 2988 24.99 43.49 -16.87
C ALA B 2988 24.78 43.79 -18.35
N SER B 2989 24.43 45.03 -18.67
CA SER B 2989 24.24 45.39 -20.08
C SER B 2989 25.53 45.25 -20.87
N ALA B 2990 26.65 45.73 -20.32
CA ALA B 2990 27.92 45.62 -21.02
C ALA B 2990 28.32 44.15 -21.22
N SER B 2991 28.12 43.33 -20.19
CA SER B 2991 28.44 41.91 -20.31
C SER B 2991 27.57 41.23 -21.37
N ALA B 2992 26.28 41.58 -21.42
CA ALA B 2992 25.40 40.99 -22.42
C ALA B 2992 25.83 41.40 -23.83
N ILE B 2993 26.21 42.66 -24.01
CA ILE B 2993 26.70 43.11 -25.32
C ILE B 2993 27.95 42.33 -25.70
N ILE B 2994 28.89 42.17 -24.77
CA ILE B 2994 30.13 41.45 -25.07
C ILE B 2994 29.84 39.99 -25.40
N GLN B 2995 28.91 39.37 -24.66
CA GLN B 2995 28.57 37.98 -24.94
C GLN B 2995 27.94 37.82 -26.32
N TYR B 2996 27.07 38.76 -26.70
CA TYR B 2996 26.49 38.73 -28.03
C TYR B 2996 27.57 38.87 -29.11
N GLY B 2997 28.50 39.80 -28.92
CA GLY B 2997 29.58 39.95 -29.88
C GLY B 2997 30.48 38.72 -29.94
N LYS B 2998 30.74 38.10 -28.80
CA LYS B 2998 31.55 36.89 -28.76
C LYS B 2998 30.87 35.74 -29.50
N ILE B 2999 29.56 35.61 -29.34
CA ILE B 2999 28.83 34.57 -30.06
C ILE B 2999 28.84 34.85 -31.56
N ALA B 3000 28.74 36.13 -31.93
CA ALA B 3000 28.83 36.47 -33.35
C ALA B 3000 30.21 36.13 -33.92
N ARG B 3001 31.27 36.39 -33.15
CA ARG B 3001 32.61 36.06 -33.61
C ARG B 3001 32.80 34.55 -33.72
N LYS B 3002 32.28 33.78 -32.77
CA LYS B 3002 32.45 32.33 -32.79
C LYS B 3002 31.76 31.69 -33.97
N GLN B 3003 30.71 32.32 -34.49
CA GLN B 3003 29.96 31.77 -35.61
C GLN B 3003 30.46 32.30 -36.95
N GLY B 3004 31.55 33.05 -36.97
CA GLY B 3004 32.13 33.53 -38.20
C GLY B 3004 31.58 34.85 -38.71
N LEU B 3005 30.70 35.51 -37.95
CA LEU B 3005 30.17 36.81 -38.35
C LEU B 3005 31.01 37.92 -37.72
N VAL B 3006 32.25 38.02 -38.20
CA VAL B 3006 33.24 38.87 -37.56
C VAL B 3006 32.88 40.35 -37.70
N ASN B 3007 32.40 40.75 -38.87
CA ASN B 3007 31.95 42.14 -39.04
C ASN B 3007 30.74 42.43 -38.16
N VAL B 3008 29.81 41.49 -38.06
CA VAL B 3008 28.68 41.64 -37.16
C VAL B 3008 29.15 41.77 -35.72
N ALA B 3009 30.13 40.96 -35.34
CA ALA B 3009 30.67 41.02 -33.98
C ALA B 3009 31.34 42.36 -33.71
N LEU B 3010 32.10 42.88 -34.67
CA LEU B 3010 32.75 44.16 -34.50
C LEU B 3010 31.72 45.28 -34.40
N ASP B 3011 30.64 45.20 -35.17
CA ASP B 3011 29.57 46.17 -35.03
C ASP B 3011 28.89 46.09 -33.66
N ILE B 3012 28.69 44.87 -33.16
CA ILE B 3012 28.07 44.69 -31.85
C ILE B 3012 28.95 45.25 -30.75
N LEU B 3013 30.25 44.92 -30.79
CA LEU B 3013 31.16 45.36 -29.73
C LEU B 3013 31.31 46.87 -29.69
N SER B 3014 31.09 47.55 -30.83
CA SER B 3014 31.22 49.00 -30.86
C SER B 3014 30.14 49.71 -30.06
N ARG B 3015 29.07 49.02 -29.68
CA ARG B 3015 28.01 49.63 -28.89
C ARG B 3015 28.37 49.80 -27.42
N ILE B 3016 29.52 49.25 -26.99
CA ILE B 3016 29.98 49.50 -25.63
C ILE B 3016 30.34 50.97 -25.46
N HIS B 3017 30.91 51.58 -26.51
CA HIS B 3017 31.27 53.00 -26.45
C HIS B 3017 30.05 53.90 -26.29
N THR B 3018 28.85 53.40 -26.60
CA THR B 3018 27.64 54.18 -26.37
C THR B 3018 27.41 54.40 -24.87
N ILE B 3019 27.69 53.40 -24.06
CA ILE B 3019 27.48 53.51 -22.61
C ILE B 3019 28.40 54.59 -22.05
N PRO B 3020 27.90 55.51 -21.22
CA PRO B 3020 28.77 56.59 -20.71
C PRO B 3020 29.94 56.06 -19.88
N THR B 3021 29.67 55.28 -18.85
CA THR B 3021 30.71 54.68 -18.03
C THR B 3021 30.52 53.18 -17.97
N VAL B 3022 31.64 52.45 -18.06
CA VAL B 3022 31.62 50.99 -18.00
C VAL B 3022 32.74 50.54 -17.06
N PRO B 3023 32.55 49.46 -16.32
CA PRO B 3023 33.65 48.94 -15.48
C PRO B 3023 34.79 48.42 -16.33
N ILE B 3024 35.98 48.44 -15.74
CA ILE B 3024 37.19 48.10 -16.48
C ILE B 3024 37.19 46.65 -16.93
N VAL B 3025 36.48 45.78 -16.22
CA VAL B 3025 36.42 44.38 -16.62
C VAL B 3025 35.72 44.24 -17.96
N ASP B 3026 34.61 44.95 -18.14
CA ASP B 3026 33.90 44.89 -19.41
C ASP B 3026 34.69 45.53 -20.54
N CYS B 3027 35.41 46.62 -20.25
CA CYS B 3027 36.26 47.20 -21.28
C CYS B 3027 37.37 46.23 -21.69
N PHE B 3028 37.97 45.55 -20.71
CA PHE B 3028 38.97 44.53 -21.01
C PHE B 3028 38.40 43.43 -21.88
N GLN B 3029 37.20 42.95 -21.55
CA GLN B 3029 36.59 41.90 -22.36
C GLN B 3029 36.27 42.38 -23.76
N LYS B 3030 35.82 43.63 -23.89
CA LYS B 3030 35.51 44.18 -25.21
C LYS B 3030 36.76 44.27 -26.07
N ILE B 3031 37.86 44.77 -25.49
CA ILE B 3031 39.10 44.87 -26.25
C ILE B 3031 39.61 43.49 -26.62
N ARG B 3032 39.48 42.53 -25.70
CA ARG B 3032 39.90 41.16 -25.96
C ARG B 3032 39.10 40.54 -27.11
N GLN B 3033 37.78 40.76 -27.12
CA GLN B 3033 36.96 40.23 -28.21
C GLN B 3033 37.29 40.91 -29.53
N GLN B 3034 37.57 42.21 -29.51
CA GLN B 3034 37.98 42.90 -30.74
C GLN B 3034 39.29 42.31 -31.26
N VAL B 3035 40.24 42.07 -30.37
CA VAL B 3035 41.51 41.47 -30.77
C VAL B 3035 41.29 40.10 -31.37
N LYS B 3036 40.43 39.29 -30.75
CA LYS B 3036 40.14 37.97 -31.31
C LYS B 3036 39.46 38.09 -32.68
N CYS B 3037 38.60 39.09 -32.87
CA CYS B 3037 38.00 39.31 -34.17
C CYS B 3037 39.06 39.62 -35.22
N TYR B 3038 40.04 40.45 -34.86
CA TYR B 3038 41.08 40.79 -35.82
C TYR B 3038 42.02 39.60 -36.09
N LEU B 3039 42.26 38.77 -35.07
CA LEU B 3039 43.01 37.54 -35.30
C LEU B 3039 42.28 36.62 -36.27
N GLN B 3040 40.97 36.46 -36.09
CA GLN B 3040 40.19 35.63 -37.00
C GLN B 3040 40.19 36.19 -38.41
N LEU B 3041 40.07 37.52 -38.54
CA LEU B 3041 40.12 38.13 -39.86
C LEU B 3041 41.47 37.95 -40.53
N ALA B 3042 42.55 38.09 -39.75
CA ALA B 3042 43.89 37.88 -40.28
C ALA B 3042 44.15 36.43 -40.68
N GLY B 3043 43.38 35.49 -40.14
CA GLY B 3043 43.49 34.10 -40.56
C GLY B 3043 43.25 33.90 -42.04
N VAL B 3044 42.49 34.81 -42.67
CA VAL B 3044 42.25 34.74 -44.11
C VAL B 3044 42.73 35.97 -44.86
N MET B 3045 42.89 37.11 -44.21
CA MET B 3045 43.32 38.34 -44.87
C MET B 3045 44.82 38.60 -44.71
N GLY B 3046 45.37 38.40 -43.52
CA GLY B 3046 46.80 38.48 -43.34
C GLY B 3046 47.29 39.70 -42.60
N LYS B 3047 48.20 40.45 -43.23
CA LYS B 3047 48.98 41.46 -42.53
C LYS B 3047 48.11 42.61 -42.02
N ASN B 3048 47.15 43.06 -42.84
CA ASN B 3048 46.42 44.28 -42.51
C ASN B 3048 45.60 44.12 -41.23
N GLU B 3049 44.95 42.97 -41.07
CA GLU B 3049 44.15 42.75 -39.86
C GLU B 3049 45.03 42.59 -38.63
N CYS B 3050 46.22 41.99 -38.79
CA CYS B 3050 47.17 41.97 -37.69
C CYS B 3050 47.59 43.37 -37.29
N MET B 3051 47.79 44.24 -38.29
CA MET B 3051 48.12 45.63 -38.00
C MET B 3051 46.98 46.32 -37.26
N GLN B 3052 45.73 46.05 -37.66
CA GLN B 3052 44.60 46.65 -36.97
C GLN B 3052 44.51 46.17 -35.52
N GLY B 3053 44.74 44.88 -35.29
CA GLY B 3053 44.76 44.37 -33.93
C GLY B 3053 45.86 44.97 -33.09
N LEU B 3054 47.05 45.12 -33.68
CA LEU B 3054 48.14 45.80 -32.99
C LEU B 3054 47.79 47.24 -32.67
N GLU B 3055 47.08 47.92 -33.58
CA GLU B 3055 46.65 49.28 -33.32
C GLU B 3055 45.68 49.34 -32.15
N VAL B 3056 44.76 48.38 -32.08
CA VAL B 3056 43.83 48.32 -30.96
C VAL B 3056 44.58 48.11 -29.66
N ILE B 3057 45.56 47.19 -29.67
CA ILE B 3057 46.34 46.92 -28.46
C ILE B 3057 47.13 48.14 -28.04
N GLU B 3058 47.76 48.82 -29.00
CA GLU B 3058 48.58 49.99 -28.69
C GLU B 3058 47.74 51.13 -28.13
N SER B 3059 46.54 51.35 -28.69
CA SER B 3059 45.67 52.41 -28.20
C SER B 3059 45.13 52.13 -26.80
N THR B 3060 45.22 50.89 -26.32
CA THR B 3060 44.67 50.54 -25.01
C THR B 3060 45.44 51.20 -23.88
N ASN B 3061 44.72 51.91 -23.01
CA ASN B 3061 45.32 52.67 -21.91
C ASN B 3061 45.49 51.72 -20.72
N LEU B 3062 46.64 51.06 -20.67
CA LEU B 3062 46.89 49.98 -19.73
C LEU B 3062 46.71 50.40 -18.27
N LYS B 3063 46.95 51.67 -17.95
CA LYS B 3063 47.09 52.09 -16.55
C LYS B 3063 45.89 51.71 -15.69
N TYR B 3064 44.68 51.68 -16.26
CA TYR B 3064 43.53 51.20 -15.51
C TYR B 3064 43.54 49.68 -15.35
N PHE B 3065 44.09 48.94 -16.30
CA PHE B 3065 44.00 47.49 -16.29
C PHE B 3065 44.93 46.87 -15.25
N THR B 3066 44.53 45.70 -14.75
CA THR B 3066 45.27 44.94 -13.77
C THR B 3066 46.46 44.22 -14.41
N LYS B 3067 47.26 43.54 -13.57
CA LYS B 3067 48.42 42.81 -14.06
C LYS B 3067 48.02 41.64 -14.96
N GLU B 3068 46.98 40.90 -14.60
CA GLU B 3068 46.54 39.80 -15.45
C GLU B 3068 46.04 40.30 -16.80
N MET B 3069 45.31 41.42 -16.79
CA MET B 3069 44.84 42.02 -18.04
C MET B 3069 46.01 42.46 -18.90
N THR B 3070 47.02 43.08 -18.29
CA THR B 3070 48.21 43.49 -19.04
C THR B 3070 48.93 42.29 -19.63
N ALA B 3071 49.03 41.20 -18.86
CA ALA B 3071 49.68 40.00 -19.36
C ALA B 3071 48.93 39.42 -20.55
N GLU B 3072 47.59 39.38 -20.48
CA GLU B 3072 46.82 38.89 -21.60
C GLU B 3072 46.99 39.78 -22.83
N PHE B 3073 47.00 41.10 -22.62
CA PHE B 3073 47.20 42.03 -23.73
C PHE B 3073 48.55 41.81 -24.40
N TYR B 3074 49.60 41.65 -23.60
CA TYR B 3074 50.93 41.44 -24.17
C TYR B 3074 51.05 40.08 -24.85
N ALA B 3075 50.33 39.07 -24.37
CA ALA B 3075 50.30 37.79 -25.08
C ALA B 3075 49.62 37.95 -26.44
N LEU B 3076 48.53 38.70 -26.50
CA LEU B 3076 47.87 38.96 -27.77
C LEU B 3076 48.81 39.74 -28.71
N LYS B 3077 49.53 40.70 -28.17
CA LYS B 3077 50.49 41.46 -28.97
C LYS B 3077 51.58 40.54 -29.52
N GLY B 3078 52.04 39.59 -28.71
CA GLY B 3078 53.02 38.63 -29.20
C GLY B 3078 52.47 37.77 -30.31
N MET B 3079 51.21 37.34 -30.19
CA MET B 3079 50.58 36.57 -31.27
C MET B 3079 50.56 37.39 -32.56
N PHE B 3080 50.11 38.64 -32.48
CA PHE B 3080 50.05 39.48 -33.68
C PHE B 3080 51.43 39.68 -34.30
N LEU B 3081 52.43 39.96 -33.47
CA LEU B 3081 53.77 40.18 -34.00
C LEU B 3081 54.35 38.91 -34.60
N ALA B 3082 54.00 37.75 -34.04
CA ALA B 3082 54.44 36.49 -34.63
C ALA B 3082 53.83 36.30 -36.01
N GLN B 3083 52.55 36.65 -36.17
CA GLN B 3083 51.95 36.55 -37.50
C GLN B 3083 52.52 37.57 -38.46
N ILE B 3084 52.91 38.75 -37.97
CA ILE B 3084 53.55 39.77 -38.79
C ILE B 3084 54.99 39.38 -39.15
N ASN B 3085 55.50 38.30 -38.55
CA ASN B 3085 56.88 37.84 -38.71
C ASN B 3085 57.88 38.81 -38.07
N LYS B 3086 57.43 39.56 -37.05
CA LYS B 3086 58.32 40.35 -36.21
C LYS B 3086 58.70 39.50 -35.00
N SER B 3087 59.60 38.55 -35.25
CA SER B 3087 59.93 37.52 -34.27
C SER B 3087 60.48 38.10 -32.97
N GLU B 3088 61.41 39.06 -33.09
CA GLU B 3088 62.05 39.61 -31.89
C GLU B 3088 61.06 40.34 -31.01
N GLU B 3089 60.22 41.19 -31.60
CA GLU B 3089 59.23 41.92 -30.82
C GLU B 3089 58.19 40.98 -30.22
N ALA B 3090 57.84 39.92 -30.96
CA ALA B 3090 56.92 38.92 -30.42
C ALA B 3090 57.51 38.21 -29.21
N ASN B 3091 58.81 37.88 -29.28
CA ASN B 3091 59.46 37.26 -28.12
C ASN B 3091 59.53 38.21 -26.94
N LYS B 3092 59.79 39.49 -27.20
CA LYS B 3092 59.71 40.51 -26.14
C LYS B 3092 58.34 40.53 -25.49
N ALA B 3093 57.28 40.55 -26.31
CA ALA B 3093 55.92 40.59 -25.79
C ALA B 3093 55.59 39.36 -24.95
N PHE B 3094 55.96 38.17 -25.43
CA PHE B 3094 55.67 36.96 -24.66
C PHE B 3094 56.44 36.92 -23.35
N SER B 3095 57.71 37.31 -23.37
CA SER B 3095 58.49 37.37 -22.14
C SER B 3095 57.87 38.33 -21.13
N ALA B 3096 57.55 39.54 -21.57
CA ALA B 3096 56.95 40.51 -20.66
C ALA B 3096 55.59 40.03 -20.15
N ALA B 3097 54.79 39.40 -21.02
CA ALA B 3097 53.49 38.89 -20.61
C ALA B 3097 53.63 37.85 -19.49
N VAL B 3098 54.54 36.90 -19.67
CA VAL B 3098 54.70 35.86 -18.66
C VAL B 3098 55.33 36.39 -17.38
N GLN B 3099 56.26 37.36 -17.49
CA GLN B 3099 56.76 38.01 -16.28
C GLN B 3099 55.67 38.81 -15.55
N MET B 3100 54.71 39.37 -16.28
CA MET B 3100 53.62 40.10 -15.63
C MET B 3100 52.75 39.18 -14.78
N HIS B 3101 52.30 38.06 -15.33
CA HIS B 3101 51.42 37.14 -14.61
C HIS B 3101 51.84 35.71 -14.96
N ASP B 3102 52.80 35.18 -14.21
CA ASP B 3102 53.47 33.92 -14.51
C ASP B 3102 52.57 32.69 -14.37
N VAL B 3103 51.27 32.85 -14.16
CA VAL B 3103 50.33 31.73 -14.13
C VAL B 3103 49.45 31.69 -15.38
N LEU B 3104 49.50 32.72 -16.21
CA LEU B 3104 48.60 32.87 -17.36
C LEU B 3104 48.92 31.80 -18.40
N VAL B 3105 48.09 30.76 -18.41
CA VAL B 3105 48.34 29.58 -19.24
C VAL B 3105 48.45 29.95 -20.72
N LYS B 3106 47.64 30.91 -21.17
CA LYS B 3106 47.64 31.27 -22.58
C LYS B 3106 48.96 31.93 -23.00
N ALA B 3107 49.54 32.75 -22.13
CA ALA B 3107 50.83 33.36 -22.44
C ALA B 3107 51.90 32.28 -22.65
N TRP B 3108 51.94 31.30 -21.74
CA TRP B 3108 52.89 30.20 -21.87
C TRP B 3108 52.64 29.42 -23.16
N ALA B 3109 51.38 29.13 -23.46
CA ALA B 3109 51.07 28.31 -24.63
C ALA B 3109 51.45 29.03 -25.91
N MET B 3110 51.18 30.34 -26.00
CA MET B 3110 51.51 31.08 -27.22
C MET B 3110 53.01 31.25 -27.37
N TRP B 3111 53.72 31.49 -26.26
CA TRP B 3111 55.17 31.56 -26.31
C TRP B 3111 55.76 30.21 -26.73
N GLY B 3112 55.18 29.11 -26.24
CA GLY B 3112 55.62 27.81 -26.67
C GLY B 3112 55.38 27.56 -28.14
N ASP B 3113 54.23 28.00 -28.65
CA ASP B 3113 53.95 27.84 -30.07
C ASP B 3113 54.96 28.61 -30.92
N TYR B 3114 55.24 29.85 -30.53
CA TYR B 3114 56.21 30.67 -31.25
C TYR B 3114 57.61 30.03 -31.24
N LEU B 3115 58.06 29.59 -30.07
CA LEU B 3115 59.37 28.97 -29.97
C LEU B 3115 59.43 27.63 -30.70
N GLU B 3116 58.34 26.86 -30.69
CA GLU B 3116 58.32 25.61 -31.45
C GLU B 3116 58.38 25.87 -32.95
N ASN B 3117 57.73 26.92 -33.42
CA ASN B 3117 57.81 27.27 -34.83
C ASN B 3117 59.23 27.66 -35.22
N ILE B 3118 59.92 28.39 -34.34
CA ILE B 3118 61.31 28.73 -34.63
C ILE B 3118 62.21 27.50 -34.55
N PHE B 3119 61.99 26.64 -33.56
CA PHE B 3119 62.79 25.42 -33.40
C PHE B 3119 62.66 24.48 -34.58
N VAL B 3120 61.47 24.32 -35.15
CA VAL B 3120 61.31 23.36 -36.24
C VAL B 3120 62.17 23.77 -37.44
N LYS B 3121 62.20 25.06 -37.76
CA LYS B 3121 63.04 25.54 -38.84
C LYS B 3121 64.52 25.60 -38.47
N GLU B 3122 64.87 26.40 -37.47
CA GLU B 3122 66.27 26.63 -37.11
C GLU B 3122 66.92 25.45 -36.36
N ARG B 3123 66.16 24.71 -35.56
CA ARG B 3123 66.59 23.45 -34.93
C ARG B 3123 67.70 23.58 -33.88
N GLN B 3124 67.99 24.77 -33.34
CA GLN B 3124 68.86 24.82 -32.17
C GLN B 3124 68.11 24.24 -30.97
N LEU B 3125 68.74 23.26 -30.30
CA LEU B 3125 68.07 22.52 -29.23
C LEU B 3125 67.58 23.41 -28.09
N HIS B 3126 68.27 24.52 -27.81
CA HIS B 3126 67.83 25.40 -26.73
C HIS B 3126 66.45 25.97 -26.98
N LEU B 3127 66.08 26.17 -28.25
CA LEU B 3127 64.71 26.58 -28.57
C LEU B 3127 63.72 25.46 -28.30
N GLY B 3128 64.10 24.22 -28.60
CA GLY B 3128 63.26 23.09 -28.23
C GLY B 3128 63.02 23.02 -26.74
N VAL B 3129 64.07 23.24 -25.94
CA VAL B 3129 63.93 23.21 -24.49
C VAL B 3129 63.03 24.34 -24.03
N SER B 3130 63.18 25.53 -24.60
CA SER B 3130 62.32 26.65 -24.23
C SER B 3130 60.85 26.35 -24.56
N ALA B 3131 60.61 25.76 -25.73
CA ALA B 3131 59.24 25.42 -26.11
C ALA B 3131 58.64 24.38 -25.18
N ILE B 3132 59.41 23.36 -24.82
CA ILE B 3132 58.91 22.34 -23.91
C ILE B 3132 58.62 22.95 -22.54
N THR B 3133 59.49 23.84 -22.07
CA THR B 3133 59.25 24.51 -20.79
C THR B 3133 57.95 25.30 -20.82
N CYS B 3134 57.74 26.08 -21.87
CA CYS B 3134 56.52 26.87 -21.99
C CYS B 3134 55.29 25.98 -22.03
N TYR B 3135 55.33 24.94 -22.86
CA TYR B 3135 54.17 24.06 -22.99
C TYR B 3135 53.86 23.38 -21.66
N LEU B 3136 54.89 22.91 -20.95
CA LEU B 3136 54.65 22.23 -19.68
C LEU B 3136 54.10 23.18 -18.64
N HIS B 3137 54.56 24.43 -18.62
CA HIS B 3137 53.99 25.39 -17.68
C HIS B 3137 52.55 25.74 -18.03
N ALA B 3138 52.18 25.64 -19.31
CA ALA B 3138 50.77 25.84 -19.66
C ALA B 3138 49.87 24.70 -19.16
N CYS B 3139 50.37 23.48 -19.09
CA CYS B 3139 49.66 22.31 -18.57
C CYS B 3139 49.51 22.22 -17.06
N ARG B 3140 50.07 23.14 -16.27
CA ARG B 3140 50.11 22.98 -14.82
C ARG B 3140 48.78 23.30 -14.14
N HIS B 3141 47.75 22.60 -14.58
CA HIS B 3141 46.39 22.77 -14.07
C HIS B 3141 45.57 21.54 -14.45
N GLN B 3142 44.39 21.44 -13.86
CA GLN B 3142 43.55 20.25 -14.00
C GLN B 3142 42.63 20.27 -15.23
N ASN B 3143 42.56 21.38 -15.96
CA ASN B 3143 41.67 21.48 -17.12
C ASN B 3143 42.32 20.72 -18.28
N GLU B 3144 42.13 19.40 -18.25
CA GLU B 3144 42.82 18.52 -19.19
C GLU B 3144 42.40 18.79 -20.62
N SER B 3145 41.15 19.20 -20.84
CA SER B 3145 40.67 19.42 -22.20
C SER B 3145 41.40 20.56 -22.89
N LYS B 3146 41.79 21.59 -22.15
CA LYS B 3146 42.54 22.69 -22.75
C LYS B 3146 43.98 22.30 -23.04
N SER B 3147 44.62 21.59 -22.10
CA SER B 3147 46.05 21.28 -22.17
C SER B 3147 46.37 20.16 -23.16
N ARG B 3148 45.36 19.42 -23.62
CA ARG B 3148 45.62 18.24 -24.44
C ARG B 3148 46.44 18.58 -25.68
N LYS B 3149 46.16 19.71 -26.31
CA LYS B 3149 46.86 20.09 -27.53
C LYS B 3149 48.30 20.53 -27.26
N TYR B 3150 48.64 20.86 -26.01
CA TYR B 3150 50.00 21.25 -25.68
C TYR B 3150 50.90 20.05 -25.41
N LEU B 3151 50.39 19.06 -24.65
CA LEU B 3151 51.16 17.86 -24.38
C LEU B 3151 51.44 17.08 -25.66
N ALA B 3152 50.56 17.19 -26.66
CA ALA B 3152 50.85 16.61 -27.95
C ALA B 3152 52.08 17.24 -28.57
N LYS B 3153 52.20 18.56 -28.47
CA LYS B 3153 53.40 19.25 -28.94
C LYS B 3153 54.63 18.79 -28.17
N VAL B 3154 54.49 18.63 -26.85
CA VAL B 3154 55.63 18.19 -26.04
C VAL B 3154 56.10 16.81 -26.49
N LEU B 3155 55.15 15.88 -26.71
CA LEU B 3155 55.53 14.54 -27.13
C LEU B 3155 56.13 14.55 -28.53
N TRP B 3156 55.58 15.37 -29.43
CA TRP B 3156 56.14 15.46 -30.78
C TRP B 3156 57.56 16.03 -30.76
N LEU B 3157 57.82 16.97 -29.85
CA LEU B 3157 59.13 17.60 -29.80
C LEU B 3157 60.22 16.63 -29.37
N LEU B 3158 59.87 15.60 -28.62
CA LEU B 3158 60.87 14.61 -28.19
C LEU B 3158 61.47 13.86 -29.37
N SER B 3159 60.84 13.91 -30.55
CA SER B 3159 61.41 13.31 -31.75
C SER B 3159 62.67 14.03 -32.21
N PHE B 3160 62.87 15.27 -31.79
CA PHE B 3160 64.04 16.05 -32.17
C PHE B 3160 65.18 15.94 -31.18
N ASP B 3161 65.09 15.02 -30.22
CA ASP B 3161 66.09 14.92 -29.17
C ASP B 3161 67.43 14.47 -29.73
N ASP B 3162 68.50 14.85 -29.04
CA ASP B 3162 69.85 14.48 -29.41
C ASP B 3162 70.25 13.19 -28.69
N ASP B 3163 71.51 12.79 -28.87
CA ASP B 3163 72.02 11.60 -28.19
C ASP B 3163 72.11 11.78 -26.68
N LYS B 3164 72.10 13.01 -26.20
CA LYS B 3164 72.21 13.29 -24.77
C LYS B 3164 70.87 13.43 -24.09
N ASN B 3165 69.77 13.28 -24.83
CA ASN B 3165 68.42 13.38 -24.29
C ASN B 3165 68.19 14.71 -23.56
N THR B 3166 68.54 15.80 -24.25
CA THR B 3166 68.35 17.12 -23.68
C THR B 3166 66.88 17.45 -23.51
N LEU B 3167 66.08 17.21 -24.55
CA LEU B 3167 64.64 17.52 -24.48
C LEU B 3167 63.95 16.65 -23.44
N ALA B 3168 64.33 15.37 -23.37
CA ALA B 3168 63.76 14.51 -22.34
C ALA B 3168 64.19 14.95 -20.95
N ASP B 3169 65.41 15.48 -20.81
CA ASP B 3169 65.82 16.06 -19.54
C ASP B 3169 64.94 17.24 -19.15
N ALA B 3170 64.63 18.10 -20.12
CA ALA B 3170 63.72 19.22 -19.84
C ALA B 3170 62.34 18.73 -19.44
N VAL B 3171 61.85 17.69 -20.13
CA VAL B 3171 60.55 17.13 -19.78
C VAL B 3171 60.56 16.59 -18.36
N ASP B 3172 61.62 15.88 -17.99
CA ASP B 3172 61.72 15.37 -16.62
C ASP B 3172 61.76 16.50 -15.60
N LYS B 3173 62.49 17.57 -15.90
CA LYS B 3173 62.60 18.69 -14.96
C LYS B 3173 61.26 19.39 -14.77
N TYR B 3174 60.65 19.84 -15.86
CA TYR B 3174 59.45 20.67 -15.80
C TYR B 3174 58.14 19.91 -15.57
N CYS B 3175 58.07 18.62 -15.89
CA CYS B 3175 56.78 17.92 -15.81
C CYS B 3175 56.23 17.89 -14.39
N ILE B 3176 57.05 18.16 -13.38
CA ILE B 3176 56.54 18.25 -12.01
C ILE B 3176 55.57 19.42 -11.94
N GLY B 3177 54.43 19.19 -11.31
CA GLY B 3177 53.36 20.16 -11.27
C GLY B 3177 52.28 19.95 -12.31
N VAL B 3178 52.51 19.06 -13.28
CA VAL B 3178 51.50 18.68 -14.25
C VAL B 3178 50.72 17.52 -13.66
N PRO B 3179 49.43 17.70 -13.34
CA PRO B 3179 48.68 16.61 -12.74
C PRO B 3179 48.61 15.41 -13.66
N PRO B 3180 48.63 14.19 -13.12
CA PRO B 3180 48.65 13.00 -13.98
C PRO B 3180 47.41 12.83 -14.84
N ILE B 3181 46.30 13.50 -14.52
CA ILE B 3181 45.11 13.41 -15.36
C ILE B 3181 45.39 13.92 -16.76
N GLN B 3182 46.37 14.82 -16.90
CA GLN B 3182 46.74 15.32 -18.21
C GLN B 3182 47.28 14.22 -19.11
N TRP B 3183 48.00 13.27 -18.53
CA TRP B 3183 48.69 12.23 -19.28
C TRP B 3183 47.83 11.02 -19.63
N LEU B 3184 46.57 10.97 -19.18
CA LEU B 3184 45.76 9.77 -19.41
C LEU B 3184 45.53 9.48 -20.89
N ALA B 3185 45.21 10.51 -21.68
CA ALA B 3185 44.96 10.28 -23.09
C ALA B 3185 46.23 9.92 -23.85
N TRP B 3186 47.37 10.42 -23.40
CA TRP B 3186 48.68 10.21 -24.00
C TRP B 3186 49.32 8.85 -23.71
N ILE B 3187 48.81 8.08 -22.75
CA ILE B 3187 49.51 6.90 -22.21
C ILE B 3187 50.05 5.97 -23.31
N PRO B 3188 49.33 5.70 -24.41
CA PRO B 3188 49.97 4.93 -25.50
C PRO B 3188 51.27 5.56 -26.00
N GLN B 3189 51.26 6.87 -26.21
CA GLN B 3189 52.46 7.59 -26.65
C GLN B 3189 53.54 7.57 -25.59
N LEU B 3190 53.15 7.70 -24.31
CA LEU B 3190 54.11 7.63 -23.23
C LEU B 3190 54.79 6.27 -23.18
N LEU B 3191 54.04 5.20 -23.38
CA LEU B 3191 54.65 3.87 -23.44
C LEU B 3191 55.55 3.68 -24.65
N THR B 3192 55.15 4.26 -25.79
CA THR B 3192 56.05 4.25 -26.96
C THR B 3192 57.36 4.96 -26.65
N CYS B 3193 57.29 6.09 -25.96
CA CYS B 3193 58.53 6.75 -25.54
C CYS B 3193 59.29 5.92 -24.52
N LEU B 3194 58.56 5.20 -23.67
CA LEU B 3194 59.17 4.38 -22.63
C LEU B 3194 60.03 3.27 -23.23
N VAL B 3195 59.58 2.70 -24.34
CA VAL B 3195 60.39 1.66 -24.98
C VAL B 3195 61.66 2.24 -25.57
N GLY B 3196 61.65 3.50 -25.97
CA GLY B 3196 62.80 4.14 -26.55
C GLY B 3196 63.86 4.52 -25.52
N SER B 3197 64.92 5.15 -26.04
CA SER B 3197 66.05 5.55 -25.20
C SER B 3197 65.64 6.60 -24.17
N GLU B 3198 64.61 7.40 -24.47
CA GLU B 3198 64.17 8.43 -23.55
C GLU B 3198 63.35 7.89 -22.38
N GLY B 3199 63.05 6.60 -22.38
CA GLY B 3199 62.28 6.02 -21.30
C GLY B 3199 62.97 6.05 -19.95
N LYS B 3200 64.30 6.18 -19.95
CA LYS B 3200 65.03 6.29 -18.68
C LYS B 3200 64.64 7.55 -17.93
N LEU B 3201 64.46 8.66 -18.65
CA LEU B 3201 64.10 9.92 -18.02
C LEU B 3201 62.59 10.09 -17.87
N LEU B 3202 61.78 9.34 -18.61
CA LEU B 3202 60.34 9.43 -18.51
C LEU B 3202 59.74 8.41 -17.55
N LEU B 3203 60.56 7.61 -16.87
CA LEU B 3203 60.04 6.58 -15.98
C LEU B 3203 59.31 7.19 -14.79
N ASN B 3204 59.81 8.30 -14.25
CA ASN B 3204 59.15 8.94 -13.11
C ASN B 3204 57.78 9.47 -13.46
N LEU B 3205 57.64 10.08 -14.64
CA LEU B 3205 56.35 10.59 -15.10
C LEU B 3205 55.33 9.46 -15.20
N ILE B 3206 55.68 8.38 -15.90
CA ILE B 3206 54.77 7.25 -16.06
C ILE B 3206 54.49 6.59 -14.72
N SER B 3207 55.48 6.56 -13.83
CA SER B 3207 55.28 5.99 -12.51
C SER B 3207 54.27 6.81 -11.72
N GLN B 3208 54.33 8.13 -11.81
CA GLN B 3208 53.35 8.96 -11.10
C GLN B 3208 51.96 8.75 -11.67
N VAL B 3209 51.84 8.68 -12.99
CA VAL B 3209 50.54 8.43 -13.61
C VAL B 3209 50.00 7.07 -13.16
N GLY B 3210 50.86 6.06 -13.11
CA GLY B 3210 50.45 4.75 -12.63
C GLY B 3210 50.07 4.73 -11.16
N ARG B 3211 50.75 5.55 -10.35
CA ARG B 3211 50.38 5.64 -8.95
C ARG B 3211 48.99 6.22 -8.78
N VAL B 3212 48.67 7.26 -9.56
CA VAL B 3212 47.38 7.91 -9.36
C VAL B 3212 46.28 7.20 -10.13
N TYR B 3213 46.58 6.62 -11.30
CA TYR B 3213 45.58 5.94 -12.12
C TYR B 3213 46.09 4.54 -12.45
N PRO B 3214 46.07 3.63 -11.48
CA PRO B 3214 46.68 2.31 -11.69
C PRO B 3214 46.03 1.48 -12.79
N GLN B 3215 44.70 1.43 -12.85
CA GLN B 3215 44.04 0.62 -13.87
C GLN B 3215 44.32 1.15 -15.28
N ALA B 3216 44.45 2.46 -15.43
CA ALA B 3216 44.75 3.05 -16.74
C ALA B 3216 46.11 2.59 -17.25
N VAL B 3217 47.12 2.58 -16.39
CA VAL B 3217 48.47 2.16 -16.78
C VAL B 3217 48.65 0.65 -16.86
N TYR B 3218 47.97 -0.12 -15.99
CA TYR B 3218 48.32 -1.54 -15.83
C TYR B 3218 48.11 -2.36 -17.09
N PHE B 3219 46.93 -2.29 -17.70
CA PHE B 3219 46.70 -3.09 -18.90
C PHE B 3219 47.60 -2.72 -20.07
N PRO B 3220 47.84 -1.43 -20.36
CA PRO B 3220 48.82 -1.11 -21.40
C PRO B 3220 50.24 -1.55 -21.08
N ILE B 3221 50.72 -1.34 -19.84
CA ILE B 3221 52.07 -1.75 -19.49
C ILE B 3221 52.20 -3.27 -19.53
N ARG B 3222 51.18 -3.98 -19.04
CA ARG B 3222 51.16 -5.43 -19.11
C ARG B 3222 51.23 -5.92 -20.56
N THR B 3223 50.40 -5.33 -21.43
CA THR B 3223 50.39 -5.72 -22.83
C THR B 3223 51.74 -5.44 -23.49
N LEU B 3224 52.32 -4.27 -23.21
CA LEU B 3224 53.63 -3.93 -23.77
C LEU B 3224 54.71 -4.88 -23.29
N TYR B 3225 54.69 -5.22 -21.99
CA TYR B 3225 55.71 -6.11 -21.44
C TYR B 3225 55.63 -7.49 -22.06
N LEU B 3226 54.41 -8.03 -22.22
CA LEU B 3226 54.29 -9.35 -22.81
C LEU B 3226 54.62 -9.34 -24.29
N THR B 3227 54.30 -8.25 -24.99
CA THR B 3227 54.71 -8.12 -26.38
C THR B 3227 56.23 -8.10 -26.51
N LEU B 3228 56.90 -7.37 -25.62
CA LEU B 3228 58.36 -7.33 -25.64
C LEU B 3228 58.94 -8.71 -25.35
N LYS B 3229 58.34 -9.44 -24.41
CA LYS B 3229 58.81 -10.80 -24.13
C LYS B 3229 58.64 -11.71 -25.33
N ILE B 3230 57.50 -11.61 -26.03
CA ILE B 3230 57.28 -12.42 -27.22
C ILE B 3230 58.31 -12.10 -28.29
N GLU B 3231 58.57 -10.81 -28.52
CA GLU B 3231 59.56 -10.41 -29.52
C GLU B 3231 60.94 -10.91 -29.14
N GLN B 3232 61.28 -10.87 -27.84
CA GLN B 3232 62.57 -11.38 -27.40
C GLN B 3232 62.68 -12.88 -27.63
N ARG B 3233 61.61 -13.62 -27.36
CA ARG B 3233 61.61 -15.06 -27.62
C ARG B 3233 61.80 -15.34 -29.10
N GLU B 3234 61.18 -14.53 -29.97
CA GLU B 3234 61.38 -14.68 -31.40
C GLU B 3234 62.81 -14.35 -31.82
N ARG B 3235 63.40 -13.32 -31.19
CA ARG B 3235 64.74 -12.89 -31.57
C ARG B 3235 65.78 -13.96 -31.27
N TYR B 3236 65.67 -14.61 -30.11
CA TYR B 3236 66.60 -15.66 -29.70
C TYR B 3236 66.00 -17.05 -29.89
N LYS B 3237 65.28 -17.25 -30.98
CA LYS B 3237 64.67 -18.54 -31.30
C LYS B 3237 65.73 -19.62 -31.49
N PRO B 3242 66.63 -19.30 -20.50
CA PRO B 3242 66.09 -17.95 -20.28
C PRO B 3242 66.96 -16.87 -20.90
N ILE B 3243 66.36 -15.74 -21.25
CA ILE B 3243 67.05 -14.62 -21.88
C ILE B 3243 66.98 -13.42 -20.95
N ARG B 3244 68.10 -12.73 -20.80
CA ARG B 3244 68.14 -11.53 -19.97
C ARG B 3244 67.19 -10.47 -20.52
N ALA B 3245 66.35 -9.93 -19.64
CA ALA B 3245 65.38 -8.93 -20.05
C ALA B 3245 66.07 -7.65 -20.50
N THR B 3246 65.52 -7.01 -21.53
CA THR B 3246 66.04 -5.76 -22.02
C THR B 3246 65.65 -4.61 -21.10
N ALA B 3247 66.24 -3.44 -21.36
CA ALA B 3247 65.94 -2.26 -20.55
C ALA B 3247 64.48 -1.85 -20.60
N PRO B 3248 63.79 -1.81 -21.75
CA PRO B 3248 62.34 -1.52 -21.71
C PRO B 3248 61.56 -2.51 -20.88
N MET B 3249 61.92 -3.79 -20.93
CA MET B 3249 61.28 -4.78 -20.07
C MET B 3249 61.52 -4.46 -18.60
N TRP B 3250 62.72 -4.05 -18.26
CA TRP B 3250 63.00 -3.68 -16.87
C TRP B 3250 62.18 -2.49 -16.44
N ARG B 3251 62.01 -1.50 -17.31
CA ARG B 3251 61.21 -0.33 -16.96
C ARG B 3251 59.74 -0.72 -16.77
N CYS B 3252 59.21 -1.57 -17.64
CA CYS B 3252 57.84 -2.05 -17.48
C CYS B 3252 57.69 -2.81 -16.16
N SER B 3253 58.66 -3.66 -15.84
CA SER B 3253 58.60 -4.43 -14.62
C SER B 3253 58.68 -3.54 -13.39
N ARG B 3254 59.48 -2.48 -13.46
CA ARG B 3254 59.55 -1.53 -12.35
C ARG B 3254 58.21 -0.85 -12.14
N ILE B 3255 57.55 -0.41 -13.22
CA ILE B 3255 56.26 0.25 -13.09
C ILE B 3255 55.23 -0.71 -12.49
N MET B 3256 55.20 -1.95 -12.98
CA MET B 3256 54.24 -2.93 -12.48
C MET B 3256 54.53 -3.30 -11.02
N HIS B 3257 55.80 -3.38 -10.63
CA HIS B 3257 56.14 -3.69 -9.24
C HIS B 3257 55.72 -2.56 -8.32
N MET B 3258 55.96 -1.31 -8.73
CA MET B 3258 55.53 -0.18 -7.91
C MET B 3258 54.00 -0.15 -7.76
N GLN B 3259 53.28 -0.43 -8.84
CA GLN B 3259 51.82 -0.48 -8.75
C GLN B 3259 51.34 -1.64 -7.88
N ARG B 3260 52.00 -2.79 -7.94
CA ARG B 3260 51.66 -3.88 -7.03
C ARG B 3260 51.95 -3.50 -5.58
N GLU B 3261 52.94 -2.65 -5.35
CA GLU B 3261 53.23 -2.23 -3.98
C GLU B 3261 52.17 -1.26 -3.47
N LEU B 3262 51.78 -0.28 -4.29
CA LEU B 3262 50.81 0.70 -3.82
C LEU B 3262 49.37 0.23 -3.88
N HIS B 3263 49.02 -0.64 -4.83
CA HIS B 3263 47.63 -1.02 -5.08
C HIS B 3263 47.45 -2.54 -5.17
N PRO B 3264 47.89 -3.29 -4.16
CA PRO B 3264 48.01 -4.74 -4.35
C PRO B 3264 46.69 -5.46 -4.54
N THR B 3265 45.62 -5.02 -3.88
CA THR B 3265 44.32 -5.67 -4.06
C THR B 3265 43.70 -5.34 -5.42
N LEU B 3266 43.90 -4.11 -5.90
CA LEU B 3266 43.40 -3.76 -7.22
C LEU B 3266 44.13 -4.54 -8.30
N LEU B 3267 45.45 -4.57 -8.24
CA LEU B 3267 46.20 -5.27 -9.29
C LEU B 3267 46.01 -6.78 -9.21
N SER B 3268 45.84 -7.34 -8.01
CA SER B 3268 45.47 -8.74 -7.93
C SER B 3268 44.07 -9.01 -8.48
N SER B 3269 43.14 -8.06 -8.36
CA SER B 3269 41.84 -8.23 -9.00
C SER B 3269 41.91 -8.11 -10.53
N LEU B 3270 42.69 -7.16 -11.04
CA LEU B 3270 42.89 -7.04 -12.48
C LEU B 3270 43.56 -8.29 -13.06
N GLU B 3271 44.61 -8.77 -12.39
CA GLU B 3271 45.27 -9.98 -12.85
C GLU B 3271 44.37 -11.20 -12.74
N GLY B 3272 43.57 -11.29 -11.67
CA GLY B 3272 42.57 -12.34 -11.60
C GLY B 3272 41.57 -12.31 -12.73
N ILE B 3273 41.07 -11.13 -13.10
CA ILE B 3273 40.18 -10.99 -14.24
C ILE B 3273 40.86 -11.48 -15.52
N VAL B 3274 42.08 -11.02 -15.77
CA VAL B 3274 42.76 -11.41 -17.01
C VAL B 3274 43.06 -12.90 -17.06
N ASP B 3275 43.46 -13.48 -15.94
CA ASP B 3275 43.65 -14.93 -15.84
C ASP B 3275 42.39 -15.70 -16.21
N GLN B 3276 41.22 -15.20 -15.80
CA GLN B 3276 39.97 -15.87 -16.14
C GLN B 3276 39.67 -15.82 -17.62
N MET B 3277 40.14 -14.78 -18.31
CA MET B 3277 39.80 -14.58 -19.71
C MET B 3277 40.29 -15.70 -20.62
N VAL B 3278 41.23 -16.53 -20.16
CA VAL B 3278 41.74 -17.61 -21.01
C VAL B 3278 40.64 -18.61 -21.36
N TRP B 3279 39.69 -18.85 -20.45
CA TRP B 3279 38.60 -19.76 -20.73
C TRP B 3279 37.69 -19.26 -21.84
N PHE B 3280 37.58 -17.94 -22.00
CA PHE B 3280 36.85 -17.36 -23.12
C PHE B 3280 37.41 -17.73 -24.48
N ARG B 3281 38.64 -18.22 -24.56
CA ARG B 3281 39.22 -18.58 -25.86
C ARG B 3281 38.32 -19.58 -26.58
N GLU B 3282 38.42 -19.59 -27.91
CA GLU B 3282 37.50 -20.36 -28.74
C GLU B 3282 37.91 -21.82 -28.86
N ASN B 3283 36.92 -22.67 -29.13
CA ASN B 3283 37.18 -24.07 -29.40
C ASN B 3283 37.77 -24.25 -30.80
N TRP B 3284 38.28 -25.45 -31.06
CA TRP B 3284 39.11 -25.66 -32.25
C TRP B 3284 38.33 -25.51 -33.55
N HIS B 3285 37.05 -25.90 -33.57
CA HIS B 3285 36.23 -25.66 -34.76
C HIS B 3285 36.28 -24.19 -35.15
N GLU B 3286 36.02 -23.31 -34.17
CA GLU B 3286 35.94 -21.89 -34.44
C GLU B 3286 37.31 -21.34 -34.84
N GLU B 3287 38.39 -21.85 -34.25
CA GLU B 3287 39.72 -21.41 -34.63
C GLU B 3287 40.05 -21.76 -36.07
N VAL B 3288 39.76 -22.99 -36.47
CA VAL B 3288 40.03 -23.40 -37.85
C VAL B 3288 39.15 -22.62 -38.81
N LEU B 3289 37.90 -22.36 -38.43
CA LEU B 3289 37.01 -21.57 -39.28
C LEU B 3289 37.54 -20.15 -39.46
N ARG B 3290 38.00 -19.53 -38.37
CA ARG B 3290 38.56 -18.18 -38.44
C ARG B 3290 39.79 -18.15 -39.33
N GLN B 3291 40.67 -19.14 -39.19
CA GLN B 3291 41.88 -19.16 -40.00
C GLN B 3291 41.56 -19.41 -41.48
N LEU B 3292 40.57 -20.25 -41.76
CA LEU B 3292 40.13 -20.44 -43.14
C LEU B 3292 39.61 -19.14 -43.74
N GLN B 3293 38.83 -18.39 -42.96
CA GLN B 3293 38.31 -17.12 -43.46
C GLN B 3293 39.42 -16.12 -43.71
N GLN B 3294 40.39 -16.06 -42.79
CA GLN B 3294 41.53 -15.14 -42.97
C GLN B 3294 42.34 -15.50 -44.21
N GLY B 3295 42.61 -16.80 -44.38
CA GLY B 3295 43.34 -17.23 -45.57
C GLY B 3295 42.57 -16.95 -46.86
N LEU B 3296 41.25 -17.09 -46.82
CA LEU B 3296 40.44 -16.76 -47.99
C LEU B 3296 40.51 -15.27 -48.31
N ALA B 3297 40.48 -14.42 -47.29
CA ALA B 3297 40.62 -12.99 -47.54
C ALA B 3297 41.98 -12.67 -48.16
N LYS B 3298 43.04 -13.28 -47.64
CA LYS B 3298 44.37 -13.07 -48.22
C LYS B 3298 44.44 -13.57 -49.66
N CYS B 3299 43.81 -14.70 -49.93
CA CYS B 3299 43.77 -15.24 -51.28
C CYS B 3299 43.02 -14.30 -52.23
N TYR B 3300 41.93 -13.69 -51.75
CA TYR B 3300 41.22 -12.71 -52.57
C TYR B 3300 42.10 -11.51 -52.87
N SER B 3301 42.86 -11.04 -51.89
CA SER B 3301 43.75 -9.92 -52.14
C SER B 3301 44.80 -10.28 -53.19
N VAL B 3302 45.36 -11.48 -53.10
CA VAL B 3302 46.33 -11.93 -54.10
C VAL B 3302 45.66 -12.06 -55.47
N ALA B 3303 44.42 -12.55 -55.48
CA ALA B 3303 43.71 -12.75 -56.74
C ALA B 3303 43.46 -11.43 -57.45
N PHE B 3304 43.11 -10.39 -56.70
CA PHE B 3304 42.95 -9.09 -57.33
C PHE B 3304 44.29 -8.49 -57.72
N GLU B 3305 45.35 -8.80 -56.97
CA GLU B 3305 46.69 -8.39 -57.41
C GLU B 3305 47.06 -9.06 -58.73
N LYS B 3306 46.70 -10.34 -58.90
CA LYS B 3306 46.99 -11.10 -60.11
C LYS B 3306 45.81 -11.14 -61.07
N SER B 3307 44.92 -10.15 -60.98
CA SER B 3307 43.74 -10.08 -61.85
C SER B 3307 44.11 -10.12 -63.33
N GLY B 3308 45.28 -9.62 -63.70
CA GLY B 3308 45.76 -9.73 -65.07
C GLY B 3308 45.79 -11.14 -65.63
N ALA B 3309 45.95 -12.14 -64.78
CA ALA B 3309 46.37 -13.47 -65.21
C ALA B 3309 45.54 -14.55 -64.51
N VAL B 3310 44.22 -14.36 -64.51
CA VAL B 3310 43.33 -15.37 -63.94
C VAL B 3310 43.46 -16.65 -64.75
N SER B 3311 43.32 -17.78 -64.06
CA SER B 3311 43.54 -19.14 -64.54
C SER B 3311 45.02 -19.49 -64.69
N ASP B 3312 45.92 -18.53 -64.46
CA ASP B 3312 47.34 -18.79 -64.42
C ASP B 3312 47.97 -18.40 -63.09
N ALA B 3313 47.25 -17.67 -62.24
CA ALA B 3313 47.81 -17.19 -60.99
C ALA B 3313 48.09 -18.34 -60.04
N LYS B 3314 49.23 -18.26 -59.35
CA LYS B 3314 49.66 -19.24 -58.38
C LYS B 3314 49.66 -18.62 -57.00
N ILE B 3315 49.65 -19.47 -55.98
CA ILE B 3315 49.62 -19.00 -54.60
C ILE B 3315 51.00 -18.48 -54.20
N THR B 3316 51.01 -17.42 -53.39
CA THR B 3316 52.24 -16.85 -52.90
C THR B 3316 52.84 -17.75 -51.82
N PRO B 3317 54.14 -17.59 -51.53
CA PRO B 3317 54.72 -18.35 -50.41
C PRO B 3317 54.05 -18.07 -49.08
N HIS B 3318 53.48 -16.87 -48.90
CA HIS B 3318 52.79 -16.54 -47.66
C HIS B 3318 51.58 -17.43 -47.45
N THR B 3319 50.73 -17.56 -48.47
CA THR B 3319 49.56 -18.42 -48.36
C THR B 3319 49.96 -19.88 -48.22
N LEU B 3320 51.03 -20.28 -48.91
CA LEU B 3320 51.54 -21.65 -48.77
C LEU B 3320 51.92 -21.93 -47.32
N ASN B 3321 52.67 -21.02 -46.70
CA ASN B 3321 53.06 -21.20 -45.32
C ASN B 3321 51.86 -21.15 -44.39
N PHE B 3322 50.87 -20.30 -44.70
CA PHE B 3322 49.66 -20.22 -43.89
C PHE B 3322 48.93 -21.55 -43.88
N VAL B 3323 48.73 -22.14 -45.06
CA VAL B 3323 48.01 -23.41 -45.14
C VAL B 3323 48.85 -24.53 -44.51
N LYS B 3324 50.18 -24.48 -44.67
CA LYS B 3324 51.03 -25.47 -44.01
C LYS B 3324 50.89 -25.39 -42.50
N LYS B 3325 50.83 -24.17 -41.96
CA LYS B 3325 50.63 -24.00 -40.52
C LYS B 3325 49.25 -24.52 -40.11
N LEU B 3326 48.23 -24.26 -40.92
CA LEU B 3326 46.89 -24.74 -40.59
C LEU B 3326 46.84 -26.25 -40.54
N VAL B 3327 47.44 -26.92 -41.54
CA VAL B 3327 47.40 -28.38 -41.55
C VAL B 3327 48.27 -28.96 -40.45
N SER B 3328 49.40 -28.31 -40.15
CA SER B 3328 50.26 -28.80 -39.07
C SER B 3328 49.59 -28.64 -37.72
N THR B 3329 48.93 -27.50 -37.49
CA THR B 3329 48.22 -27.22 -36.25
C THR B 3329 46.75 -27.01 -36.60
N PHE B 3330 45.97 -28.08 -36.55
CA PHE B 3330 44.57 -28.04 -36.95
C PHE B 3330 43.71 -27.56 -35.78
N GLY B 3331 43.92 -26.31 -35.41
CA GLY B 3331 43.14 -25.67 -34.36
C GLY B 3331 43.55 -25.99 -32.94
N VAL B 3332 43.79 -27.26 -32.65
CA VAL B 3332 44.19 -27.68 -31.31
C VAL B 3332 45.64 -27.31 -31.05
N SER B 3346 48.86 -18.67 -13.16
CA SER B 3346 48.88 -19.20 -14.53
C SER B 3346 48.30 -20.61 -14.57
N ALA B 3347 47.71 -21.04 -13.45
CA ALA B 3347 47.11 -22.37 -13.38
C ALA B 3347 45.97 -22.53 -14.39
N ALA B 3348 45.25 -21.44 -14.69
CA ALA B 3348 44.17 -21.52 -15.65
C ALA B 3348 44.69 -21.83 -17.05
N SER B 3349 45.78 -21.18 -17.46
CA SER B 3349 46.34 -21.46 -18.78
C SER B 3349 46.88 -22.88 -18.87
N GLU B 3350 47.51 -23.36 -17.79
CA GLU B 3350 48.01 -24.73 -17.78
C GLU B 3350 46.86 -25.74 -17.86
N SER B 3351 45.77 -25.49 -17.14
CA SER B 3351 44.60 -26.37 -17.22
C SER B 3351 43.98 -26.33 -18.62
N LEU B 3352 43.95 -25.14 -19.24
CA LEU B 3352 43.44 -25.05 -20.61
C LEU B 3352 44.32 -25.83 -21.58
N ALA B 3353 45.64 -25.76 -21.40
CA ALA B 3353 46.55 -26.55 -22.24
C ALA B 3353 46.34 -28.04 -22.03
N ARG B 3354 46.13 -28.46 -20.78
CA ARG B 3354 45.85 -29.87 -20.50
C ARG B 3354 44.56 -30.30 -21.18
N ARG B 3355 43.52 -29.47 -21.08
CA ARG B 3355 42.26 -29.77 -21.77
C ARG B 3355 42.46 -29.90 -23.27
N ALA B 3356 43.24 -28.99 -23.86
CA ALA B 3356 43.49 -29.03 -25.30
C ALA B 3356 44.24 -30.30 -25.68
N GLN B 3357 45.20 -30.72 -24.85
CA GLN B 3357 45.89 -31.99 -25.08
C GLN B 3357 44.90 -33.16 -25.05
N ALA B 3358 43.96 -33.13 -24.10
CA ALA B 3358 42.94 -34.17 -24.02
C ALA B 3358 41.93 -34.08 -25.16
N THR B 3359 41.78 -32.90 -25.77
CA THR B 3359 40.79 -32.72 -26.82
C THR B 3359 41.18 -33.47 -28.09
N ALA B 3360 42.48 -33.68 -28.32
CA ALA B 3360 42.94 -34.31 -29.55
C ALA B 3360 42.51 -35.76 -29.70
N GLN B 3361 42.02 -36.38 -28.62
CA GLN B 3361 41.59 -37.78 -28.66
C GLN B 3361 40.29 -37.97 -29.44
N ASP B 3362 39.61 -36.90 -29.81
CA ASP B 3362 38.32 -37.00 -30.48
C ASP B 3362 38.48 -37.67 -31.84
N PRO B 3363 37.83 -38.81 -32.09
CA PRO B 3363 37.96 -39.46 -33.40
C PRO B 3363 37.41 -38.63 -34.55
N VAL B 3364 36.33 -37.87 -34.32
CA VAL B 3364 35.79 -37.03 -35.38
C VAL B 3364 36.78 -35.94 -35.76
N PHE B 3365 37.42 -35.34 -34.76
CA PHE B 3365 38.45 -34.34 -35.03
C PHE B 3365 39.61 -34.96 -35.80
N GLN B 3366 39.97 -36.20 -35.46
CA GLN B 3366 41.05 -36.88 -36.18
C GLN B 3366 40.67 -37.12 -37.65
N LYS B 3367 39.46 -37.59 -37.89
CA LYS B 3367 39.02 -37.84 -39.27
C LYS B 3367 38.97 -36.54 -40.08
N LEU B 3368 38.49 -35.47 -39.47
CA LEU B 3368 38.48 -34.17 -40.14
C LEU B 3368 39.88 -33.66 -40.41
N LYS B 3369 40.79 -33.80 -39.45
CA LYS B 3369 42.17 -33.40 -39.69
C LYS B 3369 42.80 -34.21 -40.81
N GLY B 3370 42.52 -35.51 -40.86
CA GLY B 3370 43.10 -36.36 -41.90
C GLY B 3370 42.62 -35.98 -43.29
N GLN B 3371 41.30 -35.87 -43.47
CA GLN B 3371 40.78 -35.48 -44.77
C GLN B 3371 41.11 -34.03 -45.14
N PHE B 3372 41.22 -33.14 -44.15
CA PHE B 3372 41.69 -31.78 -44.40
C PHE B 3372 43.12 -31.77 -44.90
N THR B 3373 43.99 -32.56 -44.27
CA THR B 3373 45.36 -32.71 -44.77
C THR B 3373 45.37 -33.34 -46.17
N THR B 3374 44.42 -34.22 -46.46
CA THR B 3374 44.34 -34.81 -47.79
C THR B 3374 43.96 -33.79 -48.85
N ASP B 3375 42.99 -32.92 -48.56
CA ASP B 3375 42.57 -31.94 -49.55
C ASP B 3375 43.62 -30.85 -49.79
N PHE B 3376 44.34 -30.44 -48.75
CA PHE B 3376 45.32 -29.37 -48.85
C PHE B 3376 46.75 -29.86 -49.04
N ASP B 3377 46.93 -30.99 -49.74
CA ASP B 3377 48.26 -31.42 -50.11
C ASP B 3377 48.70 -30.66 -51.36
N PHE B 3378 49.77 -29.88 -51.24
CA PHE B 3378 50.24 -29.05 -52.33
C PHE B 3378 51.14 -29.79 -53.32
N SER B 3379 51.37 -31.08 -53.12
CA SER B 3379 52.17 -31.86 -54.07
C SER B 3379 51.34 -32.39 -55.23
N VAL B 3380 50.03 -32.52 -55.07
CA VAL B 3380 49.16 -33.01 -56.14
C VAL B 3380 49.10 -31.97 -57.26
N PRO B 3381 48.94 -32.38 -58.51
CA PRO B 3381 48.90 -31.40 -59.60
C PRO B 3381 47.68 -30.51 -59.52
N GLY B 3382 47.85 -29.27 -59.98
CA GLY B 3382 46.76 -28.32 -60.04
C GLY B 3382 46.34 -27.73 -58.71
N SER B 3383 47.08 -28.00 -57.64
CA SER B 3383 46.75 -27.45 -56.32
C SER B 3383 47.40 -26.11 -56.06
N MET B 3384 48.50 -25.80 -56.73
CA MET B 3384 49.17 -24.52 -56.53
C MET B 3384 48.43 -23.36 -57.17
N LYS B 3385 47.41 -23.63 -57.99
CA LYS B 3385 46.63 -22.56 -58.58
C LYS B 3385 45.80 -21.85 -57.53
N LEU B 3386 45.77 -20.52 -57.60
CA LEU B 3386 45.16 -19.72 -56.54
C LEU B 3386 43.67 -19.96 -56.44
N HIS B 3387 42.97 -20.02 -57.57
CA HIS B 3387 41.52 -20.11 -57.55
C HIS B 3387 41.03 -21.50 -57.13
N ASN B 3388 41.79 -22.55 -57.43
CA ASN B 3388 41.46 -23.87 -56.88
C ASN B 3388 41.57 -23.85 -55.36
N LEU B 3389 42.60 -23.20 -54.84
CA LEU B 3389 42.74 -23.04 -53.40
C LEU B 3389 41.56 -22.26 -52.83
N ILE B 3390 41.11 -21.23 -53.55
CA ILE B 3390 39.97 -20.43 -53.10
C ILE B 3390 38.72 -21.29 -53.02
N SER B 3391 38.49 -22.13 -54.04
CA SER B 3391 37.34 -23.02 -54.02
C SER B 3391 37.41 -24.02 -52.87
N LYS B 3392 38.59 -24.57 -52.62
CA LYS B 3392 38.76 -25.49 -51.50
C LYS B 3392 38.52 -24.80 -50.15
N LEU B 3393 39.03 -23.59 -50.00
CA LEU B 3393 38.73 -22.80 -48.81
C LEU B 3393 37.23 -22.57 -48.64
N LYS B 3394 36.53 -22.27 -49.73
CA LYS B 3394 35.08 -22.08 -49.63
C LYS B 3394 34.38 -23.35 -49.17
N LYS B 3395 34.78 -24.49 -49.75
CA LYS B 3395 34.19 -25.77 -49.35
C LYS B 3395 34.38 -26.04 -47.86
N TRP B 3396 35.62 -25.92 -47.38
CA TRP B 3396 35.87 -26.21 -45.98
C TRP B 3396 35.28 -25.16 -45.04
N ILE B 3397 35.19 -23.90 -45.47
CA ILE B 3397 34.48 -22.89 -44.70
C ILE B 3397 33.01 -23.30 -44.54
N LYS B 3398 32.38 -23.75 -45.61
CA LYS B 3398 30.99 -24.19 -45.49
C LYS B 3398 30.86 -25.39 -44.55
N ILE B 3399 31.79 -26.34 -44.64
CA ILE B 3399 31.76 -27.51 -43.76
C ILE B 3399 31.86 -27.09 -42.29
N LEU B 3400 32.84 -26.24 -41.97
CA LEU B 3400 33.00 -25.80 -40.58
C LEU B 3400 31.88 -24.87 -40.12
N GLU B 3401 31.29 -24.10 -41.03
CA GLU B 3401 30.13 -23.31 -40.65
C GLU B 3401 28.95 -24.20 -40.29
N ALA B 3402 28.78 -25.30 -41.03
CA ALA B 3402 27.78 -26.28 -40.65
C ALA B 3402 28.09 -26.88 -39.28
N LYS B 3403 29.38 -27.17 -39.02
CA LYS B 3403 29.73 -27.79 -37.75
C LYS B 3403 29.68 -26.79 -36.59
N THR B 3404 29.98 -25.52 -36.85
CA THR B 3404 29.96 -24.53 -35.77
C THR B 3404 28.54 -24.26 -35.27
N LYS B 3405 27.55 -24.31 -36.15
CA LYS B 3405 26.17 -24.05 -35.76
C LYS B 3405 25.67 -25.05 -34.72
N GLN B 3406 26.28 -26.23 -34.63
CA GLN B 3406 25.88 -27.24 -33.66
C GLN B 3406 26.46 -27.01 -32.28
N LEU B 3407 27.33 -26.02 -32.10
CA LEU B 3407 27.96 -25.76 -30.82
C LEU B 3407 27.02 -24.99 -29.90
N PRO B 3408 27.27 -25.05 -28.59
CA PRO B 3408 26.43 -24.28 -27.64
C PRO B 3408 26.61 -22.79 -27.82
N LYS B 3409 25.52 -22.06 -27.60
CA LYS B 3409 25.48 -20.63 -27.87
C LYS B 3409 25.73 -19.77 -26.64
N PHE B 3410 25.75 -20.36 -25.45
CA PHE B 3410 26.12 -19.65 -24.24
C PHE B 3410 26.65 -20.64 -23.21
N PHE B 3411 27.51 -20.14 -22.32
CA PHE B 3411 28.04 -20.88 -21.20
C PHE B 3411 27.95 -20.02 -19.95
N LEU B 3412 27.95 -20.69 -18.80
CA LEU B 3412 27.89 -20.00 -17.51
C LEU B 3412 29.27 -19.85 -16.88
N ILE B 3413 29.51 -18.66 -16.32
CA ILE B 3413 30.80 -18.30 -15.71
C ILE B 3413 31.19 -19.26 -14.59
N GLU B 3414 30.21 -19.78 -13.84
CA GLU B 3414 30.51 -20.79 -12.82
C GLU B 3414 31.25 -22.00 -13.38
N GLU B 3415 31.03 -22.35 -14.65
CA GLU B 3415 31.62 -23.57 -15.20
C GLU B 3415 33.14 -23.55 -15.16
N LYS B 3416 33.76 -22.37 -15.28
CA LYS B 3416 35.22 -22.27 -15.26
C LYS B 3416 35.74 -21.04 -14.52
N CYS B 3417 34.95 -19.98 -14.37
CA CYS B 3417 35.47 -18.68 -13.95
C CYS B 3417 35.04 -18.36 -12.52
N ARG B 3418 35.52 -19.15 -11.56
CA ARG B 3418 35.14 -18.98 -10.17
C ARG B 3418 35.45 -17.59 -9.64
N PHE B 3419 36.56 -17.00 -10.08
CA PHE B 3419 36.90 -15.64 -9.64
C PHE B 3419 35.92 -14.61 -10.17
N LEU B 3420 35.54 -14.70 -11.45
CA LEU B 3420 34.55 -13.76 -11.98
C LEU B 3420 33.19 -13.94 -11.33
N SER B 3421 32.76 -15.19 -11.12
CA SER B 3421 31.48 -15.43 -10.47
C SER B 3421 31.46 -14.89 -9.05
N ASN B 3422 32.55 -15.07 -8.31
CA ASN B 3422 32.63 -14.58 -6.95
C ASN B 3422 32.82 -13.07 -6.86
N PHE B 3423 33.31 -12.44 -7.92
CA PHE B 3423 33.72 -11.04 -7.83
C PHE B 3423 32.55 -10.14 -7.44
N SER B 3424 32.82 -9.20 -6.55
CA SER B 3424 31.83 -8.22 -6.13
C SER B 3424 32.54 -6.91 -5.83
N ALA B 3425 31.77 -5.89 -5.47
CA ALA B 3425 32.33 -4.61 -5.10
C ALA B 3425 33.22 -4.70 -3.85
N GLN B 3426 33.02 -5.71 -3.02
CA GLN B 3426 33.92 -5.94 -1.89
C GLN B 3426 35.28 -6.48 -2.31
N THR B 3427 35.42 -6.97 -3.53
CA THR B 3427 36.70 -7.52 -3.96
C THR B 3427 37.70 -6.41 -4.30
N ALA B 3428 37.32 -5.52 -5.22
CA ALA B 3428 38.06 -4.28 -5.41
C ALA B 3428 37.18 -3.28 -6.13
N GLU B 3429 37.54 -2.00 -6.00
CA GLU B 3429 37.01 -0.94 -6.85
C GLU B 3429 37.69 -1.02 -8.22
N VAL B 3430 37.17 -1.88 -9.08
CA VAL B 3430 37.62 -2.00 -10.46
C VAL B 3430 36.64 -1.24 -11.35
N GLU B 3431 37.16 -0.32 -12.15
CA GLU B 3431 36.34 0.37 -13.13
C GLU B 3431 36.02 -0.55 -14.30
N ILE B 3432 34.83 -0.36 -14.87
CA ILE B 3432 34.50 -1.08 -16.11
C ILE B 3432 35.54 -0.74 -17.17
N PRO B 3433 35.93 -1.68 -18.02
CA PRO B 3433 37.04 -1.43 -18.95
C PRO B 3433 36.79 -0.23 -19.86
N GLY B 3434 37.86 0.53 -20.11
CA GLY B 3434 37.81 1.66 -21.00
C GLY B 3434 37.47 2.99 -20.36
N GLU B 3435 37.13 3.00 -19.08
CA GLU B 3435 36.81 4.25 -18.40
C GLU B 3435 37.95 5.26 -18.40
N PHE B 3436 39.19 4.81 -18.59
CA PHE B 3436 40.33 5.71 -18.61
C PHE B 3436 40.89 5.94 -20.01
N LEU B 3437 40.19 5.51 -21.06
CA LEU B 3437 40.68 5.78 -22.41
C LEU B 3437 40.73 7.27 -22.69
N MET B 3438 39.70 8.00 -22.26
CA MET B 3438 39.72 9.45 -22.25
C MET B 3438 39.29 9.88 -20.85
N PRO B 3439 40.03 10.79 -20.21
CA PRO B 3439 39.69 11.17 -18.83
C PRO B 3439 38.30 11.81 -18.76
N LYS B 3440 37.41 11.16 -18.03
CA LYS B 3440 36.08 11.71 -17.85
C LYS B 3440 36.17 13.02 -17.08
N PRO B 3441 35.38 14.03 -17.43
CA PRO B 3441 35.54 15.36 -16.81
C PRO B 3441 35.39 15.34 -15.30
N THR B 3442 34.63 14.40 -14.76
CA THR B 3442 34.48 14.24 -13.32
C THR B 3442 34.91 12.84 -12.92
N HIS B 3443 34.96 12.60 -11.61
CA HIS B 3443 35.34 11.32 -11.06
C HIS B 3443 34.20 10.31 -11.05
N TYR B 3444 33.14 10.54 -11.84
CA TYR B 3444 32.04 9.59 -11.91
C TYR B 3444 32.42 8.43 -12.83
N TYR B 3445 33.35 7.63 -12.34
CA TYR B 3445 33.73 6.40 -13.01
C TYR B 3445 32.77 5.28 -12.64
N ILE B 3446 32.41 4.47 -13.63
CA ILE B 3446 31.52 3.33 -13.39
C ILE B 3446 32.35 2.15 -12.91
N LYS B 3447 32.06 1.68 -11.71
CA LYS B 3447 32.73 0.56 -11.08
C LYS B 3447 31.98 -0.74 -11.32
N ILE B 3448 32.69 -1.85 -11.18
CA ILE B 3448 32.17 -3.16 -11.54
C ILE B 3448 31.55 -3.75 -10.28
N ALA B 3449 30.27 -4.08 -10.35
CA ALA B 3449 29.60 -4.73 -9.23
C ALA B 3449 29.41 -6.23 -9.42
N ARG B 3450 29.27 -6.70 -10.65
CA ARG B 3450 29.01 -8.10 -10.93
C ARG B 3450 29.52 -8.44 -12.33
N PHE B 3451 29.79 -9.72 -12.53
CA PHE B 3451 29.83 -10.31 -13.85
C PHE B 3451 28.60 -11.20 -13.98
N MET B 3452 27.75 -10.88 -14.93
CA MET B 3452 26.51 -11.62 -15.09
C MET B 3452 26.81 -13.08 -15.45
N PRO B 3453 26.06 -14.04 -14.90
CA PRO B 3453 26.51 -15.44 -14.95
C PRO B 3453 26.55 -16.03 -16.34
N ARG B 3454 25.83 -15.48 -17.31
CA ARG B 3454 25.80 -16.02 -18.65
C ARG B 3454 26.76 -15.24 -19.55
N VAL B 3455 27.64 -15.97 -20.22
CA VAL B 3455 28.45 -15.43 -21.30
C VAL B 3455 27.92 -16.00 -22.61
N GLU B 3456 27.65 -15.14 -23.57
CA GLU B 3456 27.06 -15.56 -24.83
C GLU B 3456 28.16 -15.70 -25.88
N ILE B 3457 27.89 -16.55 -26.86
CA ILE B 3457 28.81 -16.78 -27.97
C ILE B 3457 28.15 -16.22 -29.21
N VAL B 3458 28.84 -15.30 -29.87
CA VAL B 3458 28.27 -14.54 -30.96
C VAL B 3458 29.29 -14.51 -32.09
N GLN B 3459 28.78 -14.46 -33.32
CA GLN B 3459 29.62 -14.33 -34.51
C GLN B 3459 29.71 -12.85 -34.87
N LYS B 3460 30.86 -12.25 -34.56
CA LYS B 3460 31.13 -10.87 -34.90
C LYS B 3460 32.57 -10.76 -35.38
N HIS B 3461 32.81 -9.83 -36.30
CA HIS B 3461 34.13 -9.60 -36.87
C HIS B 3461 34.69 -10.86 -37.53
N ASN B 3462 33.80 -11.70 -38.06
CA ASN B 3462 34.16 -12.94 -38.75
C ASN B 3462 34.99 -13.85 -37.85
N THR B 3463 34.71 -13.82 -36.55
CA THR B 3463 35.36 -14.66 -35.56
C THR B 3463 34.32 -15.02 -34.50
N ALA B 3464 34.60 -16.08 -33.76
CA ALA B 3464 33.74 -16.48 -32.65
C ALA B 3464 34.17 -15.71 -31.41
N ALA B 3465 33.25 -14.92 -30.86
CA ALA B 3465 33.56 -14.02 -29.77
C ALA B 3465 32.61 -14.29 -28.60
N ARG B 3466 33.12 -14.09 -27.39
CA ARG B 3466 32.35 -14.29 -26.18
C ARG B 3466 31.87 -12.93 -25.70
N ARG B 3467 30.58 -12.83 -25.39
CA ARG B 3467 29.99 -11.59 -24.92
C ARG B 3467 29.84 -11.68 -23.41
N LEU B 3468 30.60 -10.86 -22.70
CA LEU B 3468 30.58 -10.81 -21.26
C LEU B 3468 29.73 -9.62 -20.83
N TYR B 3469 28.87 -9.84 -19.85
CA TYR B 3469 28.02 -8.78 -19.33
C TYR B 3469 28.52 -8.37 -17.96
N ILE B 3470 28.86 -7.10 -17.81
CA ILE B 3470 29.34 -6.54 -16.56
C ILE B 3470 28.27 -5.61 -16.02
N ARG B 3471 27.76 -5.92 -14.84
CA ARG B 3471 26.82 -5.05 -14.17
C ARG B 3471 27.59 -4.01 -13.38
N GLY B 3472 27.20 -2.75 -13.54
CA GLY B 3472 27.95 -1.64 -12.98
C GLY B 3472 27.28 -1.22 -11.69
N HIS B 3473 28.06 -0.59 -10.81
CA HIS B 3473 27.54 -0.13 -9.54
C HIS B 3473 26.29 0.75 -9.69
N ASN B 3474 26.12 1.37 -10.86
CA ASN B 3474 24.88 2.07 -11.18
C ASN B 3474 23.73 1.12 -11.52
N GLY B 3475 23.99 -0.16 -11.73
CA GLY B 3475 22.97 -1.13 -12.05
C GLY B 3475 22.77 -1.40 -13.51
N LYS B 3476 23.38 -0.61 -14.40
CA LYS B 3476 23.28 -0.82 -15.83
C LYS B 3476 24.17 -1.99 -16.26
N ILE B 3477 23.73 -2.69 -17.30
CA ILE B 3477 24.46 -3.82 -17.84
C ILE B 3477 25.29 -3.35 -19.04
N TYR B 3478 26.60 -3.55 -18.96
CA TYR B 3478 27.52 -3.17 -20.02
C TYR B 3478 27.97 -4.44 -20.74
N PRO B 3479 27.69 -4.61 -22.03
CA PRO B 3479 28.25 -5.74 -22.78
C PRO B 3479 29.67 -5.47 -23.24
N TYR B 3480 30.51 -6.50 -23.13
CA TYR B 3480 31.88 -6.47 -23.61
C TYR B 3480 32.17 -7.74 -24.38
N LEU B 3481 32.92 -7.60 -25.47
CA LEU B 3481 33.40 -8.74 -26.24
C LEU B 3481 34.83 -9.07 -25.82
N VAL B 3482 35.07 -10.35 -25.54
CA VAL B 3482 36.42 -10.85 -25.35
C VAL B 3482 36.90 -11.37 -26.70
N MET B 3483 37.99 -10.80 -27.19
CA MET B 3483 38.47 -11.04 -28.54
C MET B 3483 39.88 -11.61 -28.51
N ASN B 3484 40.15 -12.56 -29.41
CA ASN B 3484 41.48 -13.13 -29.57
C ASN B 3484 42.03 -12.70 -30.92
N ASP B 3485 43.18 -12.05 -30.90
CA ASP B 3485 43.85 -11.58 -32.11
C ASP B 3485 45.17 -12.31 -32.27
N ALA B 3486 45.37 -12.90 -33.46
CA ALA B 3486 46.64 -13.55 -33.74
C ALA B 3486 47.76 -12.57 -34.05
N CYS B 3487 47.43 -11.34 -34.44
CA CYS B 3487 48.42 -10.37 -34.88
C CYS B 3487 48.46 -9.18 -33.92
N LEU B 3488 49.62 -8.98 -33.30
CA LEU B 3488 49.78 -7.93 -32.30
C LEU B 3488 49.81 -6.55 -32.94
N THR B 3489 50.65 -6.40 -33.97
CA THR B 3489 50.89 -5.08 -34.55
C THR B 3489 49.62 -4.48 -35.14
N GLU B 3490 48.83 -5.31 -35.82
CA GLU B 3490 47.60 -4.80 -36.42
C GLU B 3490 46.64 -4.30 -35.35
N SER B 3491 46.53 -5.03 -34.23
CA SER B 3491 45.65 -4.59 -33.15
C SER B 3491 46.12 -3.26 -32.56
N ARG B 3492 47.44 -3.11 -32.39
CA ARG B 3492 47.94 -1.84 -31.89
C ARG B 3492 47.63 -0.69 -32.85
N ARG B 3493 47.77 -0.93 -34.16
CA ARG B 3493 47.47 0.10 -35.14
C ARG B 3493 45.98 0.47 -35.12
N GLU B 3494 45.10 -0.52 -34.99
CA GLU B 3494 43.67 -0.25 -34.89
C GLU B 3494 43.35 0.60 -33.66
N GLU B 3495 43.95 0.24 -32.52
CA GLU B 3495 43.76 1.05 -31.32
C GLU B 3495 44.30 2.47 -31.51
N ARG B 3496 45.36 2.62 -32.30
CA ARG B 3496 45.90 3.95 -32.59
C ARG B 3496 44.89 4.80 -33.34
N VAL B 3497 44.25 4.21 -34.36
CA VAL B 3497 43.25 4.98 -35.09
C VAL B 3497 42.06 5.32 -34.21
N LEU B 3498 41.66 4.38 -33.35
CA LEU B 3498 40.57 4.68 -32.41
C LEU B 3498 40.93 5.84 -31.49
N GLN B 3499 42.17 5.86 -30.99
CA GLN B 3499 42.61 6.96 -30.15
C GLN B 3499 42.58 8.28 -30.90
N LEU B 3500 43.01 8.27 -32.17
CA LEU B 3500 42.96 9.48 -32.96
C LEU B 3500 41.52 9.98 -33.09
N LEU B 3501 40.58 9.07 -33.34
CA LEU B 3501 39.18 9.46 -33.45
C LEU B 3501 38.68 10.05 -32.14
N ARG B 3502 39.05 9.44 -31.01
CA ARG B 3502 38.65 9.98 -29.72
C ARG B 3502 39.22 11.38 -29.49
N LEU B 3503 40.48 11.59 -29.88
CA LEU B 3503 41.08 12.91 -29.73
C LEU B 3503 40.42 13.95 -30.62
N LEU B 3504 39.94 13.56 -31.80
CA LEU B 3504 39.34 14.55 -32.71
C LEU B 3504 37.93 14.94 -32.30
N ASN B 3505 37.20 14.06 -31.62
CA ASN B 3505 35.81 14.35 -31.27
C ASN B 3505 35.58 15.66 -30.53
N PRO B 3506 36.38 16.06 -29.54
CA PRO B 3506 36.08 17.33 -28.85
C PRO B 3506 36.05 18.53 -29.77
N CYS B 3507 36.81 18.52 -30.87
CA CYS B 3507 36.78 19.64 -31.80
C CYS B 3507 35.40 19.79 -32.44
N LEU B 3508 34.73 18.67 -32.72
CA LEU B 3508 33.40 18.72 -33.32
C LEU B 3508 32.36 19.28 -32.35
N GLU B 3509 32.58 19.12 -31.04
CA GLU B 3509 31.65 19.62 -30.04
C GLU B 3509 31.65 21.13 -29.91
N LYS B 3510 32.61 21.83 -30.50
CA LYS B 3510 32.85 23.22 -30.16
C LYS B 3510 32.47 24.21 -31.26
N ARG B 3511 32.18 23.74 -32.47
CA ARG B 3511 31.83 24.60 -33.57
C ARG B 3511 30.34 24.48 -33.88
N LYS B 3512 29.70 25.61 -34.16
CA LYS B 3512 28.52 25.59 -35.00
C LYS B 3512 28.86 24.92 -36.33
N GLU B 3513 27.81 24.49 -37.04
CA GLU B 3513 27.86 23.64 -38.23
C GLU B 3513 28.09 22.18 -37.91
N THR B 3514 28.96 21.87 -36.95
CA THR B 3514 29.11 20.48 -36.54
C THR B 3514 28.20 20.10 -35.38
N THR B 3515 28.05 20.99 -34.40
CA THR B 3515 27.13 20.71 -33.29
C THR B 3515 25.68 20.72 -33.76
N LYS B 3516 25.34 21.60 -34.70
CA LYS B 3516 23.96 21.65 -35.19
C LYS B 3516 23.63 20.49 -36.11
N ARG B 3517 24.64 19.79 -36.66
CA ARG B 3517 24.42 18.59 -37.44
C ARG B 3517 24.61 17.32 -36.62
N HIS B 3518 24.87 17.44 -35.33
CA HIS B 3518 25.02 16.29 -34.42
C HIS B 3518 26.11 15.34 -34.89
N LEU B 3519 27.24 15.90 -35.31
CA LEU B 3519 28.33 15.12 -35.85
C LEU B 3519 29.27 14.68 -34.73
N PHE B 3520 29.54 13.37 -34.68
CA PHE B 3520 30.45 12.80 -33.70
C PHE B 3520 30.88 11.42 -34.17
N PHE B 3521 32.16 11.11 -33.97
CA PHE B 3521 32.67 9.78 -34.25
C PHE B 3521 32.23 8.81 -33.16
N THR B 3522 31.78 7.63 -33.58
CA THR B 3522 31.43 6.56 -32.64
C THR B 3522 32.67 5.68 -32.45
N VAL B 3523 33.27 5.77 -31.27
CA VAL B 3523 34.49 5.03 -30.95
C VAL B 3523 34.21 4.13 -29.75
N PRO B 3524 33.96 2.85 -29.98
CA PRO B 3524 33.76 1.93 -28.84
C PRO B 3524 35.03 1.77 -28.02
N ARG B 3525 34.84 1.56 -26.72
CA ARG B 3525 35.98 1.31 -25.85
C ARG B 3525 36.64 -0.01 -26.21
N VAL B 3526 37.93 0.04 -26.51
CA VAL B 3526 38.76 -1.13 -26.72
C VAL B 3526 39.92 -1.06 -25.75
N VAL B 3527 40.06 -2.09 -24.91
CA VAL B 3527 41.16 -2.19 -23.96
C VAL B 3527 41.88 -3.51 -24.20
N ALA B 3528 43.17 -3.43 -24.52
CA ALA B 3528 44.00 -4.61 -24.67
C ALA B 3528 44.50 -5.05 -23.29
N VAL B 3529 44.14 -6.27 -22.89
CA VAL B 3529 44.58 -6.81 -21.62
C VAL B 3529 45.78 -7.75 -21.78
N SER B 3530 46.14 -8.09 -23.01
CA SER B 3530 47.26 -8.96 -23.31
C SER B 3530 47.56 -8.83 -24.81
N PRO B 3531 48.73 -9.28 -25.25
CA PRO B 3531 49.04 -9.19 -26.69
C PRO B 3531 48.01 -9.86 -27.59
N GLN B 3532 47.40 -10.96 -27.14
CA GLN B 3532 46.44 -11.67 -27.95
C GLN B 3532 44.99 -11.37 -27.61
N MET B 3533 44.73 -10.74 -26.47
CA MET B 3533 43.37 -10.58 -25.98
C MET B 3533 43.07 -9.12 -25.68
N ARG B 3534 41.87 -8.68 -26.04
CA ARG B 3534 41.42 -7.34 -25.72
C ARG B 3534 39.93 -7.35 -25.44
N LEU B 3535 39.49 -6.39 -24.64
CA LEU B 3535 38.09 -6.23 -24.27
C LEU B 3535 37.50 -5.08 -25.09
N VAL B 3536 36.45 -5.36 -25.83
CA VAL B 3536 35.79 -4.39 -26.68
C VAL B 3536 34.40 -4.14 -26.12
N GLU B 3537 33.87 -2.95 -26.38
CA GLU B 3537 32.59 -2.52 -25.83
C GLU B 3537 31.54 -2.80 -26.91
N ASP B 3538 30.70 -3.80 -26.66
CA ASP B 3538 29.77 -4.31 -27.66
C ASP B 3538 28.47 -3.51 -27.70
N ASN B 3539 27.90 -3.44 -28.90
CA ASN B 3539 26.50 -3.07 -29.10
C ASN B 3539 25.78 -4.32 -29.61
N PRO B 3540 24.99 -4.99 -28.78
CA PRO B 3540 24.37 -6.25 -29.21
C PRO B 3540 23.40 -6.09 -30.37
N SER B 3541 22.92 -4.88 -30.63
CA SER B 3541 22.03 -4.60 -31.75
C SER B 3541 22.77 -4.29 -33.03
N SER B 3542 24.07 -4.55 -33.10
CA SER B 3542 24.88 -4.15 -34.24
C SER B 3542 25.09 -5.30 -35.21
N LEU B 3543 24.92 -4.99 -36.49
CA LEU B 3543 25.19 -5.87 -37.61
C LEU B 3543 26.21 -5.20 -38.52
N SER B 3544 26.95 -6.00 -39.26
CA SER B 3544 27.81 -5.45 -40.30
C SER B 3544 27.09 -5.53 -41.64
N LEU B 3545 27.52 -4.66 -42.56
CA LEU B 3545 26.87 -4.56 -43.85
C LEU B 3545 26.92 -5.89 -44.63
N VAL B 3546 28.00 -6.66 -44.46
CA VAL B 3546 28.01 -8.02 -44.99
C VAL B 3546 27.00 -8.92 -44.31
N GLU B 3547 26.69 -8.71 -43.03
CA GLU B 3547 25.70 -9.57 -42.40
C GLU B 3547 24.31 -9.32 -42.98
N ILE B 3548 23.98 -8.05 -43.25
CA ILE B 3548 22.75 -7.73 -43.96
C ILE B 3548 22.73 -8.39 -45.34
N TYR B 3549 23.83 -8.25 -46.08
CA TYR B 3549 23.90 -8.83 -47.41
C TYR B 3549 23.76 -10.35 -47.38
N LYS B 3550 24.42 -11.00 -46.42
CA LYS B 3550 24.33 -12.46 -46.26
C LYS B 3550 22.92 -12.90 -45.89
N GLN B 3551 22.23 -12.13 -45.04
CA GLN B 3551 20.83 -12.46 -44.75
C GLN B 3551 19.96 -12.35 -45.98
N ARG B 3552 20.14 -11.30 -46.77
CA ARG B 3552 19.37 -11.17 -48.01
C ARG B 3552 19.65 -12.33 -48.96
N CYS B 3553 20.91 -12.77 -49.04
CA CYS B 3553 21.25 -13.88 -49.92
C CYS B 3553 20.68 -15.19 -49.41
N ALA B 3554 20.74 -15.41 -48.09
CA ALA B 3554 20.20 -16.65 -47.54
C ALA B 3554 18.70 -16.72 -47.77
N LYS B 3555 17.99 -15.60 -47.61
CA LYS B 3555 16.57 -15.58 -47.93
C LYS B 3555 16.34 -15.85 -49.42
N LYS B 3556 17.18 -15.26 -50.28
CA LYS B 3556 17.06 -15.53 -51.71
C LYS B 3556 17.61 -16.89 -52.09
N GLY B 3557 18.43 -17.51 -51.24
CA GLY B 3557 18.98 -18.82 -51.50
C GLY B 3557 20.27 -18.85 -52.27
N ILE B 3558 20.84 -17.70 -52.61
CA ILE B 3558 22.06 -17.64 -53.41
C ILE B 3558 23.25 -17.50 -52.47
N GLU B 3559 24.42 -17.93 -52.94
CA GLU B 3559 25.66 -17.79 -52.18
C GLU B 3559 26.15 -16.35 -52.25
N HIS B 3560 26.70 -15.87 -51.14
CA HIS B 3560 27.10 -14.47 -51.05
C HIS B 3560 28.38 -14.17 -51.81
N ASP B 3561 29.22 -15.16 -52.04
CA ASP B 3561 30.46 -14.97 -52.78
C ASP B 3561 30.28 -15.17 -54.28
N ASN B 3562 29.05 -15.39 -54.74
CA ASN B 3562 28.81 -15.55 -56.17
C ASN B 3562 29.26 -14.38 -57.03
N PRO B 3563 29.04 -13.11 -56.67
CA PRO B 3563 29.50 -12.03 -57.55
C PRO B 3563 31.01 -12.02 -57.76
N ILE B 3564 31.80 -12.35 -56.74
CA ILE B 3564 33.25 -12.42 -56.90
C ILE B 3564 33.64 -13.52 -57.88
N SER B 3565 32.99 -14.69 -57.74
CA SER B 3565 33.23 -15.79 -58.67
C SER B 3565 32.85 -15.40 -60.09
N ARG B 3566 31.72 -14.72 -60.25
CA ARG B 3566 31.31 -14.25 -61.57
C ARG B 3566 32.33 -13.28 -62.15
N TYR B 3567 32.85 -12.37 -61.31
CA TYR B 3567 33.84 -11.41 -61.76
C TYR B 3567 35.09 -12.11 -62.29
N TYR B 3568 35.61 -13.07 -61.51
CA TYR B 3568 36.82 -13.75 -61.94
C TYR B 3568 36.57 -14.69 -63.12
N ASP B 3569 35.39 -15.30 -63.19
CA ASP B 3569 35.05 -16.14 -64.33
C ASP B 3569 34.98 -15.32 -65.60
N ARG B 3570 34.35 -14.15 -65.55
CA ARG B 3570 34.29 -13.28 -66.72
C ARG B 3570 35.69 -12.80 -67.13
N LEU B 3571 36.54 -12.50 -66.14
CA LEU B 3571 37.90 -12.12 -66.47
C LEU B 3571 38.66 -13.25 -67.14
N ALA B 3572 38.50 -14.47 -66.63
CA ALA B 3572 39.15 -15.62 -67.24
C ALA B 3572 38.64 -15.85 -68.65
N THR B 3573 37.33 -15.71 -68.86
CA THR B 3573 36.76 -15.89 -70.19
C THR B 3573 37.30 -14.86 -71.17
N VAL B 3574 37.39 -13.59 -70.76
CA VAL B 3574 37.93 -12.57 -71.64
C VAL B 3574 39.42 -12.79 -71.87
N GLN B 3575 40.17 -13.11 -70.82
CA GLN B 3575 41.60 -13.34 -70.95
C GLN B 3575 41.90 -14.59 -71.77
N ALA B 3576 41.01 -15.59 -71.75
CA ALA B 3576 41.21 -16.77 -72.56
C ALA B 3576 41.18 -16.44 -74.05
N ARG B 3577 40.49 -15.37 -74.42
CA ARG B 3577 40.50 -14.87 -75.79
C ARG B 3577 41.76 -14.06 -76.11
N GLY B 3578 42.79 -14.17 -75.27
CA GLY B 3578 44.06 -13.52 -75.53
C GLY B 3578 44.03 -12.01 -75.50
N THR B 3579 43.28 -11.43 -74.56
CA THR B 3579 43.22 -9.98 -74.44
C THR B 3579 42.98 -9.60 -72.99
N GLN B 3580 43.37 -8.38 -72.65
CA GLN B 3580 43.10 -7.84 -71.32
C GLN B 3580 41.72 -7.22 -71.28
N ALA B 3581 41.10 -7.27 -70.09
CA ALA B 3581 39.78 -6.69 -69.93
C ALA B 3581 39.87 -5.17 -69.95
N SER B 3582 39.03 -4.56 -70.78
CA SER B 3582 38.97 -3.10 -70.86
C SER B 3582 38.12 -2.56 -69.72
N HIS B 3583 38.07 -1.23 -69.62
CA HIS B 3583 37.15 -0.59 -68.68
C HIS B 3583 35.71 -0.98 -68.97
N GLN B 3584 35.38 -1.17 -70.25
CA GLN B 3584 34.03 -1.55 -70.62
C GLN B 3584 33.69 -2.95 -70.12
N VAL B 3585 34.66 -3.87 -70.11
CA VAL B 3585 34.42 -5.21 -69.59
C VAL B 3585 34.09 -5.15 -68.10
N LEU B 3586 34.84 -4.35 -67.34
CA LEU B 3586 34.55 -4.19 -65.92
C LEU B 3586 33.19 -3.56 -65.70
N ARG B 3587 32.84 -2.56 -66.51
CA ARG B 3587 31.51 -1.96 -66.42
C ARG B 3587 30.42 -2.99 -66.69
N ASP B 3588 30.61 -3.81 -67.72
CA ASP B 3588 29.63 -4.85 -68.04
C ASP B 3588 29.52 -5.88 -66.92
N ILE B 3589 30.63 -6.22 -66.28
CA ILE B 3589 30.58 -7.18 -65.17
C ILE B 3589 29.80 -6.59 -64.00
N LEU B 3590 30.06 -5.33 -63.67
CA LEU B 3590 29.34 -4.70 -62.56
C LEU B 3590 27.86 -4.57 -62.88
N LYS B 3591 27.53 -4.21 -64.12
CA LYS B 3591 26.13 -4.12 -64.53
C LYS B 3591 25.43 -5.48 -64.45
N GLU B 3592 26.10 -6.55 -64.90
CA GLU B 3592 25.54 -7.89 -64.79
C GLU B 3592 25.30 -8.29 -63.34
N VAL B 3593 26.28 -8.03 -62.46
CA VAL B 3593 26.11 -8.33 -61.04
C VAL B 3593 24.92 -7.57 -60.47
N GLN B 3594 24.80 -6.29 -60.81
CA GLN B 3594 23.69 -5.49 -60.30
C GLN B 3594 22.35 -6.01 -60.81
N SER B 3595 22.29 -6.43 -62.08
CA SER B 3595 21.03 -6.86 -62.66
C SER B 3595 20.60 -8.22 -62.11
N ASN B 3596 21.55 -9.13 -61.92
CA ASN B 3596 21.21 -10.52 -61.61
C ASN B 3596 21.27 -10.84 -60.11
N MET B 3597 22.39 -10.53 -59.45
CA MET B 3597 22.67 -11.08 -58.13
C MET B 3597 22.48 -10.09 -57.00
N VAL B 3598 23.00 -8.87 -57.13
CA VAL B 3598 22.92 -7.90 -56.04
C VAL B 3598 22.18 -6.66 -56.52
N PRO B 3599 20.87 -6.58 -56.32
CA PRO B 3599 20.13 -5.39 -56.71
C PRO B 3599 20.49 -4.21 -55.82
N ARG B 3600 20.26 -3.01 -56.36
CA ARG B 3600 20.58 -1.78 -55.66
C ARG B 3600 19.78 -1.61 -54.37
N SER B 3601 18.67 -2.33 -54.21
CA SER B 3601 17.70 -2.05 -53.16
C SER B 3601 17.79 -3.01 -51.97
N MET B 3602 18.87 -3.77 -51.84
CA MET B 3602 18.96 -4.73 -50.74
C MET B 3602 18.96 -4.03 -49.38
N LEU B 3603 19.86 -3.06 -49.20
CA LEU B 3603 19.93 -2.34 -47.93
C LEU B 3603 18.67 -1.56 -47.65
N LYS B 3604 18.07 -0.96 -48.68
CA LYS B 3604 16.82 -0.21 -48.49
C LYS B 3604 15.69 -1.12 -48.06
N GLU B 3605 15.53 -2.26 -48.74
CA GLU B 3605 14.48 -3.20 -48.39
C GLU B 3605 14.69 -3.77 -46.98
N TRP B 3606 15.94 -4.02 -46.61
CA TRP B 3606 16.23 -4.42 -45.24
C TRP B 3606 15.82 -3.35 -44.24
N ALA B 3607 16.14 -2.09 -44.53
CA ALA B 3607 15.77 -1.02 -43.61
C ALA B 3607 14.26 -0.85 -43.51
N LEU B 3608 13.56 -0.96 -44.65
CA LEU B 3608 12.11 -0.87 -44.65
C LEU B 3608 11.45 -1.97 -43.83
N HIS B 3609 11.98 -3.19 -43.90
CA HIS B 3609 11.49 -4.25 -43.04
C HIS B 3609 11.86 -4.01 -41.57
N THR B 3610 13.09 -3.57 -41.31
CA THR B 3610 13.61 -3.44 -39.96
C THR B 3610 12.99 -2.27 -39.21
N PHE B 3611 12.66 -1.18 -39.90
CA PHE B 3611 12.08 0.01 -39.28
C PHE B 3611 10.74 0.36 -39.91
N PRO B 3612 9.68 -0.40 -39.58
CA PRO B 3612 8.37 -0.11 -40.17
C PRO B 3612 7.78 1.22 -39.72
N ASN B 3613 8.14 1.69 -38.53
CA ASN B 3613 7.70 3.01 -38.08
C ASN B 3613 8.43 4.10 -38.86
N ALA B 3614 7.67 5.06 -39.37
CA ALA B 3614 8.25 6.09 -40.24
C ALA B 3614 9.25 6.96 -39.49
N THR B 3615 8.95 7.31 -38.25
CA THR B 3615 9.88 8.11 -37.46
C THR B 3615 11.18 7.35 -37.24
N ASP B 3616 11.09 6.07 -36.91
CA ASP B 3616 12.28 5.25 -36.71
C ASP B 3616 13.08 5.13 -38.01
N TYR B 3617 12.40 4.91 -39.13
CA TYR B 3617 13.08 4.80 -40.41
C TYR B 3617 13.82 6.10 -40.73
N TRP B 3618 13.15 7.24 -40.55
CA TRP B 3618 13.78 8.52 -40.86
C TRP B 3618 14.97 8.77 -39.95
N THR B 3619 14.82 8.54 -38.65
CA THR B 3619 15.91 8.80 -37.72
C THR B 3619 17.10 7.90 -38.01
N PHE B 3620 16.83 6.62 -38.27
CA PHE B 3620 17.91 5.69 -38.60
C PHE B 3620 18.64 6.12 -39.85
N ARG B 3621 17.89 6.46 -40.90
CA ARG B 3621 18.51 6.86 -42.16
C ARG B 3621 19.35 8.12 -42.00
N LYS B 3622 18.83 9.12 -41.28
CA LYS B 3622 19.58 10.36 -41.08
C LYS B 3622 20.86 10.12 -40.28
N MET B 3623 20.77 9.32 -39.21
CA MET B 3623 21.95 8.99 -38.43
C MET B 3623 22.97 8.25 -39.28
N PHE B 3624 22.49 7.30 -40.08
CA PHE B 3624 23.35 6.54 -40.98
C PHE B 3624 24.07 7.47 -41.94
N THR B 3625 23.35 8.44 -42.51
CA THR B 3625 23.93 9.39 -43.44
C THR B 3625 25.04 10.21 -42.80
N ILE B 3626 24.78 10.78 -41.63
CA ILE B 3626 25.80 11.65 -41.03
C ILE B 3626 27.00 10.83 -40.53
N GLN B 3627 26.74 9.65 -39.95
CA GLN B 3627 27.85 8.81 -39.51
C GLN B 3627 28.70 8.36 -40.69
N LEU B 3628 28.06 8.05 -41.82
CA LEU B 3628 28.82 7.68 -43.00
C LEU B 3628 29.60 8.86 -43.55
N ALA B 3629 29.04 10.06 -43.47
CA ALA B 3629 29.79 11.26 -43.87
C ALA B 3629 31.07 11.38 -43.05
N LEU B 3630 30.98 11.20 -41.74
CA LEU B 3630 32.19 11.31 -40.91
C LEU B 3630 33.16 10.17 -41.21
N ILE B 3631 32.64 8.96 -41.41
CA ILE B 3631 33.52 7.81 -41.65
C ILE B 3631 34.25 7.96 -42.98
N GLY B 3632 33.54 8.37 -44.03
CA GLY B 3632 34.19 8.60 -45.31
C GLY B 3632 35.20 9.72 -45.26
N PHE B 3633 34.86 10.81 -44.55
CA PHE B 3633 35.82 11.88 -44.35
C PHE B 3633 37.10 11.36 -43.70
N ALA B 3634 36.96 10.58 -42.64
CA ALA B 3634 38.13 10.06 -41.96
C ALA B 3634 38.92 9.13 -42.87
N GLU B 3635 38.23 8.27 -43.61
CA GLU B 3635 38.90 7.35 -44.52
C GLU B 3635 39.71 8.07 -45.59
N PHE B 3636 39.15 9.12 -46.19
CA PHE B 3636 39.89 9.86 -47.21
C PHE B 3636 40.96 10.79 -46.65
N VAL B 3637 40.61 11.64 -45.68
CA VAL B 3637 41.53 12.67 -45.22
C VAL B 3637 42.68 12.06 -44.42
N LEU B 3638 42.35 11.30 -43.39
CA LEU B 3638 43.31 10.38 -42.78
C LEU B 3638 43.46 9.18 -43.70
N HIS B 3639 44.65 8.98 -44.24
CA HIS B 3639 44.81 7.99 -45.30
C HIS B 3639 44.70 6.58 -44.73
N LEU B 3640 43.47 6.21 -44.36
CA LEU B 3640 43.16 4.92 -43.78
C LEU B 3640 42.93 3.88 -44.86
N ASN B 3641 43.00 2.61 -44.46
CA ASN B 3641 42.73 1.51 -45.35
C ASN B 3641 41.26 1.50 -45.77
N ARG B 3642 40.97 0.73 -46.81
CA ARG B 3642 39.65 0.77 -47.44
C ARG B 3642 38.58 0.20 -46.51
N LEU B 3643 37.38 0.78 -46.60
CA LEU B 3643 36.23 0.35 -45.81
C LEU B 3643 35.57 -0.85 -46.46
N ASN B 3644 35.97 -2.04 -46.04
CA ASN B 3644 35.27 -3.25 -46.46
C ASN B 3644 33.89 -3.29 -45.80
N PRO B 3645 32.90 -3.90 -46.47
CA PRO B 3645 31.57 -3.98 -45.86
C PRO B 3645 31.53 -4.83 -44.61
N GLU B 3646 32.50 -5.74 -44.41
CA GLU B 3646 32.61 -6.48 -43.16
C GLU B 3646 33.11 -5.61 -42.02
N MET B 3647 33.78 -4.51 -42.33
CA MET B 3647 34.30 -3.60 -41.31
C MET B 3647 33.25 -2.62 -40.80
N LEU B 3648 32.14 -2.47 -41.49
CA LEU B 3648 31.20 -1.38 -41.24
C LEU B 3648 30.07 -1.90 -40.36
N GLN B 3649 30.12 -1.53 -39.08
CA GLN B 3649 29.18 -2.03 -38.09
C GLN B 3649 28.03 -1.05 -37.92
N ILE B 3650 26.82 -1.53 -38.12
CA ILE B 3650 25.60 -0.73 -38.13
C ILE B 3650 24.81 -1.07 -36.88
N ALA B 3651 24.49 -0.06 -36.08
CA ALA B 3651 23.80 -0.28 -34.81
C ALA B 3651 22.31 -0.07 -35.06
N GLN B 3652 21.54 -1.17 -35.01
CA GLN B 3652 20.13 -1.11 -35.37
C GLN B 3652 19.33 -0.25 -34.41
N ASP B 3653 19.75 -0.16 -33.14
CA ASP B 3653 18.97 0.55 -32.14
C ASP B 3653 19.11 2.07 -32.26
N THR B 3654 20.16 2.58 -32.89
CA THR B 3654 20.38 4.01 -32.98
C THR B 3654 20.75 4.51 -34.36
N GLY B 3655 21.29 3.68 -35.24
CA GLY B 3655 21.82 4.13 -36.50
C GLY B 3655 23.27 4.55 -36.47
N LYS B 3656 23.91 4.51 -35.30
CA LYS B 3656 25.32 4.89 -35.21
C LYS B 3656 26.19 3.87 -35.92
N LEU B 3657 27.18 4.37 -36.64
CA LEU B 3657 28.11 3.53 -37.38
C LEU B 3657 29.50 3.59 -36.76
N ASN B 3658 30.13 2.45 -36.63
CA ASN B 3658 31.53 2.37 -36.27
C ASN B 3658 32.24 1.38 -37.18
N VAL B 3659 33.54 1.58 -37.34
CA VAL B 3659 34.36 0.82 -38.27
C VAL B 3659 35.29 -0.09 -37.47
N ALA B 3660 35.28 -1.38 -37.79
CA ALA B 3660 36.12 -2.36 -37.12
C ALA B 3660 36.93 -3.12 -38.17
N TYR B 3661 38.17 -2.68 -38.42
CA TYR B 3661 38.79 -1.54 -37.79
C TYR B 3661 39.65 -0.79 -38.80
N PHE B 3662 39.65 0.54 -38.74
CA PHE B 3662 40.53 1.33 -39.59
C PHE B 3662 41.98 1.25 -39.13
N ARG B 3663 42.89 1.28 -40.10
CA ARG B 3663 44.31 1.44 -39.84
C ARG B 3663 44.88 2.41 -40.87
N PHE B 3664 45.96 3.07 -40.50
CA PHE B 3664 46.68 3.93 -41.44
C PHE B 3664 47.22 3.10 -42.60
N ASP B 3665 47.01 3.59 -43.81
CA ASP B 3665 47.48 2.91 -45.02
C ASP B 3665 48.93 3.27 -45.32
N ILE B 3666 49.81 2.88 -44.39
CA ILE B 3666 51.25 3.08 -44.58
C ILE B 3666 51.78 2.10 -45.62
N ASN B 3667 52.49 2.62 -46.61
CA ASN B 3667 53.23 1.78 -47.55
C ASN B 3667 54.43 1.15 -46.84
N ASP B 3668 54.42 -0.19 -46.75
CA ASP B 3668 55.45 -0.88 -45.98
C ASP B 3668 56.85 -0.66 -46.54
N ALA B 3669 56.96 -0.40 -47.84
CA ALA B 3669 58.28 -0.25 -48.44
C ALA B 3669 58.88 1.13 -48.21
N THR B 3670 58.05 2.15 -48.05
CA THR B 3670 58.53 3.53 -48.03
C THR B 3670 58.03 4.33 -46.85
N GLY B 3671 57.06 3.82 -46.09
CA GLY B 3671 56.62 4.46 -44.87
C GLY B 3671 55.74 5.68 -45.04
N ASP B 3672 55.42 6.08 -46.27
CA ASP B 3672 54.46 7.15 -46.50
C ASP B 3672 53.08 6.59 -46.75
N LEU B 3673 52.09 7.46 -46.60
CA LEU B 3673 50.70 7.09 -46.83
C LEU B 3673 50.42 7.01 -48.32
N ASP B 3674 49.58 6.06 -48.72
CA ASP B 3674 49.04 6.08 -50.07
C ASP B 3674 47.56 6.45 -50.07
N ALA B 3675 46.68 5.49 -49.78
CA ALA B 3675 45.22 5.67 -49.90
C ALA B 3675 44.83 6.38 -51.20
N ASN B 3676 45.41 5.93 -52.30
CA ASN B 3676 45.13 6.47 -53.64
C ASN B 3676 44.17 5.60 -54.44
N ARG B 3677 43.18 5.05 -53.76
CA ARG B 3677 42.27 4.07 -54.34
C ARG B 3677 41.35 4.71 -55.38
N PRO B 3678 40.74 3.89 -56.26
CA PRO B 3678 39.84 4.45 -57.28
C PRO B 3678 38.67 5.25 -56.73
N VAL B 3679 38.16 4.89 -55.56
CA VAL B 3679 37.11 5.69 -54.91
C VAL B 3679 37.69 6.30 -53.65
N PRO B 3680 37.27 7.50 -53.26
CA PRO B 3680 37.80 8.10 -52.03
C PRO B 3680 37.19 7.50 -50.77
N PHE B 3681 35.97 6.98 -50.88
CA PHE B 3681 35.32 6.32 -49.77
C PHE B 3681 34.20 5.45 -50.32
N ARG B 3682 33.65 4.60 -49.45
CA ARG B 3682 32.52 3.74 -49.78
C ARG B 3682 31.25 4.57 -49.91
N LEU B 3683 30.82 4.82 -51.15
CA LEU B 3683 29.49 5.35 -51.47
C LEU B 3683 28.86 4.47 -52.56
N THR B 3684 28.73 3.19 -52.24
CA THR B 3684 28.43 2.11 -53.14
C THR B 3684 26.92 2.07 -53.43
N PRO B 3685 26.48 1.45 -54.54
CA PRO B 3685 25.08 1.66 -54.98
C PRO B 3685 23.99 1.30 -53.98
N ASN B 3686 24.17 0.29 -53.14
CA ASN B 3686 23.14 0.00 -52.16
C ASN B 3686 23.06 1.10 -51.11
N ILE B 3687 24.21 1.60 -50.67
CA ILE B 3687 24.24 2.74 -49.78
C ILE B 3687 23.64 3.96 -50.45
N SER B 3688 24.00 4.21 -51.71
CA SER B 3688 23.47 5.37 -52.42
C SER B 3688 21.95 5.30 -52.52
N GLU B 3689 21.41 4.12 -52.84
CA GLU B 3689 19.97 3.95 -52.92
C GLU B 3689 19.30 4.17 -51.57
N PHE B 3690 19.90 3.65 -50.49
CA PHE B 3690 19.29 3.85 -49.18
C PHE B 3690 19.34 5.31 -48.73
N LEU B 3691 20.48 5.97 -48.90
CA LEU B 3691 20.58 7.40 -48.60
C LEU B 3691 19.64 8.24 -49.45
N THR B 3692 19.34 7.82 -50.68
CA THR B 3692 18.67 8.60 -51.72
C THR B 3692 19.52 9.76 -52.21
N THR B 3693 19.23 10.25 -53.42
CA THR B 3693 20.00 11.35 -53.99
C THR B 3693 19.90 12.62 -53.17
N ILE B 3694 18.74 12.88 -52.55
CA ILE B 3694 18.63 14.01 -51.64
C ILE B 3694 19.50 13.80 -50.41
N GLY B 3695 19.54 12.57 -49.89
CA GLY B 3695 20.36 12.32 -48.73
C GLY B 3695 21.85 12.43 -49.00
N VAL B 3696 22.27 12.04 -50.20
CA VAL B 3696 23.66 12.20 -50.60
C VAL B 3696 24.00 13.67 -50.79
N SER B 3697 23.18 14.38 -51.57
CA SER B 3697 23.46 15.77 -51.88
C SER B 3697 23.43 16.65 -50.64
N GLY B 3698 22.37 16.55 -49.84
CA GLY B 3698 22.21 17.43 -48.71
C GLY B 3698 23.00 17.11 -47.46
N PRO B 3699 22.56 16.12 -46.69
CA PRO B 3699 23.22 15.88 -45.39
C PRO B 3699 24.59 15.23 -45.48
N LEU B 3700 24.81 14.32 -46.43
CA LEU B 3700 26.13 13.69 -46.53
C LEU B 3700 27.20 14.70 -46.92
N THR B 3701 26.93 15.47 -47.98
CA THR B 3701 27.89 16.45 -48.46
C THR B 3701 28.09 17.57 -47.45
N ALA B 3702 26.99 18.10 -46.91
CA ALA B 3702 27.10 19.20 -45.95
C ALA B 3702 27.84 18.77 -44.71
N SER B 3703 27.63 17.53 -44.25
CA SER B 3703 28.32 17.04 -43.08
C SER B 3703 29.82 16.87 -43.35
N MET B 3704 30.18 16.35 -44.52
CA MET B 3704 31.60 16.26 -44.85
C MET B 3704 32.24 17.64 -44.93
N ILE B 3705 31.55 18.62 -45.53
CA ILE B 3705 32.09 19.97 -45.61
C ILE B 3705 32.26 20.57 -44.22
N ALA B 3706 31.26 20.38 -43.36
CA ALA B 3706 31.32 20.96 -42.02
C ALA B 3706 32.46 20.35 -41.21
N VAL B 3707 32.64 19.03 -41.30
CA VAL B 3707 33.73 18.40 -40.57
C VAL B 3707 35.08 18.89 -41.09
N ALA B 3708 35.22 19.00 -42.41
CA ALA B 3708 36.48 19.49 -42.98
C ALA B 3708 36.76 20.92 -42.52
N ARG B 3709 35.74 21.78 -42.54
CA ARG B 3709 35.93 23.15 -42.12
C ARG B 3709 36.23 23.25 -40.62
N CYS B 3710 35.66 22.35 -39.83
CA CYS B 3710 35.90 22.36 -38.39
C CYS B 3710 37.33 21.95 -38.07
N PHE B 3711 37.79 20.85 -38.67
CA PHE B 3711 39.14 20.36 -38.36
C PHE B 3711 40.23 21.25 -38.94
N ALA B 3712 39.90 22.12 -39.87
CA ALA B 3712 40.87 23.05 -40.45
C ALA B 3712 41.01 24.34 -39.64
N GLN B 3713 40.26 24.49 -38.57
CA GLN B 3713 40.39 25.68 -37.73
C GLN B 3713 41.76 25.68 -37.05
N PRO B 3714 42.53 26.75 -37.18
CA PRO B 3714 43.90 26.74 -36.62
C PRO B 3714 43.95 26.58 -35.12
N ASN B 3715 42.95 27.08 -34.38
CA ASN B 3715 43.00 27.02 -32.93
C ASN B 3715 42.99 25.58 -32.41
N PHE B 3716 42.39 24.65 -33.16
CA PHE B 3716 42.32 23.28 -32.70
C PHE B 3716 43.68 22.60 -32.70
N LYS B 3717 44.59 23.03 -33.60
CA LYS B 3717 45.93 22.47 -33.71
C LYS B 3717 45.89 20.97 -33.95
N VAL B 3718 45.08 20.56 -34.94
CA VAL B 3718 44.95 19.16 -35.28
C VAL B 3718 46.26 18.59 -35.81
N ASP B 3719 47.09 19.44 -36.40
CA ASP B 3719 48.36 18.97 -36.96
C ASP B 3719 49.27 18.42 -35.87
N GLY B 3720 49.27 19.02 -34.69
CA GLY B 3720 50.10 18.50 -33.60
C GLY B 3720 49.66 17.13 -33.11
N ILE B 3721 48.34 16.94 -32.96
CA ILE B 3721 47.81 15.64 -32.58
C ILE B 3721 48.13 14.60 -33.65
N LEU B 3722 48.01 14.99 -34.92
CA LEU B 3722 48.36 14.09 -36.01
C LEU B 3722 49.83 13.72 -35.96
N LYS B 3723 50.70 14.69 -35.66
CA LYS B 3723 52.13 14.41 -35.57
C LYS B 3723 52.42 13.43 -34.45
N THR B 3724 51.80 13.62 -33.27
CA THR B 3724 52.10 12.76 -32.15
C THR B 3724 51.50 11.38 -32.28
N VAL B 3725 50.46 11.20 -33.11
CA VAL B 3725 49.94 9.87 -33.36
C VAL B 3725 50.74 9.17 -34.47
N LEU B 3726 51.02 9.89 -35.55
CA LEU B 3726 51.79 9.31 -36.64
C LEU B 3726 53.23 9.04 -36.24
N ARG B 3727 53.74 9.67 -35.18
CA ARG B 3727 55.07 9.32 -34.70
C ARG B 3727 55.10 7.87 -34.20
N ASP B 3728 54.10 7.49 -33.42
CA ASP B 3728 53.97 6.09 -33.01
C ASP B 3728 53.74 5.19 -34.22
N GLU B 3729 52.94 5.64 -35.18
CA GLU B 3729 52.72 4.84 -36.38
C GLU B 3729 54.02 4.59 -37.14
N ILE B 3730 54.85 5.63 -37.30
CA ILE B 3730 56.10 5.50 -38.05
C ILE B 3730 57.10 4.65 -37.28
N ILE B 3731 57.15 4.80 -35.96
CA ILE B 3731 58.01 3.93 -35.16
C ILE B 3731 57.61 2.47 -35.33
N ALA B 3732 56.30 2.19 -35.33
CA ALA B 3732 55.84 0.83 -35.54
C ALA B 3732 56.22 0.31 -36.92
N TRP B 3733 56.07 1.15 -37.95
CA TRP B 3733 56.45 0.74 -39.30
C TRP B 3733 57.93 0.43 -39.38
N HIS B 3734 58.76 1.25 -38.73
CA HIS B 3734 60.21 1.02 -38.73
C HIS B 3734 60.54 -0.30 -38.05
N LYS B 3735 59.88 -0.58 -36.92
CA LYS B 3735 60.12 -1.84 -36.23
C LYS B 3735 59.71 -3.03 -37.10
N LYS B 3736 58.58 -2.91 -37.80
CA LYS B 3736 58.08 -4.01 -38.61
C LYS B 3736 58.97 -4.27 -39.83
N THR B 3737 59.43 -3.21 -40.48
CA THR B 3737 60.08 -3.33 -41.79
C THR B 3737 61.60 -3.21 -41.69
N GLN B 3738 62.11 -2.12 -41.12
CA GLN B 3738 63.55 -1.89 -41.14
C GLN B 3738 64.27 -2.82 -40.18
N GLU B 3739 63.75 -3.01 -38.98
CA GLU B 3739 64.36 -3.91 -38.01
C GLU B 3739 63.97 -5.35 -38.31
N GLN B 3750 68.78 -2.26 -24.45
CA GLN B 3750 68.10 -1.08 -24.99
C GLN B 3750 68.24 -1.02 -26.51
N PRO B 3751 67.23 -1.52 -27.22
CA PRO B 3751 67.25 -1.44 -28.68
C PRO B 3751 67.34 0.01 -29.15
N GLU B 3752 68.15 0.23 -30.19
CA GLU B 3752 68.42 1.58 -30.64
C GLU B 3752 67.18 2.19 -31.30
N ASN B 3753 66.94 3.46 -31.02
CA ASN B 3753 65.87 4.19 -31.68
C ASN B 3753 66.19 4.41 -33.14
N MET B 3754 65.15 4.58 -33.94
CA MET B 3754 65.35 4.93 -35.34
C MET B 3754 65.91 6.34 -35.45
N ASP B 3755 66.45 6.65 -36.63
CA ASP B 3755 67.08 7.94 -36.85
C ASP B 3755 66.06 9.05 -36.64
N SER B 3756 66.47 10.09 -35.90
CA SER B 3756 65.58 11.21 -35.63
C SER B 3756 65.19 11.93 -36.91
N GLN B 3757 66.14 12.10 -37.83
CA GLN B 3757 65.85 12.77 -39.09
C GLN B 3757 64.83 11.99 -39.90
N GLN B 3758 65.01 10.67 -40.02
CA GLN B 3758 64.07 9.86 -40.79
C GLN B 3758 62.69 9.89 -40.18
N LEU B 3759 62.60 9.74 -38.85
CA LEU B 3759 61.31 9.75 -38.17
C LEU B 3759 60.60 11.09 -38.38
N VAL B 3760 61.31 12.19 -38.16
CA VAL B 3760 60.71 13.51 -38.29
C VAL B 3760 60.25 13.74 -39.73
N SER B 3761 61.10 13.39 -40.71
CA SER B 3761 60.75 13.62 -42.10
C SER B 3761 59.53 12.81 -42.51
N LEU B 3762 59.47 11.53 -42.12
CA LEU B 3762 58.33 10.69 -42.48
C LEU B 3762 57.05 11.20 -41.84
N VAL B 3763 57.12 11.56 -40.55
CA VAL B 3763 55.92 12.05 -39.88
C VAL B 3763 55.45 13.35 -40.51
N GLN B 3764 56.38 14.25 -40.81
CA GLN B 3764 56.01 15.52 -41.44
C GLN B 3764 55.40 15.30 -42.81
N LYS B 3765 55.97 14.40 -43.60
CA LYS B 3765 55.41 14.10 -44.92
C LYS B 3765 53.99 13.54 -44.82
N ALA B 3766 53.75 12.65 -43.85
CA ALA B 3766 52.41 12.07 -43.70
C ALA B 3766 51.41 13.11 -43.21
N VAL B 3767 51.80 13.92 -42.24
CA VAL B 3767 50.90 14.95 -41.74
C VAL B 3767 50.63 15.99 -42.81
N THR B 3768 51.63 16.29 -43.65
CA THR B 3768 51.41 17.23 -44.75
C THR B 3768 50.42 16.68 -45.77
N ALA B 3769 50.50 15.38 -46.06
CA ALA B 3769 49.52 14.76 -46.97
C ALA B 3769 48.11 14.81 -46.39
N ILE B 3770 47.99 14.47 -45.11
CA ILE B 3770 46.69 14.57 -44.44
C ILE B 3770 46.15 15.99 -44.46
N MET B 3771 46.97 16.97 -44.07
CA MET B 3771 46.53 18.35 -44.00
C MET B 3771 46.24 18.93 -45.38
N THR B 3772 46.93 18.45 -46.41
CA THR B 3772 46.62 18.85 -47.78
C THR B 3772 45.23 18.40 -48.19
N ARG B 3773 44.90 17.13 -47.96
CA ARG B 3773 43.52 16.70 -48.22
C ARG B 3773 42.51 17.45 -47.37
N LEU B 3774 42.80 17.65 -46.07
CA LEU B 3774 41.91 18.41 -45.19
C LEU B 3774 41.64 19.81 -45.72
N HIS B 3775 42.70 20.55 -46.07
CA HIS B 3775 42.54 21.91 -46.56
C HIS B 3775 41.94 21.98 -47.96
N ASN B 3776 42.13 20.97 -48.79
CA ASN B 3776 41.37 20.88 -50.04
C ASN B 3776 39.88 20.75 -49.79
N LEU B 3777 39.49 19.84 -48.88
CA LEU B 3777 38.07 19.68 -48.58
C LEU B 3777 37.48 20.88 -47.83
N ALA B 3778 38.27 21.58 -47.02
CA ALA B 3778 37.75 22.70 -46.25
C ALA B 3778 37.48 23.94 -47.10
N GLN B 3779 38.27 24.13 -48.16
CA GLN B 3779 38.09 25.27 -49.05
C GLN B 3779 36.66 25.35 -49.58
N PHE B 3780 36.04 26.52 -49.40
CA PHE B 3780 34.63 26.74 -49.73
C PHE B 3780 34.43 28.08 -50.42
N GLU B 3781 35.34 28.43 -51.32
CA GLU B 3781 35.26 29.71 -52.01
C GLU B 3781 34.28 29.61 -53.18
N GLY B 3782 33.39 30.60 -53.27
CA GLY B 3782 32.39 30.63 -54.31
C GLY B 3782 31.16 29.79 -54.07
N GLY B 3783 30.99 29.25 -52.86
CA GLY B 3783 29.88 28.38 -52.59
C GLY B 3783 30.02 26.98 -53.15
N GLU B 3784 31.20 26.63 -53.65
CA GLU B 3784 31.46 25.33 -54.24
C GLU B 3784 32.56 24.63 -53.45
N SER B 3785 32.46 23.32 -53.35
CA SER B 3785 33.41 22.53 -52.58
C SER B 3785 33.90 21.35 -53.41
N LYS B 3786 35.17 21.01 -53.18
CA LYS B 3786 35.73 19.78 -53.69
C LYS B 3786 34.98 18.55 -53.21
N VAL B 3787 34.26 18.65 -52.09
CA VAL B 3787 33.56 17.50 -51.52
C VAL B 3787 32.50 16.99 -52.49
N ASN B 3788 31.87 17.87 -53.26
CA ASN B 3788 30.91 17.41 -54.26
C ASN B 3788 31.58 16.54 -55.31
N THR B 3789 32.75 16.96 -55.79
CA THR B 3789 33.51 16.14 -56.73
C THR B 3789 33.94 14.82 -56.11
N LEU B 3790 34.33 14.86 -54.83
CA LEU B 3790 34.75 13.64 -54.14
C LEU B 3790 33.60 12.65 -54.03
N VAL B 3791 32.41 13.14 -53.68
CA VAL B 3791 31.21 12.31 -53.62
C VAL B 3791 30.83 11.76 -54.99
N ALA B 3792 30.90 12.60 -56.03
CA ALA B 3792 30.63 12.11 -57.38
C ALA B 3792 31.61 11.03 -57.81
N ALA B 3793 32.89 11.19 -57.46
CA ALA B 3793 33.87 10.16 -57.76
C ALA B 3793 33.59 8.88 -57.01
N ALA B 3794 33.16 8.98 -55.75
CA ALA B 3794 32.83 7.79 -54.98
C ALA B 3794 31.62 7.05 -55.55
N ASN B 3795 30.58 7.77 -55.95
CA ASN B 3795 29.40 7.14 -56.54
C ASN B 3795 29.62 6.63 -57.97
N SER B 3796 30.50 7.26 -58.74
CA SER B 3796 30.70 6.94 -60.15
C SER B 3796 30.96 5.45 -60.39
N LEU B 3797 30.18 4.87 -61.32
CA LEU B 3797 30.34 3.46 -61.67
C LEU B 3797 31.67 3.19 -62.35
N ASP B 3798 32.25 4.19 -63.02
CA ASP B 3798 33.56 4.01 -63.64
C ASP B 3798 34.61 3.74 -62.58
N ASN B 3799 34.56 4.47 -61.46
CA ASN B 3799 35.50 4.24 -60.38
C ASN B 3799 35.16 2.99 -59.59
N LEU B 3800 33.86 2.70 -59.44
CA LEU B 3800 33.44 1.52 -58.69
C LEU B 3800 33.86 0.23 -59.36
N CYS B 3801 33.75 0.17 -60.69
CA CYS B 3801 34.07 -1.05 -61.42
C CYS B 3801 35.55 -1.38 -61.40
N ARG B 3802 36.41 -0.45 -61.01
CA ARG B 3802 37.85 -0.67 -60.93
C ARG B 3802 38.30 -1.13 -59.56
N MET B 3803 37.39 -1.31 -58.62
CA MET B 3803 37.73 -1.70 -57.27
C MET B 3803 37.85 -3.23 -57.14
N ASP B 3804 38.41 -3.66 -56.03
CA ASP B 3804 38.50 -5.08 -55.72
C ASP B 3804 37.10 -5.67 -55.64
N PRO B 3805 36.83 -6.80 -56.29
CA PRO B 3805 35.52 -7.46 -56.10
C PRO B 3805 35.26 -7.85 -54.67
N ALA B 3806 36.29 -8.15 -53.89
CA ALA B 3806 36.10 -8.47 -52.47
C ALA B 3806 35.64 -7.27 -51.66
N TRP B 3807 35.88 -6.05 -52.16
CA TRP B 3807 35.32 -4.85 -51.57
C TRP B 3807 33.80 -4.78 -51.74
N HIS B 3808 33.24 -5.52 -52.70
CA HIS B 3808 31.83 -5.52 -53.10
C HIS B 3808 31.38 -4.17 -53.64
N PRO B 3809 31.87 -3.74 -54.80
CA PRO B 3809 31.46 -2.43 -55.34
C PRO B 3809 30.00 -2.38 -55.77
N TRP B 3810 29.26 -3.46 -55.61
CA TRP B 3810 27.82 -3.50 -55.84
C TRP B 3810 27.00 -3.36 -54.56
N LEU B 3811 27.60 -3.58 -53.39
CA LEU B 3811 26.91 -3.46 -52.12
C LEU B 3811 27.13 -2.10 -51.45
#